data_9GGI
#
_entry.id   9GGI
#
_cell.length_a   106.044
_cell.length_b   229.542
_cell.length_c   111.586
_cell.angle_alpha   90.00
_cell.angle_beta   90.56
_cell.angle_gamma   90.00
#
_symmetry.space_group_name_H-M   'P 1 21 1'
#
loop_
_entity.id
_entity.type
_entity.pdbx_description
1 polymer 'Argininosuccinate lyase, chloroplastic'
2 non-polymer 'SULFATE ION'
3 non-polymer GLYCEROL
4 non-polymer 'CHLORIDE ION'
5 non-polymer 'SODIUM ION'
6 water water
#
_entity_poly.entity_id   1
_entity_poly.type   'polypeptide(L)'
_entity_poly.pdbx_seq_one_letter_code
;SNAKEVKLWGGRFEESVTEKVEKFTESISFDKVLYKQDIMGSKAHASMLAHQGLITDSDKDSILRGLDDIERQIEANKFE
WRTDREDVHMNIEAALTDLIGEPAKKLHTARSRNDQVATDFRLWCRDAIDTIIVKIRNLQRALVELALKNEALIVPGYTH
LQRAQPVLLPHVLLTFVEQLERDAGRYVDCRARLNFSPLGACALAGTGLPIDRFMTANALGFTEPMRNSIDAVSDRDFVL
EFLYTNANTGIHLSRLGEEWVLWASEEFGFMTPSDSVSTGSSIMPQKKNPDPMELVRGKSARVIGDLVTVLTLCKGLPLA
YNRDFQEDKEPMFDSTKTIMGMIDVSAEFAQNVTFNEDRIKKSLPAGHLDATTLADYLVKKGMPFRSSHDIVGKLVGVCV
SKGCELQNLSLEEMKKLSPVFEEDVFGFLGVENSVNKFSSYGSTGSNCVAEQLGYWVNKLNITST
;
_entity_poly.pdbx_strand_id   A,B,C,D,E,F,G,H
#
# COMPACT_ATOMS: atom_id res chain seq x y z
N GLU A 15 9.55 -6.07 -36.65
CA GLU A 15 8.72 -4.87 -36.40
C GLU A 15 7.54 -4.86 -37.37
N SER A 16 7.69 -5.40 -38.59
CA SER A 16 6.50 -5.42 -39.48
C SER A 16 5.41 -6.35 -38.91
N VAL A 17 4.16 -6.09 -39.28
CA VAL A 17 3.04 -6.98 -38.87
C VAL A 17 3.26 -8.33 -39.54
N THR A 18 3.63 -8.30 -40.81
CA THR A 18 3.82 -9.54 -41.54
C THR A 18 4.93 -10.31 -40.83
N GLU A 19 5.98 -9.59 -40.39
CA GLU A 19 7.12 -10.24 -39.76
C GLU A 19 6.71 -10.85 -38.42
N LYS A 20 5.97 -10.10 -37.61
CA LYS A 20 5.58 -10.59 -36.30
C LYS A 20 4.69 -11.81 -36.46
N VAL A 21 3.75 -11.75 -37.42
CA VAL A 21 2.86 -12.88 -37.66
C VAL A 21 3.65 -14.08 -38.20
N GLU A 22 4.63 -13.82 -39.08
CA GLU A 22 5.44 -14.90 -39.61
C GLU A 22 6.15 -15.67 -38.49
N LYS A 23 6.76 -14.97 -37.54
CA LYS A 23 7.52 -15.59 -36.48
C LYS A 23 6.58 -16.34 -35.53
N PHE A 24 5.40 -15.79 -35.28
CA PHE A 24 4.42 -16.37 -34.41
C PHE A 24 3.85 -17.66 -35.00
N THR A 25 3.69 -17.71 -36.32
CA THR A 25 3.06 -18.86 -36.94
C THR A 25 4.03 -19.88 -37.51
N GLU A 26 5.33 -19.61 -37.66
CA GLU A 26 6.26 -20.58 -38.23
C GLU A 26 6.34 -21.83 -37.36
N SER A 27 6.44 -23.00 -37.99
CA SER A 27 6.55 -24.25 -37.24
C SER A 27 7.84 -25.01 -37.58
N ILE A 28 8.64 -24.57 -38.56
CA ILE A 28 9.78 -25.33 -38.98
C ILE A 28 10.80 -25.53 -37.86
N SER A 29 10.93 -24.56 -36.94
CA SER A 29 11.89 -24.67 -35.84
C SER A 29 11.70 -25.98 -35.06
N PHE A 30 10.46 -26.49 -35.01
CA PHE A 30 10.24 -27.77 -34.32
C PHE A 30 9.78 -28.89 -35.27
N ASP A 31 9.05 -28.57 -36.35
CA ASP A 31 8.45 -29.62 -37.16
C ASP A 31 9.42 -30.19 -38.20
N LYS A 32 10.65 -29.68 -38.29
CA LYS A 32 11.65 -30.23 -39.18
C LYS A 32 11.95 -31.68 -38.77
N VAL A 33 11.64 -32.06 -37.52
CA VAL A 33 11.94 -33.44 -37.12
C VAL A 33 11.06 -34.45 -37.87
N LEU A 34 9.97 -33.99 -38.53
CA LEU A 34 9.12 -34.91 -39.29
C LEU A 34 9.65 -35.18 -40.68
N TYR A 35 10.86 -34.79 -41.04
CA TYR A 35 11.26 -34.82 -42.44
C TYR A 35 11.21 -36.23 -43.06
N LYS A 36 11.59 -37.26 -42.30
CA LYS A 36 11.68 -38.60 -42.89
C LYS A 36 10.28 -39.12 -43.25
N GLN A 37 9.33 -38.82 -42.38
CA GLN A 37 7.96 -39.24 -42.56
C GLN A 37 7.27 -38.42 -43.64
N ASP A 38 7.56 -37.11 -43.65
CA ASP A 38 7.03 -36.29 -44.73
C ASP A 38 7.51 -36.82 -46.08
N ILE A 39 8.82 -37.13 -46.23
CA ILE A 39 9.33 -37.66 -47.48
C ILE A 39 8.68 -39.00 -47.82
N MET A 40 8.59 -39.90 -46.84
CA MET A 40 7.98 -41.22 -47.09
C MET A 40 6.54 -41.01 -47.61
N GLY A 41 5.77 -40.17 -46.94
CA GLY A 41 4.40 -39.88 -47.32
C GLY A 41 4.26 -39.27 -48.71
N SER A 42 5.16 -38.38 -49.06
CA SER A 42 5.13 -37.76 -50.38
C SER A 42 5.54 -38.74 -51.49
N LYS A 43 6.50 -39.65 -51.24
CA LYS A 43 6.82 -40.69 -52.19
C LYS A 43 5.62 -41.60 -52.45
N ALA A 44 4.93 -42.05 -51.40
CA ALA A 44 3.77 -42.93 -51.53
C ALA A 44 2.68 -42.21 -52.33
N HIS A 45 2.48 -40.94 -52.05
CA HIS A 45 1.49 -40.13 -52.76
C HIS A 45 1.82 -40.06 -54.25
N ALA A 46 3.04 -39.72 -54.59
CA ALA A 46 3.48 -39.64 -55.97
C ALA A 46 3.38 -40.96 -56.70
N SER A 47 3.77 -42.05 -56.04
CA SER A 47 3.66 -43.37 -56.65
CA SER A 47 3.65 -43.38 -56.61
C SER A 47 2.20 -43.69 -56.99
N MET A 48 1.29 -43.36 -56.07
CA MET A 48 -0.12 -43.59 -56.30
C MET A 48 -0.65 -42.70 -57.44
N LEU A 49 -0.32 -41.44 -57.43
CA LEU A 49 -0.75 -40.51 -58.49
C LEU A 49 -0.37 -41.07 -59.87
N ALA A 50 0.86 -41.58 -60.03
CA ALA A 50 1.29 -42.13 -61.29
C ALA A 50 0.48 -43.37 -61.64
N HIS A 51 0.33 -44.28 -60.68
CA HIS A 51 -0.42 -45.49 -60.90
C HIS A 51 -1.85 -45.17 -61.36
N GLN A 52 -2.41 -44.04 -60.86
CA GLN A 52 -3.79 -43.67 -61.17
C GLN A 52 -3.88 -42.77 -62.41
N GLY A 53 -2.76 -42.44 -63.02
CA GLY A 53 -2.73 -41.66 -64.25
C GLY A 53 -2.92 -40.17 -64.03
N LEU A 54 -2.72 -39.70 -62.80
CA LEU A 54 -2.85 -38.29 -62.47
C LEU A 54 -1.56 -37.51 -62.67
N ILE A 55 -0.42 -38.21 -62.64
CA ILE A 55 0.84 -37.67 -63.06
C ILE A 55 1.52 -38.74 -63.92
N THR A 56 2.54 -38.31 -64.67
CA THR A 56 3.25 -39.27 -65.53
C THR A 56 4.25 -40.08 -64.72
N ASP A 57 4.67 -41.19 -65.30
CA ASP A 57 5.70 -41.98 -64.67
C ASP A 57 6.99 -41.18 -64.59
N SER A 58 7.25 -40.31 -65.59
CA SER A 58 8.46 -39.51 -65.52
C SER A 58 8.36 -38.48 -64.42
N ASP A 59 7.16 -37.96 -64.15
CA ASP A 59 6.96 -37.04 -63.07
C ASP A 59 7.26 -37.78 -61.78
N LYS A 60 6.70 -38.98 -61.64
CA LYS A 60 6.98 -39.79 -60.43
C LYS A 60 8.48 -40.03 -60.26
N ASP A 61 9.15 -40.48 -61.32
CA ASP A 61 10.58 -40.78 -61.26
C ASP A 61 11.34 -39.56 -60.72
N SER A 62 11.06 -38.36 -61.28
CA SER A 62 11.75 -37.16 -60.85
C SER A 62 11.46 -36.78 -59.40
N ILE A 63 10.18 -36.91 -58.97
CA ILE A 63 9.81 -36.62 -57.63
C ILE A 63 10.51 -37.57 -56.64
N LEU A 64 10.47 -38.87 -56.89
CA LEU A 64 11.07 -39.87 -56.01
C LEU A 64 12.58 -39.61 -55.89
N ARG A 65 13.29 -39.43 -57.00
CA ARG A 65 14.73 -39.23 -56.95
C ARG A 65 15.10 -37.94 -56.22
N GLY A 66 14.34 -36.87 -56.51
CA GLY A 66 14.55 -35.58 -55.90
C GLY A 66 14.28 -35.60 -54.40
N LEU A 67 13.21 -36.26 -54.00
CA LEU A 67 12.97 -36.42 -52.57
C LEU A 67 14.08 -37.22 -51.87
N ASP A 68 14.56 -38.29 -52.51
CA ASP A 68 15.66 -39.07 -51.94
C ASP A 68 16.94 -38.21 -51.82
N ASP A 69 17.19 -37.31 -52.79
CA ASP A 69 18.33 -36.42 -52.77
CA ASP A 69 18.33 -36.42 -52.77
C ASP A 69 18.21 -35.47 -51.57
N ILE A 70 17.01 -34.91 -51.37
CA ILE A 70 16.79 -34.01 -50.24
C ILE A 70 17.00 -34.72 -48.91
N GLU A 71 16.46 -35.95 -48.79
CA GLU A 71 16.66 -36.71 -47.57
C GLU A 71 18.16 -36.86 -47.29
N ARG A 72 18.93 -37.21 -48.29
CA ARG A 72 20.37 -37.36 -48.12
C ARG A 72 21.01 -36.05 -47.68
N GLN A 73 20.61 -34.93 -48.31
CA GLN A 73 21.12 -33.63 -47.90
C GLN A 73 20.79 -33.33 -46.43
N ILE A 74 19.57 -33.66 -45.96
CA ILE A 74 19.24 -33.37 -44.59
C ILE A 74 20.05 -34.27 -43.65
N GLU A 75 20.20 -35.56 -43.96
CA GLU A 75 20.95 -36.48 -43.13
C GLU A 75 22.43 -36.04 -43.05
N ALA A 76 22.95 -35.37 -44.08
CA ALA A 76 24.34 -34.92 -44.04
C ALA A 76 24.50 -33.53 -43.42
N ASN A 77 23.41 -32.98 -42.86
CA ASN A 77 23.38 -31.64 -42.28
C ASN A 77 23.78 -30.59 -43.30
N LYS A 78 23.42 -30.77 -44.57
CA LYS A 78 23.69 -29.79 -45.58
C LYS A 78 22.42 -29.11 -46.11
N PHE A 79 21.28 -29.31 -45.42
CA PHE A 79 20.04 -28.71 -45.87
C PHE A 79 19.75 -27.49 -45.00
N GLU A 80 19.46 -26.38 -45.65
CA GLU A 80 19.16 -25.13 -44.98
C GLU A 80 17.64 -25.02 -44.78
N TRP A 81 17.20 -25.26 -43.55
CA TRP A 81 15.82 -25.03 -43.15
C TRP A 81 15.56 -23.52 -43.08
N ARG A 82 14.45 -23.08 -43.68
CA ARG A 82 14.15 -21.66 -43.80
C ARG A 82 12.82 -21.27 -43.14
N THR A 83 12.84 -20.25 -42.25
CA THR A 83 11.64 -19.70 -41.61
CA THR A 83 11.60 -19.80 -41.64
C THR A 83 10.68 -19.16 -42.68
N ASP A 84 11.22 -18.60 -43.76
CA ASP A 84 10.35 -17.99 -44.76
C ASP A 84 9.61 -19.03 -45.60
N ARG A 85 9.91 -20.34 -45.39
CA ARG A 85 9.18 -21.42 -45.99
C ARG A 85 8.31 -22.13 -44.95
N GLU A 86 8.20 -21.55 -43.74
CA GLU A 86 7.09 -21.80 -42.81
C GLU A 86 7.24 -23.11 -42.02
N ASP A 87 7.29 -24.24 -42.73
CA ASP A 87 7.11 -25.54 -42.10
C ASP A 87 7.91 -26.60 -42.86
N VAL A 88 7.94 -27.81 -42.32
CA VAL A 88 8.69 -28.90 -42.93
C VAL A 88 8.22 -29.19 -44.35
N HIS A 89 6.88 -29.21 -44.57
CA HIS A 89 6.30 -29.61 -45.85
C HIS A 89 6.71 -28.62 -46.92
N MET A 90 6.56 -27.32 -46.64
CA MET A 90 6.84 -26.32 -47.66
C MET A 90 8.36 -26.16 -47.85
N ASN A 91 9.14 -26.36 -46.78
CA ASN A 91 10.60 -26.42 -46.91
C ASN A 91 10.97 -27.51 -47.90
N ILE A 92 10.43 -28.72 -47.75
CA ILE A 92 10.88 -29.84 -48.55
C ILE A 92 10.39 -29.65 -49.99
N GLU A 93 9.14 -29.18 -50.17
CA GLU A 93 8.54 -29.06 -51.49
C GLU A 93 9.11 -27.91 -52.32
N ALA A 94 9.43 -26.80 -51.66
CA ALA A 94 10.08 -25.71 -52.38
C ALA A 94 11.50 -26.12 -52.80
N ALA A 95 12.22 -26.83 -51.94
CA ALA A 95 13.52 -27.40 -52.34
C ALA A 95 13.39 -28.39 -53.49
N LEU A 96 12.36 -29.25 -53.48
CA LEU A 96 12.14 -30.14 -54.58
C LEU A 96 11.89 -29.36 -55.86
N THR A 97 11.14 -28.25 -55.80
CA THR A 97 10.86 -27.48 -57.00
C THR A 97 12.18 -26.91 -57.55
N ASP A 98 13.04 -26.46 -56.64
CA ASP A 98 14.34 -25.92 -57.01
C ASP A 98 15.22 -26.96 -57.72
N LEU A 99 15.12 -28.21 -57.29
CA LEU A 99 15.86 -29.33 -57.86
C LEU A 99 15.28 -29.88 -59.17
N ILE A 100 13.95 -30.04 -59.33
CA ILE A 100 13.40 -30.76 -60.47
C ILE A 100 12.41 -29.93 -61.29
N GLY A 101 12.05 -28.73 -60.86
CA GLY A 101 11.18 -27.88 -61.68
C GLY A 101 9.69 -28.21 -61.54
N GLU A 102 8.93 -27.95 -62.62
CA GLU A 102 7.47 -27.88 -62.59
C GLU A 102 6.84 -29.19 -62.12
N PRO A 103 7.44 -30.39 -62.38
CA PRO A 103 6.84 -31.65 -61.91
C PRO A 103 6.63 -31.72 -60.40
N ALA A 104 7.50 -31.01 -59.66
CA ALA A 104 7.39 -30.96 -58.21
C ALA A 104 6.07 -30.34 -57.79
N LYS A 105 5.55 -29.43 -58.63
CA LYS A 105 4.32 -28.73 -58.32
C LYS A 105 3.10 -29.63 -58.46
N LYS A 106 3.29 -30.85 -59.02
CA LYS A 106 2.16 -31.77 -59.17
C LYS A 106 1.97 -32.64 -57.94
N LEU A 107 2.91 -32.60 -56.97
CA LEU A 107 2.75 -33.37 -55.76
CA LEU A 107 2.77 -33.34 -55.71
C LEU A 107 1.48 -32.97 -55.00
N HIS A 108 1.01 -31.73 -55.19
CA HIS A 108 -0.13 -31.20 -54.43
C HIS A 108 -1.45 -31.79 -54.96
N THR A 109 -1.41 -32.41 -56.14
CA THR A 109 -2.60 -32.97 -56.75
C THR A 109 -3.29 -33.87 -55.75
N ALA A 110 -4.60 -33.63 -55.53
CA ALA A 110 -5.42 -34.47 -54.69
C ALA A 110 -4.81 -34.64 -53.31
N ARG A 111 -4.31 -33.56 -52.76
CA ARG A 111 -3.80 -33.56 -51.38
C ARG A 111 -3.84 -32.16 -50.83
N SER A 112 -4.01 -32.09 -49.51
CA SER A 112 -3.97 -30.84 -48.75
C SER A 112 -2.87 -30.91 -47.70
N ARG A 113 -2.47 -29.76 -47.17
CA ARG A 113 -1.65 -29.77 -45.96
C ARG A 113 -2.38 -30.51 -44.83
N ASN A 114 -3.72 -30.45 -44.86
CA ASN A 114 -4.51 -30.95 -43.72
C ASN A 114 -4.39 -32.47 -43.58
N ASP A 115 -4.44 -33.22 -44.68
CA ASP A 115 -4.32 -34.66 -44.62
C ASP A 115 -2.85 -35.07 -44.65
N GLN A 116 -1.98 -34.28 -45.27
CA GLN A 116 -0.55 -34.53 -45.27
C GLN A 116 0.03 -34.48 -43.85
N VAL A 117 -0.27 -33.42 -43.07
CA VAL A 117 0.29 -33.30 -41.74
C VAL A 117 -0.20 -34.43 -40.82
N ALA A 118 -1.47 -34.81 -40.95
CA ALA A 118 -2.00 -35.89 -40.16
C ALA A 118 -1.28 -37.19 -40.44
N THR A 119 -1.05 -37.46 -41.71
CA THR A 119 -0.34 -38.67 -42.14
C THR A 119 1.08 -38.65 -41.57
N ASP A 120 1.81 -37.55 -41.79
CA ASP A 120 3.18 -37.49 -41.34
C ASP A 120 3.31 -37.71 -39.84
N PHE A 121 2.41 -37.08 -39.09
CA PHE A 121 2.51 -37.15 -37.61
C PHE A 121 2.18 -38.57 -37.13
N ARG A 122 1.16 -39.17 -37.74
CA ARG A 122 0.90 -40.54 -37.32
C ARG A 122 2.09 -41.45 -37.60
N LEU A 123 2.73 -41.30 -38.78
CA LEU A 123 3.93 -42.08 -39.06
C LEU A 123 5.06 -41.83 -38.06
N TRP A 124 5.30 -40.56 -37.68
CA TRP A 124 6.32 -40.24 -36.70
C TRP A 124 5.97 -40.88 -35.33
N CYS A 125 4.71 -40.80 -34.96
CA CYS A 125 4.33 -41.37 -33.67
C CYS A 125 4.52 -42.89 -33.71
N ARG A 126 4.18 -43.53 -34.82
CA ARG A 126 4.35 -44.97 -34.94
C ARG A 126 5.83 -45.35 -34.74
N ASP A 127 6.72 -44.63 -35.42
CA ASP A 127 8.14 -44.87 -35.31
C ASP A 127 8.63 -44.62 -33.88
N ALA A 128 8.13 -43.55 -33.23
CA ALA A 128 8.57 -43.20 -31.88
C ALA A 128 8.13 -44.26 -30.87
N ILE A 129 6.92 -44.77 -31.04
CA ILE A 129 6.44 -45.85 -30.20
C ILE A 129 7.31 -47.08 -30.37
N ASP A 130 7.66 -47.43 -31.60
CA ASP A 130 8.51 -48.61 -31.81
C ASP A 130 9.82 -48.44 -31.02
N THR A 131 10.39 -47.23 -31.06
CA THR A 131 11.65 -46.96 -30.39
C THR A 131 11.47 -47.05 -28.87
N ILE A 132 10.37 -46.49 -28.33
CA ILE A 132 10.12 -46.54 -26.89
C ILE A 132 10.01 -47.98 -26.42
N ILE A 133 9.32 -48.82 -27.19
CA ILE A 133 9.14 -50.23 -26.73
C ILE A 133 10.51 -50.91 -26.59
N VAL A 134 11.42 -50.70 -27.55
CA VAL A 134 12.79 -51.28 -27.42
C VAL A 134 13.47 -50.78 -26.13
N LYS A 135 13.29 -49.49 -25.86
CA LYS A 135 13.96 -48.89 -24.67
C LYS A 135 13.38 -49.50 -23.38
N ILE A 136 12.06 -49.70 -23.38
CA ILE A 136 11.40 -50.28 -22.18
C ILE A 136 11.94 -51.70 -21.95
N ARG A 137 12.00 -52.48 -23.03
CA ARG A 137 12.55 -53.87 -22.89
CA ARG A 137 12.54 -53.87 -22.89
C ARG A 137 13.97 -53.86 -22.33
N ASN A 138 14.73 -52.86 -22.82
CA ASN A 138 16.13 -52.75 -22.31
CA ASN A 138 16.13 -52.75 -22.31
C ASN A 138 16.19 -52.47 -20.78
N LEU A 139 15.29 -51.57 -20.35
CA LEU A 139 15.22 -51.24 -18.90
C LEU A 139 14.71 -52.46 -18.11
N GLN A 140 13.70 -53.13 -18.69
CA GLN A 140 13.19 -54.35 -18.02
C GLN A 140 14.35 -55.36 -17.88
N ARG A 141 15.13 -55.51 -18.95
CA ARG A 141 16.28 -56.44 -18.87
C ARG A 141 17.29 -55.97 -17.81
N ALA A 142 17.55 -54.66 -17.78
CA ALA A 142 18.48 -54.17 -16.77
C ALA A 142 17.99 -54.48 -15.36
N LEU A 143 16.68 -54.31 -15.13
CA LEU A 143 16.14 -54.59 -13.82
C LEU A 143 16.20 -56.08 -13.51
N VAL A 144 15.84 -56.95 -14.48
CA VAL A 144 15.85 -58.39 -14.19
C VAL A 144 17.28 -58.86 -13.96
N GLU A 145 18.26 -58.36 -14.73
CA GLU A 145 19.65 -58.73 -14.54
C GLU A 145 20.15 -58.25 -13.17
N LEU A 146 19.70 -57.08 -12.73
CA LEU A 146 20.06 -56.59 -11.40
C LEU A 146 19.49 -57.51 -10.32
N ALA A 147 18.26 -57.95 -10.53
CA ALA A 147 17.59 -58.88 -9.63
C ALA A 147 18.32 -60.22 -9.58
N LEU A 148 18.73 -60.76 -10.72
CA LEU A 148 19.40 -62.07 -10.70
C LEU A 148 20.75 -61.97 -10.01
N LYS A 149 21.44 -60.85 -10.17
CA LYS A 149 22.74 -60.64 -9.57
C LYS A 149 22.62 -60.46 -8.05
N ASN A 150 21.50 -59.93 -7.58
CA ASN A 150 21.33 -59.61 -6.17
C ASN A 150 20.18 -60.43 -5.62
N GLU A 151 20.07 -61.69 -6.08
CA GLU A 151 18.83 -62.45 -5.88
C GLU A 151 18.54 -62.79 -4.42
N ALA A 152 19.57 -62.89 -3.57
CA ALA A 152 19.35 -63.37 -2.23
C ALA A 152 19.12 -62.23 -1.27
N LEU A 153 19.23 -60.98 -1.70
CA LEU A 153 19.16 -59.90 -0.75
CA LEU A 153 19.15 -59.88 -0.78
C LEU A 153 17.71 -59.67 -0.29
N ILE A 154 17.53 -59.50 1.02
CA ILE A 154 16.25 -59.22 1.66
C ILE A 154 16.25 -57.78 2.11
N VAL A 155 15.19 -57.05 1.80
CA VAL A 155 14.99 -55.70 2.31
C VAL A 155 13.63 -55.64 2.99
N PRO A 156 13.33 -54.60 3.77
CA PRO A 156 11.97 -54.38 4.27
C PRO A 156 11.05 -54.04 3.09
N GLY A 157 9.82 -54.51 3.16
CA GLY A 157 8.72 -54.08 2.32
C GLY A 157 7.84 -53.11 3.12
N TYR A 158 7.43 -52.02 2.49
CA TYR A 158 6.77 -50.96 3.21
C TYR A 158 5.34 -50.70 2.77
N THR A 159 4.52 -50.36 3.76
CA THR A 159 3.23 -49.71 3.54
C THR A 159 3.22 -48.49 4.46
N HIS A 160 2.78 -47.35 3.91
CA HIS A 160 2.74 -46.10 4.68
C HIS A 160 4.14 -45.68 5.07
N LEU A 161 5.15 -46.13 4.31
CA LEU A 161 6.57 -45.98 4.63
C LEU A 161 6.91 -46.46 6.03
N GLN A 162 6.16 -47.49 6.46
CA GLN A 162 6.44 -48.23 7.65
C GLN A 162 6.75 -49.67 7.24
N ARG A 163 7.67 -50.26 7.98
CA ARG A 163 8.08 -51.64 7.73
C ARG A 163 6.95 -52.61 7.96
N ALA A 164 6.62 -53.42 6.94
CA ALA A 164 5.43 -54.28 7.02
C ALA A 164 5.83 -55.75 7.03
N GLN A 165 6.45 -56.17 5.95
CA GLN A 165 6.96 -57.57 5.86
CA GLN A 165 6.92 -57.58 5.83
C GLN A 165 8.34 -57.59 5.12
N PRO A 166 9.10 -58.66 5.27
CA PRO A 166 10.37 -58.74 4.56
C PRO A 166 10.13 -59.21 3.14
N VAL A 167 10.89 -58.64 2.19
CA VAL A 167 10.72 -59.01 0.80
C VAL A 167 12.10 -59.23 0.17
N LEU A 168 12.13 -60.06 -0.87
CA LEU A 168 13.36 -60.19 -1.65
C LEU A 168 13.51 -59.00 -2.57
N LEU A 169 14.75 -58.51 -2.67
CA LEU A 169 15.07 -57.42 -3.59
C LEU A 169 14.58 -57.75 -5.00
N PRO A 170 14.76 -58.97 -5.56
CA PRO A 170 14.22 -59.24 -6.88
C PRO A 170 12.71 -59.05 -6.98
N HIS A 171 11.97 -59.33 -5.88
CA HIS A 171 10.53 -59.15 -5.89
C HIS A 171 10.15 -57.66 -6.08
N VAL A 172 10.87 -56.80 -5.39
CA VAL A 172 10.69 -55.36 -5.54
C VAL A 172 11.02 -54.93 -6.95
N LEU A 173 12.16 -55.37 -7.49
CA LEU A 173 12.53 -54.95 -8.83
C LEU A 173 11.53 -55.43 -9.88
N LEU A 174 10.96 -56.64 -9.67
CA LEU A 174 9.95 -57.15 -10.59
C LEU A 174 8.67 -56.34 -10.54
N THR A 175 8.41 -55.62 -9.43
CA THR A 175 7.28 -54.70 -9.43
C THR A 175 7.37 -53.70 -10.59
N PHE A 176 8.55 -53.10 -10.74
CA PHE A 176 8.78 -52.14 -11.81
C PHE A 176 8.76 -52.78 -13.17
N VAL A 177 9.21 -54.03 -13.28
CA VAL A 177 9.15 -54.75 -14.54
C VAL A 177 7.69 -54.94 -14.96
N GLU A 178 6.85 -55.29 -13.99
CA GLU A 178 5.41 -55.48 -14.30
C GLU A 178 4.73 -54.16 -14.67
N GLN A 179 5.07 -53.07 -13.96
CA GLN A 179 4.55 -51.75 -14.33
C GLN A 179 4.87 -51.44 -15.77
N LEU A 180 6.14 -51.62 -16.13
CA LEU A 180 6.59 -51.32 -17.48
C LEU A 180 5.97 -52.23 -18.54
N GLU A 181 5.59 -53.45 -18.15
CA GLU A 181 4.87 -54.35 -19.09
C GLU A 181 3.48 -53.81 -19.41
N ARG A 182 2.79 -53.24 -18.42
CA ARG A 182 1.51 -52.64 -18.75
C ARG A 182 1.72 -51.41 -19.64
N ASP A 183 2.80 -50.66 -19.39
CA ASP A 183 3.12 -49.56 -20.29
C ASP A 183 3.35 -50.02 -21.73
N ALA A 184 4.15 -51.07 -21.85
CA ALA A 184 4.38 -51.64 -23.20
C ALA A 184 3.06 -52.04 -23.85
N GLY A 185 2.14 -52.63 -23.06
CA GLY A 185 0.84 -52.97 -23.60
C GLY A 185 0.03 -51.79 -24.09
N ARG A 186 0.08 -50.67 -23.33
CA ARG A 186 -0.59 -49.46 -23.77
C ARG A 186 0.04 -48.92 -25.05
N TYR A 187 1.36 -48.97 -25.13
CA TYR A 187 2.03 -48.55 -26.36
C TYR A 187 1.62 -49.39 -27.56
N VAL A 188 1.58 -50.73 -27.40
CA VAL A 188 1.14 -51.60 -28.51
C VAL A 188 -0.30 -51.27 -28.92
N ASP A 189 -1.19 -51.09 -27.92
CA ASP A 189 -2.59 -50.81 -28.24
C ASP A 189 -2.75 -49.44 -28.91
N CYS A 190 -2.00 -48.45 -28.42
CA CYS A 190 -2.03 -47.12 -29.02
C CYS A 190 -1.58 -47.18 -30.46
N ARG A 191 -0.49 -47.87 -30.70
CA ARG A 191 0.07 -48.01 -32.04
C ARG A 191 -0.96 -48.59 -32.99
N ALA A 192 -1.62 -49.67 -32.57
CA ALA A 192 -2.58 -50.26 -33.49
C ALA A 192 -3.71 -49.27 -33.81
N ARG A 193 -4.19 -48.55 -32.81
CA ARG A 193 -5.31 -47.65 -33.02
C ARG A 193 -4.96 -46.50 -33.93
N LEU A 194 -3.72 -46.01 -33.85
CA LEU A 194 -3.21 -44.88 -34.63
CA LEU A 194 -3.33 -44.86 -34.65
C LEU A 194 -3.00 -45.26 -36.11
N ASN A 195 -2.85 -46.56 -36.35
CA ASN A 195 -2.28 -47.04 -37.60
C ASN A 195 -3.34 -47.16 -38.71
N PHE A 196 -4.08 -46.07 -38.90
CA PHE A 196 -5.06 -45.91 -39.95
C PHE A 196 -4.71 -44.66 -40.72
N SER A 197 -4.85 -44.68 -42.06
CA SER A 197 -4.33 -43.63 -42.92
C SER A 197 -5.30 -42.48 -43.17
N PRO A 198 -4.93 -41.23 -42.86
CA PRO A 198 -5.79 -40.09 -43.20
C PRO A 198 -5.54 -39.62 -44.63
N LEU A 199 -4.53 -40.16 -45.33
CA LEU A 199 -4.14 -39.59 -46.60
C LEU A 199 -5.21 -39.86 -47.66
N GLY A 200 -5.66 -38.80 -48.32
CA GLY A 200 -6.72 -38.87 -49.32
C GLY A 200 -8.01 -38.23 -48.83
N ALA A 201 -7.99 -37.74 -47.58
CA ALA A 201 -9.06 -36.90 -47.07
C ALA A 201 -9.04 -35.49 -47.68
N CYS A 202 -7.89 -35.08 -48.18
CA CYS A 202 -7.69 -33.74 -48.75
C CYS A 202 -8.03 -32.70 -47.69
N ALA A 203 -8.69 -31.57 -48.02
CA ALA A 203 -8.87 -30.52 -47.01
C ALA A 203 -9.77 -30.98 -45.86
N LEU A 204 -10.77 -31.81 -46.18
CA LEU A 204 -11.71 -32.35 -45.20
CA LEU A 204 -11.70 -32.37 -45.19
C LEU A 204 -12.75 -33.28 -45.84
N ALA A 205 -12.99 -33.17 -47.15
CA ALA A 205 -14.19 -33.75 -47.77
C ALA A 205 -13.86 -34.88 -48.74
N GLY A 206 -12.55 -35.17 -48.91
CA GLY A 206 -12.07 -36.06 -49.97
C GLY A 206 -11.90 -35.31 -51.27
N THR A 207 -11.98 -36.08 -52.36
CA THR A 207 -11.75 -35.52 -53.69
C THR A 207 -12.65 -36.21 -54.72
N GLY A 208 -12.78 -35.58 -55.90
CA GLY A 208 -13.38 -36.24 -57.04
C GLY A 208 -12.34 -36.82 -58.00
N LEU A 209 -11.06 -36.65 -57.69
CA LEU A 209 -9.98 -37.17 -58.53
C LEU A 209 -9.79 -38.65 -58.22
N PRO A 210 -9.41 -39.50 -59.22
CA PRO A 210 -9.36 -40.95 -59.07
C PRO A 210 -8.14 -41.48 -58.31
N ILE A 211 -7.98 -41.03 -57.05
CA ILE A 211 -6.91 -41.56 -56.20
C ILE A 211 -7.25 -42.97 -55.74
N ASP A 212 -6.27 -43.61 -55.13
CA ASP A 212 -6.50 -44.89 -54.48
C ASP A 212 -5.91 -44.82 -53.06
N ARG A 213 -6.80 -44.67 -52.10
CA ARG A 213 -6.37 -44.53 -50.70
C ARG A 213 -5.93 -45.84 -50.09
N PHE A 214 -6.33 -46.99 -50.65
CA PHE A 214 -5.85 -48.27 -50.13
C PHE A 214 -4.40 -48.47 -50.51
N MET A 215 -4.03 -47.97 -51.70
N MET A 215 -4.04 -47.97 -51.69
CA MET A 215 -2.67 -48.13 -52.18
CA MET A 215 -2.69 -48.11 -52.20
C MET A 215 -1.70 -47.35 -51.28
C MET A 215 -1.71 -47.35 -51.31
N THR A 216 -2.02 -46.09 -50.98
CA THR A 216 -1.13 -45.29 -50.15
C THR A 216 -1.14 -45.82 -48.72
N ALA A 217 -2.29 -46.28 -48.24
CA ALA A 217 -2.31 -46.82 -46.88
C ALA A 217 -1.40 -48.03 -46.77
N ASN A 218 -1.42 -48.92 -47.78
CA ASN A 218 -0.56 -50.10 -47.78
C ASN A 218 0.90 -49.73 -47.89
N ALA A 219 1.22 -48.77 -48.77
CA ALA A 219 2.58 -48.41 -49.01
C ALA A 219 3.22 -47.84 -47.75
N LEU A 220 2.38 -47.21 -46.90
CA LEU A 220 2.86 -46.53 -45.69
C LEU A 220 2.72 -47.39 -44.45
N GLY A 221 2.27 -48.63 -44.62
CA GLY A 221 2.20 -49.59 -43.52
C GLY A 221 0.99 -49.41 -42.61
N PHE A 222 0.03 -48.58 -43.02
CA PHE A 222 -1.23 -48.45 -42.29
C PHE A 222 -2.09 -49.69 -42.50
N THR A 223 -2.98 -49.96 -41.55
CA THR A 223 -3.89 -51.09 -41.62
C THR A 223 -4.90 -50.92 -42.77
N GLU A 224 -5.50 -49.72 -42.84
CA GLU A 224 -6.41 -49.37 -43.89
C GLU A 224 -6.61 -47.86 -43.84
N PRO A 225 -7.30 -47.29 -44.84
CA PRO A 225 -7.67 -45.88 -44.83
C PRO A 225 -8.77 -45.60 -43.80
N MET A 226 -8.63 -44.42 -43.15
CA MET A 226 -9.69 -43.94 -42.30
C MET A 226 -10.99 -43.78 -43.10
N ARG A 227 -12.13 -44.15 -42.48
CA ARG A 227 -13.40 -44.24 -43.18
C ARG A 227 -14.08 -42.87 -43.35
N ASN A 228 -13.60 -41.81 -42.68
CA ASN A 228 -14.28 -40.52 -42.75
C ASN A 228 -13.26 -39.41 -42.93
N SER A 229 -13.38 -38.67 -44.05
CA SER A 229 -12.41 -37.64 -44.37
C SER A 229 -12.38 -36.51 -43.36
N ILE A 230 -13.52 -36.12 -42.81
CA ILE A 230 -13.59 -35.05 -41.82
C ILE A 230 -12.88 -35.50 -40.58
N ASP A 231 -13.12 -36.75 -40.14
CA ASP A 231 -12.42 -37.33 -39.01
C ASP A 231 -10.93 -37.30 -39.27
N ALA A 232 -10.54 -37.68 -40.49
CA ALA A 232 -9.14 -37.82 -40.81
C ALA A 232 -8.34 -36.53 -40.57
N VAL A 233 -8.91 -35.39 -40.96
CA VAL A 233 -8.19 -34.14 -40.81
C VAL A 233 -8.37 -33.52 -39.40
N SER A 234 -9.40 -33.92 -38.68
CA SER A 234 -9.79 -33.28 -37.41
C SER A 234 -9.28 -34.07 -36.21
N ASP A 235 -8.89 -35.33 -36.36
CA ASP A 235 -8.56 -36.21 -35.25
C ASP A 235 -7.12 -36.05 -34.80
N ARG A 236 -6.94 -35.88 -33.47
CA ARG A 236 -5.63 -35.97 -32.86
C ARG A 236 -5.66 -36.93 -31.66
N ASP A 237 -6.59 -37.91 -31.64
CA ASP A 237 -6.62 -38.82 -30.52
C ASP A 237 -5.34 -39.60 -30.36
N PHE A 238 -4.69 -39.91 -31.46
CA PHE A 238 -3.43 -40.66 -31.40
C PHE A 238 -2.39 -39.89 -30.56
N VAL A 239 -2.39 -38.54 -30.70
CA VAL A 239 -1.49 -37.72 -29.91
C VAL A 239 -1.88 -37.81 -28.42
N LEU A 240 -3.17 -37.66 -28.15
CA LEU A 240 -3.62 -37.74 -26.77
C LEU A 240 -3.30 -39.07 -26.11
N GLU A 241 -3.58 -40.16 -26.84
CA GLU A 241 -3.33 -41.48 -26.28
C GLU A 241 -1.82 -41.75 -26.05
N PHE A 242 -0.97 -41.27 -26.96
CA PHE A 242 0.46 -41.45 -26.82
C PHE A 242 0.96 -40.58 -25.65
N LEU A 243 0.48 -39.33 -25.56
CA LEU A 243 0.81 -38.49 -24.40
C LEU A 243 0.44 -39.14 -23.07
N TYR A 244 -0.76 -39.71 -23.01
CA TYR A 244 -1.22 -40.32 -21.78
C TYR A 244 -0.33 -41.53 -21.47
N THR A 245 -0.06 -42.37 -22.52
CA THR A 245 0.75 -43.54 -22.28
C THR A 245 2.17 -43.15 -21.79
N ASN A 246 2.71 -42.05 -22.33
CA ASN A 246 4.00 -41.58 -21.83
C ASN A 246 3.84 -41.12 -20.37
N ALA A 247 2.75 -40.43 -20.07
CA ALA A 247 2.53 -39.96 -18.69
C ALA A 247 2.44 -41.09 -17.65
N ASN A 248 1.76 -42.18 -17.99
CA ASN A 248 1.68 -43.32 -17.08
C ASN A 248 3.06 -43.96 -16.92
N THR A 249 3.82 -44.08 -18.02
CA THR A 249 5.17 -44.61 -17.92
C THR A 249 6.01 -43.75 -16.99
N GLY A 250 5.86 -42.44 -17.21
CA GLY A 250 6.59 -41.47 -16.40
C GLY A 250 6.22 -41.54 -14.91
N ILE A 251 4.97 -41.81 -14.59
N ILE A 251 4.94 -41.80 -14.61
CA ILE A 251 4.65 -41.98 -13.18
CA ILE A 251 4.50 -42.08 -13.24
C ILE A 251 5.33 -43.22 -12.62
C ILE A 251 5.33 -43.20 -12.65
N HIS A 252 5.38 -44.32 -13.36
CA HIS A 252 6.13 -45.45 -12.87
C HIS A 252 7.60 -45.11 -12.60
N LEU A 253 8.22 -44.38 -13.55
CA LEU A 253 9.62 -44.00 -13.35
C LEU A 253 9.76 -42.97 -12.21
N SER A 254 8.72 -42.14 -11.96
CA SER A 254 8.79 -41.22 -10.82
C SER A 254 8.77 -42.00 -9.50
N ARG A 255 8.07 -43.14 -9.48
CA ARG A 255 8.07 -43.97 -8.26
C ARG A 255 9.41 -44.71 -8.12
N LEU A 256 10.00 -45.18 -9.23
CA LEU A 256 11.32 -45.75 -9.15
C LEU A 256 12.33 -44.71 -8.67
N GLY A 257 12.16 -43.48 -9.14
CA GLY A 257 13.03 -42.39 -8.69
C GLY A 257 12.90 -42.10 -7.21
N GLU A 258 11.65 -41.98 -6.73
CA GLU A 258 11.43 -41.78 -5.31
C GLU A 258 12.08 -42.91 -4.53
N GLU A 259 11.81 -44.15 -4.93
CA GLU A 259 12.39 -45.31 -4.23
C GLU A 259 13.91 -45.26 -4.18
N TRP A 260 14.54 -44.99 -5.32
CA TRP A 260 16.00 -45.06 -5.33
C TRP A 260 16.65 -43.86 -4.66
N VAL A 261 16.01 -42.69 -4.70
CA VAL A 261 16.51 -41.55 -3.93
C VAL A 261 16.44 -41.90 -2.44
N LEU A 262 15.36 -42.55 -2.01
CA LEU A 262 15.28 -42.98 -0.62
C LEU A 262 16.33 -44.06 -0.29
N TRP A 263 16.48 -45.06 -1.18
CA TRP A 263 17.45 -46.12 -0.92
C TRP A 263 18.90 -45.62 -0.84
N ALA A 264 19.18 -44.52 -1.57
CA ALA A 264 20.50 -43.89 -1.57
C ALA A 264 20.75 -43.00 -0.37
N SER A 265 19.72 -42.68 0.41
CA SER A 265 19.83 -41.87 1.62
C SER A 265 20.67 -42.63 2.64
N GLU A 266 21.23 -41.92 3.63
CA GLU A 266 21.94 -42.67 4.67
CA GLU A 266 21.94 -42.62 4.71
C GLU A 266 20.94 -43.29 5.64
N GLU A 267 19.72 -42.75 5.73
CA GLU A 267 18.70 -43.29 6.64
C GLU A 267 18.33 -44.72 6.27
N PHE A 268 18.09 -44.95 4.96
CA PHE A 268 17.85 -46.27 4.42
C PHE A 268 19.20 -47.00 4.30
N GLY A 269 20.08 -46.43 3.52
CA GLY A 269 21.44 -46.91 3.41
C GLY A 269 21.60 -48.16 2.55
N PHE A 270 20.61 -48.43 1.68
CA PHE A 270 20.57 -49.70 0.97
C PHE A 270 21.43 -49.72 -0.29
N MET A 271 21.60 -48.57 -0.93
CA MET A 271 22.22 -48.54 -2.24
CA MET A 271 22.16 -48.47 -2.28
C MET A 271 23.25 -47.42 -2.33
N THR A 272 24.33 -47.71 -3.06
CA THR A 272 25.41 -46.76 -3.35
C THR A 272 25.48 -46.60 -4.87
N PRO A 273 25.13 -45.42 -5.40
CA PRO A 273 25.32 -45.18 -6.82
C PRO A 273 26.80 -45.06 -7.14
N SER A 274 27.19 -45.42 -8.36
CA SER A 274 28.57 -45.16 -8.77
C SER A 274 28.78 -43.65 -8.91
N ASP A 275 30.07 -43.29 -8.94
CA ASP A 275 30.45 -41.91 -9.22
C ASP A 275 29.86 -41.42 -10.55
N SER A 276 29.79 -42.29 -11.57
CA SER A 276 29.30 -41.89 -12.89
C SER A 276 27.81 -41.52 -12.91
N VAL A 277 27.04 -41.93 -11.89
CA VAL A 277 25.61 -41.61 -11.85
C VAL A 277 25.24 -40.84 -10.59
N SER A 278 26.17 -40.09 -10.03
CA SER A 278 25.91 -39.29 -8.85
C SER A 278 26.74 -38.01 -8.85
N THR A 279 26.45 -37.11 -7.91
CA THR A 279 27.29 -35.94 -7.67
C THR A 279 27.77 -36.00 -6.24
N GLY A 280 28.73 -35.13 -5.94
CA GLY A 280 29.35 -35.18 -4.63
C GLY A 280 29.94 -33.84 -4.25
N SER A 281 30.73 -33.88 -3.17
CA SER A 281 31.37 -32.67 -2.62
C SER A 281 32.79 -33.07 -2.20
N SER A 282 33.79 -32.24 -2.51
CA SER A 282 35.10 -32.54 -1.95
C SER A 282 35.10 -32.38 -0.42
N ILE A 283 34.28 -31.48 0.15
CA ILE A 283 34.31 -31.25 1.59
C ILE A 283 33.67 -32.37 2.39
N MET A 284 32.65 -33.08 1.82
CA MET A 284 31.95 -34.14 2.51
C MET A 284 32.00 -35.34 1.56
N PRO A 285 33.16 -36.02 1.54
CA PRO A 285 33.41 -37.05 0.53
C PRO A 285 32.48 -38.25 0.59
N GLN A 286 31.72 -38.41 1.69
CA GLN A 286 30.79 -39.53 1.78
C GLN A 286 29.40 -39.19 1.21
N LYS A 287 29.10 -37.93 0.95
CA LYS A 287 27.78 -37.51 0.46
C LYS A 287 27.73 -37.89 -1.03
N LYS A 288 26.77 -38.72 -1.45
CA LYS A 288 26.64 -39.11 -2.84
C LYS A 288 25.20 -38.84 -3.26
N ASN A 289 25.01 -37.79 -4.05
CA ASN A 289 23.68 -37.34 -4.42
C ASN A 289 23.21 -38.13 -5.64
N PRO A 290 22.01 -38.75 -5.64
CA PRO A 290 21.55 -39.50 -6.81
C PRO A 290 20.81 -38.60 -7.81
N ASP A 291 21.51 -37.59 -8.33
CA ASP A 291 20.88 -36.60 -9.18
C ASP A 291 20.12 -37.21 -10.36
N PRO A 292 20.60 -38.24 -11.10
CA PRO A 292 19.84 -38.74 -12.23
C PRO A 292 18.45 -39.23 -11.87
N MET A 293 18.31 -39.92 -10.74
CA MET A 293 17.00 -40.39 -10.35
C MET A 293 16.09 -39.31 -9.78
N GLU A 294 16.67 -38.27 -9.16
CA GLU A 294 15.87 -37.12 -8.80
C GLU A 294 15.31 -36.44 -10.05
N LEU A 295 16.13 -36.36 -11.11
CA LEU A 295 15.71 -35.73 -12.34
CA LEU A 295 15.70 -35.73 -12.35
C LEU A 295 14.68 -36.60 -13.08
N VAL A 296 14.81 -37.92 -13.02
CA VAL A 296 13.79 -38.82 -13.56
C VAL A 296 12.46 -38.52 -12.85
N ARG A 297 12.47 -38.46 -11.52
CA ARG A 297 11.27 -38.14 -10.77
C ARG A 297 10.70 -36.80 -11.21
N GLY A 298 11.56 -35.80 -11.32
CA GLY A 298 11.10 -34.48 -11.67
C GLY A 298 10.57 -34.38 -13.10
N LYS A 299 11.19 -35.07 -14.05
CA LYS A 299 10.73 -35.02 -15.45
C LYS A 299 9.35 -35.70 -15.69
N SER A 300 8.84 -36.50 -14.73
CA SER A 300 7.49 -36.97 -14.86
C SER A 300 6.48 -35.83 -14.93
N ALA A 301 6.85 -34.68 -14.34
CA ALA A 301 5.95 -33.54 -14.32
C ALA A 301 5.69 -32.96 -15.70
N ARG A 302 6.74 -32.72 -16.49
CA ARG A 302 6.57 -32.09 -17.78
C ARG A 302 5.83 -33.04 -18.73
N VAL A 303 5.94 -34.36 -18.51
CA VAL A 303 5.18 -35.31 -19.31
C VAL A 303 3.66 -35.20 -19.03
N ILE A 304 3.32 -35.01 -17.77
CA ILE A 304 1.94 -34.74 -17.38
C ILE A 304 1.48 -33.40 -17.97
N GLY A 305 2.33 -32.38 -17.90
CA GLY A 305 1.93 -31.09 -18.46
C GLY A 305 1.72 -31.14 -19.96
N ASP A 306 2.58 -31.89 -20.67
CA ASP A 306 2.43 -32.08 -22.10
C ASP A 306 1.06 -32.69 -22.46
N LEU A 307 0.62 -33.67 -21.67
CA LEU A 307 -0.72 -34.25 -21.86
C LEU A 307 -1.82 -33.22 -21.64
N VAL A 308 -1.74 -32.43 -20.56
CA VAL A 308 -2.75 -31.42 -20.30
C VAL A 308 -2.82 -30.39 -21.42
N THR A 309 -1.65 -30.03 -21.99
CA THR A 309 -1.63 -29.08 -23.10
C THR A 309 -2.58 -29.57 -24.19
N VAL A 310 -2.38 -30.81 -24.66
CA VAL A 310 -3.11 -31.21 -25.85
C VAL A 310 -4.57 -31.59 -25.53
N LEU A 311 -4.85 -32.03 -24.29
CA LEU A 311 -6.23 -32.14 -23.88
C LEU A 311 -6.97 -30.82 -23.96
N THR A 312 -6.35 -29.77 -23.38
CA THR A 312 -6.96 -28.45 -23.33
CA THR A 312 -7.05 -28.50 -23.34
C THR A 312 -7.10 -27.87 -24.73
N LEU A 313 -6.13 -28.15 -25.60
CA LEU A 313 -6.13 -27.66 -26.95
C LEU A 313 -7.32 -28.17 -27.75
N CYS A 314 -7.63 -29.47 -27.56
CA CYS A 314 -8.68 -30.11 -28.35
C CYS A 314 -10.06 -29.81 -27.79
N LYS A 315 -10.12 -29.55 -26.49
CA LYS A 315 -11.38 -29.28 -25.81
C LYS A 315 -12.11 -28.14 -26.52
N GLY A 316 -13.40 -28.37 -26.86
CA GLY A 316 -14.29 -27.33 -27.36
C GLY A 316 -13.96 -26.84 -28.77
N LEU A 317 -13.08 -27.50 -29.52
CA LEU A 317 -12.78 -27.03 -30.86
C LEU A 317 -13.87 -27.44 -31.83
N PRO A 318 -14.30 -26.57 -32.77
CA PRO A 318 -15.26 -27.04 -33.78
C PRO A 318 -14.53 -27.91 -34.79
N LEU A 319 -15.33 -28.53 -35.67
CA LEU A 319 -14.78 -29.20 -36.86
C LEU A 319 -14.41 -28.16 -37.91
N ALA A 320 -13.54 -28.50 -38.89
CA ALA A 320 -12.81 -29.78 -38.99
C ALA A 320 -11.33 -29.61 -38.60
N TYR A 321 -10.63 -28.86 -39.43
CA TYR A 321 -9.25 -28.41 -39.16
C TYR A 321 -9.25 -26.98 -38.65
N ASN A 322 -8.42 -26.73 -37.60
CA ASN A 322 -8.20 -25.40 -37.06
C ASN A 322 -6.68 -25.20 -36.88
N ARG A 323 -6.21 -23.96 -37.02
CA ARG A 323 -4.76 -23.67 -36.85
C ARG A 323 -4.28 -24.05 -35.42
N ASP A 324 -5.21 -24.09 -34.47
CA ASP A 324 -4.84 -24.47 -33.09
C ASP A 324 -4.02 -25.77 -33.11
N PHE A 325 -4.34 -26.67 -34.07
CA PHE A 325 -3.66 -27.96 -34.04
C PHE A 325 -2.14 -27.90 -34.26
N GLN A 326 -1.64 -26.76 -34.70
CA GLN A 326 -0.20 -26.56 -34.79
C GLN A 326 0.47 -26.82 -33.45
N GLU A 327 -0.25 -26.55 -32.36
CA GLU A 327 0.25 -26.64 -31.01
C GLU A 327 0.29 -28.08 -30.48
N ASP A 328 -0.05 -29.06 -31.30
CA ASP A 328 0.04 -30.44 -30.77
C ASP A 328 1.39 -31.10 -31.01
N LYS A 329 2.28 -30.46 -31.75
CA LYS A 329 3.56 -31.05 -32.10
C LYS A 329 4.58 -30.94 -30.99
N GLU A 330 4.85 -29.73 -30.54
CA GLU A 330 5.85 -29.51 -29.50
C GLU A 330 5.62 -30.35 -28.25
N PRO A 331 4.38 -30.43 -27.73
CA PRO A 331 4.20 -31.26 -26.55
C PRO A 331 4.45 -32.73 -26.80
N MET A 332 4.13 -33.21 -28.00
CA MET A 332 4.36 -34.63 -28.30
C MET A 332 5.86 -34.92 -28.40
N PHE A 333 6.59 -34.00 -29.06
CA PHE A 333 8.03 -34.14 -29.19
C PHE A 333 8.72 -34.09 -27.83
N ASP A 334 8.27 -33.14 -26.96
CA ASP A 334 8.85 -33.02 -25.65
C ASP A 334 8.58 -34.25 -24.79
N SER A 335 7.34 -34.69 -24.85
CA SER A 335 6.95 -35.84 -24.03
C SER A 335 7.75 -37.07 -24.41
N THR A 336 7.89 -37.26 -25.72
CA THR A 336 8.62 -38.39 -26.28
C THR A 336 10.11 -38.35 -25.94
N LYS A 337 10.74 -37.19 -26.17
CA LYS A 337 12.17 -37.06 -25.86
C LYS A 337 12.39 -37.29 -24.35
N THR A 338 11.49 -36.72 -23.52
CA THR A 338 11.62 -36.85 -22.08
C THR A 338 11.49 -38.31 -21.63
N ILE A 339 10.42 -38.98 -22.08
CA ILE A 339 10.25 -40.34 -21.61
C ILE A 339 11.38 -41.25 -22.10
N MET A 340 11.88 -41.04 -23.31
CA MET A 340 12.98 -41.85 -23.78
C MET A 340 14.21 -41.66 -22.90
N GLY A 341 14.47 -40.40 -22.53
CA GLY A 341 15.56 -40.12 -21.61
C GLY A 341 15.39 -40.73 -20.24
N MET A 342 14.17 -40.61 -19.70
CA MET A 342 13.89 -41.17 -18.39
C MET A 342 14.10 -42.68 -18.39
N ILE A 343 13.60 -43.34 -19.44
CA ILE A 343 13.77 -44.78 -19.50
C ILE A 343 15.26 -45.15 -19.55
N ASP A 344 15.98 -44.52 -20.50
CA ASP A 344 17.38 -44.89 -20.68
C ASP A 344 18.28 -44.56 -19.46
N VAL A 345 18.04 -43.39 -18.83
CA VAL A 345 18.79 -43.06 -17.64
C VAL A 345 18.50 -43.99 -16.48
N SER A 346 17.22 -44.40 -16.32
CA SER A 346 16.89 -45.35 -15.26
C SER A 346 17.64 -46.66 -15.51
N ALA A 347 17.74 -47.07 -16.78
CA ALA A 347 18.43 -48.33 -17.14
C ALA A 347 19.93 -48.21 -16.80
N GLU A 348 20.54 -47.07 -17.14
CA GLU A 348 21.93 -46.85 -16.79
CA GLU A 348 21.93 -46.85 -16.80
C GLU A 348 22.14 -46.82 -15.29
N PHE A 349 21.22 -46.17 -14.56
CA PHE A 349 21.36 -46.13 -13.12
C PHE A 349 21.33 -47.55 -12.56
N ALA A 350 20.41 -48.39 -13.04
CA ALA A 350 20.26 -49.77 -12.58
C ALA A 350 21.55 -50.57 -12.76
N GLN A 351 22.34 -50.22 -13.79
CA GLN A 351 23.59 -50.86 -14.12
C GLN A 351 24.77 -50.29 -13.36
N ASN A 352 24.55 -49.25 -12.54
CA ASN A 352 25.62 -48.50 -11.88
C ASN A 352 25.26 -48.26 -10.43
N VAL A 353 24.68 -49.28 -9.81
CA VAL A 353 24.38 -49.25 -8.38
C VAL A 353 24.85 -50.54 -7.74
N THR A 354 25.35 -50.42 -6.50
CA THR A 354 25.62 -51.60 -5.70
C THR A 354 24.78 -51.51 -4.42
N PHE A 355 24.45 -52.69 -3.92
CA PHE A 355 23.68 -52.78 -2.69
C PHE A 355 24.66 -52.93 -1.50
N ASN A 356 24.32 -52.28 -0.40
CA ASN A 356 25.15 -52.20 0.78
C ASN A 356 24.74 -53.32 1.73
N GLU A 357 25.30 -54.50 1.48
CA GLU A 357 24.83 -55.74 2.08
C GLU A 357 24.90 -55.73 3.61
N ASP A 358 26.00 -55.26 4.18
CA ASP A 358 26.14 -55.24 5.65
CA ASP A 358 26.14 -55.24 5.64
C ASP A 358 25.16 -54.24 6.25
N ARG A 359 25.04 -53.04 5.65
CA ARG A 359 24.09 -52.05 6.14
C ARG A 359 22.65 -52.59 6.14
N ILE A 360 22.28 -53.29 5.06
CA ILE A 360 20.92 -53.81 4.93
C ILE A 360 20.70 -54.84 6.05
N LYS A 361 21.68 -55.75 6.19
CA LYS A 361 21.57 -56.81 7.19
C LYS A 361 21.44 -56.23 8.59
N LYS A 362 22.22 -55.20 8.91
CA LYS A 362 22.14 -54.57 10.21
C LYS A 362 20.80 -53.87 10.47
N SER A 363 20.13 -53.47 9.40
CA SER A 363 18.86 -52.72 9.48
C SER A 363 17.66 -53.65 9.66
N LEU A 364 17.75 -54.90 9.17
CA LEU A 364 16.59 -55.76 9.13
C LEU A 364 16.01 -56.15 10.46
N PRO A 365 16.78 -56.36 11.58
CA PRO A 365 16.21 -56.78 12.84
C PRO A 365 15.23 -55.78 13.50
N ALA A 366 15.30 -54.49 13.13
CA ALA A 366 14.38 -53.47 13.64
C ALA A 366 12.96 -53.76 13.17
N GLY A 367 11.99 -53.65 14.08
CA GLY A 367 10.58 -53.69 13.71
C GLY A 367 9.94 -55.06 13.41
N HIS A 368 10.56 -56.20 13.69
CA HIS A 368 9.79 -57.45 13.78
C HIS A 368 9.03 -57.85 12.50
N LEU A 369 9.79 -57.93 11.40
CA LEU A 369 9.25 -58.23 10.09
C LEU A 369 8.73 -59.66 10.01
N ASP A 370 9.11 -60.48 10.98
CA ASP A 370 8.67 -61.87 11.02
C ASP A 370 7.32 -62.04 11.68
N ALA A 371 6.71 -60.96 12.13
CA ALA A 371 5.50 -61.08 12.92
C ALA A 371 4.40 -61.85 12.17
N THR A 372 4.18 -61.52 10.91
CA THR A 372 3.09 -62.12 10.17
CA THR A 372 3.09 -62.12 10.17
C THR A 372 3.35 -63.62 9.97
N THR A 373 4.62 -64.02 9.78
CA THR A 373 4.96 -65.43 9.64
C THR A 373 4.61 -66.17 10.93
N LEU A 374 4.84 -65.55 12.08
CA LEU A 374 4.54 -66.16 13.36
C LEU A 374 3.03 -66.29 13.48
N ALA A 375 2.28 -65.28 13.05
CA ALA A 375 0.82 -65.36 13.05
C ALA A 375 0.32 -66.47 12.13
N ASP A 376 1.00 -66.68 11.00
CA ASP A 376 0.64 -67.74 10.05
C ASP A 376 0.94 -69.10 10.67
N TYR A 377 2.05 -69.18 11.43
CA TYR A 377 2.33 -70.41 12.18
C TYR A 377 1.17 -70.76 13.08
N LEU A 378 0.69 -69.81 13.88
CA LEU A 378 -0.36 -70.11 14.83
C LEU A 378 -1.67 -70.49 14.14
N VAL A 379 -2.00 -69.84 13.03
CA VAL A 379 -3.16 -70.20 12.23
C VAL A 379 -3.02 -71.63 11.71
N LYS A 380 -1.82 -72.00 11.23
CA LYS A 380 -1.58 -73.34 10.71
C LYS A 380 -1.75 -74.38 11.83
N LYS A 381 -1.54 -73.97 13.09
CA LYS A 381 -1.73 -74.87 14.21
C LYS A 381 -3.18 -74.85 14.70
N GLY A 382 -4.07 -74.11 14.03
CA GLY A 382 -5.50 -74.16 14.30
C GLY A 382 -6.07 -72.95 15.07
N MET A 383 -5.27 -71.90 15.31
CA MET A 383 -5.77 -70.81 16.12
C MET A 383 -6.50 -69.85 15.16
N PRO A 384 -7.67 -69.27 15.48
CA PRO A 384 -8.28 -68.27 14.59
C PRO A 384 -7.38 -67.08 14.32
N PHE A 385 -7.56 -66.43 13.18
CA PHE A 385 -6.67 -65.30 12.83
C PHE A 385 -6.64 -64.23 13.93
N ARG A 386 -7.78 -63.89 14.55
CA ARG A 386 -7.70 -62.74 15.46
C ARG A 386 -6.93 -63.09 16.73
N SER A 387 -7.11 -64.31 17.23
CA SER A 387 -6.38 -64.79 18.40
C SER A 387 -4.88 -64.84 18.10
N SER A 388 -4.56 -65.28 16.89
CA SER A 388 -3.18 -65.35 16.47
C SER A 388 -2.56 -63.95 16.49
N HIS A 389 -3.29 -62.98 15.96
CA HIS A 389 -2.76 -61.63 15.86
C HIS A 389 -2.59 -61.03 17.25
N ASP A 390 -3.53 -61.31 18.13
CA ASP A 390 -3.44 -60.84 19.51
C ASP A 390 -2.24 -61.44 20.24
N ILE A 391 -2.04 -62.75 20.14
CA ILE A 391 -0.88 -63.39 20.73
C ILE A 391 0.42 -62.82 20.18
N VAL A 392 0.54 -62.71 18.84
CA VAL A 392 1.79 -62.23 18.30
C VAL A 392 2.06 -60.78 18.73
N GLY A 393 1.04 -59.93 18.77
CA GLY A 393 1.24 -58.59 19.27
C GLY A 393 1.73 -58.55 20.74
N LYS A 394 1.23 -59.43 21.59
CA LYS A 394 1.75 -59.50 22.94
C LYS A 394 3.22 -59.94 22.96
N LEU A 395 3.58 -60.93 22.14
CA LEU A 395 4.96 -61.34 22.09
C LEU A 395 5.87 -60.23 21.59
N VAL A 396 5.44 -59.55 20.53
CA VAL A 396 6.20 -58.42 20.05
C VAL A 396 6.36 -57.41 21.20
N GLY A 397 5.32 -57.25 22.01
CA GLY A 397 5.30 -56.32 23.14
C GLY A 397 6.32 -56.66 24.23
N VAL A 398 6.70 -57.95 24.33
CA VAL A 398 7.78 -58.45 25.16
C VAL A 398 9.12 -58.10 24.51
N CYS A 399 9.07 -57.70 23.24
CA CYS A 399 10.27 -57.46 22.43
C CYS A 399 10.39 -56.01 21.98
N VAL A 400 10.17 -55.02 22.84
CA VAL A 400 10.44 -53.67 22.39
C VAL A 400 11.91 -53.36 22.71
N SER A 401 12.66 -52.83 21.71
CA SER A 401 14.02 -52.35 21.93
C SER A 401 14.61 -51.64 20.68
N GLY A 403 16.54 -53.46 19.43
CA GLY A 403 17.36 -54.64 19.07
C GLY A 403 16.63 -55.99 19.23
N CYS A 404 15.61 -56.05 20.11
CA CYS A 404 15.01 -57.31 20.56
C CYS A 404 14.37 -58.08 19.40
N GLU A 405 14.61 -59.40 19.31
CA GLU A 405 14.23 -60.20 18.14
C GLU A 405 13.39 -61.40 18.58
N LEU A 406 12.33 -61.73 17.81
CA LEU A 406 11.43 -62.78 18.25
C LEU A 406 12.14 -64.13 18.31
N GLN A 407 13.07 -64.40 17.39
CA GLN A 407 13.71 -65.69 17.34
C GLN A 407 14.66 -65.90 18.54
N ASN A 408 14.88 -64.84 19.31
CA ASN A 408 15.81 -64.89 20.46
C ASN A 408 15.03 -65.19 21.74
N LEU A 409 13.71 -65.05 21.70
CA LEU A 409 12.86 -65.40 22.83
C LEU A 409 12.99 -66.89 23.08
N SER A 410 12.87 -67.32 24.34
CA SER A 410 12.85 -68.75 24.60
C SER A 410 11.46 -69.31 24.37
N LEU A 411 11.39 -70.61 24.11
CA LEU A 411 10.12 -71.30 24.03
C LEU A 411 9.34 -71.15 25.35
N GLU A 412 10.07 -71.15 26.48
CA GLU A 412 9.43 -71.05 27.80
C GLU A 412 8.68 -69.72 27.88
N GLU A 413 9.28 -68.66 27.34
CA GLU A 413 8.67 -67.34 27.33
C GLU A 413 7.40 -67.36 26.48
N MET A 414 7.43 -68.06 25.34
CA MET A 414 6.27 -68.12 24.46
C MET A 414 5.12 -68.90 25.08
N LYS A 415 5.47 -69.96 25.80
CA LYS A 415 4.46 -70.85 26.36
C LYS A 415 3.68 -70.14 27.46
N LYS A 416 4.24 -69.06 28.02
CA LYS A 416 3.51 -68.28 29.01
C LYS A 416 2.26 -67.65 28.38
N LEU A 417 2.29 -67.40 27.05
CA LEU A 417 1.16 -66.81 26.34
C LEU A 417 0.19 -67.82 25.72
N SER A 418 0.71 -68.96 25.25
CA SER A 418 -0.14 -69.98 24.68
C SER A 418 0.60 -71.32 24.70
N PRO A 419 -0.09 -72.44 25.00
CA PRO A 419 0.52 -73.77 24.88
C PRO A 419 0.70 -74.22 23.41
N VAL A 420 0.21 -73.42 22.46
CA VAL A 420 0.25 -73.80 21.04
C VAL A 420 1.69 -73.79 20.50
N PHE A 421 2.55 -72.94 21.04
CA PHE A 421 3.94 -72.90 20.63
C PHE A 421 4.69 -74.20 20.92
N GLU A 422 5.50 -74.62 19.93
CA GLU A 422 6.38 -75.78 20.04
C GLU A 422 7.76 -75.41 19.50
N GLU A 423 8.71 -76.33 19.65
CA GLU A 423 10.09 -76.05 19.29
C GLU A 423 10.21 -75.71 17.79
N ASP A 424 9.25 -76.16 16.98
CA ASP A 424 9.33 -75.95 15.53
C ASP A 424 9.16 -74.46 15.21
N VAL A 425 8.62 -73.69 16.15
CA VAL A 425 8.36 -72.27 15.92
C VAL A 425 9.60 -71.57 15.37
N PHE A 426 10.82 -71.98 15.75
CA PHE A 426 11.99 -71.19 15.41
C PHE A 426 12.28 -71.26 13.92
N GLY A 427 11.71 -72.27 13.25
CA GLY A 427 11.84 -72.34 11.78
C GLY A 427 10.97 -71.30 11.06
N PHE A 428 10.10 -70.62 11.82
CA PHE A 428 9.20 -69.60 11.33
C PHE A 428 9.62 -68.21 11.81
N LEU A 429 10.78 -68.08 12.44
CA LEU A 429 11.17 -66.79 12.98
C LEU A 429 12.52 -66.37 12.39
N GLY A 430 12.78 -65.07 12.46
CA GLY A 430 13.91 -64.45 11.78
C GLY A 430 13.52 -64.11 10.34
N VAL A 431 14.22 -63.16 9.72
CA VAL A 431 13.84 -62.61 8.44
CA VAL A 431 13.78 -62.63 8.44
C VAL A 431 14.07 -63.62 7.32
N GLU A 432 15.14 -64.42 7.41
CA GLU A 432 15.37 -65.38 6.34
C GLU A 432 14.29 -66.46 6.32
N ASN A 433 13.94 -67.03 7.47
CA ASN A 433 12.87 -68.03 7.50
C ASN A 433 11.54 -67.45 7.03
N SER A 434 11.28 -66.19 7.38
CA SER A 434 10.04 -65.51 7.05
CA SER A 434 10.02 -65.54 7.08
C SER A 434 9.87 -65.44 5.56
N VAL A 435 10.95 -65.02 4.84
CA VAL A 435 10.88 -64.99 3.38
C VAL A 435 10.64 -66.36 2.82
N ASN A 436 11.28 -67.39 3.39
CA ASN A 436 11.16 -68.72 2.84
CA ASN A 436 11.17 -68.75 2.91
C ASN A 436 9.77 -69.28 3.12
N LYS A 437 9.03 -68.73 4.10
CA LYS A 437 7.71 -69.26 4.42
C LYS A 437 6.57 -68.68 3.56
N PHE A 438 6.79 -67.57 2.82
CA PHE A 438 5.77 -67.09 1.89
C PHE A 438 5.65 -68.09 0.75
N SER A 439 4.41 -68.45 0.40
CA SER A 439 4.21 -69.49 -0.58
C SER A 439 3.13 -69.20 -1.61
N SER A 440 2.36 -68.11 -1.45
CA SER A 440 1.23 -67.83 -2.32
C SER A 440 1.77 -67.35 -3.67
N TYR A 441 0.95 -67.57 -4.68
CA TYR A 441 1.34 -67.12 -6.03
C TYR A 441 1.58 -65.61 -5.99
N GLY A 442 2.70 -65.18 -6.57
CA GLY A 442 2.97 -63.72 -6.64
C GLY A 442 3.63 -63.23 -5.37
N SER A 443 3.88 -64.14 -4.43
CA SER A 443 4.44 -63.72 -3.15
C SER A 443 5.95 -63.53 -3.24
N THR A 444 6.55 -63.00 -2.18
CA THR A 444 8.02 -62.88 -2.09
C THR A 444 8.72 -64.19 -1.70
N GLY A 445 8.02 -65.31 -1.62
CA GLY A 445 8.68 -66.56 -1.27
C GLY A 445 9.80 -66.88 -2.27
N SER A 446 10.91 -67.44 -1.80
CA SER A 446 12.06 -67.67 -2.69
C SER A 446 11.66 -68.44 -3.95
N ASN A 447 10.89 -69.54 -3.79
CA ASN A 447 10.55 -70.30 -4.97
C ASN A 447 9.60 -69.56 -5.90
N CYS A 448 8.70 -68.75 -5.32
CA CYS A 448 7.76 -67.95 -6.09
C CYS A 448 8.50 -66.92 -6.92
N VAL A 449 9.47 -66.21 -6.29
CA VAL A 449 10.26 -65.26 -7.02
C VAL A 449 11.10 -65.93 -8.11
N ALA A 450 11.64 -67.14 -7.83
CA ALA A 450 12.43 -67.87 -8.82
C ALA A 450 11.58 -68.18 -10.05
N GLU A 451 10.31 -68.52 -9.84
CA GLU A 451 9.41 -68.80 -10.96
C GLU A 451 9.20 -67.54 -11.77
N GLN A 452 9.02 -66.40 -11.09
CA GLN A 452 8.71 -65.16 -11.86
C GLN A 452 9.98 -64.68 -12.58
N LEU A 453 11.14 -64.83 -11.94
CA LEU A 453 12.36 -64.50 -12.66
C LEU A 453 12.49 -65.38 -13.92
N GLY A 454 12.10 -66.65 -13.81
CA GLY A 454 12.18 -67.51 -14.98
C GLY A 454 11.28 -67.05 -16.12
N TYR A 455 10.08 -66.58 -15.80
CA TYR A 455 9.14 -66.07 -16.80
C TYR A 455 9.77 -64.90 -17.55
N TRP A 456 10.43 -64.04 -16.77
CA TRP A 456 10.97 -62.80 -17.38
C TRP A 456 12.29 -63.09 -18.12
N VAL A 457 13.10 -64.01 -17.63
CA VAL A 457 14.29 -64.39 -18.41
C VAL A 457 13.87 -64.96 -19.77
N ASN A 458 12.80 -65.73 -19.82
CA ASN A 458 12.27 -66.28 -21.06
C ASN A 458 11.73 -65.13 -21.90
N LYS A 459 10.78 -64.38 -21.36
CA LYS A 459 10.10 -63.33 -22.16
C LYS A 459 11.08 -62.29 -22.73
N LEU A 460 12.13 -61.96 -21.98
CA LEU A 460 13.04 -60.88 -22.44
C LEU A 460 14.28 -61.45 -23.15
N ASN A 461 14.30 -62.76 -23.35
CA ASN A 461 15.47 -63.40 -24.03
CA ASN A 461 15.47 -63.42 -24.02
C ASN A 461 16.82 -63.08 -23.37
N ILE A 462 16.81 -63.19 -22.05
CA ILE A 462 18.03 -62.95 -21.29
C ILE A 462 18.93 -64.17 -21.41
N THR A 463 20.23 -63.92 -21.69
CA THR A 463 21.21 -64.99 -21.79
C THR A 463 22.37 -64.73 -20.83
N SER A 464 23.21 -65.75 -20.72
CA SER A 464 24.27 -65.76 -19.72
C SER A 464 25.54 -65.13 -20.26
N THR A 465 25.53 -64.77 -21.55
CA THR A 465 26.76 -64.44 -22.28
C THR A 465 27.26 -63.09 -21.79
N GLY B 11 -24.59 -25.81 25.44
CA GLY B 11 -23.15 -26.03 25.18
C GLY B 11 -22.91 -26.65 23.82
N ARG B 12 -21.64 -26.67 23.40
CA ARG B 12 -21.24 -27.29 22.14
C ARG B 12 -20.35 -28.49 22.45
N PHE B 13 -20.75 -29.66 21.93
CA PHE B 13 -19.92 -30.86 21.99
C PHE B 13 -18.48 -30.52 21.59
N GLU B 14 -17.53 -31.04 22.35
CA GLU B 14 -16.11 -30.84 22.08
C GLU B 14 -15.49 -32.13 21.54
N GLU B 15 -15.14 -32.15 20.25
CA GLU B 15 -14.58 -33.35 19.61
C GLU B 15 -13.18 -33.73 20.14
N SER B 16 -12.90 -35.03 20.24
CA SER B 16 -11.54 -35.51 20.49
C SER B 16 -10.68 -35.39 19.25
N VAL B 17 -9.35 -35.42 19.47
CA VAL B 17 -8.43 -35.50 18.36
C VAL B 17 -8.80 -36.66 17.45
N THR B 18 -9.00 -37.85 18.01
CA THR B 18 -9.35 -39.01 17.17
C THR B 18 -10.56 -38.69 16.32
N GLU B 19 -11.60 -38.04 16.88
CA GLU B 19 -12.80 -37.71 16.13
C GLU B 19 -12.51 -36.72 15.01
N LYS B 20 -11.63 -35.74 15.26
CA LYS B 20 -11.32 -34.79 14.22
C LYS B 20 -10.57 -35.48 13.10
N VAL B 21 -9.66 -36.39 13.45
CA VAL B 21 -8.90 -37.08 12.42
C VAL B 21 -9.83 -38.00 11.62
N GLU B 22 -10.73 -38.70 12.30
CA GLU B 22 -11.65 -39.64 11.66
C GLU B 22 -12.55 -38.94 10.64
N LYS B 23 -12.97 -37.70 10.92
CA LYS B 23 -13.77 -36.93 9.99
C LYS B 23 -12.97 -36.73 8.70
N PHE B 24 -11.68 -36.48 8.86
CA PHE B 24 -10.85 -36.17 7.73
C PHE B 24 -10.52 -37.42 6.93
N THR B 25 -10.33 -38.54 7.60
CA THR B 25 -9.90 -39.76 6.91
C THR B 25 -11.05 -40.68 6.45
N GLU B 26 -12.30 -40.51 6.94
CA GLU B 26 -13.38 -41.42 6.56
C GLU B 26 -13.61 -41.40 5.05
N SER B 27 -13.95 -42.58 4.51
CA SER B 27 -14.19 -42.73 3.09
C SER B 27 -15.61 -43.22 2.83
N ILE B 28 -16.38 -43.60 3.85
CA ILE B 28 -17.68 -44.22 3.61
C ILE B 28 -18.65 -43.29 2.88
N SER B 29 -18.56 -41.99 3.08
CA SER B 29 -19.43 -41.05 2.40
C SER B 29 -19.42 -41.22 0.89
N PHE B 30 -18.28 -41.65 0.31
CA PHE B 30 -18.22 -41.92 -1.11
C PHE B 30 -18.03 -43.42 -1.41
N ASP B 31 -17.36 -44.23 -0.59
CA ASP B 31 -16.98 -45.57 -1.03
C ASP B 31 -18.05 -46.61 -0.77
N LYS B 32 -19.18 -46.19 -0.18
CA LYS B 32 -20.35 -47.05 -0.02
C LYS B 32 -20.80 -47.57 -1.39
N VAL B 33 -20.52 -46.84 -2.46
CA VAL B 33 -20.98 -47.22 -3.79
C VAL B 33 -20.27 -48.49 -4.26
N LEU B 34 -19.24 -48.97 -3.54
CA LEU B 34 -18.54 -50.22 -3.87
C LEU B 34 -19.18 -51.44 -3.23
N TYR B 35 -20.34 -51.31 -2.56
CA TYR B 35 -20.85 -52.40 -1.76
C TYR B 35 -21.01 -53.70 -2.55
N LYS B 36 -21.57 -53.66 -3.76
CA LYS B 36 -21.88 -54.91 -4.44
C LYS B 36 -20.59 -55.69 -4.73
N GLN B 37 -19.56 -54.96 -5.18
CA GLN B 37 -18.27 -55.54 -5.52
C GLN B 37 -17.56 -56.02 -4.26
N ASP B 38 -17.65 -55.27 -3.16
CA ASP B 38 -17.06 -55.68 -1.91
C ASP B 38 -17.68 -56.98 -1.41
N ILE B 39 -19.01 -57.11 -1.52
CA ILE B 39 -19.69 -58.32 -1.09
C ILE B 39 -19.30 -59.49 -1.98
N MET B 40 -19.28 -59.27 -3.30
CA MET B 40 -18.90 -60.33 -4.25
C MET B 40 -17.47 -60.81 -3.94
N GLY B 41 -16.54 -59.90 -3.67
CA GLY B 41 -15.17 -60.24 -3.33
C GLY B 41 -15.05 -61.04 -2.05
N SER B 42 -15.85 -60.65 -1.04
CA SER B 42 -15.77 -61.29 0.25
C SER B 42 -16.39 -62.69 0.17
N LYS B 43 -17.47 -62.86 -0.61
CA LYS B 43 -18.03 -64.19 -0.78
C LYS B 43 -17.04 -65.11 -1.48
N ALA B 44 -16.38 -64.62 -2.52
CA ALA B 44 -15.36 -65.39 -3.23
C ALA B 44 -14.22 -65.79 -2.27
N HIS B 45 -13.78 -64.84 -1.46
CA HIS B 45 -12.72 -65.09 -0.48
C HIS B 45 -13.14 -66.18 0.51
N ALA B 46 -14.33 -66.03 1.10
CA ALA B 46 -14.80 -66.99 2.07
C ALA B 46 -14.93 -68.37 1.45
N SER B 47 -15.47 -68.46 0.24
CA SER B 47 -15.57 -69.74 -0.42
C SER B 47 -14.21 -70.42 -0.59
N MET B 48 -13.23 -69.63 -0.93
CA MET B 48 -11.87 -70.13 -1.11
C MET B 48 -11.30 -70.57 0.24
N LEU B 49 -11.53 -69.78 1.27
CA LEU B 49 -11.04 -70.12 2.60
C LEU B 49 -11.55 -71.51 2.97
N ALA B 50 -12.83 -71.76 2.77
CA ALA B 50 -13.38 -73.03 3.17
C ALA B 50 -12.79 -74.17 2.33
N HIS B 51 -12.70 -73.96 1.02
CA HIS B 51 -12.16 -74.95 0.09
C HIS B 51 -10.72 -75.32 0.48
N GLN B 52 -9.97 -74.37 1.05
CA GLN B 52 -8.59 -74.59 1.43
C GLN B 52 -8.45 -75.08 2.87
N GLY B 53 -9.55 -75.23 3.61
CA GLY B 53 -9.54 -75.73 4.97
C GLY B 53 -9.22 -74.69 6.02
N LEU B 54 -9.25 -73.39 5.65
CA LEU B 54 -8.91 -72.34 6.61
C LEU B 54 -10.09 -71.92 7.50
N ILE B 55 -11.30 -72.15 7.02
CA ILE B 55 -12.52 -72.03 7.81
C ILE B 55 -13.39 -73.25 7.54
N THR B 56 -14.36 -73.49 8.41
CA THR B 56 -15.27 -74.61 8.23
C THR B 56 -16.29 -74.27 7.16
N ASP B 57 -16.91 -75.30 6.60
CA ASP B 57 -18.00 -75.12 5.66
C ASP B 57 -19.18 -74.46 6.36
N SER B 58 -19.39 -74.78 7.65
CA SER B 58 -20.42 -74.12 8.42
C SER B 58 -20.14 -72.62 8.55
N ASP B 59 -18.89 -72.27 8.85
CA ASP B 59 -18.52 -70.87 8.98
C ASP B 59 -18.72 -70.16 7.64
N LYS B 60 -18.35 -70.82 6.54
CA LYS B 60 -18.50 -70.25 5.22
C LYS B 60 -19.98 -70.00 4.91
N ASP B 61 -20.83 -70.97 5.21
CA ASP B 61 -22.23 -70.81 4.88
C ASP B 61 -22.85 -69.63 5.66
N SER B 62 -22.48 -69.47 6.95
CA SER B 62 -22.94 -68.35 7.77
C SER B 62 -22.49 -67.02 7.16
N ILE B 63 -21.25 -66.96 6.70
CA ILE B 63 -20.73 -65.74 6.10
C ILE B 63 -21.49 -65.42 4.82
N LEU B 64 -21.63 -66.40 3.92
CA LEU B 64 -22.29 -66.19 2.65
C LEU B 64 -23.73 -65.71 2.86
N ARG B 65 -24.50 -66.39 3.72
CA ARG B 65 -25.89 -66.03 3.91
C ARG B 65 -26.02 -64.67 4.55
N GLY B 66 -25.14 -64.37 5.52
CA GLY B 66 -25.12 -63.06 6.17
C GLY B 66 -24.76 -61.94 5.20
N LEU B 67 -23.79 -62.15 4.32
CA LEU B 67 -23.44 -61.15 3.32
C LEU B 67 -24.61 -60.92 2.33
N ASP B 68 -25.31 -61.99 1.93
CA ASP B 68 -26.48 -61.86 1.07
C ASP B 68 -27.59 -61.07 1.77
N ASP B 69 -27.74 -61.27 3.09
CA ASP B 69 -28.76 -60.49 3.84
C ASP B 69 -28.39 -59.02 3.83
N ILE B 70 -27.11 -58.78 4.07
CA ILE B 70 -26.67 -57.39 4.14
C ILE B 70 -26.89 -56.73 2.79
N GLU B 71 -26.57 -57.44 1.71
CA GLU B 71 -26.76 -56.85 0.40
C GLU B 71 -28.25 -56.51 0.17
N ARG B 72 -29.12 -57.43 0.53
CA ARG B 72 -30.55 -57.17 0.45
C ARG B 72 -30.98 -55.94 1.26
N GLN B 73 -30.42 -55.79 2.48
CA GLN B 73 -30.71 -54.64 3.32
C GLN B 73 -30.29 -53.35 2.62
N ILE B 74 -29.10 -53.32 2.00
CA ILE B 74 -28.62 -52.12 1.36
C ILE B 74 -29.51 -51.77 0.18
N GLU B 75 -29.84 -52.80 -0.63
CA GLU B 75 -30.69 -52.60 -1.81
C GLU B 75 -32.10 -52.11 -1.41
N ALA B 76 -32.55 -52.41 -0.19
CA ALA B 76 -33.84 -51.95 0.31
C ALA B 76 -33.78 -50.57 0.93
N ASN B 77 -32.59 -49.98 1.02
CA ASN B 77 -32.35 -48.71 1.71
C ASN B 77 -32.59 -48.84 3.21
N LYS B 78 -32.35 -50.03 3.79
CA LYS B 78 -32.56 -50.26 5.21
C LYS B 78 -31.24 -50.44 5.94
N PHE B 79 -30.11 -50.16 5.28
CA PHE B 79 -28.83 -50.32 5.92
C PHE B 79 -28.30 -48.96 6.36
N GLU B 80 -27.86 -48.87 7.61
CA GLU B 80 -27.31 -47.62 8.15
C GLU B 80 -25.80 -47.59 7.98
N TRP B 81 -25.34 -46.78 7.02
CA TRP B 81 -23.91 -46.56 6.87
C TRP B 81 -23.39 -45.68 8.01
N ARG B 82 -22.23 -46.04 8.57
CA ARG B 82 -21.74 -45.37 9.77
C ARG B 82 -20.34 -44.81 9.56
N THR B 83 -20.13 -43.52 9.85
CA THR B 83 -18.82 -42.91 9.74
CA THR B 83 -18.82 -42.92 9.73
C THR B 83 -17.85 -43.50 10.77
N ASP B 84 -18.37 -43.90 11.94
CA ASP B 84 -17.55 -44.51 12.97
C ASP B 84 -17.01 -45.88 12.55
N ARG B 85 -17.46 -46.42 11.40
CA ARG B 85 -16.92 -47.67 10.87
C ARG B 85 -16.08 -47.43 9.60
N GLU B 86 -15.80 -46.16 9.32
CA GLU B 86 -14.72 -45.68 8.45
C GLU B 86 -15.00 -45.80 6.94
N ASP B 87 -15.23 -47.02 6.45
CA ASP B 87 -15.22 -47.30 5.04
C ASP B 87 -16.24 -48.39 4.73
N VAL B 88 -16.42 -48.72 3.45
CA VAL B 88 -17.41 -49.70 3.06
C VAL B 88 -17.05 -51.06 3.64
N HIS B 89 -15.75 -51.42 3.64
CA HIS B 89 -15.34 -52.78 4.03
C HIS B 89 -15.65 -53.04 5.49
N MET B 90 -15.25 -52.11 6.35
CA MET B 90 -15.48 -52.26 7.78
C MET B 90 -16.97 -52.09 8.11
N ASN B 91 -17.69 -51.24 7.38
CA ASN B 91 -19.13 -51.12 7.58
C ASN B 91 -19.78 -52.48 7.36
N ILE B 92 -19.48 -53.14 6.25
CA ILE B 92 -20.10 -54.40 5.89
C ILE B 92 -19.66 -55.46 6.89
N GLU B 93 -18.37 -55.49 7.23
CA GLU B 93 -17.90 -56.60 8.04
C GLU B 93 -18.29 -56.46 9.50
N ALA B 94 -18.39 -55.22 10.00
CA ALA B 94 -18.87 -55.03 11.36
C ALA B 94 -20.36 -55.37 11.45
N ALA B 95 -21.14 -55.01 10.44
CA ALA B 95 -22.54 -55.43 10.36
C ALA B 95 -22.66 -56.94 10.29
N LEU B 96 -21.74 -57.61 9.57
CA LEU B 96 -21.79 -59.06 9.47
C LEU B 96 -21.51 -59.68 10.83
N THR B 97 -20.56 -59.15 11.56
CA THR B 97 -20.23 -59.64 12.90
C THR B 97 -21.42 -59.43 13.84
N ASP B 98 -22.16 -58.30 13.69
CA ASP B 98 -23.35 -58.04 14.49
C ASP B 98 -24.46 -59.04 14.18
N LEU B 99 -24.51 -59.54 12.95
CA LEU B 99 -25.53 -60.43 12.49
C LEU B 99 -25.23 -61.88 12.85
N ILE B 100 -24.01 -62.38 12.55
CA ILE B 100 -23.69 -63.80 12.68
C ILE B 100 -22.71 -64.10 13.81
N GLY B 101 -22.04 -63.09 14.36
CA GLY B 101 -21.07 -63.30 15.42
C GLY B 101 -19.75 -63.88 14.94
N GLU B 102 -19.21 -64.81 15.73
CA GLU B 102 -17.80 -65.21 15.64
C GLU B 102 -17.35 -65.58 14.22
N PRO B 103 -18.13 -66.29 13.38
CA PRO B 103 -17.61 -66.66 12.07
C PRO B 103 -17.14 -65.48 11.23
N ALA B 104 -17.81 -64.36 11.40
CA ALA B 104 -17.50 -63.17 10.62
C ALA B 104 -16.05 -62.75 10.84
N LYS B 105 -15.53 -62.99 12.05
CA LYS B 105 -14.19 -62.60 12.42
C LYS B 105 -13.12 -63.43 11.68
N LYS B 106 -13.52 -64.48 10.96
CA LYS B 106 -12.55 -65.30 10.24
C LYS B 106 -12.49 -64.95 8.76
N LEU B 107 -13.40 -64.05 8.34
CA LEU B 107 -13.43 -63.61 6.96
C LEU B 107 -12.10 -62.97 6.58
N HIS B 108 -11.46 -62.24 7.47
CA HIS B 108 -10.24 -61.50 7.14
C HIS B 108 -8.97 -62.37 7.19
N THR B 109 -9.08 -63.68 7.39
CA THR B 109 -7.93 -64.57 7.35
C THR B 109 -7.28 -64.44 5.97
N ALA B 110 -5.94 -64.29 5.94
CA ALA B 110 -5.16 -64.30 4.71
C ALA B 110 -5.68 -63.27 3.75
N ARG B 111 -6.00 -62.08 4.26
CA ARG B 111 -6.40 -60.95 3.43
C ARG B 111 -6.05 -59.66 4.17
N SER B 112 -5.79 -58.60 3.41
CA SER B 112 -5.58 -57.25 3.90
C SER B 112 -6.60 -56.32 3.30
N ARG B 113 -6.83 -55.17 3.93
CA ARG B 113 -7.58 -54.14 3.26
C ARG B 113 -6.87 -53.75 1.96
N ASN B 114 -5.53 -53.90 1.93
CA ASN B 114 -4.77 -53.39 0.78
C ASN B 114 -5.09 -54.16 -0.51
N ASP B 115 -5.18 -55.50 -0.45
CA ASP B 115 -5.55 -56.30 -1.62
C ASP B 115 -7.07 -56.30 -1.81
N GLN B 116 -7.84 -56.25 -0.73
CA GLN B 116 -9.29 -56.18 -0.83
C GLN B 116 -9.73 -54.93 -1.61
N VAL B 117 -9.19 -53.75 -1.26
CA VAL B 117 -9.71 -52.52 -1.86
C VAL B 117 -9.38 -52.52 -3.36
N ALA B 118 -8.17 -52.98 -3.69
CA ALA B 118 -7.76 -53.00 -5.09
C ALA B 118 -8.67 -53.92 -5.91
N THR B 119 -9.02 -55.09 -5.35
CA THR B 119 -9.94 -56.02 -5.97
C THR B 119 -11.31 -55.37 -6.20
N ASP B 120 -11.86 -54.81 -5.13
CA ASP B 120 -13.19 -54.22 -5.22
C ASP B 120 -13.27 -53.10 -6.28
N PHE B 121 -12.21 -52.28 -6.35
CA PHE B 121 -12.22 -51.13 -7.24
C PHE B 121 -12.08 -51.57 -8.69
N ARG B 122 -11.24 -52.56 -8.96
CA ARG B 122 -11.16 -53.10 -10.30
C ARG B 122 -12.51 -53.64 -10.75
N LEU B 123 -13.16 -54.43 -9.88
CA LEU B 123 -14.47 -54.94 -10.26
C LEU B 123 -15.46 -53.84 -10.56
N TRP B 124 -15.47 -52.80 -9.75
CA TRP B 124 -16.36 -51.67 -9.99
C TRP B 124 -16.04 -51.00 -11.34
N CYS B 125 -14.75 -50.79 -11.61
CA CYS B 125 -14.38 -50.15 -12.89
C CYS B 125 -14.75 -51.03 -14.07
N ARG B 126 -14.63 -52.37 -13.93
CA ARG B 126 -14.98 -53.30 -15.00
C ARG B 126 -16.49 -53.17 -15.32
N ASP B 127 -17.32 -53.10 -14.27
CA ASP B 127 -18.77 -52.97 -14.46
C ASP B 127 -19.09 -51.61 -15.10
N ALA B 128 -18.38 -50.57 -14.67
CA ALA B 128 -18.66 -49.23 -15.15
C ALA B 128 -18.31 -49.13 -16.65
N ILE B 129 -17.20 -49.71 -17.03
CA ILE B 129 -16.79 -49.70 -18.44
C ILE B 129 -17.84 -50.43 -19.27
N ASP B 130 -18.33 -51.58 -18.79
CA ASP B 130 -19.34 -52.29 -19.56
C ASP B 130 -20.57 -51.42 -19.77
N THR B 131 -21.00 -50.68 -18.75
CA THR B 131 -22.15 -49.77 -18.86
C THR B 131 -21.87 -48.61 -19.82
N ILE B 132 -20.65 -48.05 -19.76
CA ILE B 132 -20.35 -46.97 -20.69
C ILE B 132 -20.35 -47.43 -22.14
N ILE B 133 -19.84 -48.61 -22.42
CA ILE B 133 -19.79 -49.07 -23.84
C ILE B 133 -21.21 -49.18 -24.37
N VAL B 134 -22.12 -49.69 -23.54
CA VAL B 134 -23.55 -49.78 -23.95
C VAL B 134 -24.08 -48.38 -24.28
N LYS B 135 -23.74 -47.38 -23.46
CA LYS B 135 -24.28 -46.01 -23.69
C LYS B 135 -23.67 -45.38 -24.96
N ILE B 136 -22.40 -45.71 -25.21
CA ILE B 136 -21.72 -45.18 -26.43
C ILE B 136 -22.44 -45.73 -27.67
N ARG B 137 -22.67 -47.04 -27.68
CA ARG B 137 -23.41 -47.63 -28.84
CA ARG B 137 -23.40 -47.63 -28.84
C ARG B 137 -24.79 -46.98 -29.06
N ASN B 138 -25.45 -46.71 -27.93
CA ASN B 138 -26.77 -46.01 -28.03
CA ASN B 138 -26.77 -46.01 -28.04
C ASN B 138 -26.67 -44.61 -28.69
N LEU B 139 -25.57 -43.92 -28.34
CA LEU B 139 -25.34 -42.56 -28.92
C LEU B 139 -24.93 -42.70 -30.40
N GLN B 140 -24.09 -43.68 -30.69
CA GLN B 140 -23.74 -43.92 -32.12
C GLN B 140 -25.03 -44.18 -32.91
N ARG B 141 -25.93 -45.00 -32.36
CA ARG B 141 -27.21 -45.25 -33.06
C ARG B 141 -28.00 -43.96 -33.22
N ALA B 142 -28.06 -43.16 -32.16
CA ALA B 142 -28.81 -41.91 -32.26
C ALA B 142 -28.25 -41.04 -33.38
N LEU B 143 -26.92 -41.00 -33.45
CA LEU B 143 -26.27 -40.17 -34.48
C LEU B 143 -26.51 -40.76 -35.88
N VAL B 144 -26.36 -42.07 -36.02
CA VAL B 144 -26.58 -42.70 -37.33
C VAL B 144 -28.05 -42.50 -37.76
N GLU B 145 -28.99 -42.63 -36.83
CA GLU B 145 -30.41 -42.44 -37.14
CA GLU B 145 -30.41 -42.44 -37.14
C GLU B 145 -30.67 -41.01 -37.60
N LEU B 146 -30.05 -40.03 -36.93
CA LEU B 146 -30.17 -38.63 -37.36
C LEU B 146 -29.59 -38.46 -38.76
N ALA B 147 -28.46 -39.10 -39.02
CA ALA B 147 -27.83 -39.02 -40.32
C ALA B 147 -28.77 -39.59 -41.39
N LEU B 148 -29.33 -40.77 -41.13
CA LEU B 148 -30.26 -41.38 -42.08
C LEU B 148 -31.47 -40.49 -42.35
N LYS B 149 -32.03 -39.88 -41.31
CA LYS B 149 -33.22 -39.03 -41.46
C LYS B 149 -32.92 -37.81 -42.29
N ASN B 150 -31.65 -37.37 -42.31
CA ASN B 150 -31.26 -36.14 -42.98
C ASN B 150 -30.18 -36.40 -44.03
N GLU B 151 -30.25 -37.55 -44.69
CA GLU B 151 -29.17 -38.08 -45.49
C GLU B 151 -28.89 -37.24 -46.73
N ALA B 152 -29.91 -36.50 -47.20
CA ALA B 152 -29.73 -35.69 -48.41
C ALA B 152 -29.33 -34.23 -48.15
N LEU B 153 -29.21 -33.81 -46.90
CA LEU B 153 -28.96 -32.41 -46.58
CA LEU B 153 -28.95 -32.42 -46.59
C LEU B 153 -27.49 -32.06 -46.80
N ILE B 154 -27.25 -30.95 -47.50
CA ILE B 154 -25.93 -30.40 -47.71
C ILE B 154 -25.72 -29.25 -46.73
N VAL B 155 -24.54 -29.21 -46.09
CA VAL B 155 -24.11 -28.11 -45.25
C VAL B 155 -22.67 -27.79 -45.62
N PRO B 156 -22.16 -26.59 -45.26
CA PRO B 156 -20.75 -26.34 -45.43
C PRO B 156 -19.89 -27.21 -44.51
N GLY B 157 -18.69 -27.52 -44.98
CA GLY B 157 -17.63 -28.06 -44.17
C GLY B 157 -16.62 -26.96 -43.94
N TYR B 158 -16.05 -26.88 -42.74
CA TYR B 158 -15.29 -25.74 -42.36
C TYR B 158 -13.82 -26.04 -42.04
N THR B 159 -12.94 -25.14 -42.37
CA THR B 159 -11.60 -25.09 -41.81
C THR B 159 -11.39 -23.64 -41.37
N HIS B 160 -10.80 -23.49 -40.17
CA HIS B 160 -10.57 -22.15 -39.59
C HIS B 160 -11.90 -21.43 -39.35
N LEU B 161 -13.01 -22.15 -39.23
CA LEU B 161 -14.38 -21.61 -39.17
C LEU B 161 -14.68 -20.76 -40.39
N GLN B 162 -14.06 -21.10 -41.53
CA GLN B 162 -14.38 -20.55 -42.82
C GLN B 162 -14.88 -21.69 -43.71
N ARG B 163 -15.91 -21.42 -44.51
CA ARG B 163 -16.48 -22.43 -45.38
C ARG B 163 -15.46 -22.85 -46.45
N ALA B 164 -15.21 -24.15 -46.54
CA ALA B 164 -14.14 -24.71 -47.37
C ALA B 164 -14.70 -25.54 -48.50
N GLN B 165 -15.59 -26.48 -48.21
CA GLN B 165 -16.16 -27.37 -49.20
C GLN B 165 -17.60 -27.65 -48.84
N PRO B 166 -18.47 -28.08 -49.77
CA PRO B 166 -19.82 -28.53 -49.41
C PRO B 166 -19.72 -30.00 -49.00
N VAL B 167 -20.44 -30.38 -47.96
CA VAL B 167 -20.47 -31.76 -47.51
C VAL B 167 -21.92 -32.17 -47.20
N LEU B 168 -22.14 -33.49 -47.05
CA LEU B 168 -23.41 -34.00 -46.59
C LEU B 168 -23.44 -34.02 -45.07
N LEU B 169 -24.55 -33.57 -44.51
CA LEU B 169 -24.77 -33.65 -43.07
CA LEU B 169 -24.81 -33.66 -43.07
C LEU B 169 -24.49 -35.05 -42.51
N PRO B 170 -24.94 -36.18 -43.10
CA PRO B 170 -24.58 -37.49 -42.56
C PRO B 170 -23.06 -37.71 -42.44
N HIS B 171 -22.28 -37.13 -43.37
CA HIS B 171 -20.84 -37.22 -43.33
C HIS B 171 -20.26 -36.56 -42.08
N VAL B 172 -20.82 -35.39 -41.73
CA VAL B 172 -20.39 -34.69 -40.53
C VAL B 172 -20.73 -35.53 -39.31
N LEU B 173 -21.95 -36.06 -39.25
CA LEU B 173 -22.40 -36.81 -38.08
C LEU B 173 -21.57 -38.07 -37.92
N LEU B 174 -21.16 -38.72 -39.02
CA LEU B 174 -20.35 -39.92 -38.93
C LEU B 174 -18.96 -39.61 -38.36
N THR B 175 -18.52 -38.35 -38.45
CA THR B 175 -17.26 -38.00 -37.79
C THR B 175 -17.36 -38.38 -36.30
N PHE B 176 -18.45 -37.97 -35.66
CA PHE B 176 -18.59 -38.25 -34.23
C PHE B 176 -18.74 -39.74 -33.97
N VAL B 177 -19.42 -40.47 -34.86
CA VAL B 177 -19.57 -41.89 -34.69
C VAL B 177 -18.19 -42.57 -34.72
N GLU B 178 -17.34 -42.16 -35.66
CA GLU B 178 -15.96 -42.68 -35.78
C GLU B 178 -15.12 -42.33 -34.54
N GLN B 179 -15.23 -41.11 -34.04
CA GLN B 179 -14.56 -40.72 -32.79
C GLN B 179 -14.95 -41.67 -31.64
N LEU B 180 -16.27 -41.87 -31.49
CA LEU B 180 -16.80 -42.71 -30.44
C LEU B 180 -16.33 -44.14 -30.59
N GLU B 181 -16.08 -44.58 -31.82
CA GLU B 181 -15.60 -45.97 -32.03
C GLU B 181 -14.18 -46.13 -31.48
N ARG B 182 -13.34 -45.10 -31.68
CA ARG B 182 -12.02 -45.18 -31.06
C ARG B 182 -12.17 -45.18 -29.52
N ASP B 183 -13.11 -44.38 -29.01
CA ASP B 183 -13.32 -44.35 -27.56
C ASP B 183 -13.72 -45.77 -27.08
N ALA B 184 -14.69 -46.37 -27.76
CA ALA B 184 -15.10 -47.75 -27.40
C ALA B 184 -13.90 -48.70 -27.44
N GLY B 185 -13.06 -48.56 -28.45
CA GLY B 185 -11.86 -49.38 -28.51
C GLY B 185 -10.94 -49.21 -27.30
N ARG B 186 -10.74 -47.94 -26.88
CA ARG B 186 -9.96 -47.65 -25.68
C ARG B 186 -10.59 -48.29 -24.43
N TYR B 187 -11.92 -48.24 -24.34
CA TYR B 187 -12.59 -48.87 -23.19
C TYR B 187 -12.34 -50.38 -23.20
N VAL B 188 -12.45 -51.00 -24.38
CA VAL B 188 -12.22 -52.43 -24.41
C VAL B 188 -10.80 -52.78 -24.01
N ASP B 189 -9.82 -52.04 -24.54
CA ASP B 189 -8.43 -52.32 -24.22
C ASP B 189 -8.10 -52.06 -22.75
N CYS B 190 -8.66 -51.00 -22.16
CA CYS B 190 -8.52 -50.71 -20.73
C CYS B 190 -9.08 -51.82 -19.87
N ARG B 191 -10.28 -52.29 -20.24
CA ARG B 191 -10.96 -53.35 -19.48
C ARG B 191 -10.09 -54.59 -19.45
N ALA B 192 -9.50 -54.96 -20.60
CA ALA B 192 -8.72 -56.19 -20.62
C ALA B 192 -7.48 -56.07 -19.75
N ARG B 193 -6.83 -54.89 -19.73
CA ARG B 193 -5.59 -54.73 -18.99
C ARG B 193 -5.87 -54.67 -17.50
N LEU B 194 -7.05 -54.20 -17.11
CA LEU B 194 -7.36 -54.08 -15.66
C LEU B 194 -7.88 -55.41 -15.07
N ASN B 195 -8.28 -56.34 -15.94
CA ASN B 195 -9.00 -57.53 -15.48
C ASN B 195 -8.05 -58.62 -14.97
N PHE B 196 -7.13 -58.27 -14.07
CA PHE B 196 -6.27 -59.19 -13.36
C PHE B 196 -6.47 -58.97 -11.87
N SER B 197 -6.40 -60.07 -11.07
CA SER B 197 -6.85 -60.05 -9.69
C SER B 197 -5.73 -59.75 -8.70
N PRO B 198 -5.84 -58.71 -7.86
CA PRO B 198 -4.88 -58.44 -6.80
C PRO B 198 -5.09 -59.31 -5.59
N LEU B 199 -6.24 -59.98 -5.52
CA LEU B 199 -6.64 -60.66 -4.30
C LEU B 199 -5.69 -61.82 -4.00
N GLY B 200 -5.15 -61.77 -2.79
CA GLY B 200 -4.18 -62.74 -2.30
C GLY B 200 -2.77 -62.19 -2.23
N ALA B 201 -2.60 -60.92 -2.64
CA ALA B 201 -1.36 -60.21 -2.32
C ALA B 201 -1.21 -59.89 -0.87
N CYS B 202 -2.32 -59.89 -0.11
CA CYS B 202 -2.30 -59.52 1.30
C CYS B 202 -1.74 -58.11 1.45
N ALA B 203 -0.97 -57.81 2.53
CA ALA B 203 -0.54 -56.44 2.75
C ALA B 203 0.35 -55.91 1.62
N LEU B 204 1.21 -56.79 1.11
CA LEU B 204 2.09 -56.49 0.00
C LEU B 204 2.98 -57.66 -0.42
N ALA B 205 3.18 -58.67 0.42
CA ALA B 205 4.19 -59.69 0.18
C ALA B 205 3.63 -61.07 -0.08
N GLY B 206 2.29 -61.18 -0.07
CA GLY B 206 1.63 -62.48 -0.07
C GLY B 206 1.48 -63.07 1.32
N THR B 207 1.36 -64.40 1.36
CA THR B 207 1.07 -65.10 2.61
C THR B 207 1.74 -66.45 2.57
N GLY B 208 1.94 -67.04 3.76
CA GLY B 208 2.29 -68.45 3.92
C GLY B 208 1.10 -69.33 4.15
N LEU B 209 -0.10 -68.76 4.27
CA LEU B 209 -1.30 -69.56 4.48
C LEU B 209 -1.74 -70.13 3.14
N PRO B 210 -2.37 -71.32 3.08
CA PRO B 210 -2.57 -72.03 1.83
C PRO B 210 -3.78 -71.53 1.03
N ILE B 211 -3.72 -70.28 0.58
CA ILE B 211 -4.83 -69.75 -0.19
C ILE B 211 -4.76 -70.23 -1.64
N ASP B 212 -5.82 -69.97 -2.42
CA ASP B 212 -5.85 -70.30 -3.83
C ASP B 212 -6.27 -69.04 -4.59
N ARG B 213 -5.30 -68.37 -5.20
CA ARG B 213 -5.57 -67.10 -5.88
C ARG B 213 -6.21 -67.32 -7.25
N PHE B 214 -5.98 -68.47 -7.89
CA PHE B 214 -6.62 -68.75 -9.17
C PHE B 214 -8.13 -68.99 -9.01
N MET B 215 -8.54 -69.64 -7.91
CA MET B 215 -9.94 -69.90 -7.61
C MET B 215 -10.68 -68.57 -7.42
N THR B 216 -10.12 -67.63 -6.65
CA THR B 216 -10.80 -66.34 -6.42
C THR B 216 -10.79 -65.50 -7.69
N ALA B 217 -9.71 -65.51 -8.41
CA ALA B 217 -9.67 -64.80 -9.70
C ALA B 217 -10.78 -65.29 -10.65
N ASN B 218 -10.90 -66.61 -10.77
CA ASN B 218 -11.91 -67.22 -11.63
C ASN B 218 -13.33 -66.89 -11.13
N ALA B 219 -13.54 -67.00 -9.83
CA ALA B 219 -14.85 -66.72 -9.25
C ALA B 219 -15.31 -65.29 -9.51
N LEU B 220 -14.34 -64.38 -9.62
CA LEU B 220 -14.63 -62.95 -9.79
C LEU B 220 -14.50 -62.50 -11.24
N GLY B 221 -14.24 -63.41 -12.17
CA GLY B 221 -14.23 -63.09 -13.60
C GLY B 221 -12.93 -62.41 -14.09
N PHE B 222 -11.87 -62.44 -13.26
CA PHE B 222 -10.58 -61.94 -13.70
C PHE B 222 -9.91 -62.97 -14.59
N THR B 223 -9.06 -62.49 -15.48
CA THR B 223 -8.32 -63.32 -16.41
C THR B 223 -7.39 -64.25 -15.65
N GLU B 224 -6.63 -63.71 -14.70
CA GLU B 224 -5.63 -64.44 -13.94
C GLU B 224 -5.29 -63.60 -12.71
N PRO B 225 -4.60 -64.18 -11.71
CA PRO B 225 -4.09 -63.39 -10.59
C PRO B 225 -2.89 -62.56 -11.06
N MET B 226 -2.76 -61.37 -10.49
CA MET B 226 -1.57 -60.54 -10.79
C MET B 226 -0.32 -61.30 -10.32
N ARG B 227 0.76 -61.28 -11.09
CA ARG B 227 1.99 -62.03 -10.77
CA ARG B 227 2.00 -62.03 -10.76
C ARG B 227 2.97 -61.48 -9.70
N ASN B 228 2.64 -60.26 -9.26
CA ASN B 228 3.52 -59.59 -8.25
C ASN B 228 2.67 -58.95 -7.14
N SER B 229 2.85 -59.47 -5.92
CA SER B 229 2.07 -58.99 -4.75
C SER B 229 2.27 -57.48 -4.48
N ILE B 230 3.51 -57.02 -4.63
CA ILE B 230 3.75 -55.62 -4.36
C ILE B 230 3.05 -54.77 -5.39
N ASP B 231 3.20 -55.15 -6.66
CA ASP B 231 2.49 -54.47 -7.72
C ASP B 231 0.98 -54.49 -7.44
N ALA B 232 0.43 -55.65 -7.04
CA ALA B 232 -1.00 -55.77 -6.86
C ALA B 232 -1.56 -54.73 -5.89
N VAL B 233 -0.83 -54.44 -4.80
CA VAL B 233 -1.36 -53.50 -3.80
C VAL B 233 -0.97 -52.05 -4.13
N SER B 234 0.00 -51.82 -5.01
CA SER B 234 0.57 -50.51 -5.29
C SER B 234 0.07 -49.92 -6.60
N ASP B 235 -0.57 -50.72 -7.45
CA ASP B 235 -0.90 -50.31 -8.82
C ASP B 235 -2.26 -49.63 -8.86
N ARG B 236 -2.35 -48.46 -9.52
CA ARG B 236 -3.60 -47.80 -9.83
C ARG B 236 -3.63 -47.41 -11.32
N ASP B 237 -2.87 -48.15 -12.16
CA ASP B 237 -2.86 -47.83 -13.59
C ASP B 237 -4.26 -47.93 -14.18
N PHE B 238 -5.03 -48.92 -13.72
CA PHE B 238 -6.37 -49.10 -14.26
C PHE B 238 -7.22 -47.85 -14.08
N VAL B 239 -7.01 -47.13 -12.95
CA VAL B 239 -7.76 -45.93 -12.70
C VAL B 239 -7.29 -44.84 -13.69
N LEU B 240 -5.97 -44.70 -13.81
CA LEU B 240 -5.45 -43.69 -14.73
C LEU B 240 -5.91 -43.90 -16.18
N GLU B 241 -5.89 -45.15 -16.64
CA GLU B 241 -6.23 -45.45 -18.00
C GLU B 241 -7.74 -45.20 -18.23
N PHE B 242 -8.57 -45.58 -17.26
CA PHE B 242 -10.01 -45.36 -17.35
C PHE B 242 -10.29 -43.85 -17.35
N LEU B 243 -9.61 -43.11 -16.45
CA LEU B 243 -9.79 -41.66 -16.42
C LEU B 243 -9.42 -41.02 -17.77
N TYR B 244 -8.29 -41.45 -18.33
CA TYR B 244 -7.87 -40.87 -19.61
C TYR B 244 -8.88 -41.22 -20.71
N THR B 245 -9.37 -42.47 -20.70
CA THR B 245 -10.30 -42.88 -21.73
C THR B 245 -11.58 -42.04 -21.63
N ASN B 246 -12.05 -41.81 -20.38
CA ASN B 246 -13.16 -40.89 -20.19
C ASN B 246 -12.84 -39.49 -20.69
N ALA B 247 -11.63 -38.99 -20.38
CA ALA B 247 -11.29 -37.65 -20.83
C ALA B 247 -11.30 -37.50 -22.35
N ASN B 248 -10.78 -38.51 -23.05
CA ASN B 248 -10.79 -38.39 -24.51
C ASN B 248 -12.21 -38.47 -25.06
N THR B 249 -13.06 -39.33 -24.50
CA THR B 249 -14.47 -39.35 -24.87
C THR B 249 -15.10 -37.99 -24.64
N GLY B 250 -14.78 -37.40 -23.50
CA GLY B 250 -15.29 -36.10 -23.16
C GLY B 250 -14.84 -34.99 -24.11
N ILE B 251 -13.61 -35.10 -24.62
CA ILE B 251 -13.17 -34.13 -25.63
C ILE B 251 -14.00 -34.23 -26.91
N HIS B 252 -14.31 -35.47 -27.32
CA HIS B 252 -15.16 -35.63 -28.48
C HIS B 252 -16.54 -34.99 -28.26
N LEU B 253 -17.12 -35.24 -27.10
CA LEU B 253 -18.44 -34.67 -26.81
C LEU B 253 -18.36 -33.15 -26.63
N SER B 254 -17.18 -32.61 -26.22
CA SER B 254 -17.03 -31.17 -26.11
C SER B 254 -16.99 -30.54 -27.49
N ARG B 255 -16.49 -31.26 -28.49
CA ARG B 255 -16.48 -30.76 -29.87
C ARG B 255 -17.88 -30.86 -30.49
N LEU B 256 -18.59 -31.95 -30.22
CA LEU B 256 -19.99 -32.07 -30.55
C LEU B 256 -20.82 -30.93 -29.95
N GLY B 257 -20.53 -30.59 -28.69
CA GLY B 257 -21.18 -29.48 -28.01
C GLY B 257 -20.90 -28.16 -28.69
N GLU B 258 -19.62 -27.87 -28.95
CA GLU B 258 -19.29 -26.63 -29.63
C GLU B 258 -20.01 -26.53 -30.96
N GLU B 259 -19.96 -27.64 -31.72
CA GLU B 259 -20.60 -27.66 -33.05
C GLU B 259 -22.10 -27.38 -32.95
N TRP B 260 -22.77 -28.06 -32.02
CA TRP B 260 -24.23 -27.91 -32.00
C TRP B 260 -24.65 -26.59 -31.35
N VAL B 261 -23.85 -26.04 -30.43
CA VAL B 261 -24.13 -24.69 -29.93
C VAL B 261 -23.99 -23.68 -31.08
N LEU B 262 -22.96 -23.82 -31.92
CA LEU B 262 -22.84 -23.00 -33.13
C LEU B 262 -24.02 -23.22 -34.09
N TRP B 263 -24.36 -24.46 -34.41
CA TRP B 263 -25.44 -24.71 -35.35
C TRP B 263 -26.81 -24.18 -34.85
N ALA B 264 -26.99 -24.10 -33.53
CA ALA B 264 -28.23 -23.59 -32.95
C ALA B 264 -28.27 -22.06 -32.92
N SER B 265 -27.12 -21.40 -33.15
CA SER B 265 -27.10 -19.95 -33.20
C SER B 265 -27.95 -19.49 -34.37
N GLU B 266 -28.36 -18.22 -34.32
CA GLU B 266 -29.04 -17.65 -35.47
C GLU B 266 -28.10 -17.34 -36.60
N GLU B 267 -26.81 -17.12 -36.29
CA GLU B 267 -25.83 -16.78 -37.31
C GLU B 267 -25.64 -17.96 -38.25
N PHE B 268 -25.49 -19.18 -37.71
CA PHE B 268 -25.48 -20.38 -38.54
C PHE B 268 -26.91 -20.67 -39.00
N GLY B 269 -27.80 -20.83 -38.03
CA GLY B 269 -29.20 -21.05 -38.33
C GLY B 269 -29.51 -22.46 -38.83
N PHE B 270 -28.63 -23.43 -38.53
CA PHE B 270 -28.76 -24.74 -39.16
C PHE B 270 -29.76 -25.62 -38.43
N MET B 271 -29.87 -25.44 -37.11
CA MET B 271 -30.50 -26.43 -36.28
C MET B 271 -31.42 -25.74 -35.26
N THR B 272 -32.59 -26.37 -35.03
CA THR B 272 -33.50 -25.90 -33.99
C THR B 272 -33.66 -27.01 -32.96
N PRO B 273 -33.26 -26.81 -31.67
CA PRO B 273 -33.56 -27.81 -30.66
C PRO B 273 -35.03 -27.77 -30.29
N SER B 274 -35.59 -28.89 -29.86
CA SER B 274 -36.94 -28.87 -29.33
C SER B 274 -36.98 -28.10 -28.02
N ASP B 275 -38.21 -27.73 -27.61
CA ASP B 275 -38.38 -27.09 -26.34
C ASP B 275 -37.91 -27.98 -25.19
N SER B 276 -38.00 -29.30 -25.29
CA SER B 276 -37.62 -30.20 -24.24
C SER B 276 -36.12 -30.27 -23.96
N VAL B 277 -35.30 -29.75 -24.87
CA VAL B 277 -33.85 -29.79 -24.72
C VAL B 277 -33.25 -28.39 -24.88
N SER B 278 -34.04 -27.36 -24.57
CA SER B 278 -33.57 -25.98 -24.67
C SER B 278 -34.27 -25.16 -23.58
N THR B 279 -33.79 -23.96 -23.37
CA THR B 279 -34.42 -22.95 -22.56
C THR B 279 -34.66 -21.73 -23.43
N GLY B 280 -35.54 -20.85 -22.92
CA GLY B 280 -35.90 -19.69 -23.70
C GLY B 280 -36.31 -18.50 -22.83
N SER B 281 -37.02 -17.59 -23.50
CA SER B 281 -37.42 -16.31 -22.96
C SER B 281 -38.87 -16.09 -23.35
N SER B 282 -39.75 -15.79 -22.40
CA SER B 282 -41.09 -15.44 -22.82
C SER B 282 -41.10 -14.14 -23.63
N ILE B 283 -40.12 -13.23 -23.46
CA ILE B 283 -40.18 -11.98 -24.24
C ILE B 283 -39.46 -12.02 -25.56
N MET B 284 -38.62 -13.05 -25.74
CA MET B 284 -37.92 -13.25 -26.98
C MET B 284 -38.19 -14.68 -27.41
N PRO B 285 -39.40 -14.95 -27.95
CA PRO B 285 -39.81 -16.32 -28.25
C PRO B 285 -38.97 -17.08 -29.27
N GLN B 286 -38.14 -16.40 -30.06
CA GLN B 286 -37.28 -17.07 -31.02
C GLN B 286 -35.95 -17.50 -30.41
N LYS B 287 -35.60 -16.99 -29.22
CA LYS B 287 -34.35 -17.33 -28.56
C LYS B 287 -34.48 -18.76 -28.02
N LYS B 288 -33.64 -19.67 -28.49
CA LYS B 288 -33.66 -21.04 -28.00
C LYS B 288 -32.25 -21.40 -27.60
N ASN B 289 -32.02 -21.45 -26.28
CA ASN B 289 -30.70 -21.69 -25.74
C ASN B 289 -30.44 -23.17 -25.66
N PRO B 290 -29.33 -23.67 -26.21
CA PRO B 290 -29.09 -25.12 -26.21
C PRO B 290 -28.36 -25.60 -24.96
N ASP B 291 -28.92 -25.31 -23.78
CA ASP B 291 -28.24 -25.50 -22.51
C ASP B 291 -27.62 -26.89 -22.39
N PRO B 292 -28.30 -27.99 -22.75
CA PRO B 292 -27.72 -29.31 -22.55
C PRO B 292 -26.37 -29.50 -23.23
N MET B 293 -26.23 -28.95 -24.44
CA MET B 293 -24.98 -29.14 -25.13
C MET B 293 -23.89 -28.19 -24.63
N GLU B 294 -24.29 -26.99 -24.17
CA GLU B 294 -23.34 -26.14 -23.47
C GLU B 294 -22.77 -26.88 -22.25
N LEU B 295 -23.63 -27.58 -21.50
CA LEU B 295 -23.19 -28.25 -20.28
CA LEU B 295 -23.21 -28.27 -20.28
C LEU B 295 -22.39 -29.51 -20.60
N VAL B 296 -22.70 -30.20 -21.71
CA VAL B 296 -21.83 -31.26 -22.17
C VAL B 296 -20.43 -30.71 -22.45
N ARG B 297 -20.32 -29.58 -23.18
CA ARG B 297 -19.03 -29.00 -23.46
C ARG B 297 -18.33 -28.67 -22.14
N GLY B 298 -19.06 -28.05 -21.19
CA GLY B 298 -18.44 -27.63 -19.95
C GLY B 298 -17.99 -28.81 -19.11
N LYS B 299 -18.81 -29.87 -19.10
CA LYS B 299 -18.48 -31.02 -18.28
C LYS B 299 -17.23 -31.79 -18.74
N SER B 300 -16.77 -31.58 -19.96
CA SER B 300 -15.48 -32.14 -20.38
C SER B 300 -14.33 -31.68 -19.47
N ALA B 301 -14.47 -30.48 -18.85
CA ALA B 301 -13.43 -29.92 -18.03
C ALA B 301 -13.20 -30.73 -16.77
N ARG B 302 -14.27 -31.11 -16.07
CA ARG B 302 -14.08 -31.84 -14.81
C ARG B 302 -13.55 -33.24 -15.06
N VAL B 303 -13.84 -33.77 -16.25
CA VAL B 303 -13.31 -35.09 -16.59
C VAL B 303 -11.78 -35.01 -16.80
N ILE B 304 -11.29 -33.91 -17.41
CA ILE B 304 -9.87 -33.70 -17.49
C ILE B 304 -9.25 -33.43 -16.10
N GLY B 305 -9.94 -32.64 -15.27
CA GLY B 305 -9.46 -32.40 -13.92
C GLY B 305 -9.33 -33.67 -13.07
N ASP B 306 -10.30 -34.56 -13.23
CA ASP B 306 -10.27 -35.83 -12.55
C ASP B 306 -9.05 -36.68 -12.92
N LEU B 307 -8.71 -36.72 -14.21
CA LEU B 307 -7.50 -37.37 -14.67
C LEU B 307 -6.23 -36.73 -14.05
N VAL B 308 -6.13 -35.42 -14.08
CA VAL B 308 -4.97 -34.77 -13.49
C VAL B 308 -4.84 -35.08 -12.00
N THR B 309 -5.97 -35.12 -11.29
CA THR B 309 -5.92 -35.49 -9.88
C THR B 309 -5.15 -36.78 -9.67
N VAL B 310 -5.55 -37.85 -10.40
CA VAL B 310 -4.95 -39.14 -10.08
C VAL B 310 -3.52 -39.26 -10.64
N LEU B 311 -3.21 -38.59 -11.77
CA LEU B 311 -1.83 -38.59 -12.24
C LEU B 311 -0.92 -38.00 -11.17
N THR B 312 -1.31 -36.81 -10.67
CA THR B 312 -0.59 -36.09 -9.63
CA THR B 312 -0.52 -36.12 -9.67
C THR B 312 -0.50 -36.89 -8.33
N LEU B 313 -1.58 -37.59 -7.99
CA LEU B 313 -1.62 -38.39 -6.79
C LEU B 313 -0.54 -39.48 -6.79
N CYS B 314 -0.44 -40.17 -7.95
CA CYS B 314 0.49 -41.29 -8.04
C CYS B 314 1.97 -40.87 -8.24
N LYS B 315 2.17 -39.65 -8.80
CA LYS B 315 3.50 -39.13 -9.09
C LYS B 315 4.32 -39.14 -7.81
N GLY B 316 5.52 -39.72 -7.91
CA GLY B 316 6.49 -39.64 -6.84
C GLY B 316 6.19 -40.46 -5.58
N LEU B 317 5.18 -41.34 -5.59
CA LEU B 317 4.89 -42.09 -4.38
C LEU B 317 5.86 -43.24 -4.21
N PRO B 318 6.37 -43.54 -3.02
CA PRO B 318 7.19 -44.73 -2.80
C PRO B 318 6.30 -45.98 -2.90
N LEU B 319 6.94 -47.15 -3.03
CA LEU B 319 6.20 -48.41 -2.82
C LEU B 319 5.83 -48.57 -1.34
N ALA B 320 4.83 -49.40 -1.00
CA ALA B 320 3.95 -50.12 -1.91
C ALA B 320 2.56 -49.47 -1.88
N TYR B 321 1.78 -49.81 -0.83
CA TYR B 321 0.51 -49.15 -0.52
C TYR B 321 0.77 -47.92 0.36
N ASN B 322 0.12 -46.79 -0.01
CA ASN B 322 0.12 -45.56 0.76
C ASN B 322 -1.31 -45.08 0.94
N ARG B 323 -1.62 -44.43 2.05
CA ARG B 323 -3.00 -43.99 2.27
C ARG B 323 -3.46 -42.96 1.24
N ASP B 324 -2.49 -42.32 0.57
CA ASP B 324 -2.84 -41.36 -0.51
C ASP B 324 -3.80 -41.99 -1.52
N PHE B 325 -3.68 -43.30 -1.71
CA PHE B 325 -4.49 -43.94 -2.73
C PHE B 325 -5.98 -43.85 -2.46
N GLN B 326 -6.39 -43.55 -1.23
CA GLN B 326 -7.80 -43.38 -1.00
C GLN B 326 -8.41 -42.28 -1.87
N GLU B 327 -7.57 -41.35 -2.32
CA GLU B 327 -7.98 -40.22 -3.15
C GLU B 327 -8.21 -40.63 -4.61
N ASP B 328 -8.03 -41.89 -4.95
CA ASP B 328 -8.31 -42.37 -6.30
C ASP B 328 -9.80 -42.62 -6.57
N LYS B 329 -10.63 -42.74 -5.54
CA LYS B 329 -12.01 -43.14 -5.73
C LYS B 329 -12.92 -42.05 -6.24
N GLU B 330 -12.95 -40.90 -5.53
CA GLU B 330 -13.85 -39.84 -5.89
C GLU B 330 -13.63 -39.31 -7.32
N PRO B 331 -12.38 -39.12 -7.79
CA PRO B 331 -12.24 -38.71 -9.18
C PRO B 331 -12.77 -39.74 -10.18
N MET B 332 -12.57 -41.03 -9.91
CA MET B 332 -13.03 -42.05 -10.82
C MET B 332 -14.56 -42.05 -10.83
N PHE B 333 -15.18 -41.93 -9.64
CA PHE B 333 -16.63 -41.91 -9.60
C PHE B 333 -17.22 -40.68 -10.29
N ASP B 334 -16.57 -39.53 -10.09
CA ASP B 334 -17.03 -38.30 -10.73
C ASP B 334 -16.91 -38.38 -12.26
N SER B 335 -15.74 -38.83 -12.68
CA SER B 335 -15.43 -38.93 -14.10
C SER B 335 -16.45 -39.84 -14.80
N THR B 336 -16.75 -40.99 -14.15
CA THR B 336 -17.64 -42.00 -14.70
C THR B 336 -19.07 -41.46 -14.76
N LYS B 337 -19.55 -40.87 -13.65
CA LYS B 337 -20.90 -40.36 -13.63
C LYS B 337 -21.07 -39.24 -14.67
N THR B 338 -20.01 -38.38 -14.81
CA THR B 338 -20.07 -37.27 -15.73
C THR B 338 -20.12 -37.78 -17.17
N ILE B 339 -19.19 -38.67 -17.52
CA ILE B 339 -19.16 -39.12 -18.90
C ILE B 339 -20.47 -39.83 -19.25
N MET B 340 -21.02 -40.67 -18.34
CA MET B 340 -22.28 -41.33 -18.66
C MET B 340 -23.39 -40.33 -18.95
N GLY B 341 -23.47 -39.25 -18.15
CA GLY B 341 -24.47 -38.20 -18.33
C GLY B 341 -24.26 -37.48 -19.66
N MET B 342 -23.00 -37.16 -19.94
CA MET B 342 -22.67 -36.49 -21.18
C MET B 342 -23.08 -37.32 -22.42
N ILE B 343 -22.80 -38.61 -22.39
CA ILE B 343 -23.15 -39.48 -23.51
C ILE B 343 -24.67 -39.53 -23.66
N ASP B 344 -25.36 -39.79 -22.54
CA ASP B 344 -26.81 -39.97 -22.62
C ASP B 344 -27.51 -38.69 -23.06
N VAL B 345 -27.08 -37.54 -22.51
CA VAL B 345 -27.74 -36.31 -22.86
C VAL B 345 -27.50 -35.93 -24.32
N SER B 346 -26.28 -36.20 -24.82
CA SER B 346 -25.97 -35.96 -26.23
C SER B 346 -26.89 -36.82 -27.11
N ALA B 347 -27.16 -38.04 -26.67
CA ALA B 347 -28.04 -38.90 -27.46
C ALA B 347 -29.46 -38.37 -27.43
N GLU B 348 -29.94 -37.92 -26.27
CA GLU B 348 -31.28 -37.32 -26.23
C GLU B 348 -31.38 -36.05 -27.06
N PHE B 349 -30.30 -35.23 -27.04
CA PHE B 349 -30.30 -34.02 -27.86
C PHE B 349 -30.40 -34.38 -29.35
N ALA B 350 -29.62 -35.38 -29.78
CA ALA B 350 -29.65 -35.83 -31.16
C ALA B 350 -31.05 -36.25 -31.61
N GLN B 351 -31.86 -36.79 -30.70
CA GLN B 351 -33.21 -37.20 -31.03
C GLN B 351 -34.22 -36.05 -30.98
N ASN B 352 -33.79 -34.84 -30.61
CA ASN B 352 -34.67 -33.72 -30.38
C ASN B 352 -34.17 -32.46 -31.09
N VAL B 353 -33.56 -32.60 -32.25
CA VAL B 353 -33.18 -31.49 -33.11
C VAL B 353 -33.72 -31.66 -34.53
N THR B 354 -34.06 -30.53 -35.12
CA THR B 354 -34.41 -30.55 -36.53
CA THR B 354 -34.55 -30.42 -36.49
C THR B 354 -33.54 -29.55 -37.24
N PHE B 355 -33.31 -29.84 -38.52
CA PHE B 355 -32.51 -29.00 -39.37
C PHE B 355 -33.40 -28.04 -40.15
N ASN B 356 -32.88 -26.83 -40.28
CA ASN B 356 -33.59 -25.76 -40.92
C ASN B 356 -33.22 -25.69 -42.40
N GLU B 357 -33.98 -26.42 -43.20
CA GLU B 357 -33.56 -26.72 -44.56
C GLU B 357 -33.52 -25.48 -45.44
N ASP B 358 -34.49 -24.60 -45.32
CA ASP B 358 -34.54 -23.42 -46.16
CA ASP B 358 -34.54 -23.42 -46.17
C ASP B 358 -33.42 -22.45 -45.79
N ARG B 359 -33.19 -22.27 -44.49
CA ARG B 359 -32.13 -21.40 -44.00
C ARG B 359 -30.78 -21.92 -44.50
N ILE B 360 -30.54 -23.24 -44.39
CA ILE B 360 -29.28 -23.81 -44.84
C ILE B 360 -29.11 -23.58 -46.34
N LYS B 361 -30.13 -23.90 -47.12
CA LYS B 361 -30.06 -23.91 -48.56
C LYS B 361 -29.81 -22.48 -49.06
N LYS B 362 -30.44 -21.49 -48.44
CA LYS B 362 -30.36 -20.13 -48.96
C LYS B 362 -28.92 -19.63 -48.83
N SER B 363 -28.19 -20.16 -47.86
CA SER B 363 -26.86 -19.66 -47.54
C SER B 363 -25.77 -20.26 -48.44
N LEU B 364 -26.01 -21.41 -49.07
CA LEU B 364 -24.92 -22.20 -49.64
C LEU B 364 -24.33 -21.60 -50.92
N PRO B 365 -25.14 -21.06 -51.85
CA PRO B 365 -24.67 -20.82 -53.21
C PRO B 365 -23.66 -19.71 -53.46
N ALA B 366 -23.45 -18.84 -52.48
CA ALA B 366 -22.66 -17.64 -52.68
C ALA B 366 -21.21 -17.75 -52.20
N GLY B 367 -20.75 -18.92 -51.73
CA GLY B 367 -19.39 -18.96 -51.20
C GLY B 367 -18.34 -19.60 -52.13
N HIS B 368 -18.66 -19.78 -53.41
CA HIS B 368 -17.77 -20.46 -54.33
C HIS B 368 -17.33 -21.84 -53.81
N LEU B 369 -18.23 -22.57 -53.20
CA LEU B 369 -17.87 -23.86 -52.58
C LEU B 369 -17.56 -24.91 -53.67
N ASP B 370 -17.96 -24.61 -54.91
CA ASP B 370 -17.68 -25.45 -56.07
C ASP B 370 -16.30 -25.22 -56.67
N ALA B 371 -15.46 -24.32 -56.13
CA ALA B 371 -14.19 -24.01 -56.74
C ALA B 371 -13.26 -25.22 -56.85
N THR B 372 -13.15 -26.02 -55.80
CA THR B 372 -12.25 -27.18 -55.86
CA THR B 372 -12.29 -27.19 -55.83
C THR B 372 -12.77 -28.21 -56.85
N THR B 373 -14.08 -28.31 -57.04
CA THR B 373 -14.68 -29.23 -57.98
C THR B 373 -14.29 -28.80 -59.39
N LEU B 374 -14.32 -27.49 -59.67
CA LEU B 374 -13.89 -27.01 -60.97
C LEU B 374 -12.40 -27.29 -61.18
N ALA B 375 -11.58 -27.08 -60.13
CA ALA B 375 -10.16 -27.40 -60.25
C ALA B 375 -9.98 -28.90 -60.56
N ASP B 376 -10.78 -29.74 -59.92
CA ASP B 376 -10.74 -31.18 -60.21
C ASP B 376 -11.14 -31.47 -61.67
N TYR B 377 -12.16 -30.78 -62.18
CA TYR B 377 -12.54 -30.90 -63.58
C TYR B 377 -11.32 -30.66 -64.47
N LEU B 378 -10.65 -29.56 -64.23
CA LEU B 378 -9.50 -29.19 -65.07
C LEU B 378 -8.37 -30.23 -64.98
N VAL B 379 -8.07 -30.73 -63.76
CA VAL B 379 -7.05 -31.77 -63.61
C VAL B 379 -7.48 -33.02 -64.37
N LYS B 380 -8.77 -33.37 -64.32
CA LYS B 380 -9.31 -34.49 -65.05
C LYS B 380 -9.11 -34.29 -66.56
N LYS B 381 -9.27 -33.06 -67.05
CA LYS B 381 -9.09 -32.79 -68.48
C LYS B 381 -7.61 -32.68 -68.82
N GLY B 382 -6.66 -32.90 -67.89
CA GLY B 382 -5.22 -32.94 -68.18
C GLY B 382 -4.45 -31.68 -67.79
N MET B 383 -5.05 -30.74 -67.05
CA MET B 383 -4.32 -29.55 -66.67
CA MET B 383 -4.35 -29.55 -66.66
C MET B 383 -3.56 -29.81 -65.39
N PRO B 384 -2.27 -29.46 -65.28
CA PRO B 384 -1.53 -29.57 -64.01
C PRO B 384 -2.26 -28.78 -62.90
N PHE B 385 -2.13 -29.26 -61.67
CA PHE B 385 -2.69 -28.59 -60.49
C PHE B 385 -2.49 -27.08 -60.45
N ARG B 386 -1.27 -26.60 -60.63
CA ARG B 386 -0.97 -25.19 -60.43
CA ARG B 386 -0.99 -25.19 -60.42
C ARG B 386 -1.73 -24.33 -61.47
N SER B 387 -1.78 -24.84 -62.71
CA SER B 387 -2.55 -24.11 -63.71
C SER B 387 -4.04 -24.16 -63.42
N SER B 388 -4.56 -25.32 -62.97
CA SER B 388 -5.97 -25.47 -62.63
CA SER B 388 -5.96 -25.47 -62.64
C SER B 388 -6.38 -24.41 -61.61
N HIS B 389 -5.52 -24.21 -60.61
CA HIS B 389 -5.79 -23.21 -59.56
C HIS B 389 -5.70 -21.79 -60.10
N ASP B 390 -4.68 -21.52 -60.91
CA ASP B 390 -4.56 -20.23 -61.57
C ASP B 390 -5.87 -19.89 -62.27
N ILE B 391 -6.37 -20.82 -63.09
CA ILE B 391 -7.55 -20.60 -63.90
C ILE B 391 -8.75 -20.40 -62.99
N VAL B 392 -8.94 -21.29 -62.01
CA VAL B 392 -10.13 -21.22 -61.17
C VAL B 392 -10.12 -19.92 -60.37
N GLY B 393 -8.98 -19.53 -59.82
CA GLY B 393 -8.89 -18.29 -59.06
C GLY B 393 -9.29 -17.10 -59.94
N LYS B 394 -8.84 -17.08 -61.18
CA LYS B 394 -9.20 -16.00 -62.10
C LYS B 394 -10.71 -16.01 -62.38
N LEU B 395 -11.30 -17.20 -62.57
CA LEU B 395 -12.73 -17.28 -62.87
C LEU B 395 -13.57 -16.83 -61.67
N VAL B 396 -13.15 -17.23 -60.46
CA VAL B 396 -13.85 -16.78 -59.27
C VAL B 396 -13.72 -15.27 -59.17
N GLY B 397 -12.58 -14.74 -59.58
CA GLY B 397 -12.40 -13.29 -59.61
C GLY B 397 -13.40 -12.62 -60.54
N VAL B 398 -13.68 -13.21 -61.70
CA VAL B 398 -14.69 -12.66 -62.58
C VAL B 398 -16.05 -12.71 -61.90
N CYS B 399 -16.36 -13.80 -61.18
CA CYS B 399 -17.66 -13.94 -60.55
C CYS B 399 -17.86 -12.88 -59.48
N VAL B 400 -16.82 -12.59 -58.71
CA VAL B 400 -16.89 -11.56 -57.68
C VAL B 400 -17.17 -10.20 -58.34
N SER B 401 -16.57 -9.96 -59.50
CA SER B 401 -16.81 -8.72 -60.25
C SER B 401 -18.23 -8.66 -60.78
N LYS B 402 -18.75 -9.77 -61.32
CA LYS B 402 -20.07 -9.76 -61.94
C LYS B 402 -21.17 -9.93 -60.89
N GLY B 403 -20.78 -10.27 -59.65
CA GLY B 403 -21.74 -10.67 -58.63
C GLY B 403 -22.45 -11.96 -59.01
N CYS B 404 -21.73 -12.97 -59.52
CA CYS B 404 -22.41 -14.19 -59.94
C CYS B 404 -21.72 -15.41 -59.31
N GLU B 405 -22.31 -16.59 -59.57
CA GLU B 405 -21.79 -17.90 -59.21
C GLU B 405 -21.06 -18.48 -60.43
N LEU B 406 -20.16 -19.44 -60.24
CA LEU B 406 -19.35 -19.98 -61.35
C LEU B 406 -20.29 -20.57 -62.40
N GLN B 407 -21.39 -21.21 -61.97
CA GLN B 407 -22.30 -21.87 -62.91
C GLN B 407 -23.04 -20.86 -63.78
N ASN B 408 -22.95 -19.57 -63.46
CA ASN B 408 -23.57 -18.53 -64.28
C ASN B 408 -22.66 -18.01 -65.40
N LEU B 409 -21.36 -18.38 -65.38
CA LEU B 409 -20.43 -17.96 -66.42
C LEU B 409 -20.74 -18.71 -67.70
N SER B 410 -20.58 -18.04 -68.84
CA SER B 410 -20.70 -18.69 -70.12
C SER B 410 -19.46 -19.55 -70.40
N LEU B 411 -19.64 -20.58 -71.24
CA LEU B 411 -18.51 -21.37 -71.72
C LEU B 411 -17.53 -20.46 -72.44
N GLU B 412 -18.06 -19.49 -73.20
CA GLU B 412 -17.21 -18.57 -73.92
C GLU B 412 -16.23 -17.85 -73.00
N GLU B 413 -16.74 -17.36 -71.86
CA GLU B 413 -15.90 -16.66 -70.89
C GLU B 413 -14.80 -17.58 -70.34
N MET B 414 -15.14 -18.84 -70.05
CA MET B 414 -14.14 -19.75 -69.50
C MET B 414 -13.05 -20.05 -70.53
N LYS B 415 -13.47 -20.13 -71.80
CA LYS B 415 -12.54 -20.48 -72.87
C LYS B 415 -11.54 -19.36 -73.11
N LYS B 416 -11.82 -18.15 -72.60
CA LYS B 416 -10.84 -17.09 -72.67
C LYS B 416 -9.58 -17.38 -71.83
N LEU B 417 -9.61 -18.34 -70.87
CA LEU B 417 -8.47 -18.65 -70.03
C LEU B 417 -7.85 -20.02 -70.37
N SER B 418 -8.64 -20.94 -70.89
CA SER B 418 -8.14 -22.26 -71.27
C SER B 418 -9.00 -22.88 -72.35
N PRO B 419 -8.42 -23.61 -73.32
CA PRO B 419 -9.23 -24.37 -74.26
C PRO B 419 -9.94 -25.60 -73.74
N VAL B 420 -9.57 -26.05 -72.52
CA VAL B 420 -10.05 -27.36 -72.14
C VAL B 420 -11.55 -27.38 -71.79
N PHE B 421 -12.13 -26.23 -71.42
CA PHE B 421 -13.53 -26.18 -71.02
C PHE B 421 -14.43 -26.62 -72.18
N GLU B 422 -15.43 -27.44 -71.83
CA GLU B 422 -16.48 -27.83 -72.75
C GLU B 422 -17.80 -27.74 -72.00
N GLU B 423 -18.91 -27.92 -72.72
CA GLU B 423 -20.22 -27.74 -72.10
C GLU B 423 -20.44 -28.66 -70.90
N ASP B 424 -19.74 -29.78 -70.81
CA ASP B 424 -19.86 -30.68 -69.68
C ASP B 424 -19.47 -30.05 -68.33
N VAL B 425 -18.84 -28.88 -68.36
CA VAL B 425 -18.33 -28.23 -67.16
C VAL B 425 -19.52 -27.91 -66.24
N PHE B 426 -20.71 -27.67 -66.80
CA PHE B 426 -21.82 -27.21 -65.98
C PHE B 426 -22.28 -28.31 -65.03
N GLY B 427 -22.00 -29.57 -65.36
CA GLY B 427 -22.30 -30.70 -64.49
C GLY B 427 -21.36 -30.81 -63.28
N PHE B 428 -20.36 -29.93 -63.22
CA PHE B 428 -19.38 -29.89 -62.15
C PHE B 428 -19.54 -28.64 -61.30
N LEU B 429 -20.55 -27.81 -61.59
CA LEU B 429 -20.65 -26.51 -60.94
C LEU B 429 -21.96 -26.44 -60.17
N GLY B 430 -21.97 -25.53 -59.20
CA GLY B 430 -23.06 -25.43 -58.24
C GLY B 430 -22.86 -26.42 -57.09
N VAL B 431 -23.55 -26.16 -55.99
CA VAL B 431 -23.29 -26.93 -54.79
C VAL B 431 -23.76 -28.38 -54.91
N GLU B 432 -24.97 -28.61 -55.45
CA GLU B 432 -25.46 -29.96 -55.56
C GLU B 432 -24.51 -30.81 -56.42
N ASN B 433 -24.12 -30.26 -57.58
CA ASN B 433 -23.23 -31.01 -58.46
C ASN B 433 -21.87 -31.22 -57.80
N SER B 434 -21.34 -30.21 -57.06
CA SER B 434 -20.04 -30.38 -56.38
C SER B 434 -20.05 -31.56 -55.42
N VAL B 435 -21.09 -31.63 -54.56
CA VAL B 435 -21.21 -32.75 -53.65
C VAL B 435 -21.24 -34.08 -54.35
N ASN B 436 -21.95 -34.15 -55.47
CA ASN B 436 -22.11 -35.36 -56.27
C ASN B 436 -20.78 -35.83 -56.84
N LYS B 437 -19.81 -34.92 -57.03
CA LYS B 437 -18.58 -35.25 -57.72
C LYS B 437 -17.48 -35.81 -56.80
N PHE B 438 -17.60 -35.63 -55.48
CA PHE B 438 -16.69 -36.30 -54.56
C PHE B 438 -16.86 -37.81 -54.71
N SER B 439 -15.75 -38.54 -54.81
CA SER B 439 -15.83 -39.95 -55.16
C SER B 439 -14.82 -40.81 -54.41
N SER B 440 -13.89 -40.25 -53.64
CA SER B 440 -12.82 -41.02 -53.03
C SER B 440 -13.40 -41.77 -51.81
N TYR B 441 -12.75 -42.88 -51.46
CA TYR B 441 -13.17 -43.60 -50.26
C TYR B 441 -13.12 -42.66 -49.08
N GLY B 442 -14.16 -42.73 -48.22
CA GLY B 442 -14.25 -41.85 -47.08
C GLY B 442 -14.64 -40.41 -47.37
N SER B 443 -14.91 -40.08 -48.63
CA SER B 443 -15.31 -38.73 -49.00
C SER B 443 -16.78 -38.47 -48.66
N THR B 444 -17.23 -37.23 -48.86
CA THR B 444 -18.63 -36.85 -48.72
C THR B 444 -19.50 -37.22 -49.92
N GLY B 445 -18.99 -37.93 -50.92
CA GLY B 445 -19.79 -38.31 -52.05
C GLY B 445 -21.01 -39.13 -51.62
N SER B 446 -22.13 -38.95 -52.30
CA SER B 446 -23.38 -39.53 -51.82
C SER B 446 -23.29 -41.06 -51.74
N ASN B 447 -22.65 -41.70 -52.74
CA ASN B 447 -22.53 -43.15 -52.71
C ASN B 447 -21.52 -43.63 -51.66
N CYS B 448 -20.49 -42.85 -51.39
CA CYS B 448 -19.50 -43.13 -50.37
C CYS B 448 -20.16 -43.12 -49.00
N VAL B 449 -20.87 -42.03 -48.72
CA VAL B 449 -21.57 -41.89 -47.47
C VAL B 449 -22.61 -43.01 -47.33
N ALA B 450 -23.31 -43.34 -48.40
CA ALA B 450 -24.31 -44.42 -48.30
C ALA B 450 -23.62 -45.73 -47.88
N GLU B 451 -22.45 -46.02 -48.41
CA GLU B 451 -21.67 -47.19 -48.05
C GLU B 451 -21.35 -47.21 -46.56
N GLN B 452 -20.87 -46.06 -46.06
CA GLN B 452 -20.49 -45.95 -44.68
C GLN B 452 -21.70 -46.06 -43.77
N LEU B 453 -22.83 -45.49 -44.16
CA LEU B 453 -24.04 -45.60 -43.35
C LEU B 453 -24.50 -47.06 -43.33
N GLY B 454 -24.39 -47.75 -44.44
CA GLY B 454 -24.74 -49.18 -44.47
C GLY B 454 -23.87 -50.01 -43.52
N TYR B 455 -22.55 -49.69 -43.52
CA TYR B 455 -21.60 -50.32 -42.61
C TYR B 455 -22.07 -50.13 -41.16
N TRP B 456 -22.39 -48.89 -40.78
CA TRP B 456 -22.76 -48.58 -39.41
C TRP B 456 -24.11 -49.19 -39.03
N VAL B 457 -25.06 -49.19 -39.96
CA VAL B 457 -26.35 -49.79 -39.68
C VAL B 457 -26.20 -51.27 -39.35
N ASN B 458 -25.36 -51.97 -40.09
CA ASN B 458 -25.08 -53.39 -39.83
C ASN B 458 -24.29 -53.54 -38.53
N LYS B 459 -23.25 -52.72 -38.33
CA LYS B 459 -22.36 -52.83 -37.14
C LYS B 459 -23.16 -52.60 -35.84
N LEU B 460 -24.11 -51.68 -35.85
CA LEU B 460 -24.86 -51.32 -34.62
C LEU B 460 -26.18 -52.09 -34.55
N ASN B 461 -26.43 -52.97 -35.52
CA ASN B 461 -27.68 -53.78 -35.49
C ASN B 461 -28.90 -52.87 -35.51
N ILE B 462 -28.91 -51.82 -36.34
CA ILE B 462 -30.05 -50.92 -36.50
C ILE B 462 -31.07 -51.56 -37.46
N THR B 463 -32.36 -51.58 -37.05
CA THR B 463 -33.43 -52.15 -37.86
C THR B 463 -34.37 -51.05 -38.33
N SER C 16 -38.39 -39.88 -19.23
CA SER C 16 -38.75 -38.84 -20.23
C SER C 16 -37.57 -37.90 -20.52
N VAL C 17 -37.61 -37.27 -21.70
CA VAL C 17 -36.57 -36.37 -22.16
C VAL C 17 -36.43 -35.17 -21.19
N THR C 18 -37.55 -34.52 -20.85
CA THR C 18 -37.53 -33.38 -19.96
C THR C 18 -36.94 -33.86 -18.62
N GLU C 19 -37.27 -35.08 -18.20
CA GLU C 19 -36.76 -35.57 -16.92
C GLU C 19 -35.24 -35.74 -16.95
N LYS C 20 -34.70 -36.33 -18.02
CA LYS C 20 -33.26 -36.56 -18.09
C LYS C 20 -32.48 -35.25 -18.11
N VAL C 21 -32.99 -34.30 -18.86
CA VAL C 21 -32.38 -32.99 -18.99
C VAL C 21 -32.48 -32.26 -17.65
N GLU C 22 -33.63 -32.41 -16.96
CA GLU C 22 -33.81 -31.74 -15.68
C GLU C 22 -32.76 -32.27 -14.70
N LYS C 23 -32.51 -33.58 -14.66
CA LYS C 23 -31.54 -34.12 -13.73
C LYS C 23 -30.14 -33.62 -14.08
N PHE C 24 -29.83 -33.57 -15.39
CA PHE C 24 -28.50 -33.21 -15.83
C PHE C 24 -28.20 -31.78 -15.52
N THR C 25 -29.21 -30.90 -15.62
CA THR C 25 -29.00 -29.48 -15.50
C THR C 25 -29.25 -28.98 -14.08
N GLU C 26 -29.85 -29.77 -13.17
CA GLU C 26 -30.13 -29.27 -11.83
C GLU C 26 -28.82 -28.95 -11.10
N SER C 27 -28.83 -27.89 -10.29
CA SER C 27 -27.61 -27.51 -9.54
C SER C 27 -27.87 -27.46 -8.03
N ILE C 28 -29.13 -27.56 -7.59
CA ILE C 28 -29.45 -27.41 -6.17
C ILE C 28 -28.70 -28.41 -5.29
N SER C 29 -28.40 -29.62 -5.80
CA SER C 29 -27.66 -30.62 -5.04
C SER C 29 -26.33 -30.11 -4.52
N PHE C 30 -25.70 -29.17 -5.22
CA PHE C 30 -24.47 -28.58 -4.72
C PHE C 30 -24.61 -27.10 -4.40
N ASP C 31 -25.43 -26.34 -5.14
CA ASP C 31 -25.44 -24.89 -4.93
C ASP C 31 -26.32 -24.42 -3.76
N LYS C 32 -26.97 -25.33 -3.06
CA LYS C 32 -27.73 -24.96 -1.87
C LYS C 32 -26.81 -24.38 -0.80
N VAL C 33 -25.47 -24.64 -0.89
CA VAL C 33 -24.51 -24.13 0.07
C VAL C 33 -24.35 -22.60 -0.10
N LEU C 34 -24.87 -22.01 -1.16
CA LEU C 34 -24.84 -20.55 -1.34
C LEU C 34 -25.99 -19.82 -0.64
N TYR C 35 -26.83 -20.51 0.13
CA TYR C 35 -28.07 -19.90 0.60
C TYR C 35 -27.86 -18.60 1.37
N LYS C 36 -26.88 -18.53 2.27
CA LYS C 36 -26.75 -17.33 3.09
CA LYS C 36 -26.71 -17.34 3.10
C LYS C 36 -26.41 -16.13 2.22
N GLN C 37 -25.55 -16.36 1.25
CA GLN C 37 -25.13 -15.27 0.38
C GLN C 37 -26.25 -14.87 -0.57
N ASP C 38 -27.01 -15.85 -1.06
CA ASP C 38 -28.16 -15.60 -1.90
C ASP C 38 -29.20 -14.74 -1.18
N ILE C 39 -29.45 -15.04 0.07
CA ILE C 39 -30.42 -14.27 0.86
C ILE C 39 -29.89 -12.86 1.12
N MET C 40 -28.61 -12.75 1.47
CA MET C 40 -28.02 -11.40 1.70
C MET C 40 -28.14 -10.56 0.43
N GLY C 41 -27.77 -11.17 -0.70
CA GLY C 41 -27.86 -10.46 -1.98
C GLY C 41 -29.28 -10.01 -2.35
N SER C 42 -30.25 -10.86 -2.11
CA SER C 42 -31.65 -10.54 -2.37
C SER C 42 -32.20 -9.48 -1.41
N LYS C 43 -31.77 -9.50 -0.14
CA LYS C 43 -32.11 -8.43 0.79
C LYS C 43 -31.56 -7.09 0.33
N ALA C 44 -30.29 -7.04 -0.08
CA ALA C 44 -29.71 -5.81 -0.55
C ALA C 44 -30.46 -5.33 -1.81
N HIS C 45 -30.75 -6.25 -2.74
CA HIS C 45 -31.47 -5.91 -3.96
C HIS C 45 -32.82 -5.26 -3.63
N ALA C 46 -33.60 -5.87 -2.73
CA ALA C 46 -34.90 -5.36 -2.36
C ALA C 46 -34.81 -3.98 -1.68
N SER C 47 -33.81 -3.82 -0.81
CA SER C 47 -33.61 -2.56 -0.12
CA SER C 47 -33.55 -2.57 -0.11
C SER C 47 -33.31 -1.45 -1.12
N MET C 48 -32.47 -1.76 -2.12
CA MET C 48 -32.18 -0.77 -3.14
C MET C 48 -33.40 -0.48 -4.02
N LEU C 49 -34.20 -1.51 -4.38
CA LEU C 49 -35.41 -1.27 -5.16
C LEU C 49 -36.33 -0.28 -4.44
N ALA C 50 -36.48 -0.42 -3.12
CA ALA C 50 -37.30 0.51 -2.36
C ALA C 50 -36.72 1.92 -2.32
N HIS C 51 -35.38 2.02 -2.11
CA HIS C 51 -34.70 3.29 -2.10
C HIS C 51 -34.88 4.05 -3.42
N GLN C 52 -34.94 3.32 -4.53
CA GLN C 52 -35.10 3.91 -5.86
C GLN C 52 -36.55 4.08 -6.28
N GLY C 53 -37.50 3.70 -5.45
CA GLY C 53 -38.92 3.88 -5.74
C GLY C 53 -39.48 2.82 -6.66
N LEU C 54 -38.79 1.70 -6.86
CA LEU C 54 -39.31 0.70 -7.79
C LEU C 54 -40.24 -0.28 -7.07
N ILE C 55 -40.11 -0.41 -5.74
CA ILE C 55 -41.06 -1.15 -4.93
C ILE C 55 -41.37 -0.31 -3.71
N THR C 56 -42.50 -0.61 -3.04
CA THR C 56 -42.87 0.17 -1.86
C THR C 56 -42.02 -0.30 -0.69
N ASP C 57 -41.91 0.53 0.35
CA ASP C 57 -41.23 0.13 1.59
C ASP C 57 -41.96 -1.03 2.27
N SER C 58 -43.28 -1.11 2.10
CA SER C 58 -44.04 -2.22 2.64
C SER C 58 -43.67 -3.54 2.00
N ASP C 59 -43.57 -3.55 0.66
CA ASP C 59 -43.14 -4.73 -0.07
C ASP C 59 -41.71 -5.11 0.35
N LYS C 60 -40.85 -4.11 0.47
CA LYS C 60 -39.47 -4.37 0.89
C LYS C 60 -39.49 -5.05 2.27
N ASP C 61 -40.25 -4.50 3.21
CA ASP C 61 -40.27 -5.07 4.54
C ASP C 61 -40.74 -6.52 4.52
N SER C 62 -41.77 -6.82 3.70
CA SER C 62 -42.28 -8.17 3.64
C SER C 62 -41.22 -9.11 3.08
N ILE C 63 -40.49 -8.63 2.09
CA ILE C 63 -39.47 -9.44 1.48
C ILE C 63 -38.36 -9.73 2.51
N LEU C 64 -37.83 -8.71 3.17
CA LEU C 64 -36.73 -8.87 4.13
C LEU C 64 -37.16 -9.84 5.24
N ARG C 65 -38.37 -9.67 5.80
CA ARG C 65 -38.82 -10.56 6.88
C ARG C 65 -38.97 -11.99 6.38
N GLY C 66 -39.55 -12.17 5.18
CA GLY C 66 -39.74 -13.50 4.62
C GLY C 66 -38.39 -14.20 4.40
N LEU C 67 -37.42 -13.44 3.89
CA LEU C 67 -36.10 -14.01 3.61
C LEU C 67 -35.42 -14.42 4.94
N ASP C 68 -35.56 -13.57 5.97
CA ASP C 68 -35.06 -13.90 7.30
C ASP C 68 -35.70 -15.18 7.84
N ASP C 69 -37.01 -15.34 7.60
CA ASP C 69 -37.75 -16.51 8.06
C ASP C 69 -37.19 -17.77 7.39
N ILE C 70 -36.98 -17.67 6.07
CA ILE C 70 -36.46 -18.78 5.29
C ILE C 70 -35.04 -19.13 5.73
N GLU C 71 -34.21 -18.12 5.96
CA GLU C 71 -32.88 -18.40 6.44
C GLU C 71 -32.97 -19.17 7.78
N ARG C 72 -33.84 -18.76 8.70
CA ARG C 72 -34.00 -19.47 9.95
C ARG C 72 -34.47 -20.90 9.70
N GLN C 73 -35.37 -21.12 8.73
CA GLN C 73 -35.82 -22.48 8.44
C GLN C 73 -34.64 -23.33 7.96
N ILE C 74 -33.84 -22.79 7.02
CA ILE C 74 -32.70 -23.54 6.53
C ILE C 74 -31.73 -23.89 7.67
N GLU C 75 -31.45 -22.94 8.57
CA GLU C 75 -30.50 -23.16 9.65
C GLU C 75 -31.03 -24.22 10.62
N ALA C 76 -32.35 -24.34 10.71
CA ALA C 76 -32.99 -25.31 11.57
C ALA C 76 -33.12 -26.69 10.90
N ASN C 77 -32.64 -26.85 9.66
CA ASN C 77 -32.81 -28.09 8.91
C ASN C 77 -34.29 -28.40 8.70
N LYS C 78 -35.11 -27.35 8.51
CA LYS C 78 -36.53 -27.55 8.25
C LYS C 78 -36.94 -27.14 6.85
N PHE C 79 -35.97 -26.85 5.98
CA PHE C 79 -36.29 -26.40 4.63
C PHE C 79 -36.06 -27.54 3.67
N GLU C 80 -37.07 -27.79 2.83
CA GLU C 80 -37.02 -28.85 1.84
C GLU C 80 -36.46 -28.30 0.54
N TRP C 81 -35.20 -28.62 0.24
CA TRP C 81 -34.62 -28.31 -1.07
C TRP C 81 -35.27 -29.19 -2.13
N ARG C 82 -35.65 -28.62 -3.28
CA ARG C 82 -36.38 -29.35 -4.32
C ARG C 82 -35.67 -29.32 -5.66
N THR C 83 -35.41 -30.52 -6.24
CA THR C 83 -34.80 -30.59 -7.55
C THR C 83 -35.74 -29.98 -8.59
N ASP C 84 -37.04 -30.02 -8.35
CA ASP C 84 -37.96 -29.47 -9.34
C ASP C 84 -37.95 -27.93 -9.34
N ARG C 85 -37.27 -27.30 -8.35
CA ARG C 85 -37.03 -25.86 -8.40
C ARG C 85 -35.57 -25.53 -8.77
N GLU C 86 -34.82 -26.53 -9.26
CA GLU C 86 -33.64 -26.35 -10.11
C GLU C 86 -32.38 -26.00 -9.33
N ASP C 87 -32.41 -24.86 -8.61
CA ASP C 87 -31.21 -24.23 -8.07
C ASP C 87 -31.51 -23.47 -6.78
N VAL C 88 -30.48 -22.97 -6.13
CA VAL C 88 -30.67 -22.30 -4.84
C VAL C 88 -31.56 -21.05 -5.00
N HIS C 89 -31.41 -20.31 -6.08
CA HIS C 89 -32.10 -19.04 -6.24
C HIS C 89 -33.61 -19.24 -6.41
N MET C 90 -34.00 -20.18 -7.28
CA MET C 90 -35.42 -20.45 -7.50
C MET C 90 -36.02 -21.19 -6.32
N ASN C 91 -35.22 -22.02 -5.63
CA ASN C 91 -35.73 -22.66 -4.42
C ASN C 91 -36.11 -21.61 -3.36
N ILE C 92 -35.20 -20.68 -3.11
CA ILE C 92 -35.48 -19.62 -2.12
C ILE C 92 -36.66 -18.73 -2.57
N GLU C 93 -36.66 -18.27 -3.82
CA GLU C 93 -37.67 -17.33 -4.31
C GLU C 93 -39.06 -17.96 -4.43
N ALA C 94 -39.14 -19.24 -4.79
CA ALA C 94 -40.42 -19.91 -4.87
C ALA C 94 -40.96 -20.13 -3.46
N ALA C 95 -40.06 -20.43 -2.51
CA ALA C 95 -40.47 -20.58 -1.12
C ALA C 95 -40.92 -19.23 -0.55
N LEU C 96 -40.24 -18.17 -0.95
CA LEU C 96 -40.61 -16.83 -0.50
C LEU C 96 -41.99 -16.43 -1.02
N THR C 97 -42.29 -16.79 -2.29
CA THR C 97 -43.60 -16.56 -2.90
C THR C 97 -44.68 -17.30 -2.13
N ASP C 98 -44.43 -18.57 -1.76
CA ASP C 98 -45.34 -19.36 -0.96
C ASP C 98 -45.62 -18.68 0.39
N LEU C 99 -44.61 -18.06 0.96
CA LEU C 99 -44.67 -17.48 2.29
C LEU C 99 -45.35 -16.12 2.30
N ILE C 100 -44.98 -15.20 1.39
CA ILE C 100 -45.46 -13.83 1.46
C ILE C 100 -46.30 -13.44 0.25
N GLY C 101 -46.38 -14.26 -0.81
CA GLY C 101 -47.21 -13.91 -1.96
C GLY C 101 -46.56 -12.95 -2.96
N GLU C 102 -47.40 -12.17 -3.64
CA GLU C 102 -46.97 -11.33 -4.79
C GLU C 102 -45.71 -10.47 -4.57
N PRO C 103 -45.47 -9.86 -3.40
CA PRO C 103 -44.25 -9.06 -3.23
C PRO C 103 -42.94 -9.78 -3.54
N ALA C 104 -42.92 -11.11 -3.29
CA ALA C 104 -41.72 -11.90 -3.59
C ALA C 104 -41.35 -11.77 -5.07
N LYS C 105 -42.33 -11.63 -5.93
CA LYS C 105 -42.05 -11.64 -7.38
C LYS C 105 -41.28 -10.36 -7.77
N LYS C 106 -41.42 -9.33 -6.97
CA LYS C 106 -40.75 -8.08 -7.31
C LYS C 106 -39.21 -8.16 -7.24
N LEU C 107 -38.63 -9.17 -6.58
CA LEU C 107 -37.17 -9.39 -6.63
C LEU C 107 -36.64 -9.53 -8.05
N HIS C 108 -37.43 -10.02 -8.97
CA HIS C 108 -36.91 -10.22 -10.31
C HIS C 108 -36.69 -8.88 -11.00
N THR C 109 -37.24 -7.78 -10.43
CA THR C 109 -37.17 -6.50 -11.10
C THR C 109 -35.70 -6.15 -11.30
N ALA C 110 -35.31 -5.80 -12.54
CA ALA C 110 -33.98 -5.28 -12.82
C ALA C 110 -32.91 -6.21 -12.29
N ARG C 111 -33.09 -7.53 -12.46
CA ARG C 111 -32.12 -8.52 -12.05
C ARG C 111 -32.22 -9.74 -12.94
N SER C 112 -31.10 -10.40 -13.16
CA SER C 112 -31.03 -11.68 -13.88
C SER C 112 -30.44 -12.74 -12.98
N ARG C 113 -30.62 -14.02 -13.32
CA ARG C 113 -29.84 -15.04 -12.64
C ARG C 113 -28.34 -14.86 -12.95
N ASN C 114 -28.03 -14.21 -14.09
CA ASN C 114 -26.64 -14.11 -14.52
C ASN C 114 -25.84 -13.24 -13.55
N ASP C 115 -26.39 -12.07 -13.17
CA ASP C 115 -25.72 -11.20 -12.20
C ASP C 115 -25.93 -11.65 -10.77
N GLN C 116 -27.06 -12.27 -10.46
CA GLN C 116 -27.30 -12.77 -9.11
C GLN C 116 -26.31 -13.88 -8.75
N VAL C 117 -26.08 -14.83 -9.66
CA VAL C 117 -25.21 -15.94 -9.33
C VAL C 117 -23.76 -15.46 -9.15
N ALA C 118 -23.34 -14.53 -10.01
CA ALA C 118 -21.97 -14.03 -9.88
C ALA C 118 -21.78 -13.31 -8.54
N THR C 119 -22.82 -12.58 -8.10
CA THR C 119 -22.75 -11.86 -6.84
C THR C 119 -22.67 -12.85 -5.68
N ASP C 120 -23.58 -13.81 -5.68
CA ASP C 120 -23.64 -14.81 -4.62
C ASP C 120 -22.29 -15.54 -4.49
N PHE C 121 -21.74 -15.94 -5.66
CA PHE C 121 -20.53 -16.76 -5.59
C PHE C 121 -19.32 -15.96 -5.11
N ARG C 122 -19.20 -14.67 -5.52
CA ARG C 122 -18.15 -13.84 -4.98
C ARG C 122 -18.28 -13.72 -3.47
N LEU C 123 -19.51 -13.50 -2.98
CA LEU C 123 -19.71 -13.38 -1.54
C LEU C 123 -19.31 -14.68 -0.81
N TRP C 124 -19.68 -15.82 -1.38
CA TRP C 124 -19.30 -17.08 -0.77
C TRP C 124 -17.78 -17.22 -0.70
N CYS C 125 -17.13 -16.87 -1.82
CA CYS C 125 -15.67 -17.01 -1.86
C CYS C 125 -15.01 -16.06 -0.85
N ARG C 126 -15.50 -14.83 -0.73
CA ARG C 126 -14.97 -13.87 0.23
C ARG C 126 -15.03 -14.45 1.64
N ASP C 127 -16.19 -14.97 2.00
CA ASP C 127 -16.34 -15.56 3.32
C ASP C 127 -15.45 -16.79 3.52
N ALA C 128 -15.29 -17.62 2.49
CA ALA C 128 -14.42 -18.78 2.59
C ALA C 128 -12.96 -18.41 2.78
N ILE C 129 -12.52 -17.37 2.05
CA ILE C 129 -11.14 -16.94 2.21
C ILE C 129 -10.91 -16.41 3.64
N ASP C 130 -11.86 -15.65 4.18
CA ASP C 130 -11.75 -15.18 5.55
C ASP C 130 -11.58 -16.36 6.52
N THR C 131 -12.33 -17.45 6.30
CA THR C 131 -12.21 -18.63 7.14
C THR C 131 -10.86 -19.30 6.96
N ILE C 132 -10.38 -19.42 5.72
CA ILE C 132 -9.11 -20.09 5.50
C ILE C 132 -7.97 -19.33 6.19
N ILE C 133 -7.99 -18.00 6.11
CA ILE C 133 -6.88 -17.24 6.75
C ILE C 133 -6.81 -17.54 8.26
N VAL C 134 -7.98 -17.61 8.89
CA VAL C 134 -8.03 -17.96 10.35
C VAL C 134 -7.39 -19.33 10.56
N LYS C 135 -7.75 -20.28 9.69
CA LYS C 135 -7.21 -21.64 9.88
C LYS C 135 -5.69 -21.65 9.67
N ILE C 136 -5.22 -20.88 8.69
CA ILE C 136 -3.75 -20.83 8.42
C ILE C 136 -3.01 -20.30 9.66
N ARG C 137 -3.54 -19.24 10.24
CA ARG C 137 -2.91 -18.67 11.47
CA ARG C 137 -2.89 -18.67 11.46
C ARG C 137 -2.84 -19.72 12.60
N ASN C 138 -3.94 -20.46 12.73
CA ASN C 138 -3.95 -21.55 13.75
CA ASN C 138 -3.95 -21.55 13.75
C ASN C 138 -2.86 -22.62 13.52
N LEU C 139 -2.69 -22.94 12.23
CA LEU C 139 -1.63 -23.92 11.88
C LEU C 139 -0.24 -23.31 12.09
N GLN C 140 -0.09 -22.04 11.70
CA GLN C 140 1.20 -21.38 11.96
C GLN C 140 1.52 -21.40 13.47
N ARG C 141 0.49 -21.15 14.28
CA ARG C 141 0.70 -21.18 15.74
C ARG C 141 1.07 -22.60 16.19
N ALA C 142 0.38 -23.59 15.63
CA ALA C 142 0.69 -24.96 16.03
C ALA C 142 2.15 -25.28 15.68
N LEU C 143 2.63 -24.84 14.52
CA LEU C 143 4.01 -25.11 14.13
C LEU C 143 4.97 -24.33 15.02
N VAL C 144 4.64 -23.05 15.30
CA VAL C 144 5.51 -22.24 16.18
C VAL C 144 5.57 -22.84 17.58
N GLU C 145 4.45 -23.33 18.08
CA GLU C 145 4.45 -23.92 19.41
CA GLU C 145 4.43 -23.94 19.40
C GLU C 145 5.27 -25.22 19.42
N LEU C 146 5.20 -26.03 18.36
CA LEU C 146 5.99 -27.27 18.31
C LEU C 146 7.48 -26.91 18.23
N ALA C 147 7.79 -25.83 17.50
CA ALA C 147 9.16 -25.34 17.40
C ALA C 147 9.68 -24.90 18.76
N LEU C 148 8.86 -24.16 19.53
CA LEU C 148 9.29 -23.67 20.84
C LEU C 148 9.50 -24.83 21.80
N LYS C 149 8.66 -25.85 21.72
CA LYS C 149 8.79 -27.00 22.61
C LYS C 149 10.06 -27.80 22.34
N ASN C 150 10.60 -27.69 21.13
CA ASN C 150 11.78 -28.44 20.70
C ASN C 150 12.89 -27.51 20.20
N GLU C 151 13.03 -26.35 20.84
CA GLU C 151 13.81 -25.26 20.25
C GLU C 151 15.28 -25.62 20.14
N ALA C 152 15.79 -26.50 21.03
CA ALA C 152 17.21 -26.81 21.01
C ALA C 152 17.55 -28.07 20.23
N LEU C 153 16.56 -28.71 19.60
CA LEU C 153 16.81 -29.97 18.92
C LEU C 153 17.54 -29.75 17.57
N ILE C 154 18.69 -30.40 17.42
CA ILE C 154 19.47 -30.36 16.18
C ILE C 154 19.08 -31.56 15.32
N VAL C 155 18.75 -31.28 14.05
CA VAL C 155 18.46 -32.33 13.10
C VAL C 155 19.30 -32.08 11.86
N PRO C 156 19.45 -33.01 10.92
CA PRO C 156 20.15 -32.70 9.67
C PRO C 156 19.25 -31.84 8.81
N GLY C 157 19.88 -30.99 7.99
CA GLY C 157 19.29 -30.35 6.85
C GLY C 157 19.74 -31.07 5.58
N TYR C 158 18.81 -31.23 4.63
CA TYR C 158 19.06 -32.09 3.50
C TYR C 158 19.06 -31.35 2.16
N THR C 159 19.96 -31.81 1.31
CA THR C 159 19.87 -31.57 -0.14
C THR C 159 20.05 -32.90 -0.87
N HIS C 160 19.14 -33.17 -1.83
CA HIS C 160 19.16 -34.43 -2.58
C HIS C 160 18.88 -35.62 -1.67
N LEU C 161 18.20 -35.35 -0.54
CA LEU C 161 17.89 -36.34 0.48
C LEU C 161 19.21 -36.91 1.02
N GLN C 162 20.28 -36.10 0.99
CA GLN C 162 21.57 -36.39 1.65
C GLN C 162 21.77 -35.36 2.76
N ARG C 163 22.37 -35.78 3.87
CA ARG C 163 22.64 -34.84 4.99
C ARG C 163 23.71 -33.83 4.56
N ALA C 164 23.38 -32.54 4.66
CA ALA C 164 24.25 -31.51 4.14
C ALA C 164 24.83 -30.65 5.28
N GLN C 165 23.97 -30.18 6.21
CA GLN C 165 24.47 -29.39 7.31
CA GLN C 165 24.33 -29.24 7.24
C GLN C 165 23.57 -29.60 8.52
N PRO C 166 24.03 -29.22 9.74
CA PRO C 166 23.19 -29.36 10.92
C PRO C 166 22.28 -28.15 11.04
N VAL C 167 21.00 -28.34 11.38
CA VAL C 167 20.06 -27.26 11.53
C VAL C 167 19.28 -27.45 12.82
N LEU C 168 18.58 -26.40 13.25
CA LEU C 168 17.65 -26.53 14.38
C LEU C 168 16.26 -26.90 13.90
N LEU C 169 15.60 -27.83 14.61
CA LEU C 169 14.23 -28.20 14.29
C LEU C 169 13.36 -26.97 14.15
N PRO C 170 13.37 -25.95 15.05
CA PRO C 170 12.53 -24.78 14.84
C PRO C 170 12.79 -24.08 13.51
N HIS C 171 14.04 -24.08 13.03
CA HIS C 171 14.36 -23.47 11.74
C HIS C 171 13.65 -24.19 10.59
N VAL C 172 13.60 -25.53 10.68
CA VAL C 172 12.86 -26.34 9.71
C VAL C 172 11.38 -25.99 9.75
N LEU C 173 10.78 -25.94 10.95
CA LEU C 173 9.37 -25.68 11.03
C LEU C 173 9.00 -24.30 10.58
N LEU C 174 9.88 -23.31 10.82
CA LEU C 174 9.65 -21.97 10.34
C LEU C 174 9.66 -21.89 8.81
N THR C 175 10.26 -22.87 8.11
CA THR C 175 10.11 -22.91 6.66
C THR C 175 8.64 -22.96 6.30
N PHE C 176 7.93 -23.87 6.95
CA PHE C 176 6.52 -24.03 6.64
C PHE C 176 5.68 -22.85 7.08
N VAL C 177 6.07 -22.21 8.18
CA VAL C 177 5.34 -21.01 8.62
C VAL C 177 5.51 -19.88 7.61
N GLU C 178 6.75 -19.75 7.06
CA GLU C 178 6.98 -18.75 6.02
C GLU C 178 6.28 -19.09 4.70
N GLN C 179 6.18 -20.36 4.35
CA GLN C 179 5.42 -20.74 3.18
C GLN C 179 3.97 -20.32 3.34
N LEU C 180 3.41 -20.62 4.53
CA LEU C 180 2.00 -20.33 4.80
C LEU C 180 1.74 -18.84 4.86
N GLU C 181 2.77 -18.05 5.17
CA GLU C 181 2.63 -16.57 5.17
C GLU C 181 2.47 -16.05 3.74
N ARG C 182 3.21 -16.65 2.82
CA ARG C 182 3.00 -16.30 1.42
C ARG C 182 1.59 -16.68 0.98
N ASP C 183 1.17 -17.86 1.40
CA ASP C 183 -0.18 -18.25 1.03
C ASP C 183 -1.23 -17.28 1.59
N ALA C 184 -1.10 -16.89 2.86
CA ALA C 184 -2.03 -15.89 3.42
C ALA C 184 -2.00 -14.59 2.60
N GLY C 185 -0.80 -14.19 2.16
CA GLY C 185 -0.71 -13.01 1.33
C GLY C 185 -1.45 -13.15 0.00
N ARG C 186 -1.36 -14.32 -0.63
CA ARG C 186 -2.14 -14.54 -1.85
C ARG C 186 -3.64 -14.51 -1.56
N TYR C 187 -4.05 -15.05 -0.41
CA TYR C 187 -5.46 -15.04 -0.08
C TYR C 187 -5.95 -13.58 0.06
N VAL C 188 -5.17 -12.76 0.78
CA VAL C 188 -5.53 -11.36 0.95
C VAL C 188 -5.62 -10.62 -0.39
N ASP C 189 -4.64 -10.88 -1.28
CA ASP C 189 -4.63 -10.22 -2.57
C ASP C 189 -5.81 -10.68 -3.41
N CYS C 190 -6.10 -11.99 -3.38
CA CYS C 190 -7.20 -12.54 -4.13
C CYS C 190 -8.52 -11.93 -3.66
N ARG C 191 -8.69 -11.83 -2.33
CA ARG C 191 -9.90 -11.31 -1.79
C ARG C 191 -10.14 -9.86 -2.21
N ALA C 192 -9.11 -9.05 -2.17
CA ALA C 192 -9.29 -7.68 -2.60
C ALA C 192 -9.71 -7.57 -4.06
N ARG C 193 -9.12 -8.40 -4.94
CA ARG C 193 -9.39 -8.31 -6.35
C ARG C 193 -10.78 -8.82 -6.69
N LEU C 194 -11.29 -9.77 -5.92
CA LEU C 194 -12.68 -10.27 -6.18
C LEU C 194 -13.77 -9.41 -5.56
N ASN C 195 -13.40 -8.45 -4.73
CA ASN C 195 -14.38 -7.70 -3.92
C ASN C 195 -14.99 -6.52 -4.66
N PHE C 196 -15.45 -6.79 -5.89
CA PHE C 196 -16.15 -5.83 -6.73
C PHE C 196 -17.51 -6.42 -7.09
N SER C 197 -18.55 -5.58 -7.12
CA SER C 197 -19.91 -6.09 -7.26
C SER C 197 -20.31 -6.28 -8.72
N PRO C 198 -20.79 -7.47 -9.12
CA PRO C 198 -21.43 -7.62 -10.42
C PRO C 198 -22.92 -7.26 -10.43
N LEU C 199 -23.53 -7.08 -9.26
CA LEU C 199 -24.98 -6.95 -9.20
C LEU C 199 -25.43 -5.67 -9.88
N GLY C 200 -26.37 -5.82 -10.82
CA GLY C 200 -26.89 -4.70 -11.60
C GLY C 200 -26.39 -4.78 -13.04
N ALA C 201 -25.56 -5.77 -13.35
CA ALA C 201 -25.26 -6.08 -14.75
C ALA C 201 -26.45 -6.68 -15.50
N CYS C 202 -27.42 -7.22 -14.76
CA CYS C 202 -28.55 -7.92 -15.34
C CYS C 202 -28.06 -9.06 -16.21
N ALA C 203 -28.68 -9.28 -17.40
CA ALA C 203 -28.31 -10.43 -18.18
C ALA C 203 -26.91 -10.32 -18.77
N LEU C 204 -26.49 -9.08 -19.08
CA LEU C 204 -25.15 -8.79 -19.59
C LEU C 204 -24.96 -7.32 -19.89
N ALA C 205 -26.03 -6.55 -20.13
CA ALA C 205 -25.94 -5.22 -20.70
C ALA C 205 -26.28 -4.10 -19.73
N GLY C 206 -26.62 -4.48 -18.48
CA GLY C 206 -27.21 -3.53 -17.56
C GLY C 206 -28.71 -3.34 -17.82
N THR C 207 -29.24 -2.22 -17.34
CA THR C 207 -30.67 -1.94 -17.39
C THR C 207 -30.90 -0.46 -17.66
N GLY C 208 -32.10 -0.14 -18.17
CA GLY C 208 -32.60 1.23 -18.17
C GLY C 208 -33.49 1.58 -16.97
N LEU C 209 -33.76 0.62 -16.09
CA LEU C 209 -34.50 0.92 -14.87
C LEU C 209 -33.58 1.64 -13.90
N PRO C 210 -34.13 2.50 -13.02
CA PRO C 210 -33.32 3.35 -12.16
C PRO C 210 -32.78 2.64 -10.93
N ILE C 211 -32.02 1.58 -11.14
CA ILE C 211 -31.33 0.95 -10.04
C ILE C 211 -30.15 1.82 -9.61
N ASP C 212 -29.58 1.47 -8.45
CA ASP C 212 -28.41 2.14 -7.90
C ASP C 212 -27.40 1.05 -7.52
N ARG C 213 -26.42 0.79 -8.40
CA ARG C 213 -25.49 -0.30 -8.14
C ARG C 213 -24.45 0.05 -7.06
N PHE C 214 -24.27 1.34 -6.75
CA PHE C 214 -23.35 1.74 -5.69
C PHE C 214 -23.90 1.36 -4.32
N MET C 215 -25.22 1.49 -4.18
CA MET C 215 -25.87 1.17 -2.92
C MET C 215 -25.79 -0.33 -2.62
N THR C 216 -26.10 -1.18 -3.61
CA THR C 216 -26.01 -2.62 -3.37
C THR C 216 -24.56 -3.04 -3.13
N ALA C 217 -23.61 -2.47 -3.89
CA ALA C 217 -22.20 -2.82 -3.67
C ALA C 217 -21.80 -2.56 -2.21
N ASN C 218 -22.12 -1.36 -1.71
CA ASN C 218 -21.77 -1.04 -0.34
C ASN C 218 -22.49 -1.96 0.64
N ALA C 219 -23.78 -2.20 0.42
CA ALA C 219 -24.56 -3.01 1.35
C ALA C 219 -23.96 -4.41 1.50
N LEU C 220 -23.36 -4.94 0.43
CA LEU C 220 -22.79 -6.28 0.41
C LEU C 220 -21.30 -6.29 0.67
N GLY C 221 -20.73 -5.15 1.04
CA GLY C 221 -19.32 -5.11 1.48
C GLY C 221 -18.31 -5.09 0.32
N PHE C 222 -18.81 -4.88 -0.91
CA PHE C 222 -17.93 -4.74 -2.04
C PHE C 222 -17.27 -3.34 -2.03
N THR C 223 -16.09 -3.22 -2.63
CA THR C 223 -15.39 -1.94 -2.74
C THR C 223 -16.15 -0.96 -3.63
N GLU C 224 -16.63 -1.45 -4.78
CA GLU C 224 -17.38 -0.64 -5.75
C GLU C 224 -18.04 -1.60 -6.73
N PRO C 225 -18.98 -1.11 -7.53
CA PRO C 225 -19.54 -1.90 -8.63
C PRO C 225 -18.47 -2.12 -9.70
N MET C 226 -18.55 -3.29 -10.35
CA MET C 226 -17.72 -3.57 -11.53
C MET C 226 -18.09 -2.56 -12.62
N ARG C 227 -17.09 -2.12 -13.40
CA ARG C 227 -17.28 -1.07 -14.37
C ARG C 227 -17.86 -1.54 -15.71
N ASN C 228 -17.97 -2.86 -15.92
CA ASN C 228 -18.45 -3.37 -17.19
C ASN C 228 -19.43 -4.53 -16.96
N SER C 229 -20.64 -4.37 -17.46
CA SER C 229 -21.70 -5.34 -17.24
C SER C 229 -21.39 -6.68 -17.93
N ILE C 230 -20.80 -6.67 -19.14
CA ILE C 230 -20.48 -7.93 -19.79
C ILE C 230 -19.43 -8.66 -18.98
N ASP C 231 -18.37 -7.94 -18.59
CA ASP C 231 -17.39 -8.50 -17.69
C ASP C 231 -18.05 -9.09 -16.43
N ALA C 232 -18.98 -8.36 -15.81
CA ALA C 232 -19.60 -8.80 -14.56
C ALA C 232 -20.23 -10.17 -14.72
N VAL C 233 -20.92 -10.42 -15.83
CA VAL C 233 -21.58 -11.72 -15.93
C VAL C 233 -20.66 -12.81 -16.48
N SER C 234 -19.60 -12.43 -17.17
CA SER C 234 -18.73 -13.38 -17.86
C SER C 234 -17.45 -13.74 -17.11
N ASP C 235 -17.12 -12.99 -16.04
CA ASP C 235 -15.87 -13.18 -15.34
C ASP C 235 -15.96 -14.26 -14.27
N ARG C 236 -15.00 -15.21 -14.27
CA ARG C 236 -14.77 -16.10 -13.16
C ARG C 236 -13.32 -16.12 -12.70
N ASP C 237 -12.60 -14.99 -12.89
CA ASP C 237 -11.20 -15.00 -12.48
C ASP C 237 -11.04 -15.18 -10.97
N PHE C 238 -12.01 -14.69 -10.20
CA PHE C 238 -11.93 -14.82 -8.76
C PHE C 238 -11.92 -16.30 -8.38
N VAL C 239 -12.62 -17.14 -9.17
CA VAL C 239 -12.62 -18.57 -8.93
C VAL C 239 -11.25 -19.14 -9.26
N LEU C 240 -10.71 -18.78 -10.46
CA LEU C 240 -9.40 -19.26 -10.87
C LEU C 240 -8.31 -18.92 -9.85
N GLU C 241 -8.32 -17.65 -9.39
CA GLU C 241 -7.29 -17.18 -8.48
C GLU C 241 -7.37 -17.86 -7.11
N PHE C 242 -8.60 -18.09 -6.68
CA PHE C 242 -8.82 -18.77 -5.41
C PHE C 242 -8.41 -20.23 -5.53
N LEU C 243 -8.78 -20.86 -6.66
CA LEU C 243 -8.34 -22.23 -6.88
C LEU C 243 -6.80 -22.34 -6.90
N TYR C 244 -6.12 -21.40 -7.58
CA TYR C 244 -4.67 -21.45 -7.61
C TYR C 244 -4.10 -21.27 -6.19
N THR C 245 -4.63 -20.29 -5.45
CA THR C 245 -4.12 -20.01 -4.14
C THR C 245 -4.27 -21.26 -3.25
N ASN C 246 -5.41 -21.91 -3.38
CA ASN C 246 -5.61 -23.17 -2.67
C ASN C 246 -4.59 -24.22 -3.11
N ALA C 247 -4.32 -24.29 -4.42
CA ALA C 247 -3.39 -25.28 -4.91
C ALA C 247 -1.95 -25.06 -4.42
N ASN C 248 -1.53 -23.79 -4.32
CA ASN C 248 -0.17 -23.53 -3.84
C ASN C 248 -0.07 -23.81 -2.31
N THR C 249 -1.16 -23.54 -1.57
CA THR C 249 -1.19 -23.88 -0.14
C THR C 249 -1.09 -25.39 0.00
N GLY C 250 -1.85 -26.10 -0.90
CA GLY C 250 -1.82 -27.55 -0.84
C GLY C 250 -0.45 -28.16 -1.17
N ILE C 251 0.30 -27.52 -2.07
CA ILE C 251 1.67 -27.87 -2.38
CA ILE C 251 1.63 -27.99 -2.35
C ILE C 251 2.51 -27.81 -1.10
N HIS C 252 2.37 -26.71 -0.36
CA HIS C 252 3.15 -26.59 0.86
C HIS C 252 2.81 -27.71 1.85
N LEU C 253 1.51 -27.95 2.00
CA LEU C 253 1.14 -29.02 2.91
C LEU C 253 1.56 -30.39 2.40
N SER C 254 1.64 -30.61 1.08
CA SER C 254 2.12 -31.86 0.55
C SER C 254 3.59 -32.10 0.86
N ARG C 255 4.38 -31.03 0.96
CA ARG C 255 5.77 -31.12 1.32
C ARG C 255 5.90 -31.35 2.82
N LEU C 256 5.05 -30.71 3.63
CA LEU C 256 4.98 -31.04 5.04
C LEU C 256 4.62 -32.51 5.26
N GLY C 257 3.65 -32.97 4.45
CA GLY C 257 3.27 -34.37 4.53
C GLY C 257 4.41 -35.29 4.16
N GLU C 258 5.08 -35.04 3.03
CA GLU C 258 6.23 -35.86 2.67
C GLU C 258 7.27 -35.89 3.80
N GLU C 259 7.58 -34.71 4.34
CA GLU C 259 8.65 -34.65 5.37
C GLU C 259 8.23 -35.46 6.61
N TRP C 260 6.98 -35.28 7.02
CA TRP C 260 6.59 -35.91 8.26
C TRP C 260 6.36 -37.42 8.07
N VAL C 261 5.97 -37.87 6.86
CA VAL C 261 5.90 -39.30 6.62
C VAL C 261 7.31 -39.88 6.63
N LEU C 262 8.30 -39.16 6.06
CA LEU C 262 9.68 -39.59 6.19
C LEU C 262 10.15 -39.60 7.66
N TRP C 263 9.90 -38.51 8.40
CA TRP C 263 10.39 -38.40 9.76
C TRP C 263 9.80 -39.50 10.67
N ALA C 264 8.58 -39.95 10.33
CA ALA C 264 7.91 -41.00 11.12
C ALA C 264 8.37 -42.41 10.76
N SER C 265 9.09 -42.56 9.67
CA SER C 265 9.62 -43.86 9.26
C SER C 265 10.58 -44.39 10.33
N GLU C 266 10.78 -45.70 10.36
CA GLU C 266 11.81 -46.28 11.22
CA GLU C 266 11.82 -46.30 11.21
C GLU C 266 13.21 -45.85 10.77
N GLU C 267 13.43 -45.71 9.46
CA GLU C 267 14.74 -45.39 8.92
C GLU C 267 15.21 -44.03 9.42
N PHE C 268 14.34 -43.03 9.38
CA PHE C 268 14.69 -41.75 9.99
C PHE C 268 14.60 -41.86 11.51
N GLY C 269 13.42 -42.23 11.98
CA GLY C 269 13.21 -42.41 13.40
C GLY C 269 13.17 -41.08 14.14
N PHE C 270 12.82 -39.99 13.46
CA PHE C 270 12.92 -38.70 14.08
C PHE C 270 11.74 -38.40 15.01
N MET C 271 10.57 -38.90 14.65
CA MET C 271 9.39 -38.56 15.43
C MET C 271 8.41 -39.71 15.52
N THR C 272 7.59 -39.66 16.58
CA THR C 272 6.57 -40.65 16.84
C THR C 272 5.24 -39.91 16.92
N PRO C 273 4.30 -40.15 16.01
CA PRO C 273 2.94 -39.62 16.13
C PRO C 273 2.23 -40.33 17.27
N SER C 274 1.32 -39.59 17.91
CA SER C 274 0.48 -40.19 18.91
C SER C 274 -0.44 -41.21 18.29
N ASP C 275 -1.00 -42.08 19.14
CA ASP C 275 -1.96 -43.04 18.66
C ASP C 275 -3.22 -42.38 18.11
N SER C 276 -3.58 -41.19 18.58
CA SER C 276 -4.76 -40.50 18.05
C SER C 276 -4.61 -39.98 16.63
N VAL C 277 -3.36 -39.90 16.12
CA VAL C 277 -3.16 -39.35 14.78
C VAL C 277 -2.44 -40.38 13.89
N SER C 278 -2.56 -41.67 14.23
CA SER C 278 -1.94 -42.71 13.43
C SER C 278 -2.86 -43.91 13.36
N THR C 279 -2.53 -44.87 12.50
CA THR C 279 -3.16 -46.18 12.44
C THR C 279 -2.13 -47.27 12.71
N GLY C 280 -2.65 -48.42 13.12
CA GLY C 280 -1.67 -49.42 13.55
C GLY C 280 -1.91 -50.87 13.28
N SER C 281 -1.52 -51.72 14.21
CA SER C 281 -1.42 -53.14 13.99
C SER C 281 -1.41 -53.85 15.35
N SER C 282 -2.33 -54.80 15.54
CA SER C 282 -2.26 -55.58 16.76
C SER C 282 -0.96 -56.38 16.74
N ILE C 283 -0.61 -56.89 15.54
CA ILE C 283 0.49 -57.82 15.37
C ILE C 283 1.85 -57.11 15.45
N MET C 284 1.95 -55.88 14.96
CA MET C 284 3.20 -55.14 15.10
C MET C 284 2.94 -53.80 15.81
N PRO C 285 2.78 -53.82 17.15
CA PRO C 285 2.38 -52.62 17.89
C PRO C 285 3.34 -51.44 17.82
N GLN C 286 4.52 -51.62 17.21
CA GLN C 286 5.44 -50.50 16.96
C GLN C 286 5.18 -49.87 15.59
N LYS C 287 4.39 -50.54 14.74
CA LYS C 287 4.05 -50.07 13.39
C LYS C 287 3.02 -48.95 13.53
N LYS C 288 3.49 -47.71 13.49
CA LYS C 288 2.58 -46.55 13.57
C LYS C 288 2.55 -45.85 12.22
N ASN C 289 1.43 -45.97 11.55
CA ASN C 289 1.28 -45.35 10.23
C ASN C 289 0.75 -43.93 10.36
N PRO C 290 1.40 -42.96 9.67
CA PRO C 290 0.99 -41.55 9.75
C PRO C 290 -0.08 -41.19 8.71
N ASP C 291 -1.19 -41.91 8.71
CA ASP C 291 -2.21 -41.77 7.67
C ASP C 291 -2.69 -40.33 7.45
N PRO C 292 -2.89 -39.48 8.47
CA PRO C 292 -3.38 -38.14 8.21
C PRO C 292 -2.41 -37.40 7.32
N MET C 293 -1.10 -37.55 7.52
CA MET C 293 -0.18 -36.75 6.71
C MET C 293 0.02 -37.33 5.32
N GLU C 294 -0.13 -38.65 5.16
CA GLU C 294 -0.17 -39.20 3.81
C GLU C 294 -1.37 -38.65 3.05
N LEU C 295 -2.53 -38.60 3.69
CA LEU C 295 -3.74 -38.12 3.03
CA LEU C 295 -3.75 -38.10 3.05
C LEU C 295 -3.65 -36.62 2.75
N VAL C 296 -2.96 -35.87 3.62
CA VAL C 296 -2.69 -34.47 3.29
C VAL C 296 -1.92 -34.41 1.96
N ARG C 297 -0.84 -35.18 1.89
CA ARG C 297 -0.05 -35.21 0.67
C ARG C 297 -0.93 -35.57 -0.51
N GLY C 298 -1.75 -36.62 -0.36
CA GLY C 298 -2.55 -37.03 -1.50
C GLY C 298 -3.65 -36.03 -1.89
N LYS C 299 -4.25 -35.31 -0.92
CA LYS C 299 -5.29 -34.35 -1.21
C LYS C 299 -4.78 -33.12 -1.94
N SER C 300 -3.46 -32.87 -1.91
CA SER C 300 -2.96 -31.78 -2.74
C SER C 300 -3.29 -32.02 -4.22
N ALA C 301 -3.45 -33.28 -4.63
CA ALA C 301 -3.69 -33.65 -6.02
C ALA C 301 -5.06 -33.16 -6.47
N ARG C 302 -6.12 -33.38 -5.67
CA ARG C 302 -7.47 -32.97 -6.06
C ARG C 302 -7.56 -31.45 -6.15
N VAL C 303 -6.82 -30.76 -5.27
CA VAL C 303 -6.84 -29.30 -5.34
C VAL C 303 -6.21 -28.83 -6.64
N ILE C 304 -5.13 -29.48 -7.11
CA ILE C 304 -4.61 -29.18 -8.45
C ILE C 304 -5.63 -29.51 -9.55
N GLY C 305 -6.27 -30.68 -9.44
CA GLY C 305 -7.24 -31.04 -10.46
C GLY C 305 -8.45 -30.09 -10.53
N ASP C 306 -8.87 -29.54 -9.36
CA ASP C 306 -9.97 -28.57 -9.36
C ASP C 306 -9.61 -27.28 -10.10
N LEU C 307 -8.34 -26.85 -9.88
CA LEU C 307 -7.83 -25.70 -10.66
C LEU C 307 -7.87 -25.99 -12.16
N VAL C 308 -7.35 -27.13 -12.56
CA VAL C 308 -7.33 -27.48 -13.99
C VAL C 308 -8.76 -27.51 -14.55
N THR C 309 -9.70 -28.02 -13.77
CA THR C 309 -11.09 -28.05 -14.24
C THR C 309 -11.54 -26.65 -14.66
N VAL C 310 -11.42 -25.65 -13.78
CA VAL C 310 -11.97 -24.35 -14.11
C VAL C 310 -11.14 -23.62 -15.17
N LEU C 311 -9.81 -23.84 -15.19
CA LEU C 311 -9.05 -23.28 -16.32
C LEU C 311 -9.55 -23.80 -17.65
N THR C 312 -9.73 -25.09 -17.75
CA THR C 312 -10.20 -25.74 -18.97
CA THR C 312 -10.17 -25.65 -19.02
C THR C 312 -11.64 -25.27 -19.31
N LEU C 313 -12.49 -25.13 -18.30
CA LEU C 313 -13.86 -24.66 -18.49
C LEU C 313 -13.93 -23.28 -19.15
N CYS C 314 -13.05 -22.38 -18.72
CA CYS C 314 -13.05 -21.01 -19.22
C CYS C 314 -12.35 -20.86 -20.55
N LYS C 315 -11.39 -21.74 -20.83
CA LYS C 315 -10.60 -21.69 -22.07
C LYS C 315 -11.54 -21.72 -23.26
N GLY C 316 -11.37 -20.76 -24.16
CA GLY C 316 -12.05 -20.73 -25.43
C GLY C 316 -13.54 -20.43 -25.37
N LEU C 317 -14.09 -20.01 -24.23
CA LEU C 317 -15.52 -19.70 -24.16
C LEU C 317 -15.81 -18.34 -24.77
N PRO C 318 -16.87 -18.21 -25.60
CA PRO C 318 -17.27 -16.91 -26.11
C PRO C 318 -17.87 -16.11 -24.95
N LEU C 319 -18.05 -14.81 -25.20
CA LEU C 319 -18.85 -13.98 -24.29
C LEU C 319 -20.33 -14.24 -24.53
N ALA C 320 -21.24 -13.87 -23.63
CA ALA C 320 -20.95 -13.29 -22.30
C ALA C 320 -21.20 -14.34 -21.19
N TYR C 321 -22.45 -14.76 -21.06
CA TYR C 321 -22.77 -15.86 -20.15
C TYR C 321 -23.02 -17.11 -20.95
N ASN C 322 -22.55 -18.25 -20.44
CA ASN C 322 -22.81 -19.55 -21.06
C ASN C 322 -23.16 -20.51 -19.94
N ARG C 323 -23.99 -21.50 -20.25
CA ARG C 323 -24.40 -22.52 -19.25
C ARG C 323 -23.19 -23.30 -18.71
N ASP C 324 -22.09 -23.35 -19.45
CA ASP C 324 -20.87 -24.06 -18.97
C ASP C 324 -20.49 -23.57 -17.57
N PHE C 325 -20.76 -22.29 -17.29
CA PHE C 325 -20.34 -21.75 -16.00
C PHE C 325 -20.96 -22.42 -14.79
N GLN C 326 -22.04 -23.15 -14.96
CA GLN C 326 -22.57 -23.93 -13.84
C GLN C 326 -21.52 -24.86 -13.23
N GLU C 327 -20.55 -25.31 -14.04
CA GLU C 327 -19.48 -26.19 -13.65
C GLU C 327 -18.40 -25.51 -12.82
N ASP C 328 -18.51 -24.21 -12.54
CA ASP C 328 -17.48 -23.52 -11.75
C ASP C 328 -17.65 -23.73 -10.24
N LYS C 329 -18.83 -24.22 -9.80
CA LYS C 329 -19.10 -24.25 -8.38
C LYS C 329 -18.51 -25.46 -7.66
N GLU C 330 -18.81 -26.67 -8.16
CA GLU C 330 -18.34 -27.89 -7.52
C GLU C 330 -16.84 -27.90 -7.30
N PRO C 331 -16.02 -27.52 -8.28
CA PRO C 331 -14.58 -27.53 -8.06
C PRO C 331 -14.12 -26.56 -6.99
N MET C 332 -14.78 -25.40 -6.95
CA MET C 332 -14.45 -24.41 -5.93
C MET C 332 -14.82 -24.91 -4.54
N PHE C 333 -16.04 -25.46 -4.41
CA PHE C 333 -16.45 -26.04 -3.14
C PHE C 333 -15.53 -27.17 -2.70
N ASP C 334 -15.13 -28.01 -3.64
CA ASP C 334 -14.28 -29.14 -3.33
C ASP C 334 -12.90 -28.68 -2.88
N SER C 335 -12.36 -27.73 -3.66
CA SER C 335 -11.03 -27.23 -3.38
C SER C 335 -10.98 -26.59 -1.98
N THR C 336 -12.00 -25.79 -1.67
CA THR C 336 -12.09 -25.10 -0.38
C THR C 336 -12.25 -26.06 0.79
N LYS C 337 -13.20 -27.00 0.68
CA LYS C 337 -13.41 -28.00 1.72
C LYS C 337 -12.13 -28.79 1.98
N THR C 338 -11.46 -29.17 0.87
CA THR C 338 -10.24 -29.93 0.93
C THR C 338 -9.14 -29.14 1.64
N ILE C 339 -8.86 -27.89 1.18
CA ILE C 339 -7.73 -27.19 1.80
C ILE C 339 -8.01 -26.85 3.27
N MET C 340 -9.28 -26.55 3.62
CA MET C 340 -9.55 -26.33 5.03
C MET C 340 -9.25 -27.59 5.84
N GLY C 341 -9.68 -28.73 5.33
CA GLY C 341 -9.43 -29.99 6.01
C GLY C 341 -7.95 -30.26 6.21
N MET C 342 -7.15 -30.04 5.12
CA MET C 342 -5.72 -30.27 5.14
C MET C 342 -5.04 -29.38 6.18
N ILE C 343 -5.41 -28.10 6.19
CA ILE C 343 -4.82 -27.16 7.13
C ILE C 343 -5.11 -27.60 8.55
N ASP C 344 -6.40 -27.87 8.82
CA ASP C 344 -6.78 -28.21 10.17
C ASP C 344 -6.16 -29.53 10.64
N VAL C 345 -6.11 -30.56 9.78
CA VAL C 345 -5.57 -31.82 10.27
C VAL C 345 -4.05 -31.74 10.43
N SER C 346 -3.37 -30.88 9.64
CA SER C 346 -1.94 -30.70 9.82
C SER C 346 -1.66 -30.05 11.19
N ALA C 347 -2.56 -29.14 11.61
CA ALA C 347 -2.41 -28.53 12.93
C ALA C 347 -2.60 -29.57 14.01
N GLU C 348 -3.63 -30.42 13.87
CA GLU C 348 -3.80 -31.47 14.86
C GLU C 348 -2.58 -32.37 14.94
N PHE C 349 -2.03 -32.76 13.79
CA PHE C 349 -0.88 -33.63 13.73
C PHE C 349 0.31 -32.98 14.45
N ALA C 350 0.54 -31.70 14.15
CA ALA C 350 1.61 -30.95 14.80
C ALA C 350 1.52 -30.96 16.32
N GLN C 351 0.31 -30.99 16.87
CA GLN C 351 0.10 -31.02 18.31
C GLN C 351 0.24 -32.43 18.91
N ASN C 352 0.44 -33.45 18.07
CA ASN C 352 0.42 -34.84 18.51
C ASN C 352 1.62 -35.63 18.00
N VAL C 353 2.78 -34.98 17.99
CA VAL C 353 4.03 -35.60 17.61
C VAL C 353 5.11 -35.33 18.65
N THR C 354 5.93 -36.35 18.87
CA THR C 354 7.01 -36.27 19.83
C THR C 354 8.30 -36.63 19.09
N PHE C 355 9.35 -35.82 19.22
CA PHE C 355 10.64 -36.10 18.62
C PHE C 355 11.43 -37.08 19.47
N ASN C 356 12.29 -37.87 18.81
CA ASN C 356 13.19 -38.83 19.44
C ASN C 356 14.61 -38.26 19.37
N GLU C 357 14.91 -37.37 20.31
CA GLU C 357 16.18 -36.67 20.35
C GLU C 357 17.33 -37.67 20.47
N ASP C 358 17.18 -38.71 21.27
CA ASP C 358 18.26 -39.66 21.48
C ASP C 358 18.66 -40.33 20.18
N ARG C 359 17.67 -40.76 19.41
CA ARG C 359 17.95 -41.41 18.15
C ARG C 359 18.61 -40.43 17.19
N ILE C 360 18.04 -39.23 17.11
CA ILE C 360 18.59 -38.26 16.16
C ILE C 360 20.04 -37.96 16.54
N LYS C 361 20.27 -37.64 17.80
CA LYS C 361 21.57 -37.19 18.28
C LYS C 361 22.63 -38.25 18.05
N LYS C 362 22.28 -39.52 18.22
CA LYS C 362 23.23 -40.58 18.01
C LYS C 362 23.55 -40.78 16.52
N SER C 363 22.63 -40.39 15.62
CA SER C 363 22.85 -40.55 14.20
C SER C 363 23.77 -39.45 13.65
N LEU C 364 23.92 -38.33 14.34
CA LEU C 364 24.54 -37.17 13.71
C LEU C 364 26.05 -37.31 13.54
N PRO C 365 26.82 -37.85 14.48
CA PRO C 365 28.29 -37.74 14.36
C PRO C 365 28.92 -38.36 13.11
N ALA C 366 28.36 -39.46 12.63
CA ALA C 366 28.92 -40.11 11.46
C ALA C 366 28.83 -39.25 10.22
N GLY C 367 28.00 -38.18 10.20
CA GLY C 367 27.75 -37.44 8.99
C GLY C 367 28.75 -36.29 8.73
N HIS C 368 29.61 -36.00 9.69
CA HIS C 368 30.59 -34.92 9.59
C HIS C 368 29.90 -33.63 9.16
N LEU C 369 28.79 -33.30 9.81
CA LEU C 369 28.01 -32.14 9.44
C LEU C 369 28.65 -30.82 9.83
N ASP C 370 29.67 -30.86 10.69
CA ASP C 370 30.46 -29.71 11.06
C ASP C 370 31.53 -29.33 10.03
N ALA C 371 31.60 -30.03 8.91
CA ALA C 371 32.65 -29.80 7.92
C ALA C 371 32.61 -28.37 7.42
N THR C 372 31.44 -27.86 7.03
CA THR C 372 31.42 -26.50 6.47
CA THR C 372 31.37 -26.50 6.49
C THR C 372 31.82 -25.48 7.54
N THR C 373 31.52 -25.72 8.82
CA THR C 373 31.91 -24.78 9.87
C THR C 373 33.46 -24.73 9.94
N LEU C 374 34.11 -25.88 9.80
CA LEU C 374 35.57 -25.92 9.79
C LEU C 374 36.07 -25.19 8.55
N ALA C 375 35.42 -25.35 7.41
CA ALA C 375 35.82 -24.57 6.25
C ALA C 375 35.69 -23.07 6.47
N ASP C 376 34.62 -22.66 7.16
CA ASP C 376 34.41 -21.24 7.46
C ASP C 376 35.52 -20.73 8.37
N TYR C 377 35.97 -21.56 9.32
CA TYR C 377 37.08 -21.22 10.18
C TYR C 377 38.32 -20.90 9.34
N LEU C 378 38.61 -21.73 8.35
CA LEU C 378 39.79 -21.56 7.51
C LEU C 378 39.64 -20.34 6.60
N VAL C 379 38.47 -20.13 6.06
CA VAL C 379 38.23 -18.94 5.24
C VAL C 379 38.44 -17.68 6.08
N LYS C 380 38.02 -17.71 7.34
CA LYS C 380 38.14 -16.56 8.22
CA LYS C 380 38.14 -16.51 8.15
C LYS C 380 39.62 -16.27 8.50
N LYS C 381 40.43 -17.33 8.49
CA LYS C 381 41.86 -17.22 8.72
C LYS C 381 42.58 -16.88 7.40
N GLY C 382 41.83 -16.57 6.34
CA GLY C 382 42.41 -16.09 5.10
C GLY C 382 42.68 -17.15 4.04
N MET C 383 42.25 -18.40 4.25
CA MET C 383 42.41 -19.41 3.22
C MET C 383 41.36 -19.26 2.11
N PRO C 384 41.70 -19.44 0.82
CA PRO C 384 40.72 -19.46 -0.26
C PRO C 384 39.70 -20.56 -0.03
N PHE C 385 38.45 -20.28 -0.35
CA PHE C 385 37.38 -21.28 -0.05
C PHE C 385 37.69 -22.64 -0.67
N ARG C 386 38.15 -22.66 -1.92
CA ARG C 386 38.34 -23.95 -2.58
C ARG C 386 39.39 -24.78 -1.84
N SER C 387 40.43 -24.13 -1.38
CA SER C 387 41.45 -24.77 -0.59
C SER C 387 40.89 -25.27 0.73
N SER C 388 40.04 -24.44 1.34
CA SER C 388 39.45 -24.82 2.60
CA SER C 388 39.43 -24.82 2.61
C SER C 388 38.61 -26.09 2.42
N HIS C 389 37.85 -26.18 1.31
CA HIS C 389 37.02 -27.35 1.09
C HIS C 389 37.88 -28.61 0.89
N ASP C 390 38.94 -28.48 0.10
CA ASP C 390 39.81 -29.62 -0.13
C ASP C 390 40.47 -30.12 1.15
N ILE C 391 40.95 -29.17 1.98
CA ILE C 391 41.59 -29.56 3.23
C ILE C 391 40.60 -30.20 4.19
N VAL C 392 39.42 -29.61 4.35
CA VAL C 392 38.46 -30.22 5.27
C VAL C 392 38.06 -31.59 4.76
N GLY C 393 37.86 -31.72 3.45
CA GLY C 393 37.52 -33.03 2.90
C GLY C 393 38.58 -34.10 3.17
N LYS C 394 39.87 -33.71 3.10
CA LYS C 394 40.93 -34.62 3.49
C LYS C 394 40.82 -35.00 4.96
N LEU C 395 40.59 -34.02 5.85
CA LEU C 395 40.40 -34.35 7.26
C LEU C 395 39.21 -35.27 7.48
N VAL C 396 38.09 -35.07 6.76
CA VAL C 396 36.95 -35.96 6.93
C VAL C 396 37.36 -37.37 6.53
N GLY C 397 38.15 -37.47 5.45
CA GLY C 397 38.69 -38.75 5.03
C GLY C 397 39.47 -39.48 6.13
N VAL C 398 40.32 -38.75 6.84
CA VAL C 398 41.10 -39.24 7.96
C VAL C 398 40.14 -39.74 9.03
N CYS C 399 39.08 -38.96 9.29
CA CYS C 399 38.10 -39.35 10.29
C CYS C 399 37.36 -40.62 9.90
N VAL C 400 37.01 -40.73 8.61
CA VAL C 400 36.28 -41.92 8.17
C VAL C 400 37.17 -43.14 8.40
N SER C 401 38.44 -42.98 8.06
CA SER C 401 39.42 -44.05 8.18
C SER C 401 39.69 -44.44 9.64
N LYS C 402 39.71 -43.45 10.56
CA LYS C 402 40.01 -43.70 11.96
C LYS C 402 38.75 -44.01 12.76
N GLY C 403 37.58 -43.81 12.15
CA GLY C 403 36.31 -43.94 12.83
C GLY C 403 36.07 -42.86 13.89
N CYS C 404 36.41 -41.59 13.60
CA CYS C 404 36.18 -40.57 14.61
C CYS C 404 35.46 -39.35 14.00
N GLU C 405 35.23 -38.34 14.84
CA GLU C 405 34.61 -37.10 14.43
C GLU C 405 35.74 -36.07 14.30
N LEU C 406 35.49 -34.97 13.57
CA LEU C 406 36.52 -33.96 13.43
C LEU C 406 37.06 -33.46 14.76
N GLN C 407 36.16 -33.29 15.72
CA GLN C 407 36.53 -32.72 17.01
C GLN C 407 37.47 -33.63 17.78
N ASN C 408 37.59 -34.89 17.38
CA ASN C 408 38.48 -35.84 18.03
C ASN C 408 39.87 -35.83 17.40
N LEU C 409 40.10 -35.11 16.28
CA LEU C 409 41.44 -35.06 15.71
C LEU C 409 42.33 -34.16 16.55
N SER C 410 43.63 -34.45 16.60
CA SER C 410 44.53 -33.54 17.29
C SER C 410 44.80 -32.32 16.40
N LEU C 411 45.22 -31.24 17.07
CA LEU C 411 45.63 -30.03 16.37
C LEU C 411 46.81 -30.37 15.45
N GLU C 412 47.72 -31.21 15.96
CA GLU C 412 48.91 -31.60 15.17
C GLU C 412 48.51 -32.35 13.90
N GLU C 413 47.43 -33.15 13.94
CA GLU C 413 46.96 -33.80 12.73
C GLU C 413 46.47 -32.78 11.70
N MET C 414 45.75 -31.74 12.15
CA MET C 414 45.27 -30.69 11.27
C MET C 414 46.46 -29.91 10.68
N LYS C 415 47.47 -29.66 11.49
CA LYS C 415 48.61 -28.90 11.06
C LYS C 415 49.42 -29.62 9.96
N LYS C 416 49.25 -30.93 9.78
CA LYS C 416 49.87 -31.60 8.65
C LYS C 416 49.40 -30.98 7.33
N LEU C 417 48.22 -30.32 7.32
CA LEU C 417 47.66 -29.78 6.10
C LEU C 417 47.78 -28.28 5.97
N SER C 418 47.82 -27.56 7.09
CA SER C 418 47.98 -26.13 7.05
C SER C 418 48.50 -25.64 8.39
N PRO C 419 49.39 -24.64 8.40
CA PRO C 419 49.75 -23.97 9.65
C PRO C 419 48.69 -23.07 10.28
N VAL C 420 47.61 -22.79 9.55
CA VAL C 420 46.71 -21.77 10.05
C VAL C 420 45.87 -22.31 11.21
N PHE C 421 45.73 -23.63 11.33
CA PHE C 421 44.97 -24.19 12.43
C PHE C 421 45.63 -23.87 13.77
N GLU C 422 44.81 -23.45 14.75
CA GLU C 422 45.27 -23.17 16.10
C GLU C 422 44.24 -23.76 17.07
N GLU C 423 44.55 -23.71 18.37
CA GLU C 423 43.76 -24.41 19.37
C GLU C 423 42.30 -23.93 19.44
N ASP C 424 42.04 -22.70 18.98
CA ASP C 424 40.68 -22.19 18.91
C ASP C 424 39.76 -22.98 17.95
N VAL C 425 40.34 -23.85 17.10
CA VAL C 425 39.55 -24.57 16.13
C VAL C 425 38.47 -25.41 16.81
N PHE C 426 38.76 -25.92 18.03
CA PHE C 426 37.84 -26.88 18.63
C PHE C 426 36.49 -26.24 18.99
N GLY C 427 36.45 -24.92 19.10
CA GLY C 427 35.18 -24.23 19.30
C GLY C 427 34.33 -24.09 18.04
N PHE C 428 34.83 -24.61 16.91
CA PHE C 428 34.13 -24.62 15.63
C PHE C 428 33.75 -26.05 15.25
N LEU C 429 34.01 -27.01 16.14
CA LEU C 429 33.77 -28.40 15.76
C LEU C 429 32.77 -29.06 16.70
N GLY C 430 32.12 -30.08 16.16
CA GLY C 430 30.98 -30.69 16.79
C GLY C 430 29.69 -30.04 16.30
N VAL C 431 28.56 -30.77 16.36
CA VAL C 431 27.34 -30.20 15.79
C VAL C 431 26.80 -29.04 16.63
N GLU C 432 26.93 -29.10 17.97
CA GLU C 432 26.43 -28.01 18.78
C GLU C 432 27.19 -26.72 18.47
N ASN C 433 28.53 -26.80 18.45
CA ASN C 433 29.34 -25.64 18.06
C ASN C 433 28.94 -25.15 16.66
N SER C 434 28.76 -26.07 15.70
CA SER C 434 28.43 -25.69 14.32
CA SER C 434 28.43 -25.72 14.32
C SER C 434 27.16 -24.87 14.26
N VAL C 435 26.09 -25.31 14.92
CA VAL C 435 24.84 -24.56 14.95
C VAL C 435 25.03 -23.21 15.62
N ASN C 436 25.85 -23.14 16.67
CA ASN C 436 26.02 -21.88 17.35
CA ASN C 436 26.11 -21.90 17.37
C ASN C 436 26.80 -20.91 16.44
N LYS C 437 27.64 -21.42 15.52
CA LYS C 437 28.49 -20.56 14.68
C LYS C 437 27.78 -19.96 13.45
N PHE C 438 26.67 -20.56 13.03
CA PHE C 438 25.88 -19.89 12.01
C PHE C 438 25.42 -18.54 12.53
N SER C 439 25.55 -17.47 11.75
CA SER C 439 25.31 -16.14 12.23
C SER C 439 24.60 -15.23 11.23
N SER C 440 24.47 -15.65 9.96
CA SER C 440 23.84 -14.83 8.98
C SER C 440 22.35 -14.69 9.24
N TYR C 441 21.77 -13.59 8.81
CA TYR C 441 20.36 -13.33 8.96
C TYR C 441 19.59 -14.47 8.29
N GLY C 442 18.59 -15.00 8.97
CA GLY C 442 17.83 -16.11 8.37
C GLY C 442 18.51 -17.45 8.47
N SER C 443 19.69 -17.53 9.09
CA SER C 443 20.42 -18.77 9.23
C SER C 443 19.85 -19.63 10.35
N THR C 444 20.38 -20.86 10.45
CA THR C 444 19.98 -21.76 11.55
C THR C 444 20.66 -21.42 12.86
N GLY C 445 21.48 -20.37 12.94
CA GLY C 445 22.17 -20.09 14.21
C GLY C 445 21.17 -19.91 15.36
N SER C 446 21.58 -20.40 16.54
CA SER C 446 20.70 -20.38 17.71
C SER C 446 20.09 -19.00 17.96
N ASN C 447 20.92 -17.95 17.95
CA ASN C 447 20.40 -16.62 18.23
C ASN C 447 19.52 -16.08 17.09
N CYS C 448 19.88 -16.40 15.84
CA CYS C 448 19.07 -16.02 14.68
C CYS C 448 17.68 -16.65 14.71
N VAL C 449 17.62 -17.97 15.00
CA VAL C 449 16.36 -18.65 15.13
C VAL C 449 15.52 -18.11 16.29
N ALA C 450 16.19 -17.84 17.44
CA ALA C 450 15.46 -17.23 18.56
C ALA C 450 14.80 -15.90 18.14
N GLU C 451 15.52 -15.07 17.35
CA GLU C 451 14.97 -13.81 16.84
C GLU C 451 13.73 -14.03 15.97
N GLN C 452 13.83 -15.01 15.04
CA GLN C 452 12.69 -15.27 14.19
C GLN C 452 11.50 -15.85 14.97
N LEU C 453 11.78 -16.75 15.93
CA LEU C 453 10.68 -17.22 16.77
C LEU C 453 9.99 -16.08 17.52
N GLY C 454 10.79 -15.15 18.06
CA GLY C 454 10.24 -13.97 18.74
C GLY C 454 9.33 -13.14 17.84
N TYR C 455 9.76 -12.96 16.57
CA TYR C 455 9.00 -12.28 15.56
C TYR C 455 7.65 -12.96 15.38
N TRP C 456 7.67 -14.30 15.24
CA TRP C 456 6.44 -15.02 14.95
C TRP C 456 5.51 -15.09 16.18
N VAL C 457 6.10 -15.23 17.38
CA VAL C 457 5.29 -15.20 18.60
C VAL C 457 4.50 -13.91 18.70
N ASN C 458 5.17 -12.80 18.43
CA ASN C 458 4.51 -11.51 18.47
C ASN C 458 3.49 -11.36 17.34
N LYS C 459 3.87 -11.78 16.14
CA LYS C 459 3.01 -11.60 15.00
C LYS C 459 1.71 -12.41 15.11
N LEU C 460 1.78 -13.59 15.72
CA LEU C 460 0.58 -14.48 15.85
C LEU C 460 -0.10 -14.28 17.20
N ASN C 461 0.42 -13.38 18.02
CA ASN C 461 -0.19 -13.09 19.33
C ASN C 461 -0.21 -14.34 20.20
N ILE C 462 0.88 -15.11 20.18
CA ILE C 462 1.01 -16.27 21.06
C ILE C 462 1.36 -15.75 22.47
N THR C 463 0.66 -16.27 23.48
CA THR C 463 0.82 -15.74 24.84
C THR C 463 1.66 -16.71 25.66
N SER D 16 28.96 -43.36 -23.75
CA SER D 16 29.30 -43.73 -22.35
C SER D 16 28.22 -43.28 -21.34
N VAL D 17 28.31 -43.84 -20.12
CA VAL D 17 27.42 -43.47 -19.01
C VAL D 17 27.59 -42.01 -18.61
N THR D 18 28.85 -41.61 -18.43
CA THR D 18 29.11 -40.26 -18.00
C THR D 18 28.50 -39.35 -19.04
N GLU D 19 28.69 -39.70 -20.31
CA GLU D 19 28.19 -38.86 -21.39
C GLU D 19 26.68 -38.73 -21.34
N LYS D 20 25.98 -39.85 -21.14
CA LYS D 20 24.52 -39.86 -21.17
C LYS D 20 23.97 -39.08 -19.99
N VAL D 21 24.59 -39.20 -18.82
CA VAL D 21 24.19 -38.42 -17.66
C VAL D 21 24.43 -36.91 -17.87
N GLU D 22 25.59 -36.57 -18.45
CA GLU D 22 25.94 -35.19 -18.73
C GLU D 22 24.87 -34.55 -19.61
N LYS D 23 24.46 -35.25 -20.66
CA LYS D 23 23.47 -34.69 -21.55
C LYS D 23 22.12 -34.56 -20.82
N PHE D 24 21.77 -35.58 -20.00
CA PHE D 24 20.48 -35.51 -19.36
C PHE D 24 20.41 -34.41 -18.32
N THR D 25 21.52 -34.10 -17.66
CA THR D 25 21.51 -33.17 -16.56
C THR D 25 21.94 -31.75 -16.94
N GLU D 26 22.50 -31.52 -18.13
CA GLU D 26 22.95 -30.17 -18.48
C GLU D 26 21.72 -29.25 -18.60
N SER D 27 21.90 -27.97 -18.19
CA SER D 27 20.84 -26.99 -18.23
C SER D 27 21.19 -25.78 -19.08
N ILE D 28 22.44 -25.67 -19.55
CA ILE D 28 22.88 -24.48 -20.21
C ILE D 28 22.06 -24.24 -21.46
N SER D 29 21.63 -25.30 -22.13
CA SER D 29 20.87 -25.09 -23.38
C SER D 29 19.66 -24.19 -23.15
N PHE D 30 19.10 -24.17 -21.92
CA PHE D 30 17.99 -23.26 -21.65
C PHE D 30 18.33 -22.16 -20.63
N ASP D 31 19.23 -22.42 -19.67
CA ASP D 31 19.39 -21.47 -18.57
C ASP D 31 20.40 -20.39 -18.91
N LYS D 32 21.01 -20.46 -20.10
CA LYS D 32 21.84 -19.37 -20.55
C LYS D 32 21.08 -18.04 -20.59
N VAL D 33 19.75 -18.07 -20.70
CA VAL D 33 18.96 -16.85 -20.78
C VAL D 33 18.96 -16.08 -19.46
N LEU D 34 19.51 -16.70 -18.39
CA LEU D 34 19.66 -16.01 -17.10
C LEU D 34 20.96 -15.21 -16.98
N TYR D 35 21.77 -15.08 -18.04
CA TYR D 35 23.11 -14.53 -17.87
C TYR D 35 23.12 -13.13 -17.26
N LYS D 36 22.21 -12.22 -17.67
CA LYS D 36 22.32 -10.86 -17.15
C LYS D 36 22.07 -10.81 -15.65
N GLN D 37 21.06 -11.59 -15.22
CA GLN D 37 20.74 -11.65 -13.81
C GLN D 37 21.86 -12.33 -13.00
N ASP D 38 22.45 -13.41 -13.54
CA ASP D 38 23.55 -14.12 -12.90
C ASP D 38 24.71 -13.15 -12.69
N ILE D 39 25.01 -12.33 -13.71
CA ILE D 39 26.12 -11.40 -13.58
C ILE D 39 25.81 -10.30 -12.58
N MET D 40 24.58 -9.78 -12.60
CA MET D 40 24.18 -8.76 -11.65
C MET D 40 24.32 -9.28 -10.23
N GLY D 41 23.82 -10.51 -10.03
CA GLY D 41 23.86 -11.10 -8.70
C GLY D 41 25.30 -11.31 -8.21
N SER D 42 26.19 -11.77 -9.09
CA SER D 42 27.58 -12.03 -8.77
C SER D 42 28.30 -10.73 -8.47
N LYS D 43 28.01 -9.67 -9.21
CA LYS D 43 28.67 -8.42 -8.91
C LYS D 43 28.24 -7.94 -7.53
N ALA D 44 26.95 -8.03 -7.21
CA ALA D 44 26.50 -7.58 -5.89
C ALA D 44 27.15 -8.42 -4.76
N HIS D 45 27.25 -9.73 -5.00
CA HIS D 45 27.85 -10.62 -4.02
C HIS D 45 29.32 -10.21 -3.81
N ALA D 46 30.08 -10.04 -4.90
CA ALA D 46 31.50 -9.69 -4.79
C ALA D 46 31.68 -8.35 -4.08
N SER D 47 30.80 -7.38 -4.38
CA SER D 47 30.90 -6.09 -3.74
C SER D 47 30.68 -6.22 -2.22
N MET D 48 29.71 -7.02 -1.83
CA MET D 48 29.48 -7.24 -0.41
C MET D 48 30.66 -7.95 0.24
N LEU D 49 31.20 -8.96 -0.45
CA LEU D 49 32.34 -9.70 0.10
C LEU D 49 33.49 -8.75 0.43
N ALA D 50 33.76 -7.84 -0.51
CA ALA D 50 34.88 -6.91 -0.28
C ALA D 50 34.57 -5.94 0.84
N HIS D 51 33.34 -5.41 0.87
CA HIS D 51 32.98 -4.49 1.95
C HIS D 51 33.18 -5.17 3.30
N GLN D 52 32.86 -6.47 3.35
CA GLN D 52 32.90 -7.23 4.59
C GLN D 52 34.31 -7.78 4.92
N GLY D 53 35.26 -7.56 4.05
CA GLY D 53 36.62 -7.99 4.31
C GLY D 53 36.89 -9.44 3.93
N LEU D 54 36.01 -10.11 3.18
CA LEU D 54 36.22 -11.51 2.85
C LEU D 54 37.10 -11.66 1.62
N ILE D 55 37.08 -10.65 0.73
CA ILE D 55 37.98 -10.59 -0.41
C ILE D 55 38.61 -9.19 -0.42
N THR D 56 39.74 -9.04 -1.12
CA THR D 56 40.37 -7.73 -1.22
C THR D 56 39.59 -6.88 -2.22
N ASP D 57 39.77 -5.56 -2.10
CA ASP D 57 39.17 -4.63 -3.04
C ASP D 57 39.72 -4.84 -4.44
N SER D 58 40.99 -5.23 -4.54
CA SER D 58 41.60 -5.50 -5.84
CA SER D 58 41.59 -5.49 -5.86
C SER D 58 40.96 -6.72 -6.50
N ASP D 59 40.75 -7.78 -5.72
CA ASP D 59 40.09 -8.97 -6.20
C ASP D 59 38.68 -8.59 -6.69
N LYS D 60 37.96 -7.81 -5.88
CA LYS D 60 36.63 -7.37 -6.25
C LYS D 60 36.62 -6.59 -7.56
N ASP D 61 37.56 -5.67 -7.73
CA ASP D 61 37.61 -4.87 -8.95
C ASP D 61 37.90 -5.76 -10.15
N SER D 62 38.80 -6.72 -10.01
CA SER D 62 39.06 -7.68 -11.08
C SER D 62 37.82 -8.49 -11.45
N ILE D 63 37.07 -8.96 -10.44
CA ILE D 63 35.86 -9.73 -10.70
C ILE D 63 34.82 -8.88 -11.44
N LEU D 64 34.58 -7.66 -10.98
CA LEU D 64 33.57 -6.80 -11.57
C LEU D 64 33.90 -6.47 -13.03
N ARG D 65 35.17 -6.10 -13.29
CA ARG D 65 35.59 -5.81 -14.65
C ARG D 65 35.49 -7.03 -15.55
N GLY D 66 35.93 -8.20 -15.02
CA GLY D 66 35.84 -9.45 -15.78
C GLY D 66 34.40 -9.82 -16.10
N LEU D 67 33.51 -9.66 -15.12
CA LEU D 67 32.10 -9.97 -15.35
C LEU D 67 31.51 -9.03 -16.42
N ASP D 68 31.85 -7.74 -16.36
CA ASP D 68 31.39 -6.79 -17.37
C ASP D 68 31.90 -7.19 -18.75
N ASP D 69 33.16 -7.60 -18.82
CA ASP D 69 33.76 -8.05 -20.07
C ASP D 69 32.96 -9.23 -20.64
N ILE D 70 32.59 -10.20 -19.76
CA ILE D 70 31.90 -11.38 -20.24
C ILE D 70 30.50 -11.01 -20.70
N GLU D 71 29.82 -10.11 -19.98
CA GLU D 71 28.50 -9.66 -20.38
C GLU D 71 28.60 -9.01 -21.78
N ARG D 72 29.66 -8.27 -22.05
CA ARG D 72 29.81 -7.64 -23.37
C ARG D 72 29.98 -8.71 -24.45
N GLN D 73 30.78 -9.74 -24.15
CA GLN D 73 31.00 -10.84 -25.07
C GLN D 73 29.69 -11.55 -25.40
N ILE D 74 28.91 -11.86 -24.38
CA ILE D 74 27.62 -12.48 -24.62
C ILE D 74 26.71 -11.61 -25.49
N GLU D 75 26.65 -10.30 -25.19
CA GLU D 75 25.77 -9.38 -25.88
CA GLU D 75 25.73 -9.41 -25.89
C GLU D 75 26.14 -9.28 -27.36
N ALA D 76 27.44 -9.49 -27.67
CA ALA D 76 27.99 -9.43 -29.03
C ALA D 76 28.00 -10.79 -29.75
N ASN D 77 27.41 -11.81 -29.14
CA ASN D 77 27.36 -13.17 -29.68
C ASN D 77 28.75 -13.73 -29.90
N LYS D 78 29.68 -13.40 -29.00
CA LYS D 78 31.03 -13.91 -29.10
C LYS D 78 31.39 -14.89 -27.98
N PHE D 79 30.40 -15.29 -27.17
CA PHE D 79 30.69 -16.15 -26.05
C PHE D 79 30.27 -17.58 -26.40
N GLU D 80 31.17 -18.53 -26.18
CA GLU D 80 30.92 -19.94 -26.44
C GLU D 80 30.30 -20.60 -25.20
N TRP D 81 29.00 -20.83 -25.24
CA TRP D 81 28.33 -21.62 -24.21
C TRP D 81 28.75 -23.07 -24.36
N ARG D 82 29.08 -23.74 -23.26
CA ARG D 82 29.60 -25.09 -23.30
C ARG D 82 28.77 -26.04 -22.45
N THR D 83 28.34 -27.17 -23.04
CA THR D 83 27.66 -28.20 -22.29
CA THR D 83 27.64 -28.17 -22.26
C THR D 83 28.58 -28.79 -21.22
N ASP D 84 29.88 -28.87 -21.49
CA ASP D 84 30.79 -29.47 -20.50
C ASP D 84 30.96 -28.58 -19.26
N ARG D 85 30.44 -27.34 -19.27
CA ARG D 85 30.40 -26.48 -18.10
C ARG D 85 28.97 -26.39 -17.53
N GLU D 86 28.04 -27.25 -18.02
CA GLU D 86 26.82 -27.67 -17.33
C GLU D 86 25.68 -26.65 -17.39
N ASP D 87 25.93 -25.44 -16.89
CA ASP D 87 24.88 -24.48 -16.61
C ASP D 87 25.42 -23.06 -16.75
N VAL D 88 24.52 -22.08 -16.62
CA VAL D 88 24.91 -20.69 -16.82
C VAL D 88 25.97 -20.23 -15.80
N HIS D 89 25.80 -20.65 -14.52
CA HIS D 89 26.65 -20.19 -13.42
C HIS D 89 28.10 -20.63 -13.65
N MET D 90 28.28 -21.94 -13.90
CA MET D 90 29.61 -22.50 -14.12
C MET D 90 30.21 -22.02 -15.45
N ASN D 91 29.39 -21.89 -16.49
CA ASN D 91 29.86 -21.31 -17.76
C ASN D 91 30.47 -19.91 -17.52
N ILE D 92 29.77 -19.03 -16.83
CA ILE D 92 30.23 -17.66 -16.64
C ILE D 92 31.45 -17.66 -15.75
N GLU D 93 31.42 -18.47 -14.69
CA GLU D 93 32.49 -18.40 -13.72
C GLU D 93 33.76 -19.11 -14.18
N ALA D 94 33.65 -20.18 -14.96
CA ALA D 94 34.85 -20.79 -15.53
C ALA D 94 35.46 -19.85 -16.55
N ALA D 95 34.61 -19.16 -17.32
CA ALA D 95 35.10 -18.14 -18.25
C ALA D 95 35.80 -17.01 -17.50
N LEU D 96 35.24 -16.63 -16.37
CA LEU D 96 35.83 -15.57 -15.54
C LEU D 96 37.23 -16.00 -15.08
N THR D 97 37.37 -17.25 -14.65
CA THR D 97 38.63 -17.76 -14.17
C THR D 97 39.65 -17.76 -15.32
N ASP D 98 39.21 -18.10 -16.54
CA ASP D 98 40.10 -18.12 -17.70
C ASP D 98 40.56 -16.70 -18.00
N LEU D 99 39.71 -15.72 -17.75
CA LEU D 99 39.95 -14.31 -18.04
C LEU D 99 40.81 -13.64 -16.96
N ILE D 100 40.54 -13.83 -15.68
CA ILE D 100 41.17 -12.98 -14.66
C ILE D 100 42.03 -13.80 -13.70
N GLY D 101 41.96 -15.15 -13.76
CA GLY D 101 42.75 -15.99 -12.90
C GLY D 101 42.17 -16.14 -11.51
N GLU D 102 43.08 -16.25 -10.54
CA GLU D 102 42.83 -16.63 -9.17
C GLU D 102 41.67 -15.85 -8.54
N PRO D 103 41.57 -14.51 -8.68
CA PRO D 103 40.49 -13.79 -8.02
C PRO D 103 39.08 -14.33 -8.32
N ALA D 104 38.88 -14.90 -9.52
CA ALA D 104 37.58 -15.42 -9.92
C ALA D 104 37.15 -16.53 -8.96
N LYS D 105 38.15 -17.21 -8.37
CA LYS D 105 37.92 -18.40 -7.56
C LYS D 105 37.48 -18.01 -6.17
N LYS D 106 37.44 -16.69 -5.84
CA LYS D 106 36.98 -16.22 -4.55
C LYS D 106 35.55 -15.73 -4.60
N LEU D 107 35.03 -15.64 -5.81
CA LEU D 107 33.67 -15.18 -6.03
C LEU D 107 32.71 -16.06 -5.26
N HIS D 108 32.89 -17.39 -5.23
CA HIS D 108 31.94 -18.30 -4.64
C HIS D 108 32.05 -18.44 -3.10
N THR D 109 32.90 -17.63 -2.45
CA THR D 109 32.98 -17.58 -1.01
C THR D 109 31.61 -17.26 -0.42
N ALA D 110 31.18 -18.02 0.59
CA ALA D 110 29.93 -17.74 1.31
C ALA D 110 28.74 -17.72 0.34
N ARG D 111 28.74 -18.64 -0.61
CA ARG D 111 27.63 -18.75 -1.54
C ARG D 111 27.55 -20.19 -2.03
N SER D 112 26.32 -20.61 -2.37
CA SER D 112 26.03 -21.89 -2.97
C SER D 112 25.40 -21.70 -4.34
N ARG D 113 25.38 -22.74 -5.16
CA ARG D 113 24.56 -22.61 -6.38
C ARG D 113 23.08 -22.61 -5.96
N ASN D 114 22.79 -23.11 -4.75
CA ASN D 114 21.39 -23.25 -4.36
C ASN D 114 20.75 -21.87 -4.12
N ASP D 115 21.47 -20.95 -3.45
CA ASP D 115 20.94 -19.61 -3.22
C ASP D 115 21.19 -18.75 -4.44
N GLN D 116 22.29 -19.00 -5.17
CA GLN D 116 22.58 -18.25 -6.38
C GLN D 116 21.46 -18.43 -7.42
N VAL D 117 21.03 -19.66 -7.68
CA VAL D 117 20.06 -19.86 -8.73
C VAL D 117 18.71 -19.28 -8.34
N ALA D 118 18.36 -19.37 -7.05
CA ALA D 118 17.09 -18.82 -6.61
C ALA D 118 17.09 -17.30 -6.80
N THR D 119 18.25 -16.67 -6.52
CA THR D 119 18.36 -15.23 -6.69
C THR D 119 18.23 -14.83 -8.15
N ASP D 120 18.97 -15.53 -8.99
CA ASP D 120 18.98 -15.23 -10.41
C ASP D 120 17.58 -15.41 -11.00
N PHE D 121 16.89 -16.46 -10.59
CA PHE D 121 15.56 -16.71 -11.22
C PHE D 121 14.55 -15.66 -10.77
N ARG D 122 14.56 -15.30 -9.49
CA ARG D 122 13.70 -14.21 -9.06
C ARG D 122 13.97 -12.92 -9.84
N LEU D 123 15.23 -12.55 -10.02
CA LEU D 123 15.52 -11.33 -10.76
C LEU D 123 15.01 -11.44 -12.19
N TRP D 124 15.15 -12.62 -12.84
CA TRP D 124 14.72 -12.78 -14.21
C TRP D 124 13.19 -12.64 -14.27
N CYS D 125 12.50 -13.26 -13.31
CA CYS D 125 11.06 -13.17 -13.22
C CYS D 125 10.55 -11.73 -13.03
N ARG D 126 11.23 -10.98 -12.16
CA ARG D 126 10.90 -9.59 -11.93
C ARG D 126 11.02 -8.80 -13.22
N ASP D 127 12.12 -8.99 -13.96
CA ASP D 127 12.27 -8.31 -15.23
C ASP D 127 11.19 -8.74 -16.23
N ALA D 128 10.88 -10.03 -16.30
CA ALA D 128 9.92 -10.51 -17.29
C ALA D 128 8.52 -9.96 -17.03
N ILE D 129 8.14 -9.92 -15.74
CA ILE D 129 6.89 -9.30 -15.33
C ILE D 129 6.82 -7.85 -15.75
N ASP D 130 7.91 -7.09 -15.51
CA ASP D 130 7.92 -5.69 -15.94
C ASP D 130 7.62 -5.59 -17.44
N THR D 131 8.25 -6.47 -18.26
CA THR D 131 8.06 -6.46 -19.70
C THR D 131 6.62 -6.83 -20.06
N ILE D 132 6.07 -7.86 -19.41
CA ILE D 132 4.68 -8.20 -19.69
C ILE D 132 3.71 -7.06 -19.39
N ILE D 133 3.90 -6.35 -18.29
CA ILE D 133 2.91 -5.29 -17.95
C ILE D 133 2.89 -4.21 -19.06
N VAL D 134 4.07 -3.91 -19.58
CA VAL D 134 4.17 -2.91 -20.69
C VAL D 134 3.37 -3.43 -21.92
N LYS D 135 3.54 -4.71 -22.20
CA LYS D 135 2.85 -5.29 -23.39
C LYS D 135 1.33 -5.33 -23.15
N ILE D 136 0.92 -5.59 -21.91
CA ILE D 136 -0.54 -5.60 -21.59
C ILE D 136 -1.12 -4.20 -21.82
N ARG D 137 -0.42 -3.19 -21.31
CA ARG D 137 -0.90 -1.80 -21.49
CA ARG D 137 -0.91 -1.79 -21.49
C ARG D 137 -1.03 -1.43 -22.99
N ASN D 138 -0.06 -1.94 -23.75
CA ASN D 138 -0.09 -1.69 -25.22
CA ASN D 138 -0.09 -1.69 -25.21
C ASN D 138 -1.33 -2.31 -25.91
N LEU D 139 -1.64 -3.53 -25.44
CA LEU D 139 -2.85 -4.21 -25.98
C LEU D 139 -4.13 -3.49 -25.52
N GLN D 140 -4.15 -3.08 -24.25
CA GLN D 140 -5.33 -2.33 -23.75
C GLN D 140 -5.52 -1.06 -24.59
N ARG D 141 -4.41 -0.37 -24.87
CA ARG D 141 -4.52 0.83 -25.74
C ARG D 141 -5.01 0.45 -27.14
N ALA D 142 -4.50 -0.66 -27.68
CA ALA D 142 -4.98 -1.10 -28.99
C ALA D 142 -6.49 -1.33 -28.95
N LEU D 143 -6.98 -1.98 -27.88
CA LEU D 143 -8.39 -2.24 -27.78
C LEU D 143 -9.19 -0.97 -27.57
N VAL D 144 -8.70 -0.06 -26.72
CA VAL D 144 -9.43 1.19 -26.52
C VAL D 144 -9.43 2.03 -27.80
N GLU D 145 -8.32 2.03 -28.54
CA GLU D 145 -8.29 2.75 -29.80
CA GLU D 145 -8.29 2.75 -29.80
C GLU D 145 -9.31 2.19 -30.78
N LEU D 146 -9.42 0.86 -30.86
CA LEU D 146 -10.39 0.21 -31.74
C LEU D 146 -11.82 0.57 -31.32
N ALA D 147 -12.05 0.60 -30.00
CA ALA D 147 -13.32 0.98 -29.41
C ALA D 147 -13.68 2.43 -29.79
N LEU D 148 -12.73 3.34 -29.70
CA LEU D 148 -12.97 4.73 -30.05
C LEU D 148 -13.29 4.87 -31.53
N LYS D 149 -12.60 4.16 -32.39
CA LYS D 149 -12.86 4.34 -33.84
C LYS D 149 -14.26 3.84 -34.19
N ASN D 150 -14.76 2.90 -33.42
CA ASN D 150 -16.03 2.28 -33.72
C ASN D 150 -17.05 2.52 -32.60
N GLU D 151 -17.03 3.71 -32.02
CA GLU D 151 -17.70 3.95 -30.74
C GLU D 151 -19.22 3.83 -30.89
N ALA D 152 -19.78 4.11 -32.08
CA ALA D 152 -21.23 4.10 -32.30
C ALA D 152 -21.76 2.78 -32.83
N LEU D 153 -20.88 1.82 -33.09
CA LEU D 153 -21.33 0.56 -33.67
C LEU D 153 -22.08 -0.32 -32.67
N ILE D 154 -23.29 -0.71 -33.04
CA ILE D 154 -24.09 -1.67 -32.27
C ILE D 154 -23.94 -3.07 -32.82
N VAL D 155 -23.71 -4.03 -31.90
CA VAL D 155 -23.66 -5.44 -32.24
C VAL D 155 -24.57 -6.15 -31.26
N PRO D 156 -24.93 -7.42 -31.49
CA PRO D 156 -25.64 -8.16 -30.46
C PRO D 156 -24.70 -8.50 -29.32
N GLY D 157 -25.28 -8.56 -28.13
CA GLY D 157 -24.70 -9.22 -26.97
C GLY D 157 -25.33 -10.58 -26.79
N TYR D 158 -24.52 -11.57 -26.42
CA TYR D 158 -24.94 -12.97 -26.44
C TYR D 158 -24.95 -13.63 -25.06
N THR D 159 -25.97 -14.46 -24.86
CA THR D 159 -25.91 -15.45 -23.80
C THR D 159 -26.28 -16.75 -24.46
N HIS D 160 -25.52 -17.82 -24.14
CA HIS D 160 -25.77 -19.14 -24.72
C HIS D 160 -25.57 -19.13 -26.24
N LEU D 161 -24.78 -18.17 -26.73
CA LEU D 161 -24.57 -17.93 -28.15
C LEU D 161 -25.89 -17.65 -28.86
N GLN D 162 -26.87 -17.08 -28.13
CA GLN D 162 -28.11 -16.55 -28.66
C GLN D 162 -28.14 -15.05 -28.42
N ARG D 163 -28.67 -14.30 -29.38
CA ARG D 163 -28.70 -12.85 -29.25
C ARG D 163 -29.66 -12.44 -28.15
N ALA D 164 -29.19 -11.65 -27.18
CA ALA D 164 -29.93 -11.34 -26.00
C ALA D 164 -30.33 -9.87 -25.95
N GLN D 165 -29.38 -8.97 -26.13
CA GLN D 165 -29.67 -7.54 -26.05
CA GLN D 165 -29.53 -7.54 -25.93
C GLN D 165 -28.71 -6.84 -26.99
N PRO D 166 -29.01 -5.59 -27.43
CA PRO D 166 -28.10 -4.83 -28.26
C PRO D 166 -27.05 -4.20 -27.35
N VAL D 167 -25.81 -4.24 -27.81
CA VAL D 167 -24.73 -3.58 -27.05
C VAL D 167 -23.85 -2.78 -27.99
N LEU D 168 -23.05 -1.87 -27.41
CA LEU D 168 -22.08 -1.16 -28.22
C LEU D 168 -20.75 -1.94 -28.32
N LEU D 169 -20.18 -1.97 -29.51
CA LEU D 169 -18.89 -2.61 -29.76
CA LEU D 169 -18.89 -2.60 -29.76
C LEU D 169 -17.86 -2.14 -28.72
N PRO D 170 -17.70 -0.84 -28.39
CA PRO D 170 -16.76 -0.44 -27.35
C PRO D 170 -17.00 -1.09 -26.00
N HIS D 171 -18.26 -1.36 -25.66
CA HIS D 171 -18.54 -2.01 -24.40
C HIS D 171 -18.00 -3.44 -24.40
N VAL D 172 -18.13 -4.14 -25.52
CA VAL D 172 -17.58 -5.47 -25.66
C VAL D 172 -16.06 -5.43 -25.53
N LEU D 173 -15.39 -4.52 -26.25
CA LEU D 173 -13.94 -4.44 -26.17
C LEU D 173 -13.43 -4.07 -24.79
N LEU D 174 -14.19 -3.20 -24.07
CA LEU D 174 -13.82 -2.83 -22.71
C LEU D 174 -13.92 -4.05 -21.78
N THR D 175 -14.71 -5.08 -22.12
CA THR D 175 -14.67 -6.32 -21.33
C THR D 175 -13.24 -6.84 -21.24
N PHE D 176 -12.60 -6.93 -22.41
CA PHE D 176 -11.25 -7.46 -22.49
C PHE D 176 -10.25 -6.53 -21.80
N VAL D 177 -10.47 -5.22 -21.91
CA VAL D 177 -9.57 -4.31 -21.23
C VAL D 177 -9.67 -4.50 -19.71
N GLU D 178 -10.88 -4.69 -19.20
CA GLU D 178 -11.07 -4.93 -17.74
C GLU D 178 -10.46 -6.28 -17.32
N GLN D 179 -10.62 -7.31 -18.15
CA GLN D 179 -9.96 -8.58 -17.88
C GLN D 179 -8.45 -8.39 -17.72
N LEU D 180 -7.86 -7.68 -18.70
CA LEU D 180 -6.43 -7.48 -18.68
C LEU D 180 -5.97 -6.64 -17.51
N GLU D 181 -6.87 -5.80 -16.99
CA GLU D 181 -6.51 -4.96 -15.81
C GLU D 181 -6.38 -5.84 -14.57
N ARG D 182 -7.28 -6.83 -14.47
CA ARG D 182 -7.09 -7.79 -13.39
C ARG D 182 -5.79 -8.59 -13.56
N ASP D 183 -5.49 -8.99 -14.80
CA ASP D 183 -4.21 -9.65 -15.07
C ASP D 183 -3.07 -8.74 -14.57
N ALA D 184 -3.06 -7.48 -15.00
CA ALA D 184 -1.96 -6.58 -14.59
C ALA D 184 -1.86 -6.52 -13.06
N GLY D 185 -3.01 -6.49 -12.39
CA GLY D 185 -3.02 -6.48 -10.95
C GLY D 185 -2.35 -7.72 -10.35
N ARG D 186 -2.65 -8.87 -10.93
CA ARG D 186 -2.02 -10.09 -10.49
C ARG D 186 -0.50 -10.05 -10.73
N TYR D 187 -0.09 -9.51 -11.88
CA TYR D 187 1.34 -9.39 -12.16
C TYR D 187 2.00 -8.49 -11.09
N VAL D 188 1.36 -7.35 -10.77
CA VAL D 188 1.92 -6.45 -9.76
C VAL D 188 2.03 -7.13 -8.41
N ASP D 189 0.99 -7.88 -8.02
CA ASP D 189 1.00 -8.52 -6.72
C ASP D 189 2.04 -9.64 -6.68
N CYS D 190 2.14 -10.39 -7.78
CA CYS D 190 3.12 -11.47 -7.87
C CYS D 190 4.56 -10.93 -7.77
N ARG D 191 4.82 -9.83 -8.49
CA ARG D 191 6.13 -9.17 -8.44
C ARG D 191 6.50 -8.74 -7.03
N ALA D 192 5.54 -8.18 -6.27
CA ALA D 192 5.87 -7.70 -4.94
C ALA D 192 6.22 -8.89 -4.05
N ARG D 193 5.48 -10.01 -4.19
CA ARG D 193 5.68 -11.14 -3.33
C ARG D 193 6.98 -11.87 -3.60
N LEU D 194 7.44 -11.84 -4.86
CA LEU D 194 8.68 -12.51 -5.22
C LEU D 194 9.92 -11.72 -4.89
N ASN D 195 9.72 -10.41 -4.59
CA ASN D 195 10.83 -9.47 -4.48
C ASN D 195 11.51 -9.46 -3.11
N PHE D 196 11.86 -10.66 -2.64
CA PHE D 196 12.56 -10.92 -1.42
C PHE D 196 13.80 -11.75 -1.77
N SER D 197 14.92 -11.46 -1.13
CA SER D 197 16.21 -12.01 -1.57
C SER D 197 16.57 -13.33 -0.91
N PRO D 198 16.84 -14.40 -1.67
CA PRO D 198 17.38 -15.61 -1.07
C PRO D 198 18.89 -15.65 -0.89
N LEU D 199 19.59 -14.65 -1.40
CA LEU D 199 21.03 -14.70 -1.44
C LEU D 199 21.56 -14.61 -0.01
N GLY D 200 22.43 -15.54 0.33
CA GLY D 200 22.99 -15.59 1.68
C GLY D 200 22.40 -16.74 2.49
N ALA D 201 21.42 -17.45 1.90
CA ALA D 201 20.99 -18.71 2.47
C ALA D 201 22.05 -19.79 2.30
N CYS D 202 22.99 -19.64 1.38
CA CYS D 202 24.00 -20.65 1.10
C CYS D 202 23.34 -21.96 0.69
N ALA D 203 23.86 -23.09 1.15
CA ALA D 203 23.32 -24.35 0.70
C ALA D 203 21.89 -24.58 1.20
N LEU D 204 21.61 -24.11 2.41
CA LEU D 204 20.27 -24.16 2.99
CA LEU D 204 20.28 -24.17 2.99
C LEU D 204 20.26 -23.56 4.40
N ALA D 205 21.41 -23.45 5.08
CA ALA D 205 21.43 -23.16 6.51
C ALA D 205 22.00 -21.80 6.88
N GLY D 206 22.38 -21.04 5.86
CA GLY D 206 23.12 -19.81 6.07
C GLY D 206 24.62 -20.05 6.20
N THR D 207 25.33 -19.15 6.87
CA THR D 207 26.79 -19.25 7.00
C THR D 207 27.19 -18.63 8.34
N GLY D 208 28.40 -18.98 8.79
CA GLY D 208 29.02 -18.24 9.88
C GLY D 208 30.03 -17.19 9.40
N LEU D 209 30.27 -17.07 8.11
CA LEU D 209 31.10 -15.98 7.59
C LEU D 209 30.34 -14.67 7.68
N PRO D 210 31.06 -13.55 7.94
CA PRO D 210 30.40 -12.27 8.17
C PRO D 210 29.91 -11.58 6.91
N ILE D 211 29.01 -12.25 6.20
CA ILE D 211 28.35 -11.60 5.07
C ILE D 211 27.34 -10.57 5.59
N ASP D 212 26.70 -9.85 4.67
CA ASP D 212 25.54 -9.05 5.03
C ASP D 212 24.45 -9.21 3.97
N ARG D 213 23.34 -9.87 4.29
CA ARG D 213 22.27 -10.15 3.32
C ARG D 213 21.44 -8.91 2.99
N PHE D 214 21.35 -7.96 3.94
CA PHE D 214 20.64 -6.71 3.65
C PHE D 214 21.33 -5.91 2.56
N MET D 215 22.65 -5.93 2.60
CA MET D 215 23.47 -5.18 1.63
C MET D 215 23.22 -5.71 0.21
N THR D 216 23.26 -7.05 0.03
CA THR D 216 23.04 -7.60 -1.30
C THR D 216 21.57 -7.45 -1.72
N ALA D 217 20.61 -7.57 -0.79
CA ALA D 217 19.21 -7.37 -1.15
C ALA D 217 19.00 -5.95 -1.68
N ASN D 218 19.56 -4.96 -0.96
CA ASN D 218 19.50 -3.56 -1.37
C ASN D 218 20.11 -3.37 -2.75
N ALA D 219 21.29 -3.92 -2.96
CA ALA D 219 21.97 -3.73 -4.23
C ALA D 219 21.19 -4.28 -5.42
N LEU D 220 20.44 -5.36 -5.16
CA LEU D 220 19.72 -6.06 -6.22
C LEU D 220 18.26 -5.62 -6.30
N GLY D 221 17.84 -4.65 -5.48
CA GLY D 221 16.49 -4.13 -5.57
C GLY D 221 15.42 -4.95 -4.86
N PHE D 222 15.83 -5.94 -4.09
CA PHE D 222 14.85 -6.68 -3.33
C PHE D 222 14.37 -5.87 -2.14
N THR D 223 13.12 -6.11 -1.70
CA THR D 223 12.54 -5.42 -0.56
C THR D 223 13.36 -5.67 0.68
N GLU D 224 13.65 -6.94 0.97
CA GLU D 224 14.48 -7.32 2.10
C GLU D 224 14.92 -8.76 1.88
N PRO D 225 15.83 -9.29 2.70
CA PRO D 225 16.18 -10.72 2.68
C PRO D 225 15.04 -11.60 3.15
N MET D 226 14.94 -12.79 2.55
CA MET D 226 14.02 -13.80 3.08
C MET D 226 14.47 -14.21 4.49
N ARG D 227 13.51 -14.37 5.40
CA ARG D 227 13.80 -14.60 6.81
C ARG D 227 14.19 -16.02 7.14
N ASN D 228 14.14 -16.96 6.16
CA ASN D 228 14.45 -18.34 6.48
C ASN D 228 15.30 -18.97 5.35
N SER D 229 16.52 -19.38 5.68
CA SER D 229 17.48 -19.91 4.73
C SER D 229 16.98 -21.18 4.04
N ILE D 230 16.30 -22.07 4.78
CA ILE D 230 15.77 -23.30 4.18
C ILE D 230 14.69 -22.93 3.19
N ASP D 231 13.77 -22.04 3.55
CA ASP D 231 12.76 -21.52 2.65
C ASP D 231 13.39 -20.90 1.40
N ALA D 232 14.46 -20.13 1.59
CA ALA D 232 15.11 -19.42 0.49
C ALA D 232 15.56 -20.37 -0.61
N VAL D 233 16.08 -21.54 -0.26
CA VAL D 233 16.60 -22.45 -1.28
C VAL D 233 15.52 -23.40 -1.77
N SER D 234 14.47 -23.61 -0.98
CA SER D 234 13.48 -24.62 -1.32
C SER D 234 12.23 -24.04 -1.97
N ASP D 235 12.06 -22.71 -2.01
CA ASP D 235 10.84 -22.08 -2.45
C ASP D 235 10.85 -21.82 -3.95
N ARG D 236 9.79 -22.24 -4.64
CA ARG D 236 9.54 -21.80 -6.01
C ARG D 236 8.11 -21.26 -6.22
N ASP D 237 7.51 -20.70 -5.15
CA ASP D 237 6.16 -20.19 -5.26
C ASP D 237 6.08 -19.06 -6.27
N PHE D 238 7.14 -18.28 -6.40
CA PHE D 238 7.14 -17.18 -7.36
C PHE D 238 7.00 -17.71 -8.80
N VAL D 239 7.55 -18.91 -9.06
CA VAL D 239 7.36 -19.50 -10.37
C VAL D 239 5.90 -19.91 -10.54
N LEU D 240 5.40 -20.62 -9.52
CA LEU D 240 4.00 -21.03 -9.57
C LEU D 240 3.01 -19.89 -9.82
N GLU D 241 3.20 -18.79 -9.08
CA GLU D 241 2.28 -17.68 -9.14
C GLU D 241 2.37 -16.97 -10.50
N PHE D 242 3.61 -16.86 -11.00
CA PHE D 242 3.82 -16.25 -12.31
C PHE D 242 3.21 -17.14 -13.39
N LEU D 243 3.41 -18.45 -13.25
CA LEU D 243 2.78 -19.37 -14.22
C LEU D 243 1.26 -19.29 -14.21
N TYR D 244 0.65 -19.23 -13.00
CA TYR D 244 -0.79 -19.08 -12.92
C TYR D 244 -1.22 -17.76 -13.54
N THR D 245 -0.50 -16.67 -13.19
CA THR D 245 -0.95 -15.40 -13.70
C THR D 245 -0.89 -15.39 -15.25
N ASN D 246 0.17 -15.98 -15.82
CA ASN D 246 0.22 -16.15 -17.28
C ASN D 246 -0.96 -16.97 -17.79
N ALA D 247 -1.33 -18.04 -17.03
CA ALA D 247 -2.40 -18.90 -17.48
C ALA D 247 -3.75 -18.18 -17.49
N ASN D 248 -4.02 -17.30 -16.49
CA ASN D 248 -5.28 -16.57 -16.49
C ASN D 248 -5.30 -15.49 -17.60
N THR D 249 -4.13 -14.87 -17.86
CA THR D 249 -4.09 -13.90 -18.95
C THR D 249 -4.40 -14.67 -20.26
N GLY D 250 -3.81 -15.86 -20.35
CA GLY D 250 -3.99 -16.69 -21.54
C GLY D 250 -5.44 -17.10 -21.73
N ILE D 251 -6.14 -17.38 -20.64
CA ILE D 251 -7.59 -17.62 -20.65
CA ILE D 251 -7.55 -17.66 -20.79
C ILE D 251 -8.32 -16.45 -21.33
N HIS D 252 -8.05 -15.23 -20.88
CA HIS D 252 -8.67 -14.06 -21.46
C HIS D 252 -8.42 -13.99 -22.96
N LEU D 253 -7.15 -14.19 -23.34
CA LEU D 253 -6.81 -14.08 -24.75
C LEU D 253 -7.47 -15.22 -25.53
N SER D 254 -7.67 -16.40 -24.91
CA SER D 254 -8.34 -17.50 -25.61
C SER D 254 -9.80 -17.16 -25.89
N ARG D 255 -10.43 -16.39 -25.00
CA ARG D 255 -11.82 -15.95 -25.20
C ARG D 255 -11.88 -14.85 -26.24
N LEU D 256 -10.89 -13.93 -26.25
CA LEU D 256 -10.76 -12.98 -27.36
C LEU D 256 -10.60 -13.72 -28.69
N GLY D 257 -9.77 -14.74 -28.68
CA GLY D 257 -9.52 -15.55 -29.87
C GLY D 257 -10.82 -16.22 -30.35
N GLU D 258 -11.55 -16.86 -29.43
CA GLU D 258 -12.80 -17.48 -29.79
C GLU D 258 -13.73 -16.44 -30.42
N GLU D 259 -13.83 -15.29 -29.76
CA GLU D 259 -14.80 -14.28 -30.23
C GLU D 259 -14.42 -13.78 -31.63
N TRP D 260 -13.13 -13.51 -31.82
CA TRP D 260 -12.72 -12.97 -33.10
C TRP D 260 -12.73 -14.02 -34.21
N VAL D 261 -12.45 -15.29 -33.92
CA VAL D 261 -12.64 -16.32 -34.94
C VAL D 261 -14.12 -16.42 -35.34
N LEU D 262 -15.04 -16.30 -34.38
CA LEU D 262 -16.48 -16.29 -34.66
C LEU D 262 -16.84 -15.06 -35.47
N TRP D 263 -16.37 -13.90 -35.07
CA TRP D 263 -16.76 -12.67 -35.75
C TRP D 263 -16.23 -12.66 -37.19
N ALA D 264 -15.10 -13.33 -37.42
CA ALA D 264 -14.51 -13.42 -38.76
C ALA D 264 -15.22 -14.42 -39.67
N SER D 265 -16.06 -15.30 -39.11
CA SER D 265 -16.87 -16.22 -39.92
C SER D 265 -17.81 -15.47 -40.85
N GLU D 266 -18.22 -16.12 -41.94
CA GLU D 266 -19.25 -15.52 -42.79
C GLU D 266 -20.61 -15.57 -42.10
N GLU D 267 -20.81 -16.53 -41.18
CA GLU D 267 -22.10 -16.64 -40.52
C GLU D 267 -22.40 -15.42 -39.63
N PHE D 268 -21.39 -14.98 -38.84
CA PHE D 268 -21.50 -13.73 -38.11
C PHE D 268 -21.36 -12.58 -39.09
N GLY D 269 -20.22 -12.56 -39.79
CA GLY D 269 -19.94 -11.57 -40.82
C GLY D 269 -19.60 -10.21 -40.21
N PHE D 270 -19.18 -10.16 -38.96
CA PHE D 270 -18.96 -8.87 -38.32
C PHE D 270 -17.64 -8.21 -38.65
N MET D 271 -16.61 -9.00 -38.87
CA MET D 271 -15.23 -8.50 -38.94
C MET D 271 -14.52 -9.08 -40.14
N THR D 272 -13.69 -8.25 -40.77
CA THR D 272 -12.76 -8.68 -41.81
C THR D 272 -11.33 -8.40 -41.38
N PRO D 273 -10.50 -9.44 -41.20
CA PRO D 273 -9.08 -9.25 -40.94
C PRO D 273 -8.40 -8.76 -42.20
N SER D 274 -7.27 -8.04 -42.03
CA SER D 274 -6.50 -7.66 -43.19
C SER D 274 -5.74 -8.86 -43.72
N ASP D 275 -5.23 -8.74 -44.96
CA ASP D 275 -4.42 -9.80 -45.51
C ASP D 275 -3.18 -10.06 -44.67
N SER D 276 -2.64 -9.05 -43.99
CA SER D 276 -1.41 -9.27 -43.26
C SER D 276 -1.63 -10.11 -41.99
N VAL D 277 -2.89 -10.30 -41.56
CA VAL D 277 -3.15 -11.08 -40.35
C VAL D 277 -4.09 -12.24 -40.62
N SER D 278 -4.07 -12.73 -41.84
CA SER D 278 -4.92 -13.83 -42.25
C SER D 278 -4.23 -14.66 -43.32
N THR D 279 -4.82 -15.83 -43.58
CA THR D 279 -4.42 -16.69 -44.67
C THR D 279 -5.64 -16.97 -45.54
N GLY D 280 -5.38 -17.50 -46.75
CA GLY D 280 -6.53 -17.76 -47.60
C GLY D 280 -6.20 -18.77 -48.70
N SER D 281 -6.99 -18.68 -49.77
CA SER D 281 -6.98 -19.62 -50.88
C SER D 281 -7.03 -18.81 -52.16
N SER D 282 -6.16 -19.08 -53.12
CA SER D 282 -6.27 -18.38 -54.40
C SER D 282 -7.55 -18.74 -55.16
N ILE D 283 -8.16 -19.92 -54.89
CA ILE D 283 -9.36 -20.28 -55.63
C ILE D 283 -10.63 -19.89 -54.91
N MET D 284 -10.52 -19.52 -53.64
CA MET D 284 -11.67 -19.00 -52.90
C MET D 284 -11.28 -17.69 -52.21
N PRO D 285 -11.20 -16.60 -53.00
CA PRO D 285 -10.49 -15.39 -52.56
C PRO D 285 -11.20 -14.60 -51.47
N GLN D 286 -12.45 -14.91 -51.16
CA GLN D 286 -13.12 -14.26 -50.05
C GLN D 286 -12.97 -15.05 -48.74
N LYS D 287 -12.31 -16.21 -48.81
CA LYS D 287 -12.06 -17.02 -47.61
C LYS D 287 -10.88 -16.36 -46.89
N LYS D 288 -11.09 -15.89 -45.65
CA LYS D 288 -10.02 -15.21 -44.92
C LYS D 288 -9.91 -15.89 -43.56
N ASN D 289 -8.92 -16.75 -43.40
CA ASN D 289 -8.73 -17.55 -42.23
C ASN D 289 -8.06 -16.67 -41.16
N PRO D 290 -8.57 -16.58 -39.94
CA PRO D 290 -7.94 -15.74 -38.90
C PRO D 290 -6.88 -16.48 -38.09
N ASP D 291 -5.89 -17.07 -38.77
CA ASP D 291 -4.92 -17.95 -38.15
C ASP D 291 -4.32 -17.35 -36.89
N PRO D 292 -3.92 -16.07 -36.83
CA PRO D 292 -3.24 -15.59 -35.62
C PRO D 292 -4.11 -15.73 -34.39
N MET D 293 -5.41 -15.44 -34.52
CA MET D 293 -6.25 -15.55 -33.34
C MET D 293 -6.59 -17.00 -33.00
N GLU D 294 -6.64 -17.90 -34.01
CA GLU D 294 -6.78 -19.30 -33.70
C GLU D 294 -5.58 -19.78 -32.91
N LEU D 295 -4.37 -19.34 -33.27
CA LEU D 295 -3.15 -19.72 -32.58
CA LEU D 295 -3.15 -19.71 -32.57
C LEU D 295 -3.08 -19.08 -31.18
N VAL D 296 -3.60 -17.87 -31.01
CA VAL D 296 -3.70 -17.27 -29.69
C VAL D 296 -4.55 -18.18 -28.81
N ARG D 297 -5.72 -18.59 -29.36
CA ARG D 297 -6.61 -19.48 -28.63
C ARG D 297 -5.88 -20.76 -28.27
N GLY D 298 -5.21 -21.38 -29.25
CA GLY D 298 -4.55 -22.64 -28.98
C GLY D 298 -3.38 -22.55 -28.02
N LYS D 299 -2.66 -21.43 -28.06
CA LYS D 299 -1.50 -21.31 -27.19
C LYS D 299 -1.84 -21.11 -25.73
N SER D 300 -3.10 -20.80 -25.43
CA SER D 300 -3.51 -20.80 -24.03
C SER D 300 -3.28 -22.18 -23.42
N ALA D 301 -3.40 -23.25 -24.21
CA ALA D 301 -3.25 -24.61 -23.71
C ALA D 301 -1.84 -24.85 -23.14
N ARG D 302 -0.80 -24.49 -23.88
CA ARG D 302 0.55 -24.78 -23.38
C ARG D 302 0.86 -23.96 -22.11
N VAL D 303 0.25 -22.77 -21.98
CA VAL D 303 0.44 -21.98 -20.77
C VAL D 303 -0.18 -22.69 -19.54
N ILE D 304 -1.33 -23.32 -19.75
CA ILE D 304 -1.95 -24.15 -18.72
C ILE D 304 -1.05 -25.34 -18.45
N GLY D 305 -0.57 -26.02 -19.51
CA GLY D 305 0.32 -27.14 -19.26
C GLY D 305 1.63 -26.84 -18.51
N ASP D 306 2.18 -25.65 -18.75
CA ASP D 306 3.39 -25.20 -18.08
C ASP D 306 3.11 -25.02 -16.58
N LEU D 307 1.95 -24.49 -16.26
CA LEU D 307 1.55 -24.39 -14.86
C LEU D 307 1.46 -25.77 -14.19
N VAL D 308 0.73 -26.67 -14.86
CA VAL D 308 0.60 -28.01 -14.30
C VAL D 308 1.95 -28.67 -14.10
N THR D 309 2.89 -28.46 -15.04
CA THR D 309 4.21 -29.05 -14.89
C THR D 309 4.81 -28.67 -13.53
N VAL D 310 4.85 -27.36 -13.22
CA VAL D 310 5.58 -26.97 -12.02
C VAL D 310 4.78 -27.27 -10.73
N LEU D 311 3.45 -27.22 -10.84
CA LEU D 311 2.65 -27.67 -9.68
C LEU D 311 3.00 -29.12 -9.35
N THR D 312 2.99 -30.00 -10.37
CA THR D 312 3.29 -31.42 -10.18
CA THR D 312 3.26 -31.41 -10.10
C THR D 312 4.73 -31.64 -9.72
N LEU D 313 5.68 -30.82 -10.24
CA LEU D 313 7.08 -30.94 -9.86
C LEU D 313 7.28 -30.70 -8.34
N CYS D 314 6.55 -29.68 -7.81
CA CYS D 314 6.70 -29.28 -6.42
C CYS D 314 5.95 -30.20 -5.47
N LYS D 315 4.84 -30.80 -5.95
CA LYS D 315 4.03 -31.66 -5.09
C LYS D 315 4.87 -32.75 -4.48
N GLY D 316 4.74 -32.93 -3.16
CA GLY D 316 5.34 -34.03 -2.43
C GLY D 316 6.87 -34.01 -2.36
N LEU D 317 7.54 -32.89 -2.72
CA LEU D 317 8.99 -32.87 -2.63
C LEU D 317 9.47 -32.63 -1.21
N PRO D 318 10.45 -33.41 -0.69
CA PRO D 318 11.00 -33.10 0.63
C PRO D 318 11.80 -31.79 0.57
N LEU D 319 12.12 -31.29 1.77
CA LEU D 319 13.07 -30.18 1.88
C LEU D 319 14.50 -30.71 1.69
N ALA D 320 15.48 -29.84 1.41
CA ALA D 320 15.35 -28.43 1.09
C ALA D 320 15.53 -28.15 -0.40
N TYR D 321 16.69 -28.50 -0.94
CA TYR D 321 16.99 -28.40 -2.39
C TYR D 321 17.04 -29.81 -2.96
N ASN D 322 16.41 -30.01 -4.15
CA ASN D 322 16.43 -31.29 -4.84
C ASN D 322 16.68 -30.99 -6.32
N ARG D 323 17.35 -31.92 -7.01
CA ARG D 323 17.71 -31.73 -8.43
C ARG D 323 16.44 -31.58 -9.29
N ASP D 324 15.30 -32.04 -8.78
CA ASP D 324 14.05 -31.87 -9.53
C ASP D 324 13.84 -30.41 -9.95
N PHE D 325 14.26 -29.49 -9.09
CA PHE D 325 13.99 -28.09 -9.39
C PHE D 325 14.62 -27.60 -10.67
N GLN D 326 15.60 -28.31 -11.24
CA GLN D 326 16.10 -27.92 -12.55
C GLN D 326 14.99 -27.83 -13.59
N GLU D 327 13.90 -28.58 -13.40
CA GLU D 327 12.77 -28.62 -14.31
C GLU D 327 11.80 -27.44 -14.17
N ASP D 328 12.09 -26.49 -13.30
CA ASP D 328 11.18 -25.36 -13.19
C ASP D 328 11.49 -24.24 -14.16
N LYS D 329 12.61 -24.29 -14.88
CA LYS D 329 12.99 -23.16 -15.73
C LYS D 329 12.30 -23.17 -17.11
N GLU D 330 12.42 -24.30 -17.79
CA GLU D 330 11.87 -24.43 -19.12
C GLU D 330 10.39 -24.05 -19.14
N PRO D 331 9.54 -24.55 -18.20
CA PRO D 331 8.14 -24.16 -18.27
C PRO D 331 7.90 -22.66 -18.08
N MET D 332 8.72 -22.07 -17.20
CA MET D 332 8.57 -20.64 -16.95
C MET D 332 8.96 -19.89 -18.21
N PHE D 333 10.09 -20.30 -18.82
CA PHE D 333 10.52 -19.59 -20.00
C PHE D 333 9.51 -19.76 -21.14
N ASP D 334 8.94 -20.96 -21.27
CA ASP D 334 7.98 -21.21 -22.33
C ASP D 334 6.71 -20.38 -22.14
N SER D 335 6.20 -20.42 -20.90
CA SER D 335 4.97 -19.73 -20.54
C SER D 335 5.08 -18.22 -20.80
N THR D 336 6.25 -17.69 -20.43
CA THR D 336 6.54 -16.27 -20.58
C THR D 336 6.66 -15.91 -22.05
N LYS D 337 7.43 -16.64 -22.85
CA LYS D 337 7.55 -16.36 -24.26
C LYS D 337 6.18 -16.43 -24.95
N THR D 338 5.41 -17.47 -24.55
CA THR D 338 4.12 -17.69 -25.15
C THR D 338 3.20 -16.52 -24.86
N ILE D 339 3.04 -16.15 -23.57
CA ILE D 339 2.10 -15.09 -23.24
C ILE D 339 2.49 -13.75 -23.87
N MET D 340 3.80 -13.45 -23.94
CA MET D 340 4.22 -12.19 -24.56
C MET D 340 3.79 -12.20 -26.01
N GLY D 341 4.00 -13.35 -26.70
CA GLY D 341 3.60 -13.42 -28.09
C GLY D 341 2.09 -13.28 -28.28
N MET D 342 1.33 -13.98 -27.41
CA MET D 342 -0.13 -13.94 -27.49
C MET D 342 -0.64 -12.51 -27.33
N ILE D 343 -0.03 -11.77 -26.40
CA ILE D 343 -0.43 -10.40 -26.09
C ILE D 343 -0.13 -9.50 -27.30
N ASP D 344 1.10 -9.59 -27.78
CA ASP D 344 1.52 -8.74 -28.88
C ASP D 344 0.80 -9.03 -30.19
N VAL D 345 0.52 -10.30 -30.48
CA VAL D 345 -0.17 -10.65 -31.71
C VAL D 345 -1.64 -10.24 -31.63
N SER D 346 -2.25 -10.36 -30.45
CA SER D 346 -3.62 -9.85 -30.27
C SER D 346 -3.70 -8.35 -30.52
N ALA D 347 -2.68 -7.60 -30.06
CA ALA D 347 -2.62 -6.16 -30.29
C ALA D 347 -2.45 -5.83 -31.78
N GLU D 348 -1.60 -6.58 -32.49
CA GLU D 348 -1.47 -6.37 -33.91
C GLU D 348 -2.78 -6.69 -34.61
N PHE D 349 -3.45 -7.78 -34.23
CA PHE D 349 -4.69 -8.17 -34.87
C PHE D 349 -5.74 -7.06 -34.69
N ALA D 350 -5.84 -6.50 -33.50
CA ALA D 350 -6.76 -5.41 -33.18
C ALA D 350 -6.55 -4.19 -34.08
N GLN D 351 -5.29 -3.98 -34.51
CA GLN D 351 -4.95 -2.88 -35.41
C GLN D 351 -5.16 -3.21 -36.88
N ASN D 352 -5.57 -4.42 -37.22
CA ASN D 352 -5.67 -4.90 -38.59
C ASN D 352 -7.00 -5.58 -38.85
N VAL D 353 -8.08 -5.07 -38.26
CA VAL D 353 -9.44 -5.55 -38.49
C VAL D 353 -10.36 -4.37 -38.80
N THR D 354 -11.33 -4.62 -39.68
CA THR D 354 -12.39 -3.68 -39.98
C THR D 354 -13.73 -4.35 -39.68
N PHE D 355 -14.68 -3.56 -39.21
CA PHE D 355 -16.03 -4.03 -38.98
C PHE D 355 -16.91 -3.80 -40.20
N ASN D 356 -17.77 -4.79 -40.46
CA ASN D 356 -18.60 -4.84 -41.66
C ASN D 356 -19.95 -4.23 -41.30
N GLU D 357 -20.01 -2.90 -41.35
CA GLU D 357 -21.10 -2.18 -40.73
C GLU D 357 -22.44 -2.44 -41.39
N ASP D 358 -22.49 -2.57 -42.73
CA ASP D 358 -23.74 -2.86 -43.42
CA ASP D 358 -23.77 -2.83 -43.38
C ASP D 358 -24.25 -4.25 -43.04
N ARG D 359 -23.35 -5.25 -43.04
CA ARG D 359 -23.74 -6.61 -42.69
C ARG D 359 -24.30 -6.67 -41.27
N ILE D 360 -23.62 -5.99 -40.34
CA ILE D 360 -24.07 -6.00 -38.91
C ILE D 360 -25.45 -5.32 -38.82
N LYS D 361 -25.60 -4.15 -39.44
CA LYS D 361 -26.84 -3.40 -39.30
C LYS D 361 -28.03 -4.21 -39.84
N LYS D 362 -27.84 -4.90 -40.96
CA LYS D 362 -28.92 -5.58 -41.64
C LYS D 362 -29.40 -6.78 -40.81
N SER D 363 -28.52 -7.31 -39.95
CA SER D 363 -28.87 -8.50 -39.19
C SER D 363 -29.64 -8.17 -37.91
N LEU D 364 -29.49 -6.97 -37.39
CA LEU D 364 -30.04 -6.62 -36.05
C LEU D 364 -31.57 -6.62 -35.93
N PRO D 365 -32.33 -6.13 -36.92
CA PRO D 365 -33.78 -5.96 -36.71
C PRO D 365 -34.61 -7.20 -36.41
N ALA D 366 -34.24 -8.35 -36.96
CA ALA D 366 -35.06 -9.54 -36.86
C ALA D 366 -35.00 -10.14 -35.45
N GLY D 367 -34.04 -9.71 -34.61
CA GLY D 367 -33.86 -10.37 -33.33
C GLY D 367 -34.76 -9.82 -32.21
N HIS D 368 -35.46 -8.69 -32.43
CA HIS D 368 -36.30 -8.06 -31.42
C HIS D 368 -35.48 -7.77 -30.15
N LEU D 369 -34.26 -7.26 -30.38
CA LEU D 369 -33.33 -6.99 -29.30
C LEU D 369 -33.81 -5.86 -28.37
N ASP D 370 -34.80 -5.09 -28.82
CA ASP D 370 -35.45 -4.04 -28.04
C ASP D 370 -36.49 -4.59 -27.07
N ALA D 371 -36.70 -5.90 -27.01
CA ALA D 371 -37.79 -6.42 -26.20
C ALA D 371 -37.62 -6.03 -24.72
N THR D 372 -36.40 -6.19 -24.17
CA THR D 372 -36.16 -5.91 -22.75
C THR D 372 -36.31 -4.42 -22.47
N THR D 373 -35.97 -3.56 -23.44
CA THR D 373 -36.15 -2.13 -23.25
C THR D 373 -37.64 -1.81 -23.15
N LEU D 374 -38.47 -2.50 -23.95
CA LEU D 374 -39.90 -2.30 -23.85
C LEU D 374 -40.45 -2.80 -22.51
N ALA D 375 -39.93 -3.94 -22.03
CA ALA D 375 -40.31 -4.43 -20.71
C ALA D 375 -39.93 -3.42 -19.63
N ASP D 376 -38.80 -2.73 -19.78
CA ASP D 376 -38.36 -1.70 -18.83
C ASP D 376 -39.36 -0.53 -18.85
N TYR D 377 -39.75 -0.15 -20.05
CA TYR D 377 -40.75 0.89 -20.21
C TYR D 377 -42.01 0.57 -19.44
N LEU D 378 -42.50 -0.66 -19.55
CA LEU D 378 -43.75 -1.00 -18.90
C LEU D 378 -43.58 -1.06 -17.37
N VAL D 379 -42.42 -1.53 -16.90
CA VAL D 379 -42.13 -1.52 -15.46
C VAL D 379 -42.10 -0.10 -14.92
N LYS D 380 -41.43 0.81 -15.65
CA LYS D 380 -41.43 2.22 -15.29
C LYS D 380 -42.84 2.81 -15.21
N LYS D 381 -43.75 2.35 -16.10
CA LYS D 381 -45.14 2.81 -16.13
C LYS D 381 -45.98 2.12 -15.04
N GLY D 382 -45.38 1.20 -14.24
CA GLY D 382 -46.01 0.67 -13.05
C GLY D 382 -46.48 -0.78 -13.20
N MET D 383 -46.14 -1.45 -14.30
CA MET D 383 -46.55 -2.84 -14.45
C MET D 383 -45.56 -3.73 -13.71
N PRO D 384 -46.02 -4.80 -13.03
CA PRO D 384 -45.11 -5.78 -12.45
C PRO D 384 -44.28 -6.48 -13.52
N PHE D 385 -43.09 -6.92 -13.12
CA PHE D 385 -42.15 -7.63 -13.97
C PHE D 385 -42.84 -8.66 -14.88
N ARG D 386 -43.62 -9.57 -14.29
CA ARG D 386 -44.18 -10.66 -15.07
C ARG D 386 -45.19 -10.15 -16.09
N SER D 387 -46.00 -9.15 -15.70
CA SER D 387 -46.99 -8.57 -16.60
C SER D 387 -46.28 -7.93 -17.78
N SER D 388 -45.18 -7.22 -17.49
CA SER D 388 -44.46 -6.54 -18.54
C SER D 388 -43.93 -7.56 -19.55
N HIS D 389 -43.40 -8.69 -19.06
CA HIS D 389 -42.93 -9.74 -19.97
C HIS D 389 -44.09 -10.38 -20.73
N ASP D 390 -45.24 -10.56 -20.10
CA ASP D 390 -46.40 -11.14 -20.77
C ASP D 390 -46.83 -10.29 -21.98
N ILE D 391 -46.82 -8.98 -21.77
CA ILE D 391 -47.27 -8.04 -22.77
C ILE D 391 -46.27 -8.01 -23.91
N VAL D 392 -44.98 -7.92 -23.57
CA VAL D 392 -43.95 -7.80 -24.60
C VAL D 392 -43.90 -9.07 -25.43
N GLY D 393 -43.94 -10.22 -24.76
CA GLY D 393 -43.90 -11.47 -25.52
C GLY D 393 -45.04 -11.56 -26.53
N LYS D 394 -46.25 -11.15 -26.12
CA LYS D 394 -47.36 -11.09 -27.06
C LYS D 394 -47.02 -10.19 -28.26
N LEU D 395 -46.51 -8.97 -28.00
CA LEU D 395 -46.22 -8.07 -29.10
C LEU D 395 -45.18 -8.66 -30.03
N VAL D 396 -44.16 -9.30 -29.46
CA VAL D 396 -43.04 -9.78 -30.25
C VAL D 396 -43.60 -10.87 -31.15
N GLY D 397 -44.50 -11.67 -30.59
CA GLY D 397 -45.16 -12.72 -31.36
C GLY D 397 -45.86 -12.16 -32.60
N VAL D 398 -46.59 -11.04 -32.41
CA VAL D 398 -47.23 -10.35 -33.51
C VAL D 398 -46.22 -9.93 -34.57
N CYS D 399 -45.16 -9.21 -34.18
CA CYS D 399 -44.13 -8.82 -35.13
C CYS D 399 -43.48 -10.00 -35.87
N VAL D 400 -43.31 -11.15 -35.19
CA VAL D 400 -42.71 -12.31 -35.84
C VAL D 400 -43.66 -12.80 -36.94
N SER D 401 -44.96 -12.83 -36.63
CA SER D 401 -45.97 -13.22 -37.61
C SER D 401 -45.93 -12.31 -38.82
N LYS D 402 -45.97 -11.00 -38.56
CA LYS D 402 -46.16 -10.01 -39.61
C LYS D 402 -44.84 -9.70 -40.30
N GLY D 403 -43.74 -10.21 -39.75
CA GLY D 403 -42.40 -9.85 -40.20
C GLY D 403 -42.08 -8.36 -40.01
N CYS D 404 -42.38 -7.77 -38.84
CA CYS D 404 -42.02 -6.38 -38.60
C CYS D 404 -41.22 -6.27 -37.30
N GLU D 405 -40.88 -5.02 -36.99
CA GLU D 405 -40.13 -4.66 -35.81
C GLU D 405 -41.12 -4.04 -34.84
N LEU D 406 -40.79 -4.08 -33.54
CA LEU D 406 -41.70 -3.49 -32.56
C LEU D 406 -42.00 -2.04 -32.87
N GLN D 407 -41.01 -1.31 -33.35
CA GLN D 407 -41.15 0.11 -33.58
C GLN D 407 -42.10 0.39 -34.74
N ASN D 408 -42.49 -0.62 -35.51
CA ASN D 408 -43.42 -0.40 -36.61
C ASN D 408 -44.87 -0.67 -36.19
N LEU D 409 -45.10 -1.18 -34.98
CA LEU D 409 -46.46 -1.34 -34.49
C LEU D 409 -47.10 0.03 -34.24
N SER D 410 -48.41 0.09 -34.40
CA SER D 410 -49.17 1.28 -34.09
C SER D 410 -49.36 1.38 -32.58
N LEU D 411 -49.42 2.60 -32.08
CA LEU D 411 -49.78 2.82 -30.70
C LEU D 411 -51.15 2.18 -30.41
N GLU D 412 -52.09 2.26 -31.38
CA GLU D 412 -53.40 1.64 -31.20
C GLU D 412 -53.24 0.13 -30.89
N GLU D 413 -52.39 -0.57 -31.64
CA GLU D 413 -52.34 -2.01 -31.44
C GLU D 413 -51.61 -2.36 -30.13
N MET D 414 -50.71 -1.46 -29.67
CA MET D 414 -50.09 -1.66 -28.37
C MET D 414 -51.12 -1.46 -27.26
N LYS D 415 -51.90 -0.38 -27.35
CA LYS D 415 -52.89 -0.05 -26.34
C LYS D 415 -53.96 -1.15 -26.21
N LYS D 416 -54.23 -1.88 -27.29
CA LYS D 416 -55.13 -3.01 -27.21
C LYS D 416 -54.65 -4.00 -26.17
N LEU D 417 -53.33 -4.12 -25.98
CA LEU D 417 -52.77 -5.07 -25.02
C LEU D 417 -52.74 -4.48 -23.62
N SER D 418 -52.45 -3.19 -23.47
CA SER D 418 -52.46 -2.58 -22.15
C SER D 418 -52.66 -1.09 -22.29
N PRO D 419 -53.48 -0.43 -21.44
CA PRO D 419 -53.63 1.02 -21.52
C PRO D 419 -52.44 1.86 -21.07
N VAL D 420 -51.38 1.22 -20.52
CA VAL D 420 -50.26 1.99 -19.99
C VAL D 420 -49.41 2.52 -21.12
N PHE D 421 -49.54 1.96 -22.32
CA PHE D 421 -48.77 2.49 -23.44
C PHE D 421 -49.20 3.90 -23.82
N GLU D 422 -48.19 4.77 -24.06
CA GLU D 422 -48.43 6.12 -24.58
C GLU D 422 -47.47 6.40 -25.72
N GLU D 423 -47.64 7.56 -26.39
CA GLU D 423 -46.85 7.87 -27.57
C GLU D 423 -45.34 7.92 -27.28
N ASP D 424 -44.93 8.16 -26.03
CA ASP D 424 -43.53 8.17 -25.66
C ASP D 424 -42.86 6.80 -25.84
N VAL D 425 -43.65 5.73 -26.01
CA VAL D 425 -43.09 4.40 -26.18
C VAL D 425 -42.09 4.33 -27.36
N PHE D 426 -42.29 5.12 -28.43
CA PHE D 426 -41.45 4.94 -29.61
C PHE D 426 -40.00 5.36 -29.35
N GLY D 427 -39.81 6.19 -28.31
CA GLY D 427 -38.47 6.57 -27.89
C GLY D 427 -37.70 5.45 -27.19
N PHE D 428 -38.37 4.35 -26.89
CA PHE D 428 -37.80 3.16 -26.27
C PHE D 428 -37.69 1.99 -27.24
N LEU D 429 -38.03 2.19 -28.53
CA LEU D 429 -38.07 1.06 -29.46
C LEU D 429 -37.03 1.26 -30.57
N GLY D 430 -36.57 0.13 -31.11
CA GLY D 430 -35.50 0.08 -32.08
C GLY D 430 -34.15 -0.04 -31.38
N VAL D 431 -33.13 -0.55 -32.06
CA VAL D 431 -31.87 -0.87 -31.38
C VAL D 431 -31.16 0.41 -30.97
N GLU D 432 -31.21 1.50 -31.77
CA GLU D 432 -30.50 2.70 -31.38
C GLU D 432 -31.06 3.28 -30.09
N ASN D 433 -32.38 3.38 -30.01
CA ASN D 433 -33.02 3.91 -28.81
C ASN D 433 -32.76 2.96 -27.64
N SER D 434 -32.79 1.64 -27.87
CA SER D 434 -32.56 0.67 -26.80
CA SER D 434 -32.57 0.67 -26.80
C SER D 434 -31.20 0.88 -26.16
N VAL D 435 -30.15 1.02 -27.01
CA VAL D 435 -28.84 1.30 -26.47
C VAL D 435 -28.80 2.62 -25.73
N ASN D 436 -29.48 3.65 -26.23
CA ASN D 436 -29.45 4.94 -25.56
CA ASN D 436 -29.52 4.96 -25.60
C ASN D 436 -30.16 4.89 -24.21
N LYS D 437 -31.10 3.97 -24.01
CA LYS D 437 -31.89 3.93 -22.79
C LYS D 437 -31.23 3.18 -21.65
N PHE D 438 -30.20 2.36 -21.88
CA PHE D 438 -29.47 1.76 -20.76
C PHE D 438 -28.85 2.88 -19.95
N SER D 439 -28.97 2.80 -18.62
CA SER D 439 -28.50 3.88 -17.74
C SER D 439 -27.77 3.44 -16.47
N SER D 440 -27.77 2.13 -16.14
CA SER D 440 -27.11 1.69 -14.94
C SER D 440 -25.58 1.80 -15.11
N TYR D 441 -24.90 2.05 -14.01
CA TYR D 441 -23.45 2.13 -14.06
C TYR D 441 -22.88 0.84 -14.67
N GLY D 442 -21.91 0.98 -15.56
CA GLY D 442 -21.34 -0.20 -16.20
C GLY D 442 -22.18 -0.77 -17.34
N SER D 443 -23.35 -0.17 -17.65
CA SER D 443 -24.21 -0.71 -18.70
C SER D 443 -23.65 -0.36 -20.08
N THR D 444 -24.31 -0.89 -21.12
CA THR D 444 -23.91 -0.54 -22.47
C THR D 444 -24.50 0.80 -22.92
N GLY D 445 -25.13 1.60 -22.07
CA GLY D 445 -25.77 2.82 -22.55
C GLY D 445 -24.73 3.77 -23.12
N SER D 446 -25.14 4.54 -24.13
CA SER D 446 -24.19 5.38 -24.85
C SER D 446 -23.39 6.30 -23.91
N ASN D 447 -24.07 6.96 -22.99
CA ASN D 447 -23.42 7.88 -22.08
C ASN D 447 -22.52 7.15 -21.08
N CYS D 448 -22.96 5.95 -20.65
CA CYS D 448 -22.22 5.16 -19.70
C CYS D 448 -20.89 4.72 -20.31
N VAL D 449 -20.97 4.18 -21.53
CA VAL D 449 -19.79 3.74 -22.25
C VAL D 449 -18.88 4.93 -22.53
N ALA D 450 -19.43 6.09 -22.86
CA ALA D 450 -18.56 7.25 -23.08
C ALA D 450 -17.78 7.56 -21.80
N GLU D 451 -18.47 7.46 -20.64
CA GLU D 451 -17.77 7.71 -19.38
C GLU D 451 -16.61 6.73 -19.19
N GLN D 452 -16.87 5.43 -19.40
CA GLN D 452 -15.83 4.43 -19.18
C GLN D 452 -14.68 4.59 -20.20
N LEU D 453 -15.02 4.98 -21.45
CA LEU D 453 -13.96 5.22 -22.44
C LEU D 453 -13.09 6.39 -21.98
N GLY D 454 -13.70 7.42 -21.43
CA GLY D 454 -12.95 8.55 -20.94
C GLY D 454 -11.98 8.16 -19.82
N TYR D 455 -12.51 7.29 -18.93
CA TYR D 455 -11.74 6.79 -17.81
C TYR D 455 -10.50 6.08 -18.36
N TRP D 456 -10.69 5.19 -19.33
CA TRP D 456 -9.59 4.41 -19.86
C TRP D 456 -8.61 5.23 -20.70
N VAL D 457 -9.10 6.22 -21.44
CA VAL D 457 -8.19 7.10 -22.17
C VAL D 457 -7.25 7.82 -21.20
N ASN D 458 -7.79 8.32 -20.09
CA ASN D 458 -6.95 8.95 -19.08
C ASN D 458 -6.01 7.96 -18.41
N LYS D 459 -6.55 6.80 -18.02
CA LYS D 459 -5.73 5.79 -17.30
C LYS D 459 -4.55 5.32 -18.15
N LEU D 460 -4.75 5.19 -19.47
CA LEU D 460 -3.68 4.64 -20.34
C LEU D 460 -2.86 5.76 -20.99
N ASN D 461 -3.19 7.01 -20.65
CA ASN D 461 -2.41 8.16 -21.19
C ASN D 461 -2.51 8.18 -22.71
N ILE D 462 -3.68 7.92 -23.26
CA ILE D 462 -3.93 7.98 -24.70
C ILE D 462 -4.13 9.45 -25.09
N THR D 463 -3.42 9.92 -26.12
CA THR D 463 -3.50 11.33 -26.54
C THR D 463 -4.14 11.45 -27.92
N GLU E 15 -3.52 6.07 38.77
CA GLU E 15 -4.42 4.98 38.28
C GLU E 15 -5.86 5.32 38.67
N SER E 16 -6.07 5.96 39.82
CA SER E 16 -7.44 6.41 40.16
C SER E 16 -7.83 7.65 39.34
N VAL E 17 -9.13 7.90 39.17
CA VAL E 17 -9.62 9.09 38.40
C VAL E 17 -9.13 10.36 39.09
N THR E 18 -9.36 10.44 40.39
CA THR E 18 -8.99 11.62 41.17
C THR E 18 -7.47 11.79 41.07
N GLU E 19 -6.71 10.68 41.17
CA GLU E 19 -5.25 10.72 41.07
C GLU E 19 -4.79 11.35 39.76
N LYS E 20 -5.36 10.89 38.65
CA LYS E 20 -4.97 11.33 37.32
C LYS E 20 -5.30 12.81 37.15
N VAL E 21 -6.50 13.21 37.55
CA VAL E 21 -6.91 14.58 37.45
C VAL E 21 -6.01 15.45 38.31
N GLU E 22 -5.70 14.98 39.53
CA GLU E 22 -4.83 15.72 40.42
C GLU E 22 -3.50 16.02 39.74
N LYS E 23 -2.88 15.00 39.14
CA LYS E 23 -1.57 15.18 38.54
C LYS E 23 -1.63 16.11 37.34
N PHE E 24 -2.74 16.06 36.60
CA PHE E 24 -2.92 16.85 35.40
C PHE E 24 -3.13 18.32 35.75
N THR E 25 -3.82 18.58 36.87
CA THR E 25 -4.21 19.95 37.22
C THR E 25 -3.24 20.62 38.20
N GLU E 26 -2.33 19.88 38.83
CA GLU E 26 -1.41 20.45 39.80
C GLU E 26 -0.52 21.51 39.11
N SER E 27 -0.23 22.62 39.81
CA SER E 27 0.63 23.64 39.28
C SER E 27 1.89 23.91 40.12
N ILE E 28 1.96 23.33 41.32
CA ILE E 28 3.02 23.67 42.26
C ILE E 28 4.40 23.37 41.68
N SER E 29 4.50 22.38 40.80
CA SER E 29 5.78 22.02 40.24
C SER E 29 6.43 23.17 39.49
N PHE E 30 5.61 24.07 38.92
CA PHE E 30 6.19 25.26 38.29
C PHE E 30 5.85 26.55 39.04
N ASP E 31 4.70 26.68 39.69
CA ASP E 31 4.32 28.00 40.18
C ASP E 31 4.89 28.29 41.57
N LYS E 32 5.63 27.35 42.14
CA LYS E 32 6.32 27.62 43.39
CA LYS E 32 6.35 27.60 43.38
C LYS E 32 7.30 28.79 43.24
N VAL E 33 7.73 29.09 42.03
CA VAL E 33 8.65 30.19 41.79
C VAL E 33 7.99 31.54 42.09
N LEU E 34 6.65 31.60 42.27
CA LEU E 34 5.97 32.86 42.62
C LEU E 34 5.98 33.14 44.12
N TYR E 35 6.64 32.33 44.97
CA TYR E 35 6.43 32.40 46.40
C TYR E 35 6.66 33.80 46.94
N LYS E 36 7.71 34.47 46.52
CA LYS E 36 8.02 35.74 47.19
C LYS E 36 6.91 36.77 46.94
N GLN E 37 6.40 36.77 45.70
CA GLN E 37 5.33 37.67 45.30
C GLN E 37 4.00 37.33 45.97
N ASP E 38 3.73 36.04 46.09
CA ASP E 38 2.54 35.56 46.76
C ASP E 38 2.56 36.02 48.21
N ILE E 39 3.71 35.85 48.90
CA ILE E 39 3.85 36.31 50.27
C ILE E 39 3.69 37.83 50.38
N MET E 40 4.34 38.58 49.52
CA MET E 40 4.23 40.05 49.51
C MET E 40 2.75 40.47 49.34
N GLY E 41 2.06 39.85 48.40
CA GLY E 41 0.64 40.12 48.12
C GLY E 41 -0.24 39.82 49.30
N SER E 42 0.03 38.72 49.99
CA SER E 42 -0.76 38.33 51.14
C SER E 42 -0.50 39.24 52.31
N LYS E 43 0.75 39.67 52.55
CA LYS E 43 1.01 40.61 53.62
C LYS E 43 0.29 41.93 53.39
N ALA E 44 0.30 42.41 52.15
CA ALA E 44 -0.37 43.68 51.84
C ALA E 44 -1.90 43.54 52.05
N HIS E 45 -2.45 42.42 51.60
CA HIS E 45 -3.85 42.09 51.80
C HIS E 45 -4.21 42.09 53.27
N ALA E 46 -3.45 41.34 54.10
CA ALA E 46 -3.74 41.25 55.52
C ALA E 46 -3.66 42.62 56.18
N SER E 47 -2.64 43.39 55.84
CA SER E 47 -2.50 44.73 56.40
CA SER E 47 -2.47 44.75 56.33
C SER E 47 -3.72 45.61 56.09
N MET E 48 -4.23 45.54 54.86
CA MET E 48 -5.39 46.31 54.46
C MET E 48 -6.63 45.78 55.20
N LEU E 49 -6.76 44.45 55.31
CA LEU E 49 -7.91 43.91 56.02
C LEU E 49 -8.02 44.51 57.43
N ALA E 50 -6.89 44.51 58.16
CA ALA E 50 -6.90 44.99 59.53
C ALA E 50 -7.21 46.49 59.59
N HIS E 51 -6.63 47.25 58.65
CA HIS E 51 -6.86 48.69 58.61
C HIS E 51 -8.35 48.96 58.41
N GLN E 52 -9.03 48.08 57.62
CA GLN E 52 -10.43 48.29 57.29
C GLN E 52 -11.38 47.63 58.30
N GLY E 53 -10.84 46.99 59.32
CA GLY E 53 -11.65 46.43 60.39
C GLY E 53 -12.20 45.03 60.06
N LEU E 54 -11.71 44.40 58.98
CA LEU E 54 -12.21 43.09 58.57
C LEU E 54 -11.51 41.94 59.29
N ILE E 55 -10.29 42.16 59.81
CA ILE E 55 -9.69 41.25 60.76
C ILE E 55 -9.12 42.11 61.87
N THR E 56 -8.75 41.50 63.00
CA THR E 56 -8.15 42.27 64.06
C THR E 56 -6.70 42.58 63.75
N ASP E 57 -6.13 43.57 64.45
CA ASP E 57 -4.70 43.82 64.33
C ASP E 57 -3.90 42.64 64.88
N SER E 58 -4.48 41.89 65.84
CA SER E 58 -3.83 40.68 66.34
C SER E 58 -3.73 39.64 65.24
N ASP E 59 -4.83 39.41 64.51
CA ASP E 59 -4.77 38.53 63.36
C ASP E 59 -3.68 38.94 62.36
N LYS E 60 -3.67 40.21 61.99
CA LYS E 60 -2.76 40.73 61.01
C LYS E 60 -1.31 40.49 61.44
N ASP E 61 -0.98 40.78 62.70
CA ASP E 61 0.38 40.63 63.17
C ASP E 61 0.76 39.16 63.14
N SER E 62 -0.17 38.26 63.49
CA SER E 62 0.11 36.83 63.48
C SER E 62 0.39 36.33 62.08
N ILE E 63 -0.47 36.75 61.12
CA ILE E 63 -0.28 36.44 59.71
C ILE E 63 1.07 36.94 59.20
N LEU E 64 1.41 38.21 59.50
CA LEU E 64 2.67 38.77 59.00
C LEU E 64 3.86 37.96 59.53
N ARG E 65 3.85 37.64 60.81
CA ARG E 65 4.94 36.88 61.41
C ARG E 65 5.05 35.52 60.75
N GLY E 66 3.90 34.85 60.56
CA GLY E 66 3.90 33.51 59.99
C GLY E 66 4.40 33.49 58.54
N LEU E 67 4.00 34.51 57.77
CA LEU E 67 4.42 34.56 56.38
C LEU E 67 5.91 34.83 56.29
N ASP E 68 6.43 35.74 57.13
CA ASP E 68 7.86 36.01 57.16
C ASP E 68 8.61 34.71 57.51
N ASP E 69 8.08 33.93 58.43
CA ASP E 69 8.68 32.67 58.87
C ASP E 69 8.74 31.69 57.70
N ILE E 70 7.61 31.57 56.98
CA ILE E 70 7.57 30.71 55.80
C ILE E 70 8.56 31.15 54.74
N GLU E 71 8.60 32.46 54.46
CA GLU E 71 9.57 32.92 53.49
C GLU E 71 11.00 32.47 53.84
N ARG E 72 11.35 32.63 55.12
CA ARG E 72 12.68 32.25 55.61
C ARG E 72 12.91 30.75 55.38
N GLN E 73 11.90 29.91 55.65
CA GLN E 73 12.03 28.47 55.47
C GLN E 73 12.27 28.11 54.00
N ILE E 74 11.53 28.80 53.10
CA ILE E 74 11.68 28.54 51.68
C ILE E 74 13.09 28.95 51.25
N GLU E 75 13.57 30.12 51.71
CA GLU E 75 14.87 30.61 51.28
C GLU E 75 15.94 29.66 51.81
N ALA E 76 15.72 29.03 52.96
CA ALA E 76 16.70 28.11 53.52
C ALA E 76 16.58 26.71 52.92
N ASN E 77 15.70 26.53 51.93
CA ASN E 77 15.41 25.22 51.37
C ASN E 77 14.94 24.23 52.43
N LYS E 78 14.14 24.69 53.39
CA LYS E 78 13.61 23.84 54.44
C LYS E 78 12.10 23.67 54.29
N PHE E 79 11.51 24.18 53.21
CA PHE E 79 10.06 24.13 53.03
C PHE E 79 9.74 22.97 52.10
N GLU E 80 8.74 22.16 52.49
CA GLU E 80 8.35 21.02 51.68
C GLU E 80 7.15 21.36 50.79
N TRP E 81 7.40 21.55 49.50
CA TRP E 81 6.31 21.80 48.59
C TRP E 81 5.50 20.51 48.35
N ARG E 82 4.17 20.60 48.36
CA ARG E 82 3.33 19.40 48.31
C ARG E 82 2.37 19.42 47.13
N THR E 83 2.39 18.34 46.33
CA THR E 83 1.46 18.14 45.22
CA THR E 83 1.47 18.20 45.22
C THR E 83 0.02 18.14 45.73
N ASP E 84 -0.18 17.56 46.91
CA ASP E 84 -1.52 17.42 47.47
C ASP E 84 -2.10 18.77 47.88
N ARG E 85 -1.29 19.86 47.89
CA ARG E 85 -1.80 21.19 48.17
C ARG E 85 -1.82 22.05 46.88
N GLU E 86 -1.63 21.40 45.73
CA GLU E 86 -2.04 21.86 44.40
C GLU E 86 -1.11 22.93 43.78
N ASP E 87 -0.96 24.06 44.45
CA ASP E 87 -0.41 25.27 43.87
C ASP E 87 0.31 26.04 44.98
N VAL E 88 0.98 27.10 44.57
CA VAL E 88 1.80 27.86 45.51
C VAL E 88 0.94 28.51 46.59
N HIS E 89 -0.26 29.00 46.22
CA HIS E 89 -1.10 29.76 47.14
C HIS E 89 -1.61 28.85 48.26
N MET E 90 -2.10 27.68 47.90
CA MET E 90 -2.59 26.74 48.89
C MET E 90 -1.44 26.13 49.68
N ASN E 91 -0.29 25.86 49.05
CA ASN E 91 0.89 25.40 49.78
C ASN E 91 1.23 26.38 50.91
N ILE E 92 1.30 27.66 50.59
CA ILE E 92 1.73 28.64 51.58
C ILE E 92 0.66 28.79 52.65
N GLU E 93 -0.60 28.87 52.22
CA GLU E 93 -1.67 29.15 53.17
C GLU E 93 -1.98 27.97 54.08
N ALA E 94 -1.88 26.76 53.56
CA ALA E 94 -2.04 25.59 54.43
C ALA E 94 -0.88 25.52 55.41
N ALA E 95 0.36 25.78 54.99
CA ALA E 95 1.51 25.86 55.87
C ALA E 95 1.31 26.94 56.96
N LEU E 96 0.72 28.08 56.56
CA LEU E 96 0.50 29.17 57.47
C LEU E 96 -0.47 28.71 58.55
N THR E 97 -1.53 28.00 58.16
CA THR E 97 -2.54 27.52 59.09
C THR E 97 -1.92 26.54 60.08
N ASP E 98 -1.05 25.66 59.58
CA ASP E 98 -0.29 24.76 60.44
C ASP E 98 0.59 25.54 61.42
N LEU E 99 1.11 26.67 61.01
CA LEU E 99 2.09 27.40 61.80
C LEU E 99 1.41 28.30 62.83
N ILE E 100 0.31 29.01 62.47
CA ILE E 100 -0.22 30.05 63.35
C ILE E 100 -1.66 29.77 63.78
N GLY E 101 -2.31 28.81 63.15
CA GLY E 101 -3.68 28.46 63.47
C GLY E 101 -4.71 29.46 62.97
N GLU E 102 -5.67 29.80 63.85
CA GLU E 102 -6.90 30.47 63.50
C GLU E 102 -6.66 31.71 62.63
N PRO E 103 -5.74 32.65 62.92
CA PRO E 103 -5.66 33.86 62.09
C PRO E 103 -5.44 33.55 60.61
N ALA E 104 -4.76 32.44 60.31
CA ALA E 104 -4.43 32.13 58.92
C ALA E 104 -5.68 31.92 58.11
N LYS E 105 -6.71 31.39 58.77
CA LYS E 105 -7.97 31.11 58.13
C LYS E 105 -8.74 32.37 57.71
N LYS E 106 -8.27 33.56 58.09
CA LYS E 106 -8.95 34.80 57.76
C LYS E 106 -8.25 35.54 56.63
N LEU E 107 -7.11 35.03 56.21
CA LEU E 107 -6.39 35.72 55.15
C LEU E 107 -7.19 35.79 53.86
N HIS E 108 -8.00 34.78 53.52
CA HIS E 108 -8.88 34.61 52.35
CA HIS E 108 -8.71 34.81 52.27
C HIS E 108 -10.00 35.63 52.30
N THR E 109 -10.22 36.38 53.41
CA THR E 109 -11.36 37.27 53.41
C THR E 109 -11.29 38.26 52.26
N ALA E 110 -12.42 38.48 51.56
CA ALA E 110 -12.51 39.47 50.52
C ALA E 110 -11.41 39.27 49.46
N ARG E 111 -11.15 38.00 49.12
CA ARG E 111 -10.15 37.68 48.10
C ARG E 111 -10.49 36.35 47.45
N SER E 112 -10.14 36.22 46.17
CA SER E 112 -10.30 35.00 45.41
C SER E 112 -8.93 34.50 44.98
N ARG E 113 -8.80 33.24 44.61
CA ARG E 113 -7.58 32.84 43.89
C ARG E 113 -7.48 33.60 42.56
N ASN E 114 -8.61 34.04 42.02
CA ASN E 114 -8.60 34.62 40.69
C ASN E 114 -7.89 35.98 40.69
N ASP E 115 -8.13 36.82 41.69
CA ASP E 115 -7.45 38.12 41.74
C ASP E 115 -6.08 37.96 42.40
N GLN E 116 -5.92 36.99 43.31
CA GLN E 116 -4.63 36.71 43.92
C GLN E 116 -3.59 36.29 42.87
N VAL E 117 -3.95 35.36 42.01
CA VAL E 117 -2.96 34.86 41.04
C VAL E 117 -2.56 35.95 40.05
N ALA E 118 -3.52 36.75 39.63
CA ALA E 118 -3.23 37.82 38.71
C ALA E 118 -2.28 38.84 39.35
N THR E 119 -2.51 39.16 40.64
CA THR E 119 -1.64 40.07 41.38
C THR E 119 -0.21 39.51 41.46
N ASP E 120 -0.09 38.26 41.91
CA ASP E 120 1.22 37.63 42.09
C ASP E 120 1.99 37.58 40.78
N PHE E 121 1.28 37.28 39.71
CA PHE E 121 1.98 37.10 38.43
C PHE E 121 2.45 38.45 37.91
N ARG E 122 1.62 39.49 38.02
CA ARG E 122 2.08 40.82 37.65
C ARG E 122 3.34 41.20 38.43
N LEU E 123 3.34 40.96 39.74
CA LEU E 123 4.50 41.33 40.54
C LEU E 123 5.73 40.57 40.10
N TRP E 124 5.59 39.28 39.82
CA TRP E 124 6.71 38.47 39.36
C TRP E 124 7.26 39.02 38.03
N CYS E 125 6.36 39.32 37.10
CA CYS E 125 6.78 39.86 35.81
C CYS E 125 7.49 41.20 35.99
N ARG E 126 7.00 42.04 36.90
CA ARG E 126 7.63 43.33 37.17
C ARG E 126 9.08 43.12 37.63
N ASP E 127 9.29 42.21 38.58
CA ASP E 127 10.60 41.89 39.12
C ASP E 127 11.49 41.30 38.03
N ALA E 128 10.91 40.45 37.16
CA ALA E 128 11.70 39.80 36.11
C ALA E 128 12.17 40.84 35.08
N ILE E 129 11.29 41.74 34.73
CA ILE E 129 11.67 42.81 33.79
C ILE E 129 12.81 43.63 34.36
N ASP E 130 12.69 43.97 35.67
CA ASP E 130 13.76 44.75 36.27
C ASP E 130 15.10 44.04 36.10
N THR E 131 15.12 42.74 36.37
CA THR E 131 16.33 41.93 36.25
C THR E 131 16.83 41.90 34.79
N ILE E 132 15.93 41.72 33.84
CA ILE E 132 16.32 41.71 32.42
C ILE E 132 16.98 43.04 32.05
N ILE E 133 16.41 44.16 32.48
CA ILE E 133 16.97 45.44 32.04
C ILE E 133 18.41 45.54 32.53
N VAL E 134 18.68 45.14 33.78
CA VAL E 134 20.05 45.15 34.31
C VAL E 134 20.99 44.29 33.43
N LYS E 135 20.50 43.09 33.02
CA LYS E 135 21.28 42.20 32.19
C LYS E 135 21.56 42.80 30.81
N ILE E 136 20.56 43.46 30.24
CA ILE E 136 20.73 44.12 28.93
C ILE E 136 21.81 45.21 29.01
N ARG E 137 21.76 46.03 30.06
CA ARG E 137 22.77 47.06 30.20
CA ARG E 137 22.78 47.06 30.18
C ARG E 137 24.18 46.45 30.31
N ASN E 138 24.28 45.33 31.00
CA ASN E 138 25.56 44.65 31.14
CA ASN E 138 25.56 44.65 31.13
C ASN E 138 26.09 44.17 29.77
N LEU E 139 25.19 43.62 28.96
CA LEU E 139 25.56 43.21 27.60
C LEU E 139 25.91 44.41 26.72
N GLN E 140 25.15 45.49 26.83
CA GLN E 140 25.49 46.69 26.08
C GLN E 140 26.89 47.16 26.48
N ARG E 141 27.19 47.13 27.78
CA ARG E 141 28.55 47.52 28.25
C ARG E 141 29.63 46.59 27.68
N ALA E 142 29.39 45.28 27.70
CA ALA E 142 30.33 44.33 27.15
C ALA E 142 30.62 44.65 25.68
N LEU E 143 29.55 44.95 24.93
CA LEU E 143 29.70 45.28 23.53
C LEU E 143 30.46 46.58 23.28
N VAL E 144 30.15 47.60 24.07
CA VAL E 144 30.84 48.88 23.91
C VAL E 144 32.31 48.74 24.32
N GLU E 145 32.58 48.01 25.38
CA GLU E 145 33.95 47.77 25.80
C GLU E 145 34.72 46.97 24.75
N LEU E 146 34.07 46.02 24.08
CA LEU E 146 34.72 45.27 23.01
C LEU E 146 35.04 46.20 21.84
N ALA E 147 34.11 47.10 21.57
CA ALA E 147 34.28 48.09 20.52
C ALA E 147 35.46 48.99 20.84
N LEU E 148 35.57 49.48 22.07
CA LEU E 148 36.69 50.36 22.42
C LEU E 148 38.02 49.63 22.29
N LYS E 149 38.05 48.38 22.72
CA LYS E 149 39.26 47.59 22.67
C LYS E 149 39.74 47.34 21.24
N ASN E 150 38.79 47.31 20.32
CA ASN E 150 39.07 47.06 18.91
C ASN E 150 38.64 48.23 18.04
N GLU E 151 38.92 49.45 18.51
CA GLU E 151 38.32 50.66 17.97
CA GLU E 151 38.30 50.65 17.97
C GLU E 151 38.76 50.94 16.53
N ALA E 152 39.95 50.49 16.13
CA ALA E 152 40.47 50.86 14.81
C ALA E 152 40.24 49.80 13.78
N LEU E 153 39.66 48.66 14.16
CA LEU E 153 39.55 47.56 13.24
CA LEU E 153 39.57 47.55 13.22
C LEU E 153 38.48 47.82 12.19
N ILE E 154 38.83 47.59 10.92
CA ILE E 154 37.92 47.70 9.81
C ILE E 154 37.57 46.32 9.29
N VAL E 155 36.26 46.10 9.09
CA VAL E 155 35.79 44.86 8.49
C VAL E 155 34.89 45.23 7.33
N PRO E 156 34.52 44.31 6.43
CA PRO E 156 33.52 44.62 5.43
C PRO E 156 32.17 44.75 6.11
N GLY E 157 31.34 45.61 5.54
CA GLY E 157 29.91 45.65 5.83
C GLY E 157 29.15 45.00 4.66
N TYR E 158 28.12 44.25 4.98
CA TYR E 158 27.48 43.38 4.01
C TYR E 158 26.02 43.73 3.75
N THR E 159 25.63 43.55 2.46
CA THR E 159 24.22 43.47 2.07
C THR E 159 24.10 42.26 1.16
N HIS E 160 23.08 41.44 1.40
CA HIS E 160 22.93 40.17 0.68
C HIS E 160 24.11 39.22 0.87
N LEU E 161 24.81 39.36 2.03
CA LEU E 161 26.03 38.64 2.32
C LEU E 161 27.11 38.85 1.25
N GLN E 162 27.03 40.02 0.59
CA GLN E 162 28.05 40.47 -0.34
C GLN E 162 28.70 41.71 0.27
N ARG E 163 30.02 41.81 0.07
CA ARG E 163 30.76 42.95 0.64
C ARG E 163 30.29 44.20 -0.07
N ALA E 164 29.93 45.23 0.69
CA ALA E 164 29.33 46.44 0.14
C ALA E 164 30.21 47.66 0.41
N GLN E 165 30.62 47.90 1.67
CA GLN E 165 31.37 49.11 2.06
C GLN E 165 32.27 48.70 3.21
N PRO E 166 33.36 49.42 3.49
CA PRO E 166 34.14 49.13 4.69
C PRO E 166 33.49 49.82 5.89
N VAL E 167 33.47 49.12 7.03
CA VAL E 167 32.93 49.69 8.25
C VAL E 167 33.91 49.47 9.39
N LEU E 168 33.77 50.29 10.42
CA LEU E 168 34.49 50.03 11.65
C LEU E 168 33.81 48.97 12.51
N LEU E 169 34.59 48.05 13.05
CA LEU E 169 34.04 47.05 13.95
CA LEU E 169 34.04 47.04 13.93
C LEU E 169 33.22 47.71 15.05
N PRO E 170 33.66 48.82 15.68
CA PRO E 170 32.78 49.43 16.67
C PRO E 170 31.39 49.79 16.12
N HIS E 171 31.31 50.24 14.84
CA HIS E 171 30.03 50.60 14.26
C HIS E 171 29.10 49.37 14.17
N VAL E 172 29.65 48.20 13.80
CA VAL E 172 28.84 46.98 13.80
C VAL E 172 28.36 46.63 15.20
N LEU E 173 29.26 46.70 16.18
CA LEU E 173 28.88 46.35 17.53
C LEU E 173 27.78 47.28 18.04
N LEU E 174 27.85 48.57 17.69
CA LEU E 174 26.86 49.51 18.14
C LEU E 174 25.50 49.25 17.49
N THR E 175 25.47 48.53 16.35
CA THR E 175 24.17 48.09 15.82
C THR E 175 23.42 47.28 16.89
N PHE E 176 24.13 46.33 17.49
CA PHE E 176 23.49 45.46 18.48
C PHE E 176 23.15 46.25 19.74
N VAL E 177 23.99 47.22 20.10
CA VAL E 177 23.68 48.05 21.25
C VAL E 177 22.39 48.83 21.02
N GLU E 178 22.18 49.32 19.81
CA GLU E 178 20.96 50.09 19.50
C GLU E 178 19.73 49.17 19.46
N GLN E 179 19.93 47.96 18.97
CA GLN E 179 18.83 46.99 18.99
C GLN E 179 18.37 46.77 20.44
N LEU E 180 19.35 46.52 21.27
CA LEU E 180 19.09 46.21 22.69
C LEU E 180 18.48 47.43 23.37
N GLU E 181 18.79 48.65 22.92
CA GLU E 181 18.16 49.85 23.51
C GLU E 181 16.66 49.88 23.22
N ARG E 182 16.26 49.52 22.00
CA ARG E 182 14.83 49.43 21.70
C ARG E 182 14.17 48.35 22.57
N ASP E 183 14.88 47.24 22.76
CA ASP E 183 14.37 46.18 23.62
C ASP E 183 14.14 46.74 25.01
N ALA E 184 15.17 47.43 25.54
CA ALA E 184 15.01 48.00 26.89
C ALA E 184 13.81 48.93 26.94
N GLY E 185 13.59 49.73 25.90
CA GLY E 185 12.44 50.60 25.82
C GLY E 185 11.10 49.85 25.87
N ARG E 186 11.07 48.71 25.17
CA ARG E 186 9.87 47.87 25.18
C ARG E 186 9.66 47.32 26.59
N TYR E 187 10.75 46.92 27.26
CA TYR E 187 10.62 46.40 28.64
C TYR E 187 10.05 47.50 29.51
N VAL E 188 10.58 48.74 29.42
CA VAL E 188 10.11 49.79 30.29
C VAL E 188 8.62 50.07 30.04
N ASP E 189 8.20 50.10 28.78
CA ASP E 189 6.82 50.39 28.41
C ASP E 189 5.87 49.26 28.86
N CYS E 190 6.35 48.02 28.75
CA CYS E 190 5.58 46.86 29.18
C CYS E 190 5.36 46.94 30.68
N ARG E 191 6.44 47.23 31.40
CA ARG E 191 6.38 47.29 32.87
C ARG E 191 5.38 48.32 33.33
N ALA E 192 5.39 49.51 32.70
CA ALA E 192 4.46 50.53 33.13
C ALA E 192 3.02 50.12 32.86
N ARG E 193 2.77 49.45 31.74
CA ARG E 193 1.39 49.09 31.42
C ARG E 193 0.87 47.96 32.30
N LEU E 194 1.75 47.07 32.76
CA LEU E 194 1.32 45.97 33.63
C LEU E 194 1.15 46.39 35.09
N ASN E 195 1.70 47.54 35.42
CA ASN E 195 1.78 47.98 36.82
C ASN E 195 0.48 48.59 37.36
N PHE E 196 -0.63 47.88 37.19
CA PHE E 196 -1.92 48.24 37.76
C PHE E 196 -2.41 47.02 38.51
N SER E 197 -3.10 47.25 39.64
CA SER E 197 -3.40 46.19 40.58
C SER E 197 -4.75 45.53 40.33
N PRO E 198 -4.78 44.19 40.17
CA PRO E 198 -6.04 43.46 40.09
C PRO E 198 -6.60 43.13 41.44
N LEU E 199 -5.83 43.38 42.52
CA LEU E 199 -6.22 42.85 43.82
C LEU E 199 -7.46 43.58 44.35
N GLY E 200 -8.50 42.83 44.68
CA GLY E 200 -9.76 43.40 45.12
C GLY E 200 -10.87 43.24 44.10
N ALA E 201 -10.57 42.64 42.94
CA ALA E 201 -11.58 42.18 42.01
C ALA E 201 -12.33 40.94 42.51
N CYS E 202 -11.74 40.23 43.43
CA CYS E 202 -12.27 39.00 43.96
C CYS E 202 -12.51 38.01 42.81
N ALA E 203 -13.62 37.27 42.79
CA ALA E 203 -13.79 36.24 41.77
C ALA E 203 -13.91 36.81 40.36
N LEU E 204 -14.52 37.99 40.26
CA LEU E 204 -14.67 38.71 39.01
CA LEU E 204 -14.71 38.70 39.00
C LEU E 204 -15.48 39.99 39.18
N ALA E 205 -16.31 40.14 40.22
CA ALA E 205 -17.30 41.20 40.33
C ALA E 205 -17.02 42.23 41.44
N GLY E 206 -15.87 42.09 42.12
CA GLY E 206 -15.59 42.88 43.30
C GLY E 206 -16.28 42.27 44.51
N THR E 207 -16.50 43.13 45.52
CA THR E 207 -17.05 42.71 46.82
C THR E 207 -17.90 43.83 47.37
N GLY E 208 -18.80 43.44 48.28
CA GLY E 208 -19.48 44.37 49.19
C GLY E 208 -18.76 44.60 50.52
N LEU E 209 -17.66 43.90 50.79
CA LEU E 209 -16.89 44.14 52.01
C LEU E 209 -16.08 45.41 51.88
N PRO E 210 -15.85 46.17 52.95
CA PRO E 210 -15.17 47.46 52.89
C PRO E 210 -13.64 47.41 52.78
N ILE E 211 -13.19 46.79 51.67
CA ILE E 211 -11.76 46.78 51.36
C ILE E 211 -11.34 48.15 50.85
N ASP E 212 -10.02 48.37 50.76
CA ASP E 212 -9.46 49.56 50.15
C ASP E 212 -8.41 49.17 49.11
N ARG E 213 -8.80 49.14 47.85
CA ARG E 213 -7.95 48.66 46.78
C ARG E 213 -6.81 49.63 46.49
N PHE E 214 -6.98 50.90 46.88
CA PHE E 214 -5.91 51.88 46.70
C PHE E 214 -4.78 51.60 47.70
N MET E 215 -5.13 51.19 48.91
CA MET E 215 -4.13 50.91 49.93
C MET E 215 -3.25 49.72 49.48
N THR E 216 -3.87 48.60 49.00
CA THR E 216 -3.09 47.47 48.54
C THR E 216 -2.28 47.79 47.29
N ALA E 217 -2.84 48.57 46.38
CA ALA E 217 -2.13 48.94 45.17
C ALA E 217 -0.86 49.70 45.54
N ASN E 218 -0.99 50.64 46.49
CA ASN E 218 0.15 51.45 46.87
CA ASN E 218 0.13 51.47 46.92
C ASN E 218 1.19 50.59 47.59
N ALA E 219 0.75 49.72 48.48
CA ALA E 219 1.66 48.91 49.25
C ALA E 219 2.45 47.96 48.36
N LEU E 220 1.88 47.56 47.21
CA LEU E 220 2.55 46.62 46.31
C LEU E 220 3.30 47.31 45.19
N GLY E 221 3.30 48.64 45.19
CA GLY E 221 4.06 49.36 44.18
C GLY E 221 3.33 49.56 42.84
N PHE E 222 2.03 49.25 42.77
CA PHE E 222 1.28 49.47 41.57
C PHE E 222 0.88 50.94 41.45
N THR E 223 0.65 51.40 40.24
CA THR E 223 0.33 52.81 39.97
C THR E 223 -1.04 53.14 40.54
N GLU E 224 -1.99 52.22 40.35
CA GLU E 224 -3.35 52.40 40.83
C GLU E 224 -4.06 51.08 40.65
N PRO E 225 -5.26 50.90 41.24
CA PRO E 225 -6.06 49.70 40.98
C PRO E 225 -6.62 49.69 39.58
N MET E 226 -6.74 48.51 38.98
CA MET E 226 -7.45 48.31 37.72
C MET E 226 -8.91 48.75 37.92
N ARG E 227 -9.45 49.46 36.92
CA ARG E 227 -10.79 50.03 37.00
C ARG E 227 -11.95 49.04 36.82
N ASN E 228 -11.67 47.82 36.34
CA ASN E 228 -12.74 46.88 36.06
C ASN E 228 -12.39 45.49 36.59
N SER E 229 -13.22 44.98 37.51
CA SER E 229 -12.98 43.72 38.18
C SER E 229 -12.98 42.52 37.22
N ILE E 230 -13.84 42.55 36.18
CA ILE E 230 -13.87 41.44 35.26
C ILE E 230 -12.57 41.47 34.46
N ASP E 231 -12.16 42.66 33.99
CA ASP E 231 -10.87 42.78 33.32
C ASP E 231 -9.73 42.27 34.19
N ALA E 232 -9.74 42.64 35.50
CA ALA E 232 -8.66 42.29 36.38
C ALA E 232 -8.44 40.77 36.46
N VAL E 233 -9.54 39.98 36.45
CA VAL E 233 -9.33 38.54 36.59
C VAL E 233 -9.13 37.86 35.24
N SER E 234 -9.52 38.51 34.15
CA SER E 234 -9.53 37.90 32.81
C SER E 234 -8.35 38.32 31.97
N ASP E 235 -7.61 39.36 32.37
CA ASP E 235 -6.55 39.91 31.53
C ASP E 235 -5.22 39.18 31.73
N ARG E 236 -4.59 38.85 30.59
CA ARG E 236 -3.22 38.34 30.55
C ARG E 236 -2.39 39.11 29.53
N ASP E 237 -2.80 40.35 29.23
CA ASP E 237 -2.01 41.04 28.21
C ASP E 237 -0.57 41.27 28.69
N PHE E 238 -0.36 41.52 29.98
CA PHE E 238 0.99 41.73 30.46
C PHE E 238 1.89 40.54 30.13
N VAL E 239 1.33 39.32 30.14
CA VAL E 239 2.08 38.13 29.78
C VAL E 239 2.40 38.17 28.28
N LEU E 240 1.39 38.45 27.48
CA LEU E 240 1.58 38.56 26.04
C LEU E 240 2.67 39.56 25.66
N GLU E 241 2.57 40.74 26.27
CA GLU E 241 3.47 41.81 25.86
C GLU E 241 4.90 41.52 26.32
N PHE E 242 5.06 40.88 27.48
CA PHE E 242 6.39 40.47 27.98
C PHE E 242 6.94 39.37 27.07
N LEU E 243 6.09 38.37 26.75
CA LEU E 243 6.53 37.31 25.83
C LEU E 243 6.99 37.91 24.49
N TYR E 244 6.21 38.84 23.95
CA TYR E 244 6.63 39.47 22.68
C TYR E 244 7.98 40.22 22.85
N THR E 245 8.09 41.03 23.89
CA THR E 245 9.32 41.77 24.13
C THR E 245 10.52 40.85 24.27
N ASN E 246 10.33 39.71 24.96
CA ASN E 246 11.38 38.71 24.98
C ASN E 246 11.71 38.20 23.58
N ALA E 247 10.67 37.90 22.81
CA ALA E 247 10.88 37.37 21.47
C ALA E 247 11.63 38.33 20.55
N ASN E 248 11.34 39.61 20.66
CA ASN E 248 12.09 40.53 19.80
C ASN E 248 13.54 40.65 20.28
N THR E 249 13.77 40.68 21.60
CA THR E 249 15.14 40.64 22.12
C THR E 249 15.89 39.41 21.59
N GLY E 250 15.19 38.27 21.64
CA GLY E 250 15.74 37.02 21.17
C GLY E 250 16.06 37.02 19.69
N ILE E 251 15.25 37.72 18.91
CA ILE E 251 15.58 37.90 17.49
C ILE E 251 16.90 38.64 17.33
N HIS E 252 17.07 39.71 18.09
CA HIS E 252 18.33 40.43 17.99
C HIS E 252 19.52 39.55 18.34
N LEU E 253 19.37 38.76 19.42
CA LEU E 253 20.47 37.89 19.81
C LEU E 253 20.69 36.75 18.81
N SER E 254 19.63 36.33 18.08
CA SER E 254 19.80 35.32 17.06
C SER E 254 20.60 35.84 15.89
N ARG E 255 20.48 37.15 15.64
CA ARG E 255 21.27 37.78 14.57
C ARG E 255 22.72 37.94 15.01
N LEU E 256 22.90 38.34 16.28
CA LEU E 256 24.23 38.35 16.88
C LEU E 256 24.88 36.98 16.74
N GLY E 257 24.11 35.95 17.11
CA GLY E 257 24.61 34.59 16.95
C GLY E 257 24.97 34.18 15.53
N GLU E 258 24.09 34.45 14.57
CA GLU E 258 24.41 34.22 13.17
C GLU E 258 25.72 34.92 12.79
N GLU E 259 25.80 36.20 13.14
CA GLU E 259 27.00 36.98 12.75
C GLU E 259 28.26 36.39 13.38
N TRP E 260 28.19 36.06 14.68
CA TRP E 260 29.39 35.60 15.31
C TRP E 260 29.77 34.17 14.93
N VAL E 261 28.78 33.32 14.63
CA VAL E 261 29.10 32.02 14.06
C VAL E 261 29.73 32.17 12.69
N LEU E 262 29.28 33.14 11.87
CA LEU E 262 29.96 33.40 10.60
C LEU E 262 31.37 33.93 10.84
N TRP E 263 31.52 34.87 11.75
CA TRP E 263 32.84 35.49 11.95
C TRP E 263 33.87 34.48 12.46
N ALA E 264 33.41 33.45 13.19
CA ALA E 264 34.27 32.42 13.71
C ALA E 264 34.62 31.37 12.66
N SER E 265 33.94 31.36 11.50
CA SER E 265 34.27 30.43 10.45
C SER E 265 35.67 30.71 9.89
N GLU E 266 36.23 29.72 9.21
CA GLU E 266 37.52 29.96 8.59
C GLU E 266 37.34 30.82 7.34
N GLU E 267 36.18 30.75 6.68
CA GLU E 267 35.91 31.54 5.47
C GLU E 267 35.96 33.03 5.74
N PHE E 268 35.32 33.50 6.82
CA PHE E 268 35.41 34.86 7.26
C PHE E 268 36.75 35.02 7.96
N GLY E 269 36.99 34.27 9.03
CA GLY E 269 38.25 34.25 9.73
C GLY E 269 38.47 35.48 10.59
N PHE E 270 37.39 36.19 10.97
CA PHE E 270 37.49 37.45 11.67
C PHE E 270 37.77 37.28 13.17
N MET E 271 37.27 36.22 13.77
CA MET E 271 37.18 36.16 15.23
C MET E 271 37.62 34.77 15.68
N THR E 272 38.31 34.71 16.81
CA THR E 272 38.69 33.47 17.47
C THR E 272 38.07 33.46 18.86
N PRO E 273 37.15 32.55 19.14
CA PRO E 273 36.64 32.41 20.52
C PRO E 273 37.71 31.78 21.42
N SER E 274 37.70 32.13 22.69
CA SER E 274 38.54 31.48 23.68
C SER E 274 38.13 30.02 23.84
N ASP E 275 39.04 29.24 24.41
CA ASP E 275 38.73 27.83 24.68
C ASP E 275 37.56 27.70 25.65
N SER E 276 37.39 28.68 26.56
CA SER E 276 36.31 28.66 27.52
C SER E 276 34.91 28.87 26.94
N VAL E 277 34.81 29.38 25.70
CA VAL E 277 33.49 29.57 25.09
C VAL E 277 33.41 28.86 23.72
N SER E 278 34.17 27.77 23.57
CA SER E 278 34.13 27.00 22.33
C SER E 278 34.36 25.52 22.62
N THR E 279 34.11 24.70 21.60
CA THR E 279 34.49 23.30 21.64
C THR E 279 35.40 23.05 20.45
N GLY E 280 36.15 21.97 20.57
CA GLY E 280 37.12 21.63 19.54
C GLY E 280 37.35 20.13 19.43
N SER E 281 38.43 19.80 18.72
CA SER E 281 38.74 18.44 18.32
C SER E 281 40.23 18.26 18.57
N SER E 282 40.65 17.17 19.22
CA SER E 282 42.08 16.98 19.45
C SER E 282 42.79 16.66 18.12
N ILE E 283 42.08 16.17 17.07
CA ILE E 283 42.79 15.86 15.82
C ILE E 283 42.75 16.97 14.81
N MET E 284 41.93 18.00 15.04
CA MET E 284 41.86 19.19 14.21
C MET E 284 41.94 20.41 15.12
N PRO E 285 43.16 20.70 15.60
CA PRO E 285 43.31 21.68 16.69
C PRO E 285 42.94 23.10 16.26
N GLN E 286 42.86 23.37 14.95
CA GLN E 286 42.42 24.65 14.42
C GLN E 286 40.89 24.82 14.45
N LYS E 287 40.15 23.75 14.63
CA LYS E 287 38.68 23.79 14.50
C LYS E 287 38.15 24.27 15.86
N LYS E 288 37.53 25.45 15.89
CA LYS E 288 36.98 26.00 17.13
C LYS E 288 35.50 26.27 16.88
N ASN E 289 34.66 25.47 17.51
CA ASN E 289 33.23 25.54 17.28
C ASN E 289 32.63 26.55 18.27
N PRO E 290 31.88 27.56 17.83
CA PRO E 290 31.32 28.57 18.74
C PRO E 290 29.96 28.16 19.30
N ASP E 291 29.94 27.03 19.98
CA ASP E 291 28.70 26.45 20.47
C ASP E 291 27.82 27.43 21.24
N PRO E 292 28.33 28.28 22.16
CA PRO E 292 27.39 29.12 22.92
C PRO E 292 26.59 30.03 22.00
N MET E 293 27.18 30.57 20.95
CA MET E 293 26.46 31.47 20.07
C MET E 293 25.51 30.74 19.11
N GLU E 294 25.84 29.48 18.76
CA GLU E 294 24.89 28.67 18.05
C GLU E 294 23.67 28.43 18.93
N LEU E 295 23.89 28.17 20.21
CA LEU E 295 22.80 27.89 21.10
CA LEU E 295 22.79 27.91 21.11
C LEU E 295 21.99 29.16 21.40
N VAL E 296 22.65 30.34 21.45
CA VAL E 296 21.90 31.59 21.50
C VAL E 296 20.96 31.74 20.30
N ARG E 297 21.48 31.50 19.11
CA ARG E 297 20.64 31.54 17.91
C ARG E 297 19.48 30.56 18.01
N GLY E 298 19.77 29.33 18.40
CA GLY E 298 18.72 28.31 18.48
C GLY E 298 17.67 28.63 19.53
N LYS E 299 18.08 29.17 20.66
CA LYS E 299 17.17 29.46 21.75
C LYS E 299 16.19 30.59 21.45
N SER E 300 16.45 31.37 20.41
CA SER E 300 15.45 32.34 19.97
C SER E 300 14.13 31.66 19.56
N ALA E 301 14.23 30.39 19.10
CA ALA E 301 13.06 29.69 18.63
C ALA E 301 12.07 29.39 19.75
N ARG E 302 12.54 28.90 20.92
CA ARG E 302 11.61 28.56 21.99
C ARG E 302 10.94 29.83 22.54
N VAL E 303 11.65 30.96 22.48
CA VAL E 303 11.05 32.20 22.92
C VAL E 303 9.89 32.60 22.01
N ILE E 304 10.06 32.39 20.69
CA ILE E 304 8.95 32.62 19.77
C ILE E 304 7.80 31.64 20.06
N GLY E 305 8.16 30.37 20.30
CA GLY E 305 7.14 29.35 20.60
C GLY E 305 6.34 29.68 21.84
N ASP E 306 7.03 30.18 22.86
CA ASP E 306 6.37 30.55 24.10
C ASP E 306 5.32 31.63 23.88
N LEU E 307 5.65 32.65 23.07
CA LEU E 307 4.71 33.69 22.67
C LEU E 307 3.50 33.11 21.93
N VAL E 308 3.75 32.21 20.98
CA VAL E 308 2.63 31.60 20.24
C VAL E 308 1.73 30.78 21.18
N THR E 309 2.34 30.07 22.13
CA THR E 309 1.53 29.37 23.13
C THR E 309 0.49 30.29 23.76
N VAL E 310 0.90 31.41 24.35
CA VAL E 310 -0.05 32.20 25.11
C VAL E 310 -0.98 32.99 24.20
N LEU E 311 -0.52 33.39 23.01
CA LEU E 311 -1.46 33.98 22.06
C LEU E 311 -2.60 33.01 21.74
N THR E 312 -2.26 31.74 21.45
CA THR E 312 -3.23 30.71 21.11
CA THR E 312 -3.29 30.79 21.07
C THR E 312 -4.14 30.40 22.29
N LEU E 313 -3.58 30.43 23.50
CA LEU E 313 -4.31 30.13 24.71
C LEU E 313 -5.45 31.13 24.92
N CYS E 314 -5.14 32.42 24.71
CA CYS E 314 -6.11 33.45 25.00
C CYS E 314 -7.13 33.63 23.87
N LYS E 315 -6.77 33.26 22.65
CA LYS E 315 -7.64 33.40 21.50
C LYS E 315 -8.96 32.66 21.73
N GLY E 316 -10.06 33.36 21.51
CA GLY E 316 -11.40 32.81 21.57
C GLY E 316 -11.89 32.43 22.96
N LEU E 317 -11.21 32.79 24.06
CA LEU E 317 -11.70 32.40 25.35
C LEU E 317 -12.86 33.30 25.79
N PRO E 318 -13.95 32.76 26.36
CA PRO E 318 -14.97 33.62 26.94
C PRO E 318 -14.46 34.30 28.21
N LEU E 319 -15.23 35.28 28.66
CA LEU E 319 -15.03 35.86 29.99
C LEU E 319 -15.58 34.92 31.07
N ALA E 320 -15.14 35.08 32.33
CA ALA E 320 -14.05 35.97 32.80
C ALA E 320 -12.80 35.16 33.06
N TYR E 321 -12.84 34.31 34.09
CA TYR E 321 -11.72 33.40 34.42
C TYR E 321 -12.02 32.01 33.91
N ASN E 322 -11.03 31.39 33.24
CA ASN E 322 -11.09 30.02 32.80
C ASN E 322 -9.83 29.25 33.26
N ARG E 323 -9.97 27.95 33.52
CA ARG E 323 -8.83 27.15 34.01
C ARG E 323 -7.70 27.15 32.95
N ASP E 324 -8.07 27.40 31.69
CA ASP E 324 -7.02 27.46 30.63
C ASP E 324 -5.86 28.38 31.03
N PHE E 325 -6.15 29.41 31.83
CA PHE E 325 -5.13 30.38 32.17
C PHE E 325 -3.99 29.80 33.03
N GLN E 326 -4.19 28.62 33.56
CA GLN E 326 -3.10 27.95 34.25
C GLN E 326 -1.89 27.74 33.32
N GLU E 327 -2.15 27.63 32.01
CA GLU E 327 -1.12 27.39 31.02
C GLU E 327 -0.32 28.64 30.64
N ASP E 328 -0.56 29.77 31.30
CA ASP E 328 0.20 30.96 30.90
C ASP E 328 1.48 31.13 31.71
N LYS E 329 1.70 30.28 32.71
CA LYS E 329 2.86 30.44 33.60
C LYS E 329 4.15 29.83 32.99
N GLU E 330 4.08 28.55 32.64
CA GLU E 330 5.22 27.84 32.14
C GLU E 330 5.85 28.54 30.95
N PRO E 331 5.07 29.02 29.96
CA PRO E 331 5.72 29.70 28.84
C PRO E 331 6.41 31.01 29.25
N MET E 332 5.81 31.75 30.20
CA MET E 332 6.44 32.97 30.68
C MET E 332 7.73 32.65 31.41
N PHE E 333 7.72 31.63 32.29
CA PHE E 333 8.91 31.29 33.01
C PHE E 333 10.01 30.83 32.05
N ASP E 334 9.64 30.02 31.06
CA ASP E 334 10.62 29.51 30.11
C ASP E 334 11.22 30.64 29.29
N SER E 335 10.35 31.50 28.82
CA SER E 335 10.75 32.62 27.97
C SER E 335 11.77 33.51 28.71
N THR E 336 11.41 33.82 29.97
CA THR E 336 12.24 34.65 30.83
C THR E 336 13.59 34.00 31.12
N LYS E 337 13.58 32.74 31.57
CA LYS E 337 14.82 32.04 31.86
C LYS E 337 15.72 32.01 30.62
N THR E 338 15.10 31.72 29.48
CA THR E 338 15.85 31.61 28.23
C THR E 338 16.48 32.97 27.85
N ILE E 339 15.67 34.01 27.82
CA ILE E 339 16.21 35.29 27.38
C ILE E 339 17.32 35.75 28.34
N MET E 340 17.13 35.55 29.65
CA MET E 340 18.17 35.93 30.60
C MET E 340 19.48 35.22 30.29
N GLY E 341 19.41 33.91 29.98
CA GLY E 341 20.58 33.14 29.63
C GLY E 341 21.21 33.62 28.34
N MET E 342 20.36 33.87 27.32
CA MET E 342 20.88 34.32 26.02
C MET E 342 21.62 35.65 26.19
N ILE E 343 21.07 36.56 27.00
CA ILE E 343 21.72 37.87 27.21
C ILE E 343 23.06 37.67 27.91
N ASP E 344 23.06 36.91 28.99
CA ASP E 344 24.27 36.74 29.78
C ASP E 344 25.36 36.00 29.03
N VAL E 345 24.98 34.92 28.31
CA VAL E 345 25.95 34.15 27.55
C VAL E 345 26.55 34.99 26.42
N SER E 346 25.72 35.82 25.77
CA SER E 346 26.23 36.73 24.74
C SER E 346 27.26 37.68 25.36
N ALA E 347 27.00 38.16 26.58
CA ALA E 347 27.93 39.10 27.22
C ALA E 347 29.24 38.36 27.50
N GLU E 348 29.18 37.14 28.05
CA GLU E 348 30.38 36.39 28.32
C GLU E 348 31.18 36.09 27.03
N PHE E 349 30.48 35.74 25.95
CA PHE E 349 31.17 35.50 24.69
C PHE E 349 31.90 36.77 24.23
N ALA E 350 31.21 37.92 24.29
CA ALA E 350 31.82 39.18 23.90
C ALA E 350 33.13 39.42 24.67
N GLN E 351 33.24 38.95 25.90
CA GLN E 351 34.41 39.11 26.74
C GLN E 351 35.50 38.09 26.50
N ASN E 352 35.23 37.12 25.60
CA ASN E 352 36.09 35.96 25.41
C ASN E 352 36.32 35.73 23.94
N VAL E 353 36.42 36.81 23.14
CA VAL E 353 36.73 36.66 21.74
C VAL E 353 37.89 37.60 21.39
N THR E 354 38.74 37.18 20.47
CA THR E 354 39.71 38.12 19.93
CA THR E 354 39.81 38.00 19.93
C THR E 354 39.55 38.18 18.42
N PHE E 355 39.93 39.31 17.86
CA PHE E 355 39.84 39.51 16.42
C PHE E 355 41.19 39.22 15.78
N ASN E 356 41.10 38.63 14.61
CA ASN E 356 42.25 38.15 13.86
C ASN E 356 42.72 39.25 12.91
N GLU E 357 43.56 40.20 13.39
CA GLU E 357 43.82 41.42 12.67
C GLU E 357 44.52 41.17 11.35
N ASP E 358 45.44 40.22 11.29
CA ASP E 358 46.20 39.98 10.06
CA ASP E 358 46.19 40.00 10.06
C ASP E 358 45.30 39.32 9.03
N ARG E 359 44.51 38.31 9.46
CA ARG E 359 43.55 37.67 8.56
C ARG E 359 42.58 38.72 7.99
N ILE E 360 42.03 39.59 8.82
CA ILE E 360 41.09 40.60 8.36
C ILE E 360 41.75 41.50 7.33
N LYS E 361 42.91 42.00 7.67
CA LYS E 361 43.62 42.92 6.78
C LYS E 361 43.90 42.27 5.44
N LYS E 362 44.34 41.01 5.41
CA LYS E 362 44.62 40.33 4.16
C LYS E 362 43.35 40.12 3.33
N SER E 363 42.19 40.09 3.96
CA SER E 363 40.95 39.83 3.20
C SER E 363 40.34 41.12 2.64
N LEU E 364 40.68 42.30 3.16
CA LEU E 364 39.97 43.53 2.80
C LEU E 364 40.20 43.99 1.38
N PRO E 365 41.40 43.85 0.77
CA PRO E 365 41.63 44.38 -0.56
C PRO E 365 40.70 43.82 -1.63
N ALA E 366 40.08 42.65 -1.34
CA ALA E 366 39.30 41.87 -2.28
C ALA E 366 38.23 42.70 -2.98
N GLY E 367 37.26 43.21 -2.25
CA GLY E 367 36.10 43.63 -3.03
C GLY E 367 36.07 45.14 -3.32
N HIS E 368 37.21 45.82 -3.36
CA HIS E 368 37.23 47.22 -3.78
C HIS E 368 36.23 48.05 -2.98
N LEU E 369 36.34 47.98 -1.64
CA LEU E 369 35.35 48.58 -0.77
C LEU E 369 35.42 50.10 -0.80
N ASP E 370 36.53 50.63 -1.29
CA ASP E 370 36.69 52.06 -1.42
C ASP E 370 36.03 52.63 -2.66
N ALA E 371 35.33 51.86 -3.43
CA ALA E 371 34.71 52.35 -4.68
C ALA E 371 33.73 53.50 -4.45
N THR E 372 32.82 53.35 -3.49
CA THR E 372 31.90 54.49 -3.20
CA THR E 372 31.90 54.47 -3.17
C THR E 372 32.52 55.84 -2.68
N THR E 373 33.67 55.66 -2.02
CA THR E 373 34.38 56.83 -1.56
C THR E 373 34.96 57.52 -2.81
N LEU E 374 35.52 56.75 -3.74
CA LEU E 374 36.00 57.37 -4.97
C LEU E 374 34.84 58.02 -5.73
N ALA E 375 33.67 57.39 -5.78
CA ALA E 375 32.51 58.00 -6.41
C ALA E 375 32.09 59.29 -5.71
N ASP E 376 32.18 59.33 -4.37
CA ASP E 376 31.87 60.54 -3.65
C ASP E 376 32.86 61.65 -3.95
N TYR E 377 34.15 61.28 -4.10
CA TYR E 377 35.17 62.26 -4.50
C TYR E 377 34.78 62.92 -5.82
N LEU E 378 34.32 62.13 -6.79
CA LEU E 378 33.95 62.67 -8.10
C LEU E 378 32.73 63.57 -8.02
N VAL E 379 31.72 63.16 -7.25
CA VAL E 379 30.51 63.94 -7.04
C VAL E 379 30.86 65.27 -6.37
N LYS E 380 31.78 65.25 -5.40
CA LYS E 380 32.16 66.47 -4.68
C LYS E 380 32.88 67.44 -5.63
N LYS E 381 33.46 66.90 -6.69
CA LYS E 381 34.09 67.73 -7.71
C LYS E 381 33.15 68.09 -8.84
N GLY E 382 31.85 67.80 -8.73
CA GLY E 382 30.84 68.31 -9.64
C GLY E 382 30.25 67.30 -10.63
N MET E 383 30.68 66.03 -10.59
CA MET E 383 30.21 65.04 -11.54
C MET E 383 28.85 64.53 -11.09
N PRO E 384 27.85 64.28 -11.97
CA PRO E 384 26.61 63.62 -11.53
C PRO E 384 26.90 62.22 -10.99
N PHE E 385 26.04 61.75 -10.09
CA PHE E 385 26.33 60.51 -9.39
C PHE E 385 26.37 59.35 -10.40
N ARG E 386 25.48 59.33 -11.41
CA ARG E 386 25.45 58.21 -12.34
C ARG E 386 26.76 58.10 -13.09
N SER E 387 27.29 59.24 -13.55
CA SER E 387 28.56 59.26 -14.26
C SER E 387 29.68 58.82 -13.33
N SER E 388 29.60 59.26 -12.09
CA SER E 388 30.60 58.90 -11.11
C SER E 388 30.63 57.37 -10.92
N HIS E 389 29.44 56.77 -10.83
CA HIS E 389 29.36 55.34 -10.63
C HIS E 389 29.90 54.57 -11.81
N ASP E 390 29.59 55.06 -13.01
CA ASP E 390 30.02 54.39 -14.23
C ASP E 390 31.55 54.44 -14.36
N ILE E 391 32.15 55.62 -14.10
CA ILE E 391 33.61 55.74 -14.13
C ILE E 391 34.26 54.83 -13.09
N VAL E 392 33.75 54.86 -11.84
CA VAL E 392 34.40 54.05 -10.83
C VAL E 392 34.28 52.56 -11.16
N GLY E 393 33.13 52.13 -11.67
CA GLY E 393 32.99 50.73 -12.07
C GLY E 393 33.98 50.29 -13.15
N LYS E 394 34.24 51.20 -14.11
CA LYS E 394 35.25 50.92 -15.10
C LYS E 394 36.65 50.81 -14.47
N LEU E 395 36.98 51.71 -13.55
CA LEU E 395 38.28 51.61 -12.89
C LEU E 395 38.40 50.35 -12.04
N VAL E 396 37.29 49.96 -11.37
CA VAL E 396 37.33 48.70 -10.65
C VAL E 396 37.62 47.53 -11.60
N GLY E 397 36.96 47.48 -12.75
CA GLY E 397 37.27 46.48 -13.77
C GLY E 397 38.76 46.46 -14.16
N VAL E 398 39.35 47.62 -14.35
CA VAL E 398 40.78 47.72 -14.62
C VAL E 398 41.57 47.02 -13.51
N CYS E 399 41.18 47.28 -12.25
CA CYS E 399 41.90 46.72 -11.10
C CYS E 399 41.71 45.22 -10.97
N VAL E 400 40.50 44.71 -11.28
CA VAL E 400 40.26 43.28 -11.22
C VAL E 400 41.18 42.60 -12.22
N SER E 401 41.35 43.23 -13.40
CA SER E 401 42.16 42.69 -14.47
C SER E 401 43.65 42.70 -14.11
N LYS E 402 44.14 43.80 -13.53
CA LYS E 402 45.55 43.96 -13.19
C LYS E 402 45.90 43.21 -11.90
N GLY E 403 44.88 42.83 -11.12
CA GLY E 403 45.09 42.30 -9.78
C GLY E 403 45.59 43.35 -8.79
N CYS E 404 45.02 44.57 -8.79
CA CYS E 404 45.48 45.60 -7.86
C CYS E 404 44.28 46.21 -7.14
N GLU E 405 44.59 47.12 -6.23
CA GLU E 405 43.63 47.92 -5.49
C GLU E 405 43.55 49.27 -6.19
N LEU E 406 42.45 50.00 -6.03
CA LEU E 406 42.32 51.33 -6.63
C LEU E 406 43.47 52.25 -6.23
N GLN E 407 43.95 52.17 -5.00
CA GLN E 407 44.96 53.11 -4.55
C GLN E 407 46.31 52.81 -5.21
N ASN E 408 46.43 51.68 -5.89
CA ASN E 408 47.70 51.31 -6.59
C ASN E 408 47.66 51.80 -8.04
N LEU E 409 46.51 52.30 -8.50
CA LEU E 409 46.48 52.81 -9.87
C LEU E 409 47.21 54.13 -9.89
N SER E 410 47.85 54.45 -11.03
CA SER E 410 48.46 55.75 -11.18
C SER E 410 47.40 56.79 -11.52
N LEU E 411 47.70 58.04 -11.22
CA LEU E 411 46.85 59.14 -11.64
C LEU E 411 46.69 59.14 -13.17
N GLU E 412 47.76 58.77 -13.89
CA GLU E 412 47.71 58.74 -15.35
C GLU E 412 46.65 57.76 -15.84
N GLU E 413 46.53 56.62 -15.16
CA GLU E 413 45.52 55.64 -15.55
C GLU E 413 44.08 56.14 -15.28
N MET E 414 43.89 56.83 -14.15
CA MET E 414 42.59 57.37 -13.81
C MET E 414 42.19 58.44 -14.83
N LYS E 415 43.17 59.28 -15.22
CA LYS E 415 42.87 60.40 -16.12
C LYS E 415 42.42 59.95 -17.50
N LYS E 416 42.71 58.72 -17.87
CA LYS E 416 42.18 58.12 -19.09
C LYS E 416 40.67 58.08 -19.08
N LEU E 417 40.04 58.04 -17.89
CA LEU E 417 38.60 58.04 -17.81
C LEU E 417 37.93 59.39 -17.51
N SER E 418 38.62 60.32 -16.86
CA SER E 418 38.10 61.65 -16.60
C SER E 418 39.23 62.60 -16.25
N PRO E 419 39.19 63.88 -16.67
CA PRO E 419 40.20 64.85 -16.23
C PRO E 419 39.97 65.35 -14.82
N VAL E 420 38.88 64.91 -14.19
CA VAL E 420 38.50 65.44 -12.86
C VAL E 420 39.46 64.90 -11.79
N PHE E 421 40.01 63.70 -12.01
CA PHE E 421 40.98 63.15 -11.09
C PHE E 421 42.21 64.03 -10.94
N GLU E 422 42.57 64.32 -9.68
CA GLU E 422 43.83 64.97 -9.36
C GLU E 422 44.56 64.20 -8.26
N GLU E 423 45.79 64.63 -7.95
CA GLU E 423 46.66 63.90 -7.04
C GLU E 423 46.06 63.74 -5.64
N ASP E 424 45.15 64.63 -5.25
CA ASP E 424 44.46 64.52 -3.96
C ASP E 424 43.60 63.27 -3.89
N VAL E 425 43.37 62.58 -5.02
CA VAL E 425 42.50 61.42 -5.01
C VAL E 425 43.00 60.35 -4.07
N PHE E 426 44.32 60.23 -3.86
CA PHE E 426 44.83 59.09 -3.09
C PHE E 426 44.45 59.21 -1.62
N GLY E 427 44.12 60.44 -1.18
CA GLY E 427 43.58 60.65 0.18
C GLY E 427 42.19 60.08 0.37
N PHE E 428 41.57 59.59 -0.69
CA PHE E 428 40.21 59.07 -0.73
C PHE E 428 40.22 57.59 -1.09
N LEU E 429 41.38 56.94 -1.19
CA LEU E 429 41.41 55.54 -1.55
C LEU E 429 42.11 54.71 -0.48
N GLY E 430 41.82 53.39 -0.51
CA GLY E 430 42.21 52.49 0.54
C GLY E 430 41.13 52.50 1.62
N VAL E 431 41.01 51.38 2.34
CA VAL E 431 39.96 51.23 3.33
C VAL E 431 40.10 52.20 4.51
N GLU E 432 41.33 52.53 4.96
CA GLU E 432 41.48 53.47 6.06
C GLU E 432 40.96 54.85 5.68
N ASN E 433 41.39 55.37 4.52
CA ASN E 433 40.89 56.64 4.08
C ASN E 433 39.37 56.60 3.85
N SER E 434 38.87 55.51 3.28
CA SER E 434 37.43 55.36 3.06
CA SER E 434 37.44 55.36 3.04
C SER E 434 36.65 55.55 4.33
N VAL E 435 37.01 54.82 5.37
CA VAL E 435 36.35 54.97 6.65
C VAL E 435 36.50 56.38 7.22
N ASN E 436 37.64 57.03 7.01
CA ASN E 436 37.79 58.39 7.48
C ASN E 436 36.88 59.37 6.73
N LYS E 437 36.54 59.09 5.48
CA LYS E 437 35.75 59.99 4.65
C LYS E 437 34.23 59.91 4.82
N PHE E 438 33.67 58.83 5.38
CA PHE E 438 32.26 58.88 5.73
C PHE E 438 32.07 60.00 6.76
N SER E 439 31.00 60.80 6.60
CA SER E 439 30.78 61.93 7.46
C SER E 439 29.33 62.16 7.83
N SER E 440 28.36 61.40 7.31
CA SER E 440 26.97 61.65 7.65
C SER E 440 26.69 61.14 9.06
N TYR E 441 25.69 61.77 9.67
CA TYR E 441 25.29 61.35 11.05
C TYR E 441 24.94 59.85 11.00
N GLY E 442 25.43 59.11 11.97
CA GLY E 442 25.08 57.67 12.01
C GLY E 442 25.98 56.81 11.13
N SER E 443 26.89 57.45 10.39
CA SER E 443 27.73 56.69 9.48
C SER E 443 28.87 55.99 10.20
N THR E 444 29.60 55.13 9.44
CA THR E 444 30.81 54.48 9.95
C THR E 444 32.04 55.41 10.00
N GLY E 445 31.89 56.68 9.70
CA GLY E 445 33.04 57.55 9.72
C GLY E 445 33.74 57.59 11.06
N SER E 446 35.07 57.68 11.06
CA SER E 446 35.81 57.57 12.30
C SER E 446 35.26 58.54 13.35
N ASN E 447 35.10 59.82 12.99
CA ASN E 447 34.64 60.79 13.97
C ASN E 447 33.18 60.60 14.37
N CYS E 448 32.37 60.05 13.44
CA CYS E 448 30.94 59.79 13.72
C CYS E 448 30.83 58.66 14.74
N VAL E 449 31.59 57.60 14.51
CA VAL E 449 31.66 56.49 15.45
C VAL E 449 32.19 56.89 16.81
N ALA E 450 33.23 57.76 16.83
CA ALA E 450 33.74 58.26 18.10
C ALA E 450 32.68 59.01 18.89
N GLU E 451 31.87 59.80 18.19
CA GLU E 451 30.75 60.50 18.84
C GLU E 451 29.77 59.51 19.46
N GLN E 452 29.42 58.47 18.71
CA GLN E 452 28.40 57.54 19.22
C GLN E 452 29.00 56.72 20.37
N LEU E 453 30.27 56.35 20.28
CA LEU E 453 30.90 55.67 21.42
C LEU E 453 30.91 56.60 22.66
N GLY E 454 31.09 57.87 22.46
CA GLY E 454 31.09 58.78 23.59
C GLY E 454 29.73 58.86 24.26
N TYR E 455 28.67 58.80 23.47
CA TYR E 455 27.28 58.84 23.99
C TYR E 455 27.03 57.61 24.87
N TRP E 456 27.55 56.48 24.42
CA TRP E 456 27.29 55.20 25.14
C TRP E 456 28.21 55.06 26.35
N VAL E 457 29.44 55.54 26.25
CA VAL E 457 30.33 55.51 27.40
C VAL E 457 29.76 56.35 28.54
N ASN E 458 29.17 57.50 28.20
CA ASN E 458 28.47 58.33 29.18
C ASN E 458 27.23 57.63 29.70
N LYS E 459 26.35 57.21 28.79
CA LYS E 459 25.06 56.64 29.19
C LYS E 459 25.21 55.39 30.03
N LEU E 460 26.16 54.51 29.68
CA LEU E 460 26.37 53.27 30.39
C LEU E 460 27.34 53.40 31.57
N ASN E 461 27.82 54.60 31.87
CA ASN E 461 28.76 54.84 32.96
C ASN E 461 29.99 53.95 32.85
N ILE E 462 30.55 53.84 31.66
CA ILE E 462 31.76 53.07 31.43
C ILE E 462 32.98 53.82 31.94
N THR E 463 33.82 53.11 32.71
CA THR E 463 35.10 53.67 33.15
C THR E 463 36.25 52.79 32.72
N SER E 464 37.46 53.33 32.88
CA SER E 464 38.69 52.64 32.49
C SER E 464 39.25 51.83 33.65
N THR E 465 38.61 51.91 34.83
CA THR E 465 39.17 51.32 36.05
C THR E 465 39.16 49.79 35.93
N GLY F 11 1.42 29.63 -31.72
CA GLY F 11 2.61 29.25 -30.92
C GLY F 11 2.57 29.87 -29.53
N ARG F 12 3.60 29.56 -28.72
CA ARG F 12 3.64 30.00 -27.33
C ARG F 12 4.96 30.74 -27.05
N PHE F 13 4.83 32.02 -26.65
CA PHE F 13 5.92 32.84 -26.13
C PHE F 13 6.77 32.06 -25.12
N GLU F 14 8.09 32.03 -25.38
CA GLU F 14 9.03 31.33 -24.53
C GLU F 14 9.81 32.31 -23.66
N GLU F 15 9.58 32.23 -22.36
CA GLU F 15 10.14 33.13 -21.36
C GLU F 15 11.64 32.90 -21.16
N SER F 16 12.38 33.97 -20.89
CA SER F 16 13.77 33.89 -20.48
C SER F 16 13.87 33.49 -19.02
N VAL F 17 15.05 33.00 -18.59
CA VAL F 17 15.30 32.78 -17.18
C VAL F 17 15.02 34.08 -16.39
N THR F 18 15.53 35.18 -16.91
CA THR F 18 15.36 36.47 -16.26
C THR F 18 13.89 36.76 -16.02
N GLU F 19 13.04 36.53 -17.03
CA GLU F 19 11.63 36.82 -16.90
C GLU F 19 10.99 35.88 -15.90
N LYS F 20 11.41 34.61 -15.82
CA LYS F 20 10.78 33.73 -14.85
C LYS F 20 11.17 34.10 -13.40
N VAL F 21 12.43 34.55 -13.22
CA VAL F 21 12.86 34.93 -11.91
C VAL F 21 12.22 36.26 -11.51
N GLU F 22 12.06 37.17 -12.45
CA GLU F 22 11.43 38.48 -12.23
C GLU F 22 10.01 38.35 -11.71
N LYS F 23 9.27 37.34 -12.14
CA LYS F 23 7.94 37.20 -11.60
C LYS F 23 8.00 36.76 -10.13
N PHE F 24 9.03 36.00 -9.74
CA PHE F 24 9.15 35.57 -8.35
C PHE F 24 9.60 36.72 -7.44
N THR F 25 10.43 37.64 -7.94
CA THR F 25 11.00 38.69 -7.10
C THR F 25 10.20 39.99 -7.09
N GLU F 26 9.29 40.20 -8.04
CA GLU F 26 8.58 41.46 -8.18
C GLU F 26 7.78 41.75 -6.92
N SER F 27 7.74 43.02 -6.53
CA SER F 27 7.00 43.40 -5.36
C SER F 27 5.90 44.43 -5.65
N ILE F 28 5.84 44.98 -6.87
CA ILE F 28 4.90 46.06 -7.14
C ILE F 28 3.45 45.64 -6.87
N SER F 29 3.14 44.37 -7.12
CA SER F 29 1.77 43.92 -6.92
C SER F 29 1.24 44.26 -5.52
N PHE F 30 2.12 44.29 -4.51
CA PHE F 30 1.69 44.65 -3.17
C PHE F 30 2.27 45.99 -2.71
N ASP F 31 3.46 46.38 -3.16
CA ASP F 31 4.08 47.54 -2.53
C ASP F 31 3.68 48.86 -3.18
N LYS F 32 2.84 48.82 -4.22
CA LYS F 32 2.28 50.03 -4.78
C LYS F 32 1.52 50.83 -3.68
N VAL F 33 1.04 50.19 -2.65
CA VAL F 33 0.26 50.87 -1.61
C VAL F 33 1.13 51.85 -0.80
N LEU F 34 2.47 51.80 -0.99
CA LEU F 34 3.38 52.76 -0.34
C LEU F 34 3.55 54.04 -1.14
N TYR F 35 2.81 54.25 -2.24
CA TYR F 35 3.16 55.34 -3.13
C TYR F 35 3.18 56.70 -2.43
N LYS F 36 2.24 57.02 -1.55
CA LYS F 36 2.18 58.36 -1.01
C LYS F 36 3.43 58.62 -0.14
N GLN F 37 3.82 57.64 0.63
CA GLN F 37 4.97 57.73 1.52
C GLN F 37 6.27 57.78 0.71
N ASP F 38 6.35 56.99 -0.35
CA ASP F 38 7.52 57.03 -1.21
C ASP F 38 7.67 58.40 -1.83
N ILE F 39 6.57 59.01 -2.30
CA ILE F 39 6.65 60.34 -2.90
C ILE F 39 7.07 61.35 -1.83
N MET F 40 6.48 61.30 -0.65
CA MET F 40 6.81 62.21 0.44
C MET F 40 8.31 62.11 0.76
N GLY F 41 8.82 60.90 0.89
CA GLY F 41 10.21 60.68 1.20
C GLY F 41 11.14 61.23 0.11
N SER F 42 10.79 61.05 -1.17
CA SER F 42 11.63 61.53 -2.26
C SER F 42 11.59 63.04 -2.35
N LYS F 43 10.41 63.64 -2.11
CA LYS F 43 10.37 65.11 -2.06
C LYS F 43 11.29 65.66 -0.98
N ALA F 44 11.22 65.10 0.21
CA ALA F 44 12.07 65.56 1.31
C ALA F 44 13.55 65.38 0.96
N HIS F 45 13.92 64.25 0.34
CA HIS F 45 15.29 63.98 -0.08
C HIS F 45 15.75 65.03 -1.08
N ALA F 46 14.95 65.29 -2.11
CA ALA F 46 15.33 66.28 -3.10
C ALA F 46 15.48 67.67 -2.51
N SER F 47 14.55 68.09 -1.63
CA SER F 47 14.64 69.38 -0.99
C SER F 47 15.93 69.51 -0.20
N MET F 48 16.34 68.46 0.47
CA MET F 48 17.56 68.49 1.27
C MET F 48 18.78 68.49 0.34
N LEU F 49 18.74 67.75 -0.79
CA LEU F 49 19.85 67.75 -1.71
C LEU F 49 20.11 69.20 -2.18
N ALA F 50 19.04 69.91 -2.50
CA ALA F 50 19.19 71.27 -2.99
C ALA F 50 19.70 72.19 -1.91
N HIS F 51 19.18 72.08 -0.69
CA HIS F 51 19.63 72.91 0.40
C HIS F 51 21.13 72.69 0.67
N GLN F 52 21.65 71.47 0.43
CA GLN F 52 23.03 71.12 0.71
C GLN F 52 23.93 71.32 -0.53
N GLY F 53 23.35 71.82 -1.61
CA GLY F 53 24.13 72.18 -2.80
C GLY F 53 24.47 70.99 -3.69
N LEU F 54 23.85 69.83 -3.50
CA LEU F 54 24.14 68.64 -4.29
C LEU F 54 23.32 68.56 -5.57
N ILE F 55 22.18 69.30 -5.64
CA ILE F 55 21.46 69.52 -6.89
C ILE F 55 21.06 70.99 -6.96
N THR F 56 20.74 71.51 -8.17
CA THR F 56 20.30 72.87 -8.27
C THR F 56 18.87 73.00 -7.79
N ASP F 57 18.49 74.21 -7.43
CA ASP F 57 17.12 74.54 -7.06
C ASP F 57 16.16 74.27 -8.21
N SER F 58 16.61 74.55 -9.44
CA SER F 58 15.82 74.27 -10.61
C SER F 58 15.56 72.76 -10.78
N ASP F 59 16.59 71.92 -10.60
CA ASP F 59 16.39 70.47 -10.61
C ASP F 59 15.42 70.03 -9.50
N LYS F 60 15.56 70.63 -8.31
CA LYS F 60 14.69 70.22 -7.21
C LYS F 60 13.24 70.61 -7.55
N ASP F 61 13.03 71.82 -8.09
CA ASP F 61 11.67 72.21 -8.42
C ASP F 61 11.05 71.27 -9.47
N SER F 62 11.83 70.84 -10.49
CA SER F 62 11.31 69.94 -11.50
C SER F 62 10.91 68.59 -10.87
N ILE F 63 11.77 68.09 -9.95
CA ILE F 63 11.51 66.84 -9.26
C ILE F 63 10.22 66.95 -8.43
N LEU F 64 10.09 68.02 -7.64
CA LEU F 64 8.92 68.15 -6.80
C LEU F 64 7.66 68.25 -7.65
N ARG F 65 7.64 69.08 -8.68
CA ARG F 65 6.45 69.28 -9.49
C ARG F 65 6.09 67.96 -10.20
N GLY F 66 7.10 67.27 -10.72
CA GLY F 66 6.87 65.98 -11.34
C GLY F 66 6.33 64.95 -10.40
N LEU F 67 6.83 64.87 -9.14
CA LEU F 67 6.36 63.88 -8.22
C LEU F 67 4.91 64.21 -7.84
N ASP F 68 4.58 65.52 -7.73
CA ASP F 68 3.22 65.92 -7.40
C ASP F 68 2.28 65.49 -8.54
N ASP F 69 2.72 65.59 -9.79
CA ASP F 69 1.89 65.21 -10.94
CA ASP F 69 1.88 65.22 -10.92
C ASP F 69 1.65 63.70 -10.94
N ILE F 70 2.69 62.94 -10.60
CA ILE F 70 2.56 61.49 -10.56
C ILE F 70 1.59 61.11 -9.47
N GLU F 71 1.72 61.73 -8.27
CA GLU F 71 0.79 61.47 -7.19
C GLU F 71 -0.65 61.70 -7.65
N ARG F 72 -0.91 62.81 -8.35
CA ARG F 72 -2.25 63.10 -8.84
C ARG F 72 -2.72 62.04 -9.83
N GLN F 73 -1.81 61.55 -10.68
CA GLN F 73 -2.17 60.53 -11.67
C GLN F 73 -2.60 59.25 -10.94
N ILE F 74 -1.84 58.84 -9.91
CA ILE F 74 -2.14 57.65 -9.15
C ILE F 74 -3.51 57.80 -8.49
N GLU F 75 -3.76 58.97 -7.88
CA GLU F 75 -5.00 59.21 -7.16
C GLU F 75 -6.20 59.19 -8.14
N ALA F 76 -5.98 59.56 -9.39
CA ALA F 76 -7.04 59.56 -10.40
C ALA F 76 -7.16 58.20 -11.10
N ASN F 77 -6.43 57.18 -10.63
CA ASN F 77 -6.37 55.87 -11.25
C ASN F 77 -5.94 55.95 -12.72
N LYS F 78 -5.01 56.85 -13.07
CA LYS F 78 -4.54 56.96 -14.43
C LYS F 78 -3.07 56.56 -14.53
N PHE F 79 -2.51 55.96 -13.48
CA PHE F 79 -1.12 55.54 -13.52
C PHE F 79 -1.06 54.04 -13.79
N GLU F 80 -0.23 53.65 -14.73
CA GLU F 80 0.01 52.26 -15.04
C GLU F 80 1.20 51.73 -14.23
N TRP F 81 0.89 50.87 -13.29
CA TRP F 81 1.90 50.17 -12.52
C TRP F 81 2.43 49.03 -13.37
N ARG F 82 3.76 48.85 -13.37
CA ARG F 82 4.41 47.95 -14.32
C ARG F 82 5.28 46.92 -13.60
N THR F 83 5.02 45.63 -13.87
CA THR F 83 5.82 44.53 -13.35
CA THR F 83 5.85 44.62 -13.24
C THR F 83 7.28 44.68 -13.81
N ASP F 84 7.46 45.19 -15.01
CA ASP F 84 8.81 45.29 -15.57
C ASP F 84 9.66 46.35 -14.84
N ARG F 85 9.04 47.15 -13.97
CA ARG F 85 9.74 48.13 -13.18
C ARG F 85 9.82 47.73 -11.71
N GLU F 86 9.44 46.46 -11.42
CA GLU F 86 9.81 45.74 -10.21
C GLU F 86 9.00 46.12 -8.98
N ASP F 87 9.06 47.40 -8.59
CA ASP F 87 8.67 47.80 -7.26
C ASP F 87 8.15 49.24 -7.31
N VAL F 88 7.63 49.74 -6.20
CA VAL F 88 6.98 51.04 -6.18
C VAL F 88 8.00 52.16 -6.46
N HIS F 89 9.23 51.98 -5.97
CA HIS F 89 10.28 53.02 -6.00
C HIS F 89 10.70 53.22 -7.44
N MET F 90 10.97 52.08 -8.13
CA MET F 90 11.41 52.16 -9.52
C MET F 90 10.25 52.56 -10.43
N ASN F 91 9.03 52.12 -10.13
CA ASN F 91 7.89 52.54 -10.93
C ASN F 91 7.73 54.07 -10.87
N ILE F 92 7.84 54.64 -9.69
CA ILE F 92 7.61 56.08 -9.56
C ILE F 92 8.75 56.81 -10.27
N GLU F 93 9.98 56.38 -9.96
CA GLU F 93 11.17 57.07 -10.47
C GLU F 93 11.37 56.94 -11.96
N ALA F 94 11.05 55.79 -12.55
CA ALA F 94 11.12 55.66 -13.99
C ALA F 94 10.04 56.51 -14.66
N ALA F 95 8.87 56.63 -14.04
CA ALA F 95 7.80 57.49 -14.56
C ALA F 95 8.20 58.97 -14.41
N LEU F 96 8.95 59.29 -13.37
CA LEU F 96 9.41 60.67 -13.15
C LEU F 96 10.42 61.00 -14.23
N THR F 97 11.28 60.02 -14.55
CA THR F 97 12.28 60.24 -15.61
C THR F 97 11.56 60.45 -16.93
N ASP F 98 10.54 59.64 -17.21
CA ASP F 98 9.83 59.82 -18.48
C ASP F 98 9.14 61.18 -18.56
N LEU F 99 8.75 61.74 -17.43
CA LEU F 99 8.03 63.00 -17.39
C LEU F 99 8.99 64.19 -17.48
N ILE F 100 10.07 64.22 -16.68
CA ILE F 100 10.90 65.41 -16.55
C ILE F 100 12.29 65.24 -17.13
N GLY F 101 12.71 64.00 -17.40
CA GLY F 101 14.03 63.73 -17.94
C GLY F 101 15.16 63.81 -16.90
N GLU F 102 16.26 64.45 -17.29
CA GLU F 102 17.51 64.39 -16.54
C GLU F 102 17.41 64.72 -15.04
N PRO F 103 16.67 65.73 -14.54
CA PRO F 103 16.67 65.99 -13.11
C PRO F 103 16.32 64.78 -12.27
N ALA F 104 15.45 63.92 -12.78
CA ALA F 104 14.99 62.74 -12.04
C ALA F 104 16.16 61.82 -11.73
N LYS F 105 17.18 61.81 -12.58
CA LYS F 105 18.35 60.95 -12.38
C LYS F 105 19.20 61.39 -11.18
N LYS F 106 18.97 62.59 -10.65
CA LYS F 106 19.76 63.09 -9.55
C LYS F 106 19.13 62.73 -8.21
N LEU F 107 17.87 62.28 -8.23
CA LEU F 107 17.14 62.00 -7.03
C LEU F 107 17.86 60.96 -6.21
N HIS F 108 18.50 59.96 -6.84
CA HIS F 108 19.15 58.93 -6.07
C HIS F 108 20.56 59.27 -5.57
N THR F 109 21.01 60.53 -5.74
CA THR F 109 22.23 60.96 -5.10
C THR F 109 22.17 60.68 -3.60
N ALA F 110 23.23 60.10 -3.01
CA ALA F 110 23.37 59.93 -1.58
C ALA F 110 22.15 59.22 -0.99
N ARG F 111 21.65 58.22 -1.70
CA ARG F 111 20.53 57.41 -1.24
C ARG F 111 20.62 56.02 -1.83
N SER F 112 20.10 55.03 -1.09
CA SER F 112 20.03 53.65 -1.51
C SER F 112 18.56 53.23 -1.49
N ARG F 113 18.24 52.13 -2.16
CA ARG F 113 16.89 51.58 -1.97
C ARG F 113 16.82 51.04 -0.52
N ASN F 114 17.97 50.75 0.08
CA ASN F 114 17.93 50.13 1.41
C ASN F 114 17.43 51.08 2.50
N ASP F 115 17.87 52.34 2.45
CA ASP F 115 17.38 53.33 3.41
C ASP F 115 16.04 53.93 2.94
N GLN F 116 15.82 54.01 1.64
CA GLN F 116 14.55 54.51 1.13
C GLN F 116 13.37 53.62 1.55
N VAL F 117 13.52 52.32 1.39
CA VAL F 117 12.40 51.42 1.70
C VAL F 117 12.07 51.43 3.19
N ALA F 118 13.12 51.48 4.01
CA ALA F 118 12.89 51.52 5.45
C ALA F 118 12.14 52.79 5.83
N THR F 119 12.51 53.92 5.22
CA THR F 119 11.86 55.20 5.50
C THR F 119 10.39 55.12 5.11
N ASP F 120 10.11 54.67 3.87
CA ASP F 120 8.75 54.62 3.35
C ASP F 120 7.89 53.75 4.25
N PHE F 121 8.43 52.61 4.66
CA PHE F 121 7.59 51.66 5.37
C PHE F 121 7.29 52.17 6.79
N ARG F 122 8.26 52.81 7.46
CA ARG F 122 7.97 53.41 8.73
C ARG F 122 6.87 54.47 8.59
N LEU F 123 6.95 55.33 7.58
CA LEU F 123 5.92 56.32 7.39
C LEU F 123 4.53 55.71 7.18
N TRP F 124 4.47 54.63 6.40
CA TRP F 124 3.20 53.93 6.16
C TRP F 124 2.66 53.36 7.48
N CYS F 125 3.55 52.78 8.28
CA CYS F 125 3.14 52.20 9.55
C CYS F 125 2.63 53.29 10.47
N ARG F 126 3.32 54.44 10.50
CA ARG F 126 2.93 55.56 11.36
C ARG F 126 1.50 56.03 11.01
N ASP F 127 1.21 56.19 9.70
CA ASP F 127 -0.12 56.57 9.24
C ASP F 127 -1.17 55.50 9.60
N ALA F 128 -0.81 54.22 9.42
CA ALA F 128 -1.73 53.14 9.72
C ALA F 128 -2.10 53.09 11.20
N ILE F 129 -1.10 53.26 12.06
CA ILE F 129 -1.35 53.33 13.51
C ILE F 129 -2.29 54.49 13.83
N ASP F 130 -2.07 55.65 13.22
CA ASP F 130 -2.95 56.78 13.49
C ASP F 130 -4.41 56.44 13.16
N THR F 131 -4.62 55.73 12.06
CA THR F 131 -5.97 55.40 11.61
C THR F 131 -6.56 54.33 12.53
N ILE F 132 -5.74 53.38 12.95
CA ILE F 132 -6.27 52.35 13.86
C ILE F 132 -6.69 52.99 15.19
N ILE F 133 -5.90 53.91 15.71
CA ILE F 133 -6.28 54.48 17.04
C ILE F 133 -7.66 55.14 16.93
N VAL F 134 -7.93 55.86 15.82
CA VAL F 134 -9.25 56.50 15.60
C VAL F 134 -10.36 55.43 15.60
N LYS F 135 -10.07 54.30 14.97
CA LYS F 135 -11.11 53.24 14.85
C LYS F 135 -11.34 52.60 16.23
N ILE F 136 -10.28 52.46 17.00
CA ILE F 136 -10.42 51.88 18.37
C ILE F 136 -11.32 52.79 19.24
N ARG F 137 -11.07 54.09 19.19
CA ARG F 137 -11.93 55.03 19.95
CA ARG F 137 -11.93 55.03 19.97
C ARG F 137 -13.42 54.93 19.55
N ASN F 138 -13.62 54.81 18.24
CA ASN F 138 -15.01 54.64 17.74
CA ASN F 138 -15.01 54.64 17.74
C ASN F 138 -15.72 53.38 18.33
N LEU F 139 -14.93 52.33 18.39
CA LEU F 139 -15.49 51.06 18.95
C LEU F 139 -15.68 51.24 20.47
N GLN F 140 -14.70 51.85 21.12
CA GLN F 140 -14.89 52.13 22.57
C GLN F 140 -16.18 52.94 22.77
N ARG F 141 -16.42 53.94 21.91
CA ARG F 141 -17.66 54.73 22.04
C ARG F 141 -18.90 53.86 21.78
N ALA F 142 -18.84 52.98 20.76
CA ALA F 142 -19.96 52.12 20.50
C ALA F 142 -20.28 51.24 21.71
N LEU F 143 -19.23 50.73 22.36
CA LEU F 143 -19.42 49.86 23.51
C LEU F 143 -19.97 50.66 24.70
N VAL F 144 -19.46 51.86 24.93
CA VAL F 144 -19.93 52.66 26.06
C VAL F 144 -21.38 53.08 25.80
N GLU F 145 -21.74 53.42 24.57
CA GLU F 145 -23.12 53.79 24.25
CA GLU F 145 -23.13 53.78 24.25
C GLU F 145 -24.07 52.61 24.48
N LEU F 146 -23.63 51.39 24.11
CA LEU F 146 -24.41 50.19 24.36
C LEU F 146 -24.62 49.98 25.86
N ALA F 147 -23.54 50.17 26.62
CA ALA F 147 -23.55 50.06 28.08
C ALA F 147 -24.56 51.05 28.69
N LEU F 148 -24.54 52.27 28.22
CA LEU F 148 -25.41 53.34 28.76
C LEU F 148 -26.88 53.02 28.44
N LYS F 149 -27.16 52.52 27.24
CA LYS F 149 -28.51 52.20 26.80
C LYS F 149 -29.07 51.05 27.62
N ASN F 150 -28.18 50.19 28.15
CA ASN F 150 -28.57 48.99 28.89
C ASN F 150 -28.00 48.97 30.29
N GLU F 151 -27.90 50.13 30.91
CA GLU F 151 -27.15 50.29 32.15
C GLU F 151 -27.75 49.56 33.34
N ALA F 152 -29.06 49.29 33.32
CA ALA F 152 -29.68 48.66 34.46
C ALA F 152 -29.76 47.14 34.33
N LEU F 153 -29.38 46.59 33.17
CA LEU F 153 -29.55 45.17 32.93
CA LEU F 153 -29.55 45.16 32.91
C LEU F 153 -28.55 44.35 33.73
N ILE F 154 -29.09 43.36 34.45
CA ILE F 154 -28.34 42.35 35.18
C ILE F 154 -28.21 41.08 34.33
N VAL F 155 -26.97 40.58 34.22
CA VAL F 155 -26.65 39.32 33.59
C VAL F 155 -25.74 38.53 34.51
N PRO F 156 -25.59 37.20 34.32
CA PRO F 156 -24.61 36.47 35.09
C PRO F 156 -23.20 36.85 34.65
N GLY F 157 -22.29 36.77 35.62
CA GLY F 157 -20.85 36.79 35.42
C GLY F 157 -20.31 35.35 35.59
N TYR F 158 -19.42 34.90 34.67
CA TYR F 158 -19.04 33.50 34.62
C TYR F 158 -17.58 33.26 34.94
N THR F 159 -17.33 32.13 35.59
CA THR F 159 -16.00 31.54 35.66
C THR F 159 -16.18 30.07 35.31
N HIS F 160 -15.28 29.57 34.43
CA HIS F 160 -15.36 28.19 33.94
C HIS F 160 -16.66 27.96 33.13
N LEU F 161 -17.24 29.02 32.58
CA LEU F 161 -18.52 28.99 31.89
C LEU F 161 -19.63 28.52 32.82
N GLN F 162 -19.43 28.74 34.14
CA GLN F 162 -20.43 28.49 35.15
C GLN F 162 -20.81 29.83 35.78
N ARG F 163 -22.10 30.00 36.10
CA ARG F 163 -22.51 31.26 36.69
C ARG F 163 -21.93 31.43 38.09
N ALA F 164 -21.31 32.57 38.33
CA ALA F 164 -20.56 32.80 39.56
C ALA F 164 -21.20 33.91 40.38
N GLN F 165 -21.50 35.03 39.77
CA GLN F 165 -22.02 36.19 40.50
C GLN F 165 -22.92 36.96 39.56
N PRO F 166 -23.86 37.74 40.06
CA PRO F 166 -24.65 38.61 39.20
C PRO F 166 -23.86 39.91 38.92
N VAL F 167 -23.90 40.40 37.69
CA VAL F 167 -23.17 41.62 37.36
C VAL F 167 -24.08 42.49 36.51
N LEU F 168 -23.70 43.74 36.27
CA LEU F 168 -24.39 44.61 35.35
C LEU F 168 -23.80 44.48 33.95
N LEU F 169 -24.67 44.43 32.95
CA LEU F 169 -24.23 44.39 31.58
CA LEU F 169 -24.26 44.41 31.55
C LEU F 169 -23.22 45.50 31.29
N PRO F 170 -23.41 46.78 31.67
CA PRO F 170 -22.37 47.77 31.40
C PRO F 170 -20.97 47.39 31.93
N HIS F 171 -20.91 46.73 33.10
CA HIS F 171 -19.62 46.31 33.66
C HIS F 171 -18.91 45.31 32.75
N VAL F 172 -19.70 44.40 32.16
CA VAL F 172 -19.15 43.43 31.22
C VAL F 172 -18.63 44.16 29.99
N LEU F 173 -19.41 45.09 29.43
CA LEU F 173 -18.96 45.80 28.22
C LEU F 173 -17.71 46.64 28.47
N LEU F 174 -17.62 47.22 29.68
CA LEU F 174 -16.45 48.01 30.01
C LEU F 174 -15.19 47.18 30.13
N THR F 175 -15.30 45.86 30.29
CA THR F 175 -14.12 45.02 30.21
C THR F 175 -13.42 45.22 28.86
N PHE F 176 -14.21 45.16 27.81
CA PHE F 176 -13.70 45.29 26.44
C PHE F 176 -13.18 46.70 26.15
N VAL F 177 -13.81 47.71 26.76
CA VAL F 177 -13.30 49.08 26.64
C VAL F 177 -11.92 49.20 27.27
N GLU F 178 -11.72 48.62 28.45
CA GLU F 178 -10.45 48.64 29.17
C GLU F 178 -9.39 47.85 28.40
N GLN F 179 -9.76 46.68 27.81
CA GLN F 179 -8.84 45.93 26.93
C GLN F 179 -8.32 46.81 25.81
N LEU F 180 -9.26 47.50 25.16
CA LEU F 180 -8.96 48.31 24.00
C LEU F 180 -8.12 49.51 24.39
N GLU F 181 -8.27 49.97 25.63
CA GLU F 181 -7.40 51.08 26.10
C GLU F 181 -5.94 50.65 26.21
N ARG F 182 -5.67 49.43 26.68
CA ARG F 182 -4.29 48.94 26.69
C ARG F 182 -3.78 48.81 25.24
N ASP F 183 -4.65 48.36 24.35
CA ASP F 183 -4.27 48.25 22.95
C ASP F 183 -3.85 49.64 22.45
N ALA F 184 -4.71 50.62 22.68
CA ALA F 184 -4.40 52.01 22.24
C ALA F 184 -3.06 52.46 22.84
N GLY F 185 -2.79 52.09 24.08
CA GLY F 185 -1.52 52.44 24.69
C GLY F 185 -0.32 51.80 23.99
N ARG F 186 -0.46 50.53 23.61
CA ARG F 186 0.58 49.84 22.86
C ARG F 186 0.75 50.51 21.50
N TYR F 187 -0.34 50.92 20.84
CA TYR F 187 -0.13 51.59 19.55
C TYR F 187 0.64 52.90 19.76
N VAL F 188 0.28 53.69 20.77
CA VAL F 188 0.97 54.96 21.01
C VAL F 188 2.46 54.69 21.27
N ASP F 189 2.78 53.68 22.07
CA ASP F 189 4.17 53.40 22.42
C ASP F 189 4.93 52.88 21.20
N CYS F 190 4.27 52.07 20.37
CA CYS F 190 4.89 51.54 19.15
C CYS F 190 5.24 52.67 18.20
N ARG F 191 4.26 53.55 18.02
CA ARG F 191 4.43 54.69 17.11
C ARG F 191 5.64 55.52 17.54
N ALA F 192 5.76 55.81 18.84
CA ALA F 192 6.87 56.64 19.28
C ALA F 192 8.20 55.98 18.98
N ARG F 193 8.32 54.69 19.21
CA ARG F 193 9.57 53.98 19.02
C ARG F 193 9.92 53.87 17.56
N LEU F 194 8.94 53.75 16.65
CA LEU F 194 9.22 53.66 15.23
C LEU F 194 9.54 55.00 14.58
N ASN F 195 9.24 56.08 15.28
CA ASN F 195 9.30 57.42 14.67
C ASN F 195 10.71 58.00 14.64
N PHE F 196 11.65 57.23 14.11
CA PHE F 196 13.04 57.62 13.93
C PHE F 196 13.39 57.36 12.47
N SER F 197 14.19 58.25 11.88
CA SER F 197 14.38 58.24 10.45
C SER F 197 15.59 57.39 10.04
N PRO F 198 15.46 56.40 9.16
CA PRO F 198 16.60 55.69 8.58
C PRO F 198 17.24 56.43 7.41
N LEU F 199 16.57 57.50 6.89
CA LEU F 199 17.01 58.08 5.64
C LEU F 199 18.37 58.75 5.81
N GLY F 200 19.30 58.41 4.95
CA GLY F 200 20.68 58.86 5.02
C GLY F 200 21.66 57.82 5.50
N ALA F 201 21.19 56.63 5.89
CA ALA F 201 22.05 55.48 6.09
C ALA F 201 22.63 54.93 4.77
N CYS F 202 22.01 55.32 3.65
CA CYS F 202 22.42 54.83 2.33
C CYS F 202 22.44 53.30 2.30
N ALA F 203 23.43 52.63 1.69
CA ALA F 203 23.36 51.17 1.60
C ALA F 203 23.44 50.49 2.96
N LEU F 204 24.24 51.05 3.90
CA LEU F 204 24.37 50.56 5.26
C LEU F 204 25.38 51.38 6.06
N ALA F 205 26.26 52.17 5.40
CA ALA F 205 27.41 52.74 6.10
C ALA F 205 27.36 54.26 6.15
N GLY F 206 26.29 54.85 5.63
CA GLY F 206 26.24 56.29 5.44
C GLY F 206 26.95 56.73 4.18
N THR F 207 27.36 58.00 4.16
CA THR F 207 27.96 58.62 3.00
C THR F 207 29.00 59.64 3.43
N GLY F 208 29.87 60.00 2.47
CA GLY F 208 30.74 61.17 2.63
C GLY F 208 30.20 62.41 1.93
N LEU F 209 29.06 62.30 1.24
CA LEU F 209 28.46 63.45 0.63
C LEU F 209 27.77 64.28 1.71
N PRO F 210 27.68 65.60 1.56
CA PRO F 210 27.23 66.49 2.64
C PRO F 210 25.73 66.60 2.80
N ILE F 211 25.08 65.46 3.09
CA ILE F 211 23.64 65.46 3.32
C ILE F 211 23.32 65.99 4.70
N ASP F 212 22.04 66.25 4.96
CA ASP F 212 21.55 66.69 6.25
C ASP F 212 20.41 65.76 6.67
N ARG F 213 20.73 64.76 7.52
CA ARG F 213 19.74 63.79 7.92
C ARG F 213 18.69 64.38 8.86
N PHE F 214 19.04 65.45 9.58
CA PHE F 214 18.09 66.07 10.49
C PHE F 214 17.02 66.79 9.69
N MET F 215 17.41 67.43 8.59
CA MET F 215 16.47 68.14 7.74
C MET F 215 15.40 67.20 7.21
N THR F 216 15.83 66.05 6.65
CA THR F 216 14.87 65.10 6.11
C THR F 216 14.05 64.50 7.23
N ALA F 217 14.67 64.18 8.37
CA ALA F 217 13.88 63.62 9.47
C ALA F 217 12.75 64.55 9.89
N ASN F 218 13.08 65.85 10.04
CA ASN F 218 12.10 66.83 10.45
CA ASN F 218 12.11 66.86 10.43
C ASN F 218 11.00 67.01 9.39
N ALA F 219 11.38 67.03 8.11
CA ALA F 219 10.43 67.24 7.03
C ALA F 219 9.44 66.09 6.98
N LEU F 220 9.88 64.90 7.41
CA LEU F 220 9.02 63.73 7.37
C LEU F 220 8.33 63.41 8.69
N GLY F 221 8.50 64.24 9.69
CA GLY F 221 7.79 64.13 10.95
C GLY F 221 8.43 63.15 11.92
N PHE F 222 9.63 62.66 11.60
CA PHE F 222 10.34 61.80 12.52
C PHE F 222 10.90 62.62 13.68
N THR F 223 11.10 61.98 14.82
CA THR F 223 11.67 62.61 16.03
C THR F 223 13.11 63.08 15.78
N GLU F 224 13.93 62.20 15.19
CA GLU F 224 15.36 62.38 14.97
C GLU F 224 15.81 61.33 13.97
N PRO F 225 17.01 61.46 13.40
CA PRO F 225 17.56 60.40 12.60
C PRO F 225 18.04 59.25 13.47
N MET F 226 17.95 58.04 12.94
CA MET F 226 18.52 56.89 13.67
C MET F 226 20.04 57.08 13.83
N ARG F 227 20.59 56.67 14.96
CA ARG F 227 22.04 56.91 15.25
CA ARG F 227 22.04 56.91 15.26
C ARG F 227 23.09 55.93 14.68
N ASN F 228 22.56 54.85 14.05
CA ASN F 228 23.46 53.80 13.49
C ASN F 228 22.96 53.41 12.08
N SER F 229 23.78 53.67 11.07
CA SER F 229 23.40 53.40 9.66
C SER F 229 23.10 51.91 9.43
N ILE F 230 23.89 51.05 10.04
CA ILE F 230 23.72 49.61 9.82
C ILE F 230 22.38 49.20 10.42
N ASP F 231 22.13 49.68 11.64
CA ASP F 231 20.80 49.45 12.25
C ASP F 231 19.67 49.97 11.37
N ALA F 232 19.82 51.18 10.84
CA ALA F 232 18.77 51.80 10.05
C ALA F 232 18.32 50.94 8.86
N VAL F 233 19.24 50.27 8.18
CA VAL F 233 18.83 49.48 7.02
C VAL F 233 18.51 48.05 7.43
N SER F 234 18.90 47.59 8.61
CA SER F 234 18.69 46.20 9.00
C SER F 234 17.55 46.00 10.00
N ASP F 235 16.98 47.08 10.53
CA ASP F 235 15.97 46.93 11.57
C ASP F 235 14.57 46.84 10.97
N ARG F 236 13.80 45.86 11.49
CA ARG F 236 12.37 45.79 11.24
C ARG F 236 11.59 45.62 12.55
N ASP F 237 12.17 46.09 13.65
CA ASP F 237 11.45 45.92 14.92
C ASP F 237 10.11 46.63 14.92
N PHE F 238 10.00 47.76 14.23
CA PHE F 238 8.75 48.50 14.14
C PHE F 238 7.64 47.66 13.52
N VAL F 239 8.01 46.79 12.57
CA VAL F 239 7.07 45.87 11.97
C VAL F 239 6.65 44.82 13.01
N LEU F 240 7.61 44.24 13.66
CA LEU F 240 7.33 43.23 14.68
C LEU F 240 6.41 43.78 15.77
N GLU F 241 6.72 44.98 16.29
CA GLU F 241 5.95 45.50 17.41
C GLU F 241 4.53 45.89 16.96
N PHE F 242 4.36 46.39 15.71
CA PHE F 242 3.05 46.71 15.21
C PHE F 242 2.27 45.41 14.97
N LEU F 243 2.90 44.39 14.40
CA LEU F 243 2.24 43.10 14.25
C LEU F 243 1.78 42.54 15.59
N TYR F 244 2.65 42.62 16.61
CA TYR F 244 2.23 42.08 17.91
C TYR F 244 1.06 42.91 18.43
N THR F 245 1.14 44.23 18.31
CA THR F 245 0.08 45.06 18.86
C THR F 245 -1.25 44.73 18.19
N ASN F 246 -1.22 44.50 16.86
CA ASN F 246 -2.41 44.08 16.17
C ASN F 246 -2.89 42.72 16.71
N ALA F 247 -1.96 41.80 16.95
CA ALA F 247 -2.36 40.48 17.42
C ALA F 247 -3.03 40.50 18.79
N ASN F 248 -2.51 41.34 19.70
CA ASN F 248 -3.13 41.42 21.01
C ASN F 248 -4.50 42.09 20.86
N THR F 249 -4.67 43.13 20.04
CA THR F 249 -5.99 43.70 19.81
C THR F 249 -6.94 42.61 19.28
N GLY F 250 -6.42 41.84 18.33
CA GLY F 250 -7.20 40.75 17.75
C GLY F 250 -7.61 39.72 18.76
N ILE F 251 -6.77 39.42 19.74
CA ILE F 251 -7.20 38.48 20.75
CA ILE F 251 -7.12 38.52 20.84
C ILE F 251 -8.37 39.08 21.53
N HIS F 252 -8.33 40.37 21.89
CA HIS F 252 -9.45 40.94 22.58
C HIS F 252 -10.73 40.82 21.78
N LEU F 253 -10.65 41.09 20.47
CA LEU F 253 -11.83 41.05 19.62
C LEU F 253 -12.29 39.59 19.43
N SER F 254 -11.38 38.64 19.53
CA SER F 254 -11.75 37.21 19.44
C SER F 254 -12.53 36.78 20.65
N ARG F 255 -12.22 37.39 21.81
CA ARG F 255 -12.97 37.10 23.03
C ARG F 255 -14.33 37.78 22.99
N LEU F 256 -14.41 39.01 22.46
CA LEU F 256 -15.69 39.63 22.22
C LEU F 256 -16.53 38.78 21.28
N GLY F 257 -15.89 38.26 20.24
CA GLY F 257 -16.55 37.40 19.26
C GLY F 257 -17.10 36.14 19.93
N GLU F 258 -16.28 35.45 20.70
CA GLU F 258 -16.76 34.24 21.43
C GLU F 258 -17.95 34.61 22.32
N GLU F 259 -17.80 35.69 23.08
CA GLU F 259 -18.88 36.09 24.00
C GLU F 259 -20.17 36.34 23.25
N TRP F 260 -20.08 37.10 22.15
CA TRP F 260 -21.31 37.48 21.47
C TRP F 260 -21.91 36.33 20.68
N VAL F 261 -21.09 35.42 20.13
CA VAL F 261 -21.66 34.25 19.51
C VAL F 261 -22.40 33.43 20.57
N LEU F 262 -21.83 33.27 21.75
CA LEU F 262 -22.53 32.58 22.84
C LEU F 262 -23.81 33.32 23.23
N TRP F 263 -23.73 34.63 23.41
CA TRP F 263 -24.92 35.38 23.83
C TRP F 263 -26.05 35.33 22.80
N ALA F 264 -25.71 35.19 21.51
CA ALA F 264 -26.69 35.05 20.44
C ALA F 264 -27.26 33.65 20.31
N SER F 265 -26.69 32.67 21.01
CA SER F 265 -27.23 31.32 21.01
C SER F 265 -28.64 31.32 21.64
N GLU F 266 -29.42 30.31 21.32
CA GLU F 266 -30.68 30.19 22.05
CA GLU F 266 -30.70 30.05 22.01
C GLU F 266 -30.46 29.69 23.48
N GLU F 267 -29.36 28.98 23.73
CA GLU F 267 -29.06 28.46 25.05
C GLU F 267 -28.88 29.56 26.06
N PHE F 268 -28.07 30.56 25.68
CA PHE F 268 -27.96 31.72 26.53
C PHE F 268 -29.20 32.59 26.36
N GLY F 269 -29.45 32.99 25.12
CA GLY F 269 -30.67 33.71 24.75
C GLY F 269 -30.61 35.17 25.14
N PHE F 270 -29.40 35.73 25.31
CA PHE F 270 -29.31 37.05 25.90
C PHE F 270 -29.41 38.15 24.85
N MET F 271 -29.02 37.87 23.63
CA MET F 271 -28.87 38.90 22.63
C MET F 271 -29.50 38.47 21.31
N THR F 272 -30.07 39.44 20.61
CA THR F 272 -30.59 39.25 19.27
C THR F 272 -29.91 40.25 18.32
N PRO F 273 -29.13 39.77 17.32
CA PRO F 273 -28.56 40.65 16.30
C PRO F 273 -29.65 41.07 15.32
N SER F 274 -29.52 42.27 14.78
CA SER F 274 -30.37 42.68 13.68
C SER F 274 -30.14 41.81 12.45
N ASP F 275 -31.13 41.88 11.52
CA ASP F 275 -30.99 41.18 10.26
C ASP F 275 -29.78 41.70 9.50
N SER F 276 -29.44 42.97 9.67
CA SER F 276 -28.36 43.54 8.89
C SER F 276 -26.98 43.03 9.32
N VAL F 277 -26.85 42.41 10.51
CA VAL F 277 -25.58 41.88 10.97
C VAL F 277 -25.67 40.37 11.27
N SER F 278 -26.61 39.69 10.62
CA SER F 278 -26.78 38.25 10.82
C SER F 278 -27.19 37.62 9.48
N THR F 279 -27.14 36.28 9.44
CA THR F 279 -27.65 35.49 8.33
C THR F 279 -28.71 34.54 8.87
N GLY F 280 -29.53 34.05 7.95
CA GLY F 280 -30.63 33.21 8.39
C GLY F 280 -31.00 32.24 7.29
N SER F 281 -32.19 31.66 7.40
CA SER F 281 -32.67 30.76 6.39
C SER F 281 -34.19 30.93 6.30
N SER F 282 -34.76 30.75 5.10
CA SER F 282 -36.20 30.88 4.96
C SER F 282 -36.91 29.74 5.68
N ILE F 283 -36.30 28.55 5.74
CA ILE F 283 -36.96 27.38 6.32
C ILE F 283 -37.08 27.51 7.85
N MET F 284 -36.09 28.13 8.50
CA MET F 284 -36.09 28.24 9.95
C MET F 284 -35.93 29.69 10.33
N PRO F 285 -37.04 30.47 10.21
CA PRO F 285 -36.97 31.92 10.28
C PRO F 285 -36.57 32.50 11.63
N GLN F 286 -36.57 31.70 12.70
CA GLN F 286 -36.06 32.17 13.99
C GLN F 286 -34.53 32.03 14.12
N LYS F 287 -33.87 31.23 13.30
CA LYS F 287 -32.43 30.98 13.41
C LYS F 287 -31.73 32.27 12.92
N LYS F 288 -30.92 32.90 13.78
CA LYS F 288 -30.16 34.09 13.39
C LYS F 288 -28.68 33.83 13.69
N ASN F 289 -27.91 33.67 12.64
CA ASN F 289 -26.49 33.33 12.75
C ASN F 289 -25.65 34.61 12.86
N PRO F 290 -24.83 34.76 13.90
CA PRO F 290 -24.01 35.98 14.08
C PRO F 290 -22.71 35.94 13.28
N ASP F 291 -22.83 35.74 11.95
CA ASP F 291 -21.65 35.54 11.12
C ASP F 291 -20.60 36.63 11.34
N PRO F 292 -20.92 37.94 11.41
CA PRO F 292 -19.82 38.93 11.50
C PRO F 292 -18.92 38.69 12.72
N MET F 293 -19.48 38.27 13.86
CA MET F 293 -18.68 38.08 15.07
C MET F 293 -17.91 36.74 15.05
N GLU F 294 -18.48 35.73 14.38
CA GLU F 294 -17.74 34.50 14.12
C GLU F 294 -16.52 34.83 13.25
N LEU F 295 -16.65 35.69 12.24
CA LEU F 295 -15.56 36.03 11.39
CA LEU F 295 -15.55 36.03 11.38
C LEU F 295 -14.54 36.92 12.10
N VAL F 296 -15.00 37.82 12.97
CA VAL F 296 -14.09 38.56 13.82
C VAL F 296 -13.23 37.59 14.64
N ARG F 297 -13.86 36.61 15.30
CA ARG F 297 -13.14 35.61 16.07
C ARG F 297 -12.13 34.89 15.17
N GLY F 298 -12.57 34.47 14.00
CA GLY F 298 -11.70 33.72 13.10
C GLY F 298 -10.51 34.52 12.57
N LYS F 299 -10.75 35.79 12.28
CA LYS F 299 -9.73 36.62 11.72
C LYS F 299 -8.62 36.96 12.71
N SER F 300 -8.79 36.70 14.01
CA SER F 300 -7.70 36.84 14.96
C SER F 300 -6.54 35.92 14.57
N ALA F 301 -6.86 34.78 13.92
CA ALA F 301 -5.88 33.80 13.60
C ALA F 301 -4.87 34.32 12.58
N ARG F 302 -5.33 34.94 11.50
CA ARG F 302 -4.38 35.38 10.49
C ARG F 302 -3.49 36.48 11.05
N VAL F 303 -4.03 37.29 11.98
CA VAL F 303 -3.21 38.35 12.58
C VAL F 303 -2.07 37.74 13.38
N ILE F 304 -2.34 36.64 14.12
CA ILE F 304 -1.31 35.90 14.79
C ILE F 304 -0.31 35.30 13.79
N GLY F 305 -0.82 34.70 12.71
CA GLY F 305 0.04 34.14 11.66
C GLY F 305 0.95 35.17 10.99
N ASP F 306 0.42 36.37 10.80
CA ASP F 306 1.21 37.45 10.24
C ASP F 306 2.40 37.84 11.12
N LEU F 307 2.16 37.89 12.45
CA LEU F 307 3.24 38.14 13.38
C LEU F 307 4.29 37.03 13.33
N VAL F 308 3.84 35.75 13.35
CA VAL F 308 4.80 34.64 13.29
C VAL F 308 5.66 34.69 12.01
N THR F 309 5.05 35.10 10.90
CA THR F 309 5.79 35.23 9.65
C THR F 309 7.00 36.14 9.85
N VAL F 310 6.75 37.37 10.36
CA VAL F 310 7.87 38.32 10.39
C VAL F 310 8.85 37.98 11.53
N LEU F 311 8.37 37.39 12.64
CA LEU F 311 9.31 36.87 13.64
C LEU F 311 10.30 35.87 13.04
N THR F 312 9.75 34.89 12.30
CA THR F 312 10.54 33.83 11.68
CA THR F 312 10.59 33.82 11.74
C THR F 312 11.44 34.39 10.60
N LEU F 313 10.94 35.41 9.90
CA LEU F 313 11.71 36.02 8.83
C LEU F 313 13.01 36.64 9.34
N CYS F 314 12.87 37.35 10.46
CA CYS F 314 14.02 38.06 11.00
C CYS F 314 15.01 37.15 11.75
N LYS F 315 14.51 36.08 12.35
CA LYS F 315 15.31 35.15 13.10
C LYS F 315 16.51 34.65 12.31
N GLY F 316 17.68 34.73 12.93
CA GLY F 316 18.90 34.15 12.34
C GLY F 316 19.47 34.89 11.13
N LEU F 317 19.00 36.08 10.78
CA LEU F 317 19.51 36.72 9.59
C LEU F 317 20.79 37.45 9.92
N PRO F 318 21.83 37.40 9.07
CA PRO F 318 23.02 38.20 9.33
C PRO F 318 22.69 39.68 9.06
N LEU F 319 23.59 40.56 9.49
CA LEU F 319 23.51 41.96 9.04
C LEU F 319 23.96 42.05 7.58
N ALA F 320 23.63 43.16 6.88
CA ALA F 320 22.79 44.27 7.36
C ALA F 320 21.41 44.13 6.69
N TYR F 321 21.31 44.59 5.44
CA TYR F 321 20.14 44.38 4.57
C TYR F 321 20.23 43.06 3.83
N ASN F 322 19.12 42.30 3.81
CA ASN F 322 18.96 41.06 3.07
C ASN F 322 17.67 41.16 2.27
N ARG F 323 17.62 40.51 1.10
CA ARG F 323 16.42 40.57 0.27
C ARG F 323 15.22 39.92 0.97
N ASP F 324 15.52 39.08 1.96
CA ASP F 324 14.42 38.43 2.74
C ASP F 324 13.44 39.48 3.26
N PHE F 325 13.94 40.68 3.57
CA PHE F 325 13.09 41.67 4.17
C PHE F 325 11.97 42.15 3.25
N GLN F 326 12.00 41.79 1.97
CA GLN F 326 10.85 42.12 1.13
C GLN F 326 9.56 41.46 1.61
N GLU F 327 9.72 40.36 2.33
CA GLU F 327 8.60 39.59 2.86
C GLU F 327 7.95 40.23 4.10
N ASP F 328 8.40 41.41 4.50
CA ASP F 328 7.84 42.06 5.69
C ASP F 328 6.61 42.89 5.35
N LYS F 329 6.36 43.12 4.07
CA LYS F 329 5.31 44.04 3.68
C LYS F 329 3.93 43.38 3.71
N GLU F 330 3.79 42.29 2.99
CA GLU F 330 2.48 41.63 2.86
C GLU F 330 1.90 41.28 4.23
N PRO F 331 2.69 40.71 5.16
CA PRO F 331 2.06 40.41 6.46
C PRO F 331 1.61 41.63 7.23
N MET F 332 2.36 42.75 7.11
CA MET F 332 1.97 43.97 7.78
C MET F 332 0.72 44.58 7.16
N PHE F 333 0.63 44.57 5.83
CA PHE F 333 -0.57 45.04 5.15
C PHE F 333 -1.78 44.19 5.49
N ASP F 334 -1.60 42.86 5.52
CA ASP F 334 -2.70 42.00 5.83
C ASP F 334 -3.15 42.18 7.28
N SER F 335 -2.20 42.20 8.21
CA SER F 335 -2.52 42.37 9.62
C SER F 335 -3.31 43.67 9.85
N THR F 336 -2.84 44.75 9.21
CA THR F 336 -3.47 46.05 9.39
C THR F 336 -4.88 46.09 8.79
N LYS F 337 -5.02 45.61 7.56
CA LYS F 337 -6.32 45.60 6.91
C LYS F 337 -7.29 44.76 7.76
N THR F 338 -6.82 43.59 8.23
CA THR F 338 -7.68 42.71 8.99
C THR F 338 -8.11 43.35 10.34
N ILE F 339 -7.14 43.91 11.10
CA ILE F 339 -7.53 44.47 12.38
C ILE F 339 -8.48 45.66 12.22
N MET F 340 -8.25 46.46 11.17
CA MET F 340 -9.14 47.59 10.93
C MET F 340 -10.57 47.09 10.69
N GLY F 341 -10.71 46.06 9.87
CA GLY F 341 -11.99 45.46 9.60
C GLY F 341 -12.64 44.84 10.83
N MET F 342 -11.84 44.11 11.63
CA MET F 342 -12.37 43.53 12.87
C MET F 342 -12.88 44.59 13.84
N ILE F 343 -12.15 45.71 13.98
CA ILE F 343 -12.56 46.79 14.88
C ILE F 343 -13.87 47.41 14.37
N ASP F 344 -13.91 47.79 13.09
CA ASP F 344 -15.08 48.46 12.54
C ASP F 344 -16.34 47.59 12.53
N VAL F 345 -16.17 46.30 12.23
CA VAL F 345 -17.31 45.40 12.21
C VAL F 345 -17.83 45.14 13.61
N SER F 346 -16.91 45.03 14.59
CA SER F 346 -17.32 44.90 15.99
C SER F 346 -18.16 46.10 16.39
N ALA F 347 -17.73 47.28 15.96
CA ALA F 347 -18.48 48.49 16.33
C ALA F 347 -19.89 48.48 15.71
N GLU F 348 -19.99 48.13 14.43
CA GLU F 348 -21.27 48.04 13.76
C GLU F 348 -22.15 46.98 14.43
N PHE F 349 -21.58 45.85 14.85
CA PHE F 349 -22.39 44.85 15.50
C PHE F 349 -22.92 45.39 16.83
N ALA F 350 -22.06 46.09 17.57
CA ALA F 350 -22.45 46.67 18.85
C ALA F 350 -23.65 47.60 18.68
N GLN F 351 -23.79 48.26 17.50
CA GLN F 351 -24.84 49.22 17.26
C GLN F 351 -26.11 48.54 16.70
N ASN F 352 -26.12 47.22 16.57
CA ASN F 352 -27.20 46.49 15.91
C ASN F 352 -27.54 45.22 16.68
N VAL F 353 -27.47 45.29 18.00
CA VAL F 353 -27.88 44.20 18.87
C VAL F 353 -28.86 44.74 19.92
N THR F 354 -29.83 43.89 20.27
CA THR F 354 -30.68 44.21 21.42
CA THR F 354 -30.79 44.15 21.34
C THR F 354 -30.58 43.07 22.39
N PHE F 355 -30.83 43.37 23.68
CA PHE F 355 -30.82 42.38 24.71
C PHE F 355 -32.25 41.90 24.98
N ASN F 356 -32.36 40.61 25.30
CA ASN F 356 -33.63 39.94 25.52
C ASN F 356 -33.90 39.92 27.00
N GLU F 357 -34.48 41.03 27.48
CA GLU F 357 -34.65 41.33 28.89
C GLU F 357 -35.43 40.25 29.65
N ASP F 358 -36.58 39.84 29.10
CA ASP F 358 -37.39 38.85 29.78
C ASP F 358 -36.67 37.52 29.89
N ARG F 359 -36.05 37.09 28.80
CA ARG F 359 -35.29 35.84 28.78
C ARG F 359 -34.19 35.89 29.84
N ILE F 360 -33.44 37.00 29.90
CA ILE F 360 -32.35 37.11 30.86
C ILE F 360 -32.91 37.04 32.29
N LYS F 361 -33.93 37.83 32.57
CA LYS F 361 -34.43 37.98 33.94
C LYS F 361 -34.96 36.64 34.46
N LYS F 362 -35.66 35.90 33.60
CA LYS F 362 -36.31 34.68 34.03
C LYS F 362 -35.27 33.64 34.45
N SER F 363 -34.08 33.73 33.86
CA SER F 363 -33.05 32.72 34.14
C SER F 363 -32.30 32.98 35.45
N LEU F 364 -32.28 34.21 35.97
CA LEU F 364 -31.34 34.59 37.01
C LEU F 364 -31.65 34.01 38.37
N PRO F 365 -32.91 33.95 38.86
CA PRO F 365 -33.15 33.64 40.27
C PRO F 365 -32.81 32.26 40.81
N ALA F 366 -32.58 31.27 39.94
CA ALA F 366 -32.45 29.89 40.38
C ALA F 366 -30.99 29.48 40.56
N GLY F 367 -30.03 30.36 40.39
CA GLY F 367 -28.64 29.92 40.45
C GLY F 367 -27.93 30.24 41.78
N HIS F 368 -28.67 30.70 42.79
CA HIS F 368 -28.11 31.09 44.08
C HIS F 368 -27.02 32.13 43.94
N LEU F 369 -27.19 33.07 42.99
CA LEU F 369 -26.15 34.00 42.71
C LEU F 369 -25.92 34.97 43.87
N ASP F 370 -26.87 35.00 44.80
CA ASP F 370 -26.78 35.82 45.98
C ASP F 370 -25.99 35.18 47.13
N ALA F 371 -25.42 34.01 46.92
CA ALA F 371 -24.73 33.32 47.99
C ALA F 371 -23.55 34.13 48.51
N THR F 372 -22.72 34.69 47.60
CA THR F 372 -21.59 35.47 48.07
CA THR F 372 -21.57 35.45 48.12
C THR F 372 -22.03 36.69 48.87
N THR F 373 -23.12 37.32 48.46
CA THR F 373 -23.63 38.49 49.17
C THR F 373 -24.03 38.10 50.59
N LEU F 374 -24.69 36.92 50.77
CA LEU F 374 -25.01 36.46 52.10
C LEU F 374 -23.74 36.21 52.91
N ALA F 375 -22.71 35.64 52.27
CA ALA F 375 -21.47 35.41 52.98
C ALA F 375 -20.89 36.75 53.40
N ASP F 376 -21.03 37.78 52.53
CA ASP F 376 -20.52 39.09 52.90
C ASP F 376 -21.28 39.65 54.10
N TYR F 377 -22.61 39.49 54.10
CA TYR F 377 -23.44 39.90 55.23
C TYR F 377 -22.90 39.32 56.53
N LEU F 378 -22.61 38.01 56.53
CA LEU F 378 -22.15 37.35 57.75
C LEU F 378 -20.78 37.86 58.17
N VAL F 379 -19.88 38.13 57.23
CA VAL F 379 -18.58 38.68 57.58
C VAL F 379 -18.78 40.09 58.17
N LYS F 380 -19.70 40.86 57.60
CA LYS F 380 -19.97 42.20 58.14
C LYS F 380 -20.54 42.13 59.55
N LYS F 381 -21.21 41.03 59.87
CA LYS F 381 -21.74 40.85 61.23
C LYS F 381 -20.71 40.23 62.17
N GLY F 382 -19.49 39.98 61.71
CA GLY F 382 -18.35 39.59 62.52
C GLY F 382 -18.05 38.09 62.43
N MET F 383 -18.66 37.33 61.51
CA MET F 383 -18.36 35.91 61.35
CA MET F 383 -18.35 35.91 61.36
C MET F 383 -17.11 35.75 60.48
N PRO F 384 -16.12 34.95 60.88
CA PRO F 384 -14.95 34.72 60.01
C PRO F 384 -15.41 34.11 58.69
N PHE F 385 -14.63 34.34 57.63
CA PHE F 385 -14.95 33.85 56.30
CA PHE F 385 -15.07 33.89 56.32
C PHE F 385 -15.33 32.37 56.23
N ARG F 386 -14.54 31.56 56.90
CA ARG F 386 -14.72 30.09 56.78
C ARG F 386 -16.08 29.68 57.38
N SER F 387 -16.44 30.26 58.52
CA SER F 387 -17.74 29.96 59.11
C SER F 387 -18.86 30.53 58.25
N SER F 388 -18.64 31.74 57.67
CA SER F 388 -19.64 32.34 56.82
CA SER F 388 -19.66 32.33 56.82
C SER F 388 -19.97 31.40 55.65
N HIS F 389 -18.92 30.82 55.07
CA HIS F 389 -19.12 29.89 53.95
C HIS F 389 -19.79 28.61 54.40
N ASP F 390 -19.39 28.08 55.56
CA ASP F 390 -20.05 26.88 56.08
C ASP F 390 -21.56 27.11 56.21
N ILE F 391 -21.93 28.25 56.79
CA ILE F 391 -23.33 28.64 57.02
C ILE F 391 -24.07 28.80 55.71
N VAL F 392 -23.53 29.58 54.77
CA VAL F 392 -24.21 29.81 53.51
C VAL F 392 -24.38 28.50 52.76
N GLY F 393 -23.32 27.67 52.71
CA GLY F 393 -23.42 26.41 52.00
C GLY F 393 -24.55 25.54 52.56
N LYS F 394 -24.72 25.56 53.88
CA LYS F 394 -25.78 24.80 54.52
C LYS F 394 -27.15 25.35 54.13
N LEU F 395 -27.32 26.68 54.12
CA LEU F 395 -28.59 27.28 53.76
C LEU F 395 -28.90 27.07 52.28
N VAL F 396 -27.90 27.16 51.41
CA VAL F 396 -28.19 26.88 50.00
C VAL F 396 -28.62 25.43 49.85
N GLY F 397 -28.03 24.54 50.63
CA GLY F 397 -28.41 23.14 50.63
C GLY F 397 -29.88 22.95 51.00
N VAL F 398 -30.32 23.71 51.99
CA VAL F 398 -31.74 23.74 52.33
C VAL F 398 -32.57 24.19 51.12
N CYS F 399 -32.17 25.24 50.45
CA CYS F 399 -32.92 25.77 49.31
C CYS F 399 -33.01 24.73 48.19
N VAL F 400 -31.90 24.01 47.96
CA VAL F 400 -31.89 22.98 46.93
C VAL F 400 -32.91 21.88 47.25
N SER F 401 -32.95 21.41 48.50
CA SER F 401 -33.92 20.43 48.97
C SER F 401 -35.37 20.92 48.86
N LYS F 402 -35.60 22.15 49.29
CA LYS F 402 -36.94 22.71 49.31
C LYS F 402 -37.33 23.26 47.94
N GLY F 403 -36.38 23.38 47.01
CA GLY F 403 -36.63 24.07 45.76
C GLY F 403 -37.04 25.53 45.96
N CYS F 404 -36.30 26.28 46.80
CA CYS F 404 -36.60 27.69 46.98
C CYS F 404 -35.31 28.51 46.76
N GLU F 405 -35.47 29.83 46.95
CA GLU F 405 -34.39 30.79 46.89
C GLU F 405 -34.05 31.19 48.30
N LEU F 406 -32.82 31.70 48.51
CA LEU F 406 -32.38 32.06 49.85
C LEU F 406 -33.37 33.02 50.48
N GLN F 407 -33.89 33.96 49.68
CA GLN F 407 -34.77 34.99 50.25
C GLN F 407 -36.09 34.42 50.75
N ASN F 408 -36.40 33.14 50.44
CA ASN F 408 -37.64 32.54 50.88
C ASN F 408 -37.45 31.81 52.22
N LEU F 409 -36.21 31.68 52.70
CA LEU F 409 -35.99 31.03 53.99
C LEU F 409 -36.47 31.93 55.13
N SER F 410 -36.82 31.30 56.27
CA SER F 410 -37.19 32.05 57.45
C SER F 410 -35.95 32.49 58.23
N LEU F 411 -36.09 33.63 58.92
CA LEU F 411 -35.09 34.07 59.87
C LEU F 411 -34.90 33.02 60.96
N GLU F 412 -35.99 32.35 61.39
CA GLU F 412 -35.89 31.34 62.44
C GLU F 412 -34.95 30.20 62.02
N GLU F 413 -35.07 29.75 60.77
CA GLU F 413 -34.23 28.67 60.27
C GLU F 413 -32.77 29.13 60.20
N MET F 414 -32.53 30.36 59.79
CA MET F 414 -31.17 30.87 59.73
C MET F 414 -30.54 30.91 61.11
N LYS F 415 -31.31 31.28 62.13
CA LYS F 415 -30.78 31.39 63.48
C LYS F 415 -30.49 30.03 64.13
N LYS F 416 -30.92 28.93 63.51
CA LYS F 416 -30.46 27.63 63.97
C LYS F 416 -28.98 27.43 63.69
N LEU F 417 -28.39 28.18 62.74
CA LEU F 417 -26.98 28.01 62.41
C LEU F 417 -26.13 29.04 63.12
N SER F 418 -26.65 30.27 63.28
CA SER F 418 -25.86 31.37 63.84
C SER F 418 -26.77 32.39 64.52
N PRO F 419 -26.36 32.95 65.67
CA PRO F 419 -27.13 34.04 66.26
C PRO F 419 -27.02 35.38 65.56
N VAL F 420 -26.10 35.53 64.59
CA VAL F 420 -25.87 36.87 64.10
C VAL F 420 -26.94 37.33 63.13
N PHE F 421 -27.74 36.42 62.59
CA PHE F 421 -28.77 36.80 61.64
C PHE F 421 -29.81 37.69 62.30
N GLU F 422 -30.18 38.75 61.57
CA GLU F 422 -31.31 39.59 61.94
C GLU F 422 -32.16 39.91 60.73
N GLU F 423 -33.29 40.60 60.93
CA GLU F 423 -34.22 40.79 59.83
C GLU F 423 -33.63 41.58 58.66
N ASP F 424 -32.55 42.34 58.91
CA ASP F 424 -31.89 43.06 57.85
C ASP F 424 -31.28 42.14 56.78
N VAL F 425 -31.18 40.83 57.06
CA VAL F 425 -30.58 39.91 56.09
C VAL F 425 -31.31 39.95 54.75
N PHE F 426 -32.62 40.19 54.77
CA PHE F 426 -33.39 40.07 53.53
C PHE F 426 -33.03 41.16 52.52
N GLY F 427 -32.37 42.22 53.00
CA GLY F 427 -31.92 43.29 52.13
C GLY F 427 -30.64 42.90 51.40
N PHE F 428 -30.10 41.70 51.73
CA PHE F 428 -28.88 41.18 51.14
C PHE F 428 -29.17 39.93 50.29
N LEU F 429 -30.46 39.65 50.03
CA LEU F 429 -30.84 38.42 49.34
C LEU F 429 -31.63 38.77 48.10
N GLY F 430 -31.52 37.86 47.11
CA GLY F 430 -32.09 38.05 45.80
C GLY F 430 -31.10 38.75 44.87
N VAL F 431 -31.32 38.63 43.58
CA VAL F 431 -30.34 39.07 42.62
C VAL F 431 -30.20 40.59 42.63
N GLU F 432 -31.32 41.31 42.68
CA GLU F 432 -31.27 42.77 42.60
C GLU F 432 -30.52 43.35 43.81
N ASN F 433 -30.80 42.83 45.00
CA ASN F 433 -30.12 43.26 46.19
C ASN F 433 -28.63 42.90 46.12
N SER F 434 -28.28 41.68 45.63
CA SER F 434 -26.88 41.28 45.53
C SER F 434 -26.10 42.30 44.73
N VAL F 435 -26.63 42.65 43.53
CA VAL F 435 -25.92 43.60 42.70
C VAL F 435 -25.76 44.94 43.37
N ASN F 436 -26.80 45.38 44.07
CA ASN F 436 -26.82 46.63 44.80
C ASN F 436 -25.75 46.65 45.92
N LYS F 437 -25.37 45.50 46.47
CA LYS F 437 -24.45 45.45 47.60
C LYS F 437 -22.96 45.46 47.23
N PHE F 438 -22.61 45.26 45.95
CA PHE F 438 -21.21 45.41 45.56
C PHE F 438 -20.81 46.89 45.68
N SER F 439 -19.66 47.15 46.30
CA SER F 439 -19.30 48.51 46.64
C SER F 439 -17.82 48.82 46.39
N SER F 440 -16.97 47.83 46.08
CA SER F 440 -15.54 48.08 45.99
C SER F 440 -15.25 48.82 44.66
N TYR F 441 -14.17 49.60 44.66
CA TYR F 441 -13.72 50.25 43.43
C TYR F 441 -13.54 49.19 42.37
N GLY F 442 -14.03 49.50 41.18
CA GLY F 442 -13.98 48.61 40.05
C GLY F 442 -14.96 47.44 40.06
N SER F 443 -15.80 47.40 41.08
CA SER F 443 -16.82 46.36 41.20
C SER F 443 -17.99 46.61 40.25
N THR F 444 -18.92 45.65 40.23
CA THR F 444 -20.13 45.81 39.47
C THR F 444 -21.22 46.61 40.19
N GLY F 445 -20.98 47.19 41.36
CA GLY F 445 -21.99 47.95 42.06
C GLY F 445 -22.51 49.09 41.16
N SER F 446 -23.80 49.43 41.26
CA SER F 446 -24.43 50.40 40.38
CA SER F 446 -24.38 50.38 40.33
C SER F 446 -23.68 51.75 40.40
N ASN F 447 -23.27 52.20 41.59
CA ASN F 447 -22.65 53.50 41.71
C ASN F 447 -21.20 53.47 41.21
N CYS F 448 -20.55 52.30 41.32
CA CYS F 448 -19.20 52.07 40.87
C CYS F 448 -19.20 52.11 39.34
N VAL F 449 -20.15 51.39 38.73
CA VAL F 449 -20.25 51.35 37.28
C VAL F 449 -20.59 52.76 36.77
N ALA F 450 -21.49 53.46 37.43
CA ALA F 450 -21.85 54.82 37.04
C ALA F 450 -20.61 55.73 37.00
N GLU F 451 -19.75 55.64 38.00
CA GLU F 451 -18.52 56.40 38.05
C GLU F 451 -17.65 56.08 36.84
N GLN F 452 -17.53 54.79 36.50
CA GLN F 452 -16.64 54.39 35.42
C GLN F 452 -17.23 54.78 34.08
N LEU F 453 -18.58 54.70 33.95
CA LEU F 453 -19.19 55.16 32.71
C LEU F 453 -18.96 56.66 32.52
N GLY F 454 -19.09 57.42 33.63
CA GLY F 454 -18.85 58.86 33.61
C GLY F 454 -17.42 59.18 33.12
N TYR F 455 -16.45 58.44 33.66
CA TYR F 455 -15.05 58.52 33.29
C TYR F 455 -14.87 58.34 31.80
N TRP F 456 -15.48 57.27 31.27
CA TRP F 456 -15.36 56.97 29.85
C TRP F 456 -16.09 57.99 28.96
N VAL F 457 -17.28 58.43 29.33
CA VAL F 457 -18.01 59.45 28.59
C VAL F 457 -17.13 60.70 28.44
N ASN F 458 -16.46 61.14 29.52
CA ASN F 458 -15.61 62.31 29.48
C ASN F 458 -14.35 62.03 28.62
N LYS F 459 -13.73 60.87 28.82
CA LYS F 459 -12.47 60.52 28.13
C LYS F 459 -12.69 60.42 26.61
N LEU F 460 -13.85 59.96 26.18
CA LEU F 460 -14.10 59.75 24.71
C LEU F 460 -14.89 60.90 24.12
N ASN F 461 -15.15 61.93 24.93
CA ASN F 461 -15.87 63.12 24.46
C ASN F 461 -17.24 62.74 23.91
N ILE F 462 -17.96 61.84 24.60
CA ILE F 462 -19.33 61.47 24.23
C ILE F 462 -20.27 62.58 24.70
N THR F 463 -21.25 62.96 23.87
CA THR F 463 -22.21 64.02 24.23
C THR F 463 -23.60 63.44 24.41
N SER G 16 -23.19 52.11 4.53
CA SER G 16 -24.28 51.47 5.32
C SER G 16 -23.76 50.20 6.01
N VAL G 17 -24.53 49.70 6.98
CA VAL G 17 -24.16 48.52 7.76
C VAL G 17 -24.12 47.31 6.84
N THR G 18 -25.17 47.14 6.03
CA THR G 18 -25.25 46.00 5.14
C THR G 18 -23.99 46.05 4.27
N GLU G 19 -23.61 47.24 3.82
CA GLU G 19 -22.48 47.37 2.91
C GLU G 19 -21.19 46.91 3.57
N LYS G 20 -20.95 47.38 4.80
CA LYS G 20 -19.72 47.10 5.51
C LYS G 20 -19.61 45.59 5.80
N VAL G 21 -20.75 44.99 6.16
CA VAL G 21 -20.81 43.57 6.50
C VAL G 21 -20.62 42.78 5.21
N GLU G 22 -21.23 43.24 4.09
CA GLU G 22 -21.08 42.58 2.81
C GLU G 22 -19.59 42.46 2.44
N LYS G 23 -18.82 43.55 2.58
CA LYS G 23 -17.42 43.59 2.16
C LYS G 23 -16.57 42.73 3.07
N PHE G 24 -16.93 42.70 4.37
CA PHE G 24 -16.15 41.97 5.33
C PHE G 24 -16.36 40.49 5.11
N THR G 25 -17.58 40.06 4.70
CA THR G 25 -17.91 38.65 4.64
C THR G 25 -17.70 38.08 3.25
N GLU G 26 -17.52 38.92 2.22
CA GLU G 26 -17.42 38.36 0.88
C GLU G 26 -16.15 37.53 0.73
N SER G 27 -16.25 36.42 0.00
CA SER G 27 -15.08 35.56 -0.23
C SER G 27 -14.71 35.42 -1.70
N ILE G 28 -15.52 35.94 -2.63
CA ILE G 28 -15.24 35.73 -4.05
C ILE G 28 -13.89 36.26 -4.48
N SER G 29 -13.41 37.35 -3.84
CA SER G 29 -12.14 37.91 -4.21
C SER G 29 -10.99 36.90 -4.14
N PHE G 30 -11.09 35.89 -3.26
CA PHE G 30 -10.11 34.82 -3.23
C PHE G 30 -10.65 33.45 -3.62
N ASP G 31 -11.93 33.15 -3.36
CA ASP G 31 -12.38 31.77 -3.60
C ASP G 31 -12.79 31.53 -5.05
N LYS G 32 -12.74 32.55 -5.93
CA LYS G 32 -12.97 32.32 -7.34
C LYS G 32 -12.00 31.28 -7.87
N VAL G 33 -10.83 31.09 -7.22
CA VAL G 33 -9.87 30.13 -7.79
C VAL G 33 -10.36 28.69 -7.66
N LEU G 34 -11.49 28.48 -6.94
CA LEU G 34 -12.09 27.15 -6.81
C LEU G 34 -13.00 26.82 -7.97
N TYR G 35 -13.12 27.67 -8.99
CA TYR G 35 -14.21 27.48 -9.96
C TYR G 35 -14.20 26.12 -10.64
N LYS G 36 -13.04 25.60 -11.07
CA LYS G 36 -13.05 24.35 -11.81
C LYS G 36 -13.59 23.21 -10.94
N GLN G 37 -13.14 23.17 -9.67
CA GLN G 37 -13.56 22.10 -8.78
C GLN G 37 -15.04 22.30 -8.43
N ASP G 38 -15.48 23.55 -8.26
CA ASP G 38 -16.89 23.79 -7.94
C ASP G 38 -17.77 23.25 -9.06
N ILE G 39 -17.39 23.52 -10.31
CA ILE G 39 -18.13 23.05 -11.49
C ILE G 39 -18.10 21.53 -11.56
N MET G 40 -16.94 20.93 -11.32
CA MET G 40 -16.84 19.48 -11.37
C MET G 40 -17.76 18.87 -10.32
N GLY G 41 -17.73 19.42 -9.12
CA GLY G 41 -18.56 18.92 -8.02
C GLY G 41 -20.05 19.03 -8.33
N SER G 42 -20.44 20.16 -8.92
CA SER G 42 -21.84 20.40 -9.26
C SER G 42 -22.30 19.49 -10.37
N LYS G 43 -21.47 19.26 -11.38
CA LYS G 43 -21.84 18.34 -12.44
C LYS G 43 -22.07 16.95 -11.85
N ALA G 44 -21.16 16.48 -10.97
CA ALA G 44 -21.34 15.15 -10.40
C ALA G 44 -22.62 15.07 -9.58
N HIS G 45 -22.86 16.12 -8.78
CA HIS G 45 -24.06 16.20 -7.97
C HIS G 45 -25.33 16.15 -8.84
N ALA G 46 -25.39 16.93 -9.93
CA ALA G 46 -26.57 16.96 -10.78
C ALA G 46 -26.76 15.61 -11.48
N SER G 47 -25.69 14.98 -11.93
CA SER G 47 -25.78 13.68 -12.58
CA SER G 47 -25.71 13.67 -12.55
C SER G 47 -26.38 12.65 -11.62
N MET G 48 -25.93 12.67 -10.35
CA MET G 48 -26.45 11.77 -9.36
C MET G 48 -27.93 12.10 -9.08
N LEU G 49 -28.29 13.39 -8.96
CA LEU G 49 -29.68 13.73 -8.72
C LEU G 49 -30.57 13.13 -9.83
N ALA G 50 -30.14 13.24 -11.09
CA ALA G 50 -30.92 12.75 -12.21
C ALA G 50 -31.02 11.23 -12.15
N HIS G 51 -29.90 10.57 -11.86
CA HIS G 51 -29.89 9.13 -11.81
C HIS G 51 -30.89 8.65 -10.76
N GLN G 52 -31.00 9.39 -9.66
CA GLN G 52 -31.78 9.01 -8.49
C GLN G 52 -33.22 9.50 -8.62
N GLY G 53 -33.58 10.22 -9.70
CA GLY G 53 -34.94 10.65 -9.96
C GLY G 53 -35.37 11.91 -9.20
N LEU G 54 -34.41 12.66 -8.65
CA LEU G 54 -34.72 13.88 -7.92
C LEU G 54 -34.82 15.07 -8.85
N ILE G 55 -34.22 14.98 -10.04
CA ILE G 55 -34.41 15.96 -11.09
C ILE G 55 -34.55 15.19 -12.40
N THR G 56 -35.07 15.86 -13.44
CA THR G 56 -35.27 15.21 -14.72
C THR G 56 -33.94 15.12 -15.45
N ASP G 57 -33.85 14.19 -16.39
CA ASP G 57 -32.69 14.12 -17.27
C ASP G 57 -32.53 15.39 -18.10
N SER G 58 -33.65 15.98 -18.52
CA SER G 58 -33.63 17.23 -19.26
C SER G 58 -33.00 18.34 -18.42
N ASP G 59 -33.41 18.42 -17.17
CA ASP G 59 -32.87 19.42 -16.25
C ASP G 59 -31.38 19.20 -16.06
N LYS G 60 -30.95 17.97 -15.84
CA LYS G 60 -29.54 17.66 -15.72
C LYS G 60 -28.74 18.05 -16.97
N ASP G 61 -29.29 17.77 -18.16
CA ASP G 61 -28.61 18.10 -19.37
C ASP G 61 -28.43 19.61 -19.49
N SER G 62 -29.46 20.39 -19.14
CA SER G 62 -29.38 21.85 -19.20
C SER G 62 -28.35 22.37 -18.19
N ILE G 63 -28.32 21.77 -16.99
CA ILE G 63 -27.35 22.13 -15.98
C ILE G 63 -25.91 21.85 -16.44
N LEU G 64 -25.65 20.65 -16.93
CA LEU G 64 -24.27 20.29 -17.34
C LEU G 64 -23.81 21.21 -18.49
N ARG G 65 -24.68 21.41 -19.46
CA ARG G 65 -24.30 22.26 -20.59
C ARG G 65 -24.06 23.69 -20.14
N GLY G 66 -24.92 24.20 -19.25
CA GLY G 66 -24.74 25.56 -18.77
C GLY G 66 -23.44 25.70 -17.96
N LEU G 67 -23.14 24.72 -17.16
CA LEU G 67 -21.95 24.78 -16.31
C LEU G 67 -20.69 24.73 -17.19
N ASP G 68 -20.71 23.90 -18.25
CA ASP G 68 -19.61 23.87 -19.18
C ASP G 68 -19.44 25.23 -19.86
N ASP G 69 -20.56 25.87 -20.24
CA ASP G 69 -20.57 27.18 -20.88
C ASP G 69 -19.89 28.21 -19.96
N ILE G 70 -20.29 28.20 -18.68
CA ILE G 70 -19.72 29.13 -17.71
C ILE G 70 -18.23 28.85 -17.55
N GLU G 71 -17.84 27.59 -17.45
CA GLU G 71 -16.43 27.28 -17.34
C GLU G 71 -15.64 27.85 -18.53
N ARG G 72 -16.17 27.70 -19.72
CA ARG G 72 -15.46 28.25 -20.90
C ARG G 72 -15.38 29.78 -20.76
N GLN G 73 -16.43 30.43 -20.28
CA GLN G 73 -16.45 31.88 -20.14
CA GLN G 73 -16.45 31.88 -20.15
C GLN G 73 -15.37 32.33 -19.15
N ILE G 74 -15.23 31.61 -18.03
CA ILE G 74 -14.22 31.95 -17.04
C ILE G 74 -12.83 31.77 -17.66
N GLU G 75 -12.62 30.65 -18.35
CA GLU G 75 -11.32 30.38 -18.97
C GLU G 75 -11.01 31.42 -20.03
N ALA G 76 -12.03 32.02 -20.64
CA ALA G 76 -11.77 33.05 -21.65
C ALA G 76 -11.65 34.45 -21.04
N ASN G 77 -11.62 34.56 -19.70
CA ASN G 77 -11.70 35.82 -18.98
C ASN G 77 -12.89 36.70 -19.35
N LYS G 78 -14.05 36.11 -19.66
CA LYS G 78 -15.23 36.89 -20.00
C LYS G 78 -16.30 36.78 -18.93
N PHE G 79 -15.96 36.17 -17.79
CA PHE G 79 -16.91 36.06 -16.69
C PHE G 79 -16.68 37.16 -15.67
N GLU G 80 -17.75 37.88 -15.34
CA GLU G 80 -17.70 38.94 -14.35
C GLU G 80 -18.01 38.36 -12.97
N TRP G 81 -16.99 38.20 -12.13
CA TRP G 81 -17.17 37.86 -10.74
C TRP G 81 -17.78 39.05 -10.00
N ARG G 82 -18.76 38.79 -9.14
CA ARG G 82 -19.50 39.84 -8.44
C ARG G 82 -19.45 39.70 -6.92
N THR G 83 -19.07 40.79 -6.22
CA THR G 83 -19.08 40.81 -4.76
CA THR G 83 -19.08 40.79 -4.76
C THR G 83 -20.51 40.69 -4.23
N ASP G 84 -21.49 41.15 -5.01
CA ASP G 84 -22.89 41.08 -4.59
C ASP G 84 -23.43 39.65 -4.63
N ARG G 85 -22.69 38.73 -5.24
CA ARG G 85 -23.05 37.31 -5.19
C ARG G 85 -22.12 36.51 -4.26
N GLU G 86 -21.34 37.19 -3.40
CA GLU G 86 -20.74 36.67 -2.19
C GLU G 86 -19.48 35.83 -2.41
N ASP G 87 -19.65 34.70 -3.14
CA ASP G 87 -18.66 33.64 -3.17
C ASP G 87 -18.73 32.90 -4.51
N VAL G 88 -17.82 31.96 -4.70
CA VAL G 88 -17.69 31.24 -5.97
C VAL G 88 -18.98 30.47 -6.28
N HIS G 89 -19.58 29.87 -5.24
CA HIS G 89 -20.71 28.95 -5.45
C HIS G 89 -21.92 29.73 -5.96
N MET G 90 -22.21 30.86 -5.29
CA MET G 90 -23.38 31.64 -5.65
C MET G 90 -23.11 32.40 -6.96
N ASN G 91 -21.87 32.81 -7.21
CA ASN G 91 -21.57 33.47 -8.46
C ASN G 91 -21.83 32.53 -9.63
N ILE G 92 -21.39 31.28 -9.51
CA ILE G 92 -21.58 30.32 -10.60
C ILE G 92 -23.06 29.97 -10.73
N GLU G 93 -23.73 29.75 -9.61
CA GLU G 93 -25.11 29.28 -9.65
C GLU G 93 -26.09 30.36 -10.10
N ALA G 94 -25.86 31.61 -9.67
CA ALA G 94 -26.71 32.70 -10.11
C ALA G 94 -26.52 32.95 -11.60
N ALA G 95 -25.28 32.82 -12.08
CA ALA G 95 -25.02 32.94 -13.51
C ALA G 95 -25.67 31.80 -14.29
N LEU G 96 -25.66 30.61 -13.69
CA LEU G 96 -26.31 29.46 -14.31
C LEU G 96 -27.80 29.74 -14.42
N THR G 97 -28.43 30.29 -13.37
CA THR G 97 -29.85 30.62 -13.40
C THR G 97 -30.16 31.64 -14.49
N ASP G 98 -29.31 32.66 -14.63
CA ASP G 98 -29.44 33.64 -15.71
C ASP G 98 -29.33 32.99 -17.09
N LEU G 99 -28.47 31.97 -17.24
CA LEU G 99 -28.26 31.29 -18.52
C LEU G 99 -29.39 30.31 -18.86
N ILE G 100 -29.80 29.45 -17.94
CA ILE G 100 -30.71 28.34 -18.28
C ILE G 100 -32.07 28.42 -17.61
N GLY G 101 -32.27 29.34 -16.66
CA GLY G 101 -33.55 29.50 -15.99
C GLY G 101 -33.81 28.46 -14.92
N GLU G 102 -35.08 28.03 -14.84
CA GLU G 102 -35.58 27.28 -13.69
C GLU G 102 -34.73 26.05 -13.39
N PRO G 103 -34.24 25.24 -14.34
CA PRO G 103 -33.51 24.02 -13.93
C PRO G 103 -32.34 24.29 -12.99
N ALA G 104 -31.71 25.46 -13.12
CA ALA G 104 -30.57 25.83 -12.30
C ALA G 104 -30.93 25.82 -10.81
N LYS G 105 -32.20 26.13 -10.52
CA LYS G 105 -32.66 26.26 -9.14
C LYS G 105 -32.82 24.88 -8.50
N LYS G 106 -32.71 23.79 -9.26
CA LYS G 106 -32.79 22.46 -8.67
C LYS G 106 -31.41 21.84 -8.41
N LEU G 107 -30.34 22.52 -8.86
CA LEU G 107 -29.00 22.02 -8.64
C LEU G 107 -28.74 21.81 -7.16
N HIS G 108 -29.27 22.70 -6.28
CA HIS G 108 -28.92 22.65 -4.88
C HIS G 108 -29.82 21.74 -4.04
N THR G 109 -30.69 20.97 -4.71
CA THR G 109 -31.43 19.92 -4.03
C THR G 109 -30.49 18.96 -3.28
N ALA G 110 -30.82 18.63 -2.03
CA ALA G 110 -30.11 17.65 -1.22
C ALA G 110 -28.62 18.01 -1.13
N ARG G 111 -28.34 19.30 -0.94
CA ARG G 111 -26.97 19.77 -0.80
C ARG G 111 -27.00 21.04 0.05
N SER G 112 -25.87 21.33 0.71
CA SER G 112 -25.67 22.56 1.48
C SER G 112 -24.43 23.25 0.96
N ARG G 113 -24.27 24.52 1.25
CA ARG G 113 -22.94 25.13 0.98
C ARG G 113 -21.91 24.47 1.92
N ASN G 114 -22.35 23.87 3.04
CA ASN G 114 -21.41 23.34 4.00
C ASN G 114 -20.69 22.12 3.45
N ASP G 115 -21.41 21.20 2.79
CA ASP G 115 -20.76 20.04 2.20
C ASP G 115 -20.22 20.35 0.82
N GLN G 116 -20.82 21.31 0.11
CA GLN G 116 -20.27 21.72 -1.17
C GLN G 116 -18.86 22.32 -1.02
N VAL G 117 -18.68 23.25 -0.08
CA VAL G 117 -17.38 23.91 0.01
C VAL G 117 -16.30 22.94 0.42
N ALA G 118 -16.62 22.00 1.33
CA ALA G 118 -15.66 21.02 1.77
C ALA G 118 -15.20 20.13 0.62
N THR G 119 -16.14 19.76 -0.24
CA THR G 119 -15.84 18.91 -1.39
C THR G 119 -14.95 19.68 -2.36
N ASP G 120 -15.35 20.92 -2.65
CA ASP G 120 -14.58 21.71 -3.60
C ASP G 120 -13.14 21.91 -3.14
N PHE G 121 -13.00 22.20 -1.84
CA PHE G 121 -11.67 22.53 -1.34
C PHE G 121 -10.79 21.28 -1.31
N ARG G 122 -11.33 20.10 -0.98
CA ARG G 122 -10.54 18.89 -1.05
C ARG G 122 -10.08 18.64 -2.48
N LEU G 123 -10.99 18.82 -3.44
CA LEU G 123 -10.61 18.62 -4.85
C LEU G 123 -9.49 19.56 -5.25
N TRP G 124 -9.60 20.83 -4.84
CA TRP G 124 -8.56 21.81 -5.19
C TRP G 124 -7.22 21.41 -4.59
N CYS G 125 -7.26 20.96 -3.30
CA CYS G 125 -6.04 20.54 -2.64
C CYS G 125 -5.42 19.33 -3.33
N ARG G 126 -6.27 18.34 -3.73
CA ARG G 126 -5.79 17.16 -4.42
C ARG G 126 -5.02 17.53 -5.71
N ASP G 127 -5.63 18.43 -6.48
CA ASP G 127 -5.00 18.89 -7.71
C ASP G 127 -3.70 19.67 -7.41
N ALA G 128 -3.71 20.52 -6.39
CA ALA G 128 -2.51 21.29 -6.07
C ALA G 128 -1.36 20.38 -5.64
N ILE G 129 -1.65 19.37 -4.83
CA ILE G 129 -0.63 18.42 -4.42
C ILE G 129 -0.03 17.71 -5.64
N ASP G 130 -0.88 17.29 -6.57
CA ASP G 130 -0.39 16.66 -7.78
C ASP G 130 0.60 17.57 -8.49
N THR G 131 0.28 18.87 -8.57
CA THR G 131 1.15 19.82 -9.24
C THR G 131 2.47 19.99 -8.50
N ILE G 132 2.36 20.10 -7.14
CA ILE G 132 3.57 20.25 -6.35
C ILE G 132 4.52 19.06 -6.53
N ILE G 133 3.98 17.83 -6.52
CA ILE G 133 4.87 16.69 -6.68
C ILE G 133 5.64 16.75 -8.00
N VAL G 134 4.95 17.15 -9.08
CA VAL G 134 5.64 17.31 -10.37
C VAL G 134 6.79 18.32 -10.27
N LYS G 135 6.53 19.46 -9.59
CA LYS G 135 7.55 20.50 -9.43
C LYS G 135 8.71 19.99 -8.58
N ILE G 136 8.40 19.20 -7.54
CA ILE G 136 9.48 18.66 -6.69
C ILE G 136 10.40 17.75 -7.53
N ARG G 137 9.81 16.88 -8.36
CA ARG G 137 10.63 15.97 -9.15
CA ARG G 137 10.63 15.97 -9.15
C ARG G 137 11.50 16.76 -10.13
N ASN G 138 10.96 17.88 -10.66
CA ASN G 138 11.74 18.75 -11.53
CA ASN G 138 11.74 18.75 -11.53
C ASN G 138 12.96 19.31 -10.79
N LEU G 139 12.71 19.76 -9.54
CA LEU G 139 13.83 20.31 -8.76
C LEU G 139 14.82 19.22 -8.38
N GLN G 140 14.32 18.03 -8.03
CA GLN G 140 15.27 16.95 -7.74
C GLN G 140 16.14 16.66 -8.97
N ARG G 141 15.53 16.67 -10.14
CA ARG G 141 16.32 16.43 -11.38
C ARG G 141 17.35 17.55 -11.56
N ALA G 142 16.92 18.78 -11.30
CA ALA G 142 17.88 19.86 -11.51
C ALA G 142 19.08 19.67 -10.57
N LEU G 143 18.81 19.30 -9.32
CA LEU G 143 19.91 19.10 -8.38
C LEU G 143 20.80 17.90 -8.80
N VAL G 144 20.17 16.81 -9.25
CA VAL G 144 20.96 15.64 -9.65
C VAL G 144 21.77 15.98 -10.91
N GLU G 145 21.19 16.77 -11.82
CA GLU G 145 21.94 17.18 -13.02
C GLU G 145 23.15 18.02 -12.64
N LEU G 146 22.97 18.97 -11.69
CA LEU G 146 24.09 19.80 -11.26
C LEU G 146 25.15 18.91 -10.57
N ALA G 147 24.70 17.92 -9.80
CA ALA G 147 25.60 16.99 -9.15
C ALA G 147 26.44 16.21 -10.18
N LEU G 148 25.78 15.74 -11.22
CA LEU G 148 26.46 14.96 -12.27
C LEU G 148 27.47 15.79 -13.00
N LYS G 149 27.17 17.07 -13.25
CA LYS G 149 28.08 17.95 -13.96
C LYS G 149 29.33 18.27 -13.14
N ASN G 150 29.24 18.15 -11.82
CA ASN G 150 30.33 18.48 -10.90
C ASN G 150 30.67 17.30 -10.00
N GLU G 151 30.62 16.09 -10.56
CA GLU G 151 30.66 14.86 -9.76
C GLU G 151 31.95 14.73 -8.98
N ALA G 152 33.08 15.22 -9.52
CA ALA G 152 34.36 15.03 -8.87
C ALA G 152 34.77 16.21 -7.99
N LEU G 153 33.92 17.22 -7.83
CA LEU G 153 34.30 18.39 -7.09
C LEU G 153 34.25 18.13 -5.60
N ILE G 154 35.38 18.31 -4.91
CA ILE G 154 35.47 18.22 -3.47
C ILE G 154 35.28 19.57 -2.85
N VAL G 155 34.42 19.63 -1.82
CA VAL G 155 34.20 20.81 -1.01
C VAL G 155 34.29 20.42 0.45
N PRO G 156 34.44 21.37 1.38
CA PRO G 156 34.40 20.98 2.79
C PRO G 156 32.97 20.62 3.15
N GLY G 157 32.82 19.70 4.13
CA GLY G 157 31.60 19.47 4.86
C GLY G 157 31.76 20.10 6.23
N TYR G 158 30.67 20.67 6.76
CA TYR G 158 30.74 21.52 7.93
C TYR G 158 29.91 21.01 9.10
N THR G 159 30.47 21.18 10.30
CA THR G 159 29.70 21.14 11.53
C THR G 159 30.03 22.39 12.33
N HIS G 160 28.99 23.03 12.88
CA HIS G 160 29.16 24.29 13.62
C HIS G 160 29.74 25.39 12.75
N LEU G 161 29.56 25.22 11.43
CA LEU G 161 30.09 26.15 10.42
C LEU G 161 31.61 26.16 10.46
N GLN G 162 32.23 25.06 10.94
CA GLN G 162 33.66 24.81 10.89
C GLN G 162 33.88 23.63 9.93
N ARG G 163 34.96 23.65 9.16
CA ARG G 163 35.27 22.58 8.22
C ARG G 163 35.61 21.33 9.03
N ALA G 164 34.95 20.24 8.70
CA ALA G 164 35.07 19.02 9.47
C ALA G 164 35.69 17.89 8.65
N GLN G 165 35.20 17.68 7.44
CA GLN G 165 35.72 16.57 6.62
C GLN G 165 35.56 16.97 5.15
N PRO G 166 36.34 16.38 4.22
CA PRO G 166 36.13 16.66 2.80
C PRO G 166 34.94 15.86 2.30
N VAL G 167 34.11 16.46 1.47
CA VAL G 167 32.99 15.74 0.88
C VAL G 167 32.89 16.08 -0.60
N LEU G 168 32.12 15.30 -1.33
CA LEU G 168 31.82 15.61 -2.72
C LEU G 168 30.60 16.48 -2.86
N LEU G 169 30.70 17.46 -3.77
CA LEU G 169 29.60 18.33 -4.09
CA LEU G 169 29.60 18.33 -4.09
C LEU G 169 28.34 17.49 -4.38
N PRO G 170 28.39 16.39 -5.16
CA PRO G 170 27.18 15.63 -5.37
C PRO G 170 26.55 15.09 -4.10
N HIS G 171 27.40 14.76 -3.12
CA HIS G 171 26.90 14.22 -1.86
C HIS G 171 26.11 15.29 -1.11
N VAL G 172 26.59 16.55 -1.15
CA VAL G 172 25.85 17.64 -0.55
C VAL G 172 24.53 17.88 -1.28
N LEU G 173 24.50 17.87 -2.61
CA LEU G 173 23.28 18.13 -3.34
C LEU G 173 22.26 17.00 -3.12
N LEU G 174 22.77 15.76 -2.98
CA LEU G 174 21.87 14.65 -2.69
C LEU G 174 21.23 14.79 -1.31
N THR G 175 21.84 15.50 -0.36
CA THR G 175 21.13 15.80 0.88
C THR G 175 19.77 16.42 0.58
N PHE G 176 19.74 17.45 -0.25
CA PHE G 176 18.51 18.17 -0.58
C PHE G 176 17.57 17.29 -1.39
N VAL G 177 18.10 16.44 -2.29
CA VAL G 177 17.22 15.50 -3.00
C VAL G 177 16.51 14.53 -2.03
N GLU G 178 17.24 14.04 -1.03
CA GLU G 178 16.70 13.14 -0.02
C GLU G 178 15.66 13.87 0.85
N GLN G 179 15.94 15.13 1.23
CA GLN G 179 14.96 15.95 1.95
C GLN G 179 13.65 16.04 1.17
N LEU G 180 13.78 16.41 -0.10
CA LEU G 180 12.62 16.59 -0.97
C LEU G 180 11.87 15.28 -1.17
N GLU G 181 12.57 14.15 -1.10
CA GLU G 181 11.91 12.85 -1.21
C GLU G 181 10.98 12.59 -0.03
N ARG G 182 11.43 12.94 1.18
CA ARG G 182 10.54 12.87 2.32
C ARG G 182 9.34 13.83 2.16
N ASP G 183 9.59 15.04 1.64
CA ASP G 183 8.51 15.96 1.36
C ASP G 183 7.47 15.28 0.42
N ALA G 184 7.96 14.72 -0.69
CA ALA G 184 7.05 14.06 -1.63
C ALA G 184 6.27 12.94 -0.98
N GLY G 185 6.93 12.27 -0.06
CA GLY G 185 6.26 11.21 0.69
C GLY G 185 5.13 11.76 1.54
N ARG G 186 5.39 12.91 2.21
CA ARG G 186 4.34 13.57 2.97
C ARG G 186 3.20 14.01 2.07
N TYR G 187 3.48 14.55 0.89
CA TYR G 187 2.43 14.97 0.00
C TYR G 187 1.54 13.76 -0.41
N VAL G 188 2.19 12.65 -0.75
CA VAL G 188 1.46 11.43 -1.15
C VAL G 188 0.52 11.02 0.00
N ASP G 189 1.07 11.00 1.21
CA ASP G 189 0.27 10.51 2.35
C ASP G 189 -0.85 11.47 2.70
N CYS G 190 -0.58 12.80 2.57
CA CYS G 190 -1.61 13.80 2.78
C CYS G 190 -2.74 13.65 1.77
N ARG G 191 -2.37 13.50 0.50
CA ARG G 191 -3.32 13.30 -0.58
C ARG G 191 -4.25 12.12 -0.33
N ALA G 192 -3.66 11.00 0.06
CA ALA G 192 -4.50 9.82 0.32
C ALA G 192 -5.51 10.09 1.43
N ARG G 193 -5.07 10.71 2.51
CA ARG G 193 -5.91 10.91 3.68
C ARG G 193 -7.02 11.91 3.40
N LEU G 194 -6.78 12.89 2.53
CA LEU G 194 -7.79 13.88 2.20
C LEU G 194 -8.82 13.38 1.20
N ASN G 195 -8.51 12.27 0.51
CA ASN G 195 -9.29 11.85 -0.65
C ASN G 195 -10.52 11.03 -0.25
N PHE G 196 -11.31 11.61 0.65
CA PHE G 196 -12.59 11.04 1.10
C PHE G 196 -13.64 12.13 0.90
N SER G 197 -14.84 11.75 0.45
CA SER G 197 -15.82 12.69 -0.02
C SER G 197 -16.74 13.19 1.10
N PRO G 198 -16.83 14.51 1.33
CA PRO G 198 -17.81 15.08 2.26
C PRO G 198 -19.19 15.25 1.62
N LEU G 199 -19.31 15.08 0.29
CA LEU G 199 -20.55 15.48 -0.38
C LEU G 199 -21.66 14.52 0.01
N GLY G 200 -22.79 15.11 0.36
CA GLY G 200 -23.94 14.38 0.85
C GLY G 200 -24.11 14.41 2.38
N ALA G 201 -23.19 15.11 3.07
CA ALA G 201 -23.40 15.44 4.47
C ALA G 201 -24.47 16.52 4.65
N CYS G 202 -24.75 17.29 3.59
CA CYS G 202 -25.68 18.40 3.64
C CYS G 202 -25.23 19.35 4.73
N ALA G 203 -26.15 19.94 5.51
CA ALA G 203 -25.75 20.98 6.43
C ALA G 203 -24.81 20.45 7.51
N LEU G 204 -25.05 19.20 7.98
CA LEU G 204 -24.27 18.50 8.98
C LEU G 204 -24.79 17.11 9.32
N ALA G 205 -26.05 16.82 9.01
CA ALA G 205 -26.70 15.61 9.52
C ALA G 205 -27.06 14.59 8.44
N GLY G 206 -26.71 14.90 7.19
CA GLY G 206 -27.15 14.14 6.04
C GLY G 206 -28.55 14.54 5.58
N THR G 207 -29.24 13.61 4.91
CA THR G 207 -30.52 13.89 4.30
C THR G 207 -31.38 12.62 4.34
N GLY G 208 -32.71 12.84 4.21
CA GLY G 208 -33.64 11.75 3.97
C GLY G 208 -33.97 11.59 2.50
N LEU G 209 -33.48 12.46 1.63
CA LEU G 209 -33.68 12.30 0.18
C LEU G 209 -32.77 11.21 -0.37
N PRO G 210 -33.23 10.49 -1.41
CA PRO G 210 -32.54 9.27 -1.85
C PRO G 210 -31.37 9.59 -2.75
N ILE G 211 -30.40 10.31 -2.21
CA ILE G 211 -29.14 10.50 -2.91
C ILE G 211 -28.32 9.21 -2.89
N ASP G 212 -27.16 9.24 -3.54
CA ASP G 212 -26.19 8.21 -3.38
C ASP G 212 -24.80 8.83 -3.27
N ARG G 213 -24.22 8.76 -2.08
CA ARG G 213 -22.91 9.35 -1.82
C ARG G 213 -21.77 8.54 -2.43
N PHE G 214 -21.95 7.22 -2.58
CA PHE G 214 -20.89 6.46 -3.23
C PHE G 214 -20.75 6.84 -4.70
N MET G 215 -21.88 7.11 -5.33
CA MET G 215 -21.92 7.46 -6.74
C MET G 215 -21.15 8.75 -6.98
N THR G 216 -21.40 9.77 -6.16
CA THR G 216 -20.72 11.02 -6.35
C THR G 216 -19.24 10.91 -5.95
N ALA G 217 -18.92 10.16 -4.89
CA ALA G 217 -17.51 9.95 -4.53
C ALA G 217 -16.78 9.33 -5.74
N ASN G 218 -17.38 8.31 -6.36
CA ASN G 218 -16.80 7.66 -7.52
C ASN G 218 -16.59 8.66 -8.67
N ALA G 219 -17.58 9.47 -8.97
CA ALA G 219 -17.50 10.39 -10.09
C ALA G 219 -16.36 11.39 -9.88
N LEU G 220 -16.12 11.74 -8.61
CA LEU G 220 -15.16 12.78 -8.28
C LEU G 220 -13.77 12.21 -7.91
N GLY G 221 -13.58 10.89 -8.01
CA GLY G 221 -12.26 10.30 -7.79
C GLY G 221 -11.89 10.12 -6.33
N PHE G 222 -12.85 10.32 -5.41
CA PHE G 222 -12.60 10.08 -4.01
C PHE G 222 -12.59 8.58 -3.74
N THR G 223 -11.86 8.16 -2.71
CA THR G 223 -11.73 6.76 -2.35
C THR G 223 -13.08 6.20 -1.93
N GLU G 224 -13.74 6.91 -1.01
CA GLU G 224 -15.06 6.58 -0.52
C GLU G 224 -15.65 7.79 0.18
N PRO G 225 -16.97 7.81 0.48
CA PRO G 225 -17.54 8.89 1.27
C PRO G 225 -17.02 8.86 2.70
N MET G 226 -16.91 10.02 3.33
CA MET G 226 -16.65 10.15 4.76
C MET G 226 -17.83 9.54 5.54
N ARG G 227 -17.48 8.80 6.60
CA ARG G 227 -18.46 8.01 7.33
C ARG G 227 -19.28 8.80 8.32
N ASN G 228 -19.05 10.11 8.50
CA ASN G 228 -19.77 10.86 9.49
C ASN G 228 -20.03 12.25 8.91
N SER G 229 -21.31 12.59 8.80
CA SER G 229 -21.73 13.84 8.17
C SER G 229 -21.27 15.05 8.99
N ILE G 230 -21.24 14.96 10.33
CA ILE G 230 -20.82 16.10 11.12
C ILE G 230 -19.33 16.33 10.89
N ASP G 231 -18.57 15.25 10.91
CA ASP G 231 -17.14 15.32 10.60
C ASP G 231 -16.95 15.96 9.22
N ALA G 232 -17.76 15.54 8.24
CA ALA G 232 -17.58 15.99 6.87
C ALA G 232 -17.68 17.50 6.73
N VAL G 233 -18.59 18.13 7.48
CA VAL G 233 -18.74 19.59 7.34
C VAL G 233 -17.82 20.34 8.31
N SER G 234 -17.28 19.70 9.34
CA SER G 234 -16.51 20.37 10.39
C SER G 234 -15.02 20.15 10.26
N ASP G 235 -14.58 19.22 9.42
CA ASP G 235 -13.18 18.83 9.34
C ASP G 235 -12.41 19.72 8.35
N ARG G 236 -11.28 20.24 8.83
CA ARG G 236 -10.28 20.89 7.98
C ARG G 236 -8.88 20.33 8.21
N ASP G 237 -8.76 19.07 8.60
CA ASP G 237 -7.44 18.52 8.81
C ASP G 237 -6.62 18.49 7.52
N PHE G 238 -7.29 18.25 6.40
CA PHE G 238 -6.58 18.19 5.13
C PHE G 238 -5.84 19.51 4.85
N VAL G 239 -6.45 20.60 5.30
CA VAL G 239 -5.82 21.91 5.12
C VAL G 239 -4.60 21.97 6.03
N LEU G 240 -4.77 21.59 7.31
CA LEU G 240 -3.66 21.62 8.25
C LEU G 240 -2.48 20.78 7.76
N GLU G 241 -2.77 19.55 7.32
CA GLU G 241 -1.70 18.64 6.93
C GLU G 241 -0.95 19.17 5.72
N PHE G 242 -1.73 19.69 4.77
CA PHE G 242 -1.13 20.25 3.56
C PHE G 242 -0.30 21.50 3.93
N LEU G 243 -0.83 22.35 4.80
CA LEU G 243 -0.04 23.50 5.24
C LEU G 243 1.25 23.05 5.92
N TYR G 244 1.18 22.05 6.81
CA TYR G 244 2.39 21.58 7.44
C TYR G 244 3.39 20.99 6.43
N THR G 245 2.87 20.20 5.48
CA THR G 245 3.77 19.59 4.52
C THR G 245 4.46 20.70 3.70
N ASN G 246 3.71 21.73 3.34
CA ASN G 246 4.31 22.89 2.67
C ASN G 246 5.39 23.51 3.56
N ALA G 247 5.10 23.64 4.88
CA ALA G 247 6.07 24.27 5.76
C ALA G 247 7.38 23.50 5.91
N ASN G 248 7.30 22.16 5.95
CA ASN G 248 8.52 21.38 6.04
C ASN G 248 9.31 21.46 4.72
N THR G 249 8.59 21.45 3.59
CA THR G 249 9.30 21.61 2.31
C THR G 249 10.01 22.98 2.30
N GLY G 250 9.30 23.97 2.81
CA GLY G 250 9.88 25.33 2.86
C GLY G 250 11.09 25.40 3.77
N ILE G 251 11.10 24.68 4.88
CA ILE G 251 12.29 24.66 5.69
CA ILE G 251 12.26 24.56 5.74
C ILE G 251 13.46 24.06 4.92
N HIS G 252 13.25 22.96 4.16
CA HIS G 252 14.33 22.43 3.35
C HIS G 252 14.87 23.51 2.41
N LEU G 253 13.98 24.18 1.70
CA LEU G 253 14.37 25.21 0.76
C LEU G 253 15.07 26.39 1.45
N SER G 254 14.65 26.67 2.70
CA SER G 254 15.32 27.75 3.44
C SER G 254 16.76 27.39 3.76
N ARG G 255 17.05 26.09 3.98
CA ARG G 255 18.39 25.65 4.25
C ARG G 255 19.21 25.65 2.97
N LEU G 256 18.59 25.27 1.85
CA LEU G 256 19.22 25.42 0.54
C LEU G 256 19.56 26.87 0.28
N GLY G 257 18.64 27.74 0.64
CA GLY G 257 18.87 29.16 0.40
C GLY G 257 20.00 29.67 1.31
N GLU G 258 20.02 29.30 2.59
CA GLU G 258 21.14 29.65 3.47
C GLU G 258 22.47 29.17 2.85
N GLU G 259 22.53 27.90 2.48
CA GLU G 259 23.78 27.31 1.92
C GLU G 259 24.25 28.07 0.66
N TRP G 260 23.31 28.34 -0.24
CA TRP G 260 23.71 28.96 -1.50
C TRP G 260 24.03 30.42 -1.33
N VAL G 261 23.38 31.13 -0.39
CA VAL G 261 23.78 32.53 -0.11
C VAL G 261 25.20 32.52 0.47
N LEU G 262 25.53 31.56 1.34
CA LEU G 262 26.89 31.38 1.85
C LEU G 262 27.86 31.08 0.70
N TRP G 263 27.51 30.12 -0.16
CA TRP G 263 28.42 29.68 -1.20
C TRP G 263 28.70 30.79 -2.19
N ALA G 264 27.73 31.72 -2.36
CA ALA G 264 27.87 32.83 -3.29
C ALA G 264 28.64 34.01 -2.68
N SER G 265 28.90 33.98 -1.37
CA SER G 265 29.69 35.03 -0.73
C SER G 265 31.12 35.06 -1.27
N GLU G 266 31.80 36.19 -1.12
CA GLU G 266 33.23 36.27 -1.40
CA GLU G 266 33.22 36.16 -1.48
C GLU G 266 34.03 35.36 -0.47
N GLU G 267 33.60 35.30 0.80
CA GLU G 267 34.35 34.59 1.82
C GLU G 267 34.45 33.10 1.54
N PHE G 268 33.31 32.49 1.14
CA PHE G 268 33.36 31.10 0.70
C PHE G 268 33.93 31.07 -0.72
N GLY G 269 33.30 31.80 -1.63
CA GLY G 269 33.78 31.90 -3.00
C GLY G 269 33.55 30.62 -3.81
N PHE G 270 32.59 29.81 -3.38
CA PHE G 270 32.43 28.52 -4.00
C PHE G 270 31.69 28.60 -5.34
N MET G 271 30.76 29.54 -5.51
CA MET G 271 30.05 29.60 -6.76
C MET G 271 29.64 31.01 -7.16
N THR G 272 29.38 31.12 -8.46
CA THR G 272 29.00 32.36 -9.06
C THR G 272 27.61 32.19 -9.70
N PRO G 273 26.59 32.94 -9.24
CA PRO G 273 25.31 32.93 -9.91
C PRO G 273 25.40 33.67 -11.24
N SER G 274 24.65 33.21 -12.26
CA SER G 274 24.59 33.96 -13.50
C SER G 274 23.90 35.29 -13.28
N ASP G 275 24.03 36.20 -14.25
CA ASP G 275 23.40 37.49 -14.15
C ASP G 275 21.89 37.38 -14.19
N SER G 276 21.36 36.30 -14.77
CA SER G 276 19.92 36.12 -14.81
C SER G 276 19.29 35.75 -13.47
N VAL G 277 20.10 35.30 -12.49
CA VAL G 277 19.56 34.92 -11.20
C VAL G 277 20.23 35.70 -10.07
N SER G 278 20.73 36.90 -10.38
CA SER G 278 21.35 37.72 -9.35
C SER G 278 21.10 39.20 -9.64
N THR G 279 21.45 40.06 -8.68
CA THR G 279 21.43 41.51 -8.90
C THR G 279 22.80 42.06 -8.64
N GLY G 280 23.09 43.20 -9.26
CA GLY G 280 24.47 43.67 -9.30
C GLY G 280 24.54 45.18 -9.15
N SER G 281 25.74 45.72 -9.42
CA SER G 281 25.85 47.17 -9.39
C SER G 281 26.90 47.59 -10.41
N SER G 282 26.74 48.79 -10.97
CA SER G 282 27.74 49.24 -11.93
C SER G 282 29.03 49.63 -11.21
N ILE G 283 28.95 50.21 -10.00
CA ILE G 283 30.15 50.68 -9.31
C ILE G 283 31.06 49.54 -8.81
N MET G 284 30.44 48.44 -8.38
CA MET G 284 31.18 47.29 -7.87
C MET G 284 30.80 46.06 -8.69
N PRO G 285 31.39 45.94 -9.88
CA PRO G 285 30.97 44.91 -10.81
C PRO G 285 31.24 43.49 -10.39
N GLN G 286 32.00 43.22 -9.33
CA GLN G 286 32.13 41.85 -8.80
C GLN G 286 30.99 41.46 -7.84
N LYS G 287 30.23 42.47 -7.38
CA LYS G 287 29.21 42.27 -6.35
C LYS G 287 27.99 41.62 -7.03
N LYS G 288 27.74 40.37 -6.69
CA LYS G 288 26.67 39.63 -7.33
C LYS G 288 25.81 39.13 -6.18
N ASN G 289 24.62 39.74 -6.04
CA ASN G 289 23.70 39.41 -4.95
C ASN G 289 22.83 38.23 -5.36
N PRO G 290 22.75 37.14 -4.56
CA PRO G 290 21.88 36.02 -4.89
C PRO G 290 20.43 36.20 -4.44
N ASP G 291 19.78 37.26 -4.87
CA ASP G 291 18.45 37.63 -4.39
C ASP G 291 17.46 36.48 -4.42
N PRO G 292 17.35 35.65 -5.51
CA PRO G 292 16.32 34.62 -5.53
C PRO G 292 16.44 33.68 -4.35
N MET G 293 17.66 33.30 -3.97
CA MET G 293 17.81 32.34 -2.89
C MET G 293 17.58 32.99 -1.52
N GLU G 294 17.90 34.28 -1.38
CA GLU G 294 17.56 35.01 -0.18
C GLU G 294 16.04 35.01 -0.02
N LEU G 295 15.32 35.22 -1.14
CA LEU G 295 13.88 35.32 -1.09
CA LEU G 295 13.87 35.30 -1.10
C LEU G 295 13.26 33.94 -0.82
N VAL G 296 13.89 32.86 -1.33
CA VAL G 296 13.44 31.53 -1.01
C VAL G 296 13.54 31.35 0.50
N ARG G 297 14.70 31.66 1.09
CA ARG G 297 14.87 31.54 2.56
C ARG G 297 13.79 32.36 3.27
N GLY G 298 13.57 33.61 2.85
CA GLY G 298 12.58 34.46 3.49
C GLY G 298 11.15 33.96 3.38
N LYS G 299 10.81 33.36 2.24
CA LYS G 299 9.44 32.94 2.00
C LYS G 299 9.09 31.68 2.78
N SER G 300 10.08 30.98 3.33
CA SER G 300 9.75 29.89 4.27
C SER G 300 8.95 30.44 5.47
N ALA G 301 9.15 31.72 5.83
CA ALA G 301 8.48 32.27 6.99
C ALA G 301 6.97 32.38 6.78
N ARG G 302 6.50 32.89 5.61
CA ARG G 302 5.07 33.05 5.40
C ARG G 302 4.39 31.67 5.34
N VAL G 303 5.12 30.66 4.87
CA VAL G 303 4.54 29.32 4.84
C VAL G 303 4.35 28.79 6.25
N ILE G 304 5.28 29.09 7.17
CA ILE G 304 5.06 28.79 8.59
C ILE G 304 3.89 29.58 9.13
N GLY G 305 3.83 30.88 8.85
CA GLY G 305 2.74 31.68 9.36
C GLY G 305 1.36 31.25 8.87
N ASP G 306 1.30 30.74 7.64
CA ASP G 306 0.05 30.23 7.09
C ASP G 306 -0.45 29.00 7.87
N LEU G 307 0.49 28.13 8.24
CA LEU G 307 0.20 26.97 9.08
C LEU G 307 -0.34 27.44 10.44
N VAL G 308 0.38 28.39 11.07
CA VAL G 308 -0.09 28.87 12.37
C VAL G 308 -1.49 29.47 12.27
N THR G 309 -1.79 30.21 11.20
CA THR G 309 -3.12 30.77 11.02
C THR G 309 -4.19 29.70 11.17
N VAL G 310 -4.09 28.61 10.38
CA VAL G 310 -5.19 27.65 10.37
C VAL G 310 -5.18 26.78 11.64
N LEU G 311 -4.03 26.53 12.24
CA LEU G 311 -4.02 25.86 13.55
C LEU G 311 -4.84 26.69 14.54
N THR G 312 -4.54 27.98 14.64
CA THR G 312 -5.18 28.86 15.61
CA THR G 312 -5.19 28.81 15.64
C THR G 312 -6.67 29.03 15.29
N LEU G 313 -7.04 29.00 14.01
CA LEU G 313 -8.41 29.15 13.59
C LEU G 313 -9.27 27.98 14.06
N CYS G 314 -8.69 26.80 14.00
CA CYS G 314 -9.44 25.61 14.37
C CYS G 314 -9.48 25.39 15.87
N LYS G 315 -8.46 25.83 16.58
CA LYS G 315 -8.36 25.63 18.03
C LYS G 315 -9.58 26.19 18.71
N GLY G 316 -10.16 25.34 19.59
CA GLY G 316 -11.26 25.69 20.45
C GLY G 316 -12.59 25.90 19.74
N LEU G 317 -12.74 25.59 18.46
CA LEU G 317 -14.00 25.84 17.77
C LEU G 317 -15.02 24.76 18.13
N PRO G 318 -16.30 25.12 18.42
CA PRO G 318 -17.30 24.07 18.63
C PRO G 318 -17.70 23.43 17.31
N LEU G 319 -18.41 22.31 17.41
CA LEU G 319 -18.98 21.70 16.21
C LEU G 319 -20.20 22.52 15.78
N ALA G 320 -20.72 22.40 14.54
CA ALA G 320 -20.15 21.63 13.42
C ALA G 320 -19.46 22.54 12.40
N TYR G 321 -20.25 23.35 11.69
CA TYR G 321 -19.75 24.39 10.79
C TYR G 321 -19.88 25.74 11.48
N ASN G 322 -18.83 26.57 11.34
CA ASN G 322 -18.77 27.93 11.84
C ASN G 322 -18.22 28.83 10.75
N ARG G 323 -18.68 30.08 10.70
CA ARG G 323 -18.25 31.00 9.63
C ARG G 323 -16.73 31.24 9.72
N ASP G 324 -16.14 30.98 10.87
CA ASP G 324 -14.66 31.12 10.98
C ASP G 324 -13.94 30.36 9.87
N PHE G 325 -14.55 29.27 9.40
CA PHE G 325 -13.87 28.43 8.42
C PHE G 325 -13.66 29.12 7.11
N GLN G 326 -14.35 30.23 6.83
CA GLN G 326 -14.02 30.99 5.64
C GLN G 326 -12.54 31.43 5.59
N GLU G 327 -11.90 31.59 6.75
CA GLU G 327 -10.49 31.95 6.85
C GLU G 327 -9.47 30.85 6.54
N ASP G 328 -9.95 29.65 6.17
CA ASP G 328 -9.01 28.56 5.87
C ASP G 328 -8.56 28.60 4.44
N LYS G 329 -9.14 29.43 3.59
CA LYS G 329 -8.82 29.40 2.17
C LYS G 329 -7.57 30.22 1.81
N GLU G 330 -7.57 31.50 2.22
CA GLU G 330 -6.47 32.35 1.86
C GLU G 330 -5.11 31.80 2.32
N PRO G 331 -4.95 31.26 3.56
CA PRO G 331 -3.63 30.75 3.95
C PRO G 331 -3.22 29.58 3.07
N MET G 332 -4.21 28.72 2.72
CA MET G 332 -3.88 27.57 1.91
C MET G 332 -3.45 27.98 0.51
N PHE G 333 -4.18 28.93 -0.07
CA PHE G 333 -3.81 29.44 -1.40
C PHE G 333 -2.43 30.09 -1.34
N ASP G 334 -2.18 30.88 -0.30
CA ASP G 334 -0.90 31.56 -0.19
C ASP G 334 0.27 30.59 0.00
N SER G 335 0.09 29.62 0.87
CA SER G 335 1.10 28.62 1.14
C SER G 335 1.47 27.84 -0.14
N THR G 336 0.43 27.44 -0.87
CA THR G 336 0.61 26.65 -2.08
C THR G 336 1.31 27.47 -3.17
N LYS G 337 0.82 28.68 -3.42
CA LYS G 337 1.48 29.52 -4.42
C LYS G 337 2.93 29.82 -4.07
N THR G 338 3.16 30.06 -2.79
CA THR G 338 4.50 30.33 -2.29
C THR G 338 5.43 29.13 -2.50
N ILE G 339 5.02 27.94 -2.01
CA ILE G 339 5.91 26.80 -2.11
C ILE G 339 6.16 26.41 -3.57
N MET G 340 5.14 26.53 -4.43
CA MET G 340 5.39 26.27 -5.85
C MET G 340 6.44 27.22 -6.43
N GLY G 341 6.36 28.50 -6.07
CA GLY G 341 7.31 29.48 -6.58
C GLY G 341 8.71 29.20 -6.03
N MET G 342 8.80 28.84 -4.73
CA MET G 342 10.10 28.53 -4.12
C MET G 342 10.75 27.32 -4.79
N ILE G 343 9.96 26.28 -5.04
CA ILE G 343 10.49 25.07 -5.67
C ILE G 343 11.04 25.41 -7.07
N ASP G 344 10.20 26.11 -7.85
CA ASP G 344 10.56 26.37 -9.25
C ASP G 344 11.78 27.30 -9.36
N VAL G 345 11.85 28.34 -8.51
CA VAL G 345 12.99 29.26 -8.62
CA VAL G 345 12.98 29.27 -8.55
C VAL G 345 14.27 28.60 -8.12
N SER G 346 14.17 27.70 -7.14
CA SER G 346 15.35 26.95 -6.70
C SER G 346 15.88 26.09 -7.85
N ALA G 347 14.98 25.51 -8.67
CA ALA G 347 15.41 24.75 -9.83
C ALA G 347 16.05 25.63 -10.87
N GLU G 348 15.49 26.80 -11.09
CA GLU G 348 16.11 27.73 -12.02
C GLU G 348 17.50 28.17 -11.52
N PHE G 349 17.63 28.49 -10.23
CA PHE G 349 18.92 28.87 -9.70
C PHE G 349 19.94 27.74 -9.87
N ALA G 350 19.59 26.49 -9.55
CA ALA G 350 20.47 25.35 -9.76
C ALA G 350 20.99 25.22 -11.18
N GLN G 351 20.22 25.70 -12.17
CA GLN G 351 20.65 25.61 -13.54
C GLN G 351 21.49 26.80 -13.98
N ASN G 352 21.76 27.74 -13.07
CA ASN G 352 22.38 29.01 -13.43
C ASN G 352 23.44 29.40 -12.41
N VAL G 353 24.20 28.42 -11.96
CA VAL G 353 25.34 28.61 -11.10
C VAL G 353 26.56 27.87 -11.63
N THR G 354 27.75 28.46 -11.46
CA THR G 354 29.01 27.89 -11.89
C THR G 354 29.91 27.81 -10.65
N PHE G 355 30.52 26.65 -10.40
CA PHE G 355 31.46 26.51 -9.29
C PHE G 355 32.85 27.04 -9.66
N ASN G 356 33.52 27.60 -8.65
CA ASN G 356 34.86 28.11 -8.85
CA ASN G 356 34.88 28.10 -8.83
C ASN G 356 35.82 27.05 -8.28
N GLU G 357 36.16 26.07 -9.10
CA GLU G 357 36.94 24.91 -8.63
C GLU G 357 38.35 25.33 -8.15
N ASP G 358 38.98 26.28 -8.86
CA ASP G 358 40.32 26.68 -8.48
C ASP G 358 40.33 27.26 -7.08
N ARG G 359 39.38 28.16 -6.79
CA ARG G 359 39.27 28.79 -5.49
C ARG G 359 39.04 27.71 -4.42
N ILE G 360 38.12 26.79 -4.70
CA ILE G 360 37.81 25.77 -3.71
C ILE G 360 39.04 24.93 -3.42
N LYS G 361 39.67 24.47 -4.49
CA LYS G 361 40.78 23.56 -4.38
C LYS G 361 41.92 24.17 -3.60
N LYS G 362 42.19 25.45 -3.83
CA LYS G 362 43.32 26.07 -3.15
C LYS G 362 43.02 26.29 -1.66
N SER G 363 41.74 26.37 -1.29
CA SER G 363 41.34 26.58 0.09
C SER G 363 41.47 25.31 0.93
N LEU G 364 41.41 24.13 0.33
CA LEU G 364 41.29 22.92 1.12
C LEU G 364 42.53 22.51 1.92
N PRO G 365 43.75 22.56 1.39
CA PRO G 365 44.91 22.02 2.12
C PRO G 365 45.09 22.50 3.55
N ALA G 366 44.83 23.78 3.79
CA ALA G 366 45.19 24.34 5.09
C ALA G 366 44.30 23.77 6.20
N GLY G 367 43.21 23.12 5.86
CA GLY G 367 42.31 22.68 6.92
C GLY G 367 42.62 21.30 7.54
N HIS G 368 43.57 20.56 6.99
CA HIS G 368 43.87 19.20 7.45
C HIS G 368 42.61 18.33 7.56
N LEU G 369 41.83 18.37 6.47
CA LEU G 369 40.58 17.64 6.39
C LEU G 369 40.80 16.13 6.28
N ASP G 370 42.01 15.72 5.99
CA ASP G 370 42.39 14.30 5.92
C ASP G 370 42.72 13.72 7.30
N ALA G 371 42.60 14.51 8.36
CA ALA G 371 42.99 14.03 9.69
C ALA G 371 42.20 12.80 10.10
N THR G 372 40.87 12.81 9.91
CA THR G 372 40.07 11.66 10.30
C THR G 372 40.45 10.43 9.51
N THR G 373 40.75 10.59 8.21
CA THR G 373 41.14 9.46 7.38
C THR G 373 42.43 8.85 7.96
N LEU G 374 43.34 9.67 8.43
CA LEU G 374 44.57 9.21 9.06
C LEU G 374 44.24 8.45 10.34
N ALA G 375 43.29 8.99 11.13
CA ALA G 375 42.88 8.27 12.34
C ALA G 375 42.29 6.92 12.02
N ASP G 376 41.46 6.86 10.96
CA ASP G 376 40.93 5.58 10.50
C ASP G 376 42.04 4.60 10.11
N TYR G 377 43.05 5.06 9.41
CA TYR G 377 44.20 4.24 9.06
C TYR G 377 44.80 3.62 10.32
N LEU G 378 44.99 4.42 11.38
CA LEU G 378 45.65 3.93 12.60
C LEU G 378 44.77 2.93 13.32
N VAL G 379 43.46 3.19 13.34
CA VAL G 379 42.52 2.23 13.92
C VAL G 379 42.60 0.91 13.14
N LYS G 380 42.62 0.97 11.82
CA LYS G 380 42.70 -0.27 11.07
C LYS G 380 44.00 -1.02 11.34
N LYS G 381 45.07 -0.30 11.65
CA LYS G 381 46.36 -0.87 11.99
C LYS G 381 46.36 -1.41 13.43
N GLY G 382 45.27 -1.23 14.19
CA GLY G 382 45.15 -1.85 15.50
C GLY G 382 45.28 -0.88 16.68
N MET G 383 45.34 0.42 16.38
CA MET G 383 45.42 1.37 17.48
C MET G 383 44.01 1.66 18.01
N PRO G 384 43.84 1.79 19.34
CA PRO G 384 42.57 2.27 19.90
C PRO G 384 42.24 3.68 19.41
N PHE G 385 40.94 3.95 19.34
CA PHE G 385 40.40 5.27 19.00
C PHE G 385 41.21 6.41 19.62
N ARG G 386 41.40 6.43 20.95
CA ARG G 386 42.00 7.60 21.58
C ARG G 386 43.47 7.74 21.19
N SER G 387 44.18 6.60 21.10
CA SER G 387 45.57 6.62 20.67
C SER G 387 45.68 7.20 19.26
N SER G 388 44.79 6.75 18.37
CA SER G 388 44.77 7.22 17.00
CA SER G 388 44.77 7.23 16.99
C SER G 388 44.62 8.75 16.98
N HIS G 389 43.67 9.27 17.77
CA HIS G 389 43.49 10.71 17.82
C HIS G 389 44.70 11.46 18.41
N ASP G 390 45.30 10.92 19.46
CA ASP G 390 46.49 11.51 20.05
C ASP G 390 47.60 11.64 19.00
N ILE G 391 47.86 10.58 18.24
CA ILE G 391 48.92 10.56 17.25
C ILE G 391 48.62 11.58 16.15
N VAL G 392 47.38 11.57 15.66
CA VAL G 392 47.04 12.44 14.54
C VAL G 392 47.09 13.92 14.95
N GLY G 393 46.59 14.22 16.15
CA GLY G 393 46.66 15.57 16.66
C GLY G 393 48.10 16.07 16.75
N LYS G 394 49.01 15.21 17.19
CA LYS G 394 50.42 15.59 17.24
C LYS G 394 50.95 15.93 15.84
N LEU G 395 50.60 15.11 14.83
CA LEU G 395 51.13 15.32 13.50
C LEU G 395 50.57 16.60 12.91
N VAL G 396 49.30 16.86 13.19
CA VAL G 396 48.63 18.00 12.60
C VAL G 396 49.27 19.23 13.22
N GLY G 397 49.63 19.12 14.50
CA GLY G 397 50.29 20.20 15.22
C GLY G 397 51.60 20.57 14.51
N VAL G 398 52.34 19.53 14.09
CA VAL G 398 53.59 19.72 13.35
C VAL G 398 53.34 20.43 12.01
N CYS G 399 52.36 19.95 11.24
CA CYS G 399 52.01 20.58 9.98
C CYS G 399 51.59 22.03 10.10
N VAL G 400 50.80 22.37 11.13
CA VAL G 400 50.39 23.76 11.32
C VAL G 400 51.62 24.62 11.62
N SER G 401 52.59 24.06 12.37
CA SER G 401 53.82 24.78 12.69
C SER G 401 54.67 24.98 11.45
N LYS G 402 54.87 23.90 10.70
CA LYS G 402 55.74 23.92 9.54
C LYS G 402 55.03 24.53 8.32
N GLY G 403 53.73 24.82 8.42
CA GLY G 403 52.92 25.24 7.28
C GLY G 403 52.91 24.18 6.17
N CYS G 404 52.68 22.91 6.53
CA CYS G 404 52.59 21.89 5.51
C CYS G 404 51.35 21.03 5.71
N GLU G 405 51.21 20.08 4.80
CA GLU G 405 50.09 19.15 4.76
C GLU G 405 50.61 17.83 5.31
N LEU G 406 49.68 17.01 5.84
CA LEU G 406 50.06 15.70 6.36
C LEU G 406 50.80 14.86 5.31
N GLN G 407 50.36 14.92 4.05
CA GLN G 407 50.95 14.09 3.02
C GLN G 407 52.37 14.52 2.66
N ASN G 408 52.81 15.67 3.16
CA ASN G 408 54.19 16.15 2.88
C ASN G 408 55.14 15.71 3.99
N LEU G 409 54.64 15.10 5.07
CA LEU G 409 55.52 14.59 6.11
C LEU G 409 56.26 13.34 5.61
N SER G 410 57.44 13.08 6.17
CA SER G 410 58.16 11.87 5.81
C SER G 410 57.65 10.69 6.60
N LEU G 411 57.78 9.49 6.04
CA LEU G 411 57.42 8.28 6.78
C LEU G 411 58.25 8.21 8.07
N GLU G 412 59.52 8.62 8.00
CA GLU G 412 60.37 8.60 9.15
C GLU G 412 59.77 9.44 10.29
N GLU G 413 59.28 10.64 9.96
CA GLU G 413 58.74 11.51 10.99
C GLU G 413 57.47 10.91 11.60
N MET G 414 56.66 10.21 10.80
CA MET G 414 55.46 9.58 11.33
C MET G 414 55.82 8.39 12.23
N LYS G 415 56.81 7.59 11.79
CA LYS G 415 57.24 6.39 12.49
C LYS G 415 57.81 6.74 13.88
N LYS G 416 58.33 7.94 13.99
CA LYS G 416 58.84 8.44 15.25
C LYS G 416 57.71 8.49 16.29
N LEU G 417 56.48 8.77 15.87
CA LEU G 417 55.36 8.85 16.80
C LEU G 417 54.74 7.47 17.03
N SER G 418 54.76 6.57 16.02
CA SER G 418 54.19 5.26 16.21
C SER G 418 54.79 4.29 15.20
N PRO G 419 55.20 3.07 15.61
CA PRO G 419 55.74 2.14 14.63
C PRO G 419 54.67 1.58 13.70
N VAL G 420 53.36 1.81 13.95
CA VAL G 420 52.38 1.17 13.10
C VAL G 420 52.33 1.80 11.71
N PHE G 421 52.92 2.97 11.52
CA PHE G 421 52.94 3.59 10.22
C PHE G 421 53.82 2.81 9.24
N GLU G 422 53.29 2.65 8.02
CA GLU G 422 54.08 2.08 6.93
C GLU G 422 53.85 2.91 5.66
N GLU G 423 54.58 2.59 4.58
CA GLU G 423 54.56 3.37 3.36
C GLU G 423 53.14 3.47 2.76
N ASP G 424 52.25 2.52 3.07
CA ASP G 424 50.89 2.58 2.55
C ASP G 424 50.11 3.79 3.10
N VAL G 425 50.60 4.47 4.13
CA VAL G 425 49.89 5.59 4.72
C VAL G 425 49.64 6.68 3.70
N PHE G 426 50.49 6.81 2.69
CA PHE G 426 50.34 7.96 1.80
C PHE G 426 49.07 7.83 0.95
N GLY G 427 48.59 6.62 0.77
CA GLY G 427 47.33 6.39 0.07
C GLY G 427 46.10 6.84 0.86
N PHE G 428 46.32 7.23 2.12
CA PHE G 428 45.23 7.70 2.97
C PHE G 428 45.33 9.20 3.23
N LEU G 429 46.29 9.90 2.58
CA LEU G 429 46.51 11.28 2.92
C LEU G 429 46.24 12.16 1.70
N GLY G 430 45.89 13.40 1.98
CA GLY G 430 45.41 14.36 0.98
C GLY G 430 43.91 14.25 0.81
N VAL G 431 43.25 15.32 0.34
CA VAL G 431 41.78 15.32 0.31
C VAL G 431 41.26 14.33 -0.75
N GLU G 432 41.98 14.17 -1.89
CA GLU G 432 41.47 13.26 -2.91
C GLU G 432 41.46 11.84 -2.40
N ASN G 433 42.55 11.42 -1.75
CA ASN G 433 42.61 10.09 -1.19
C ASN G 433 41.56 9.94 -0.07
N SER G 434 41.41 10.99 0.77
CA SER G 434 40.45 10.94 1.87
C SER G 434 39.06 10.63 1.33
N VAL G 435 38.62 11.38 0.32
CA VAL G 435 37.31 11.14 -0.27
C VAL G 435 37.21 9.73 -0.83
N ASN G 436 38.28 9.24 -1.44
CA ASN G 436 38.22 7.93 -2.07
CA ASN G 436 38.28 7.93 -2.05
C ASN G 436 38.16 6.85 -0.99
N LYS G 437 38.63 7.12 0.23
CA LYS G 437 38.69 6.09 1.28
C LYS G 437 37.38 5.91 2.06
N PHE G 438 36.45 6.85 2.00
CA PHE G 438 35.15 6.67 2.65
C PHE G 438 34.48 5.49 1.98
N SER G 439 33.91 4.54 2.76
CA SER G 439 33.42 3.29 2.24
C SER G 439 32.04 2.91 2.80
N SER G 440 31.59 3.54 3.88
CA SER G 440 30.34 3.13 4.49
C SER G 440 29.17 3.53 3.59
N TYR G 441 28.11 2.78 3.67
CA TYR G 441 26.94 3.08 2.87
C TYR G 441 26.46 4.48 3.21
N GLY G 442 26.08 5.24 2.19
CA GLY G 442 25.64 6.60 2.41
C GLY G 442 26.77 7.58 2.69
N SER G 443 28.03 7.15 2.60
CA SER G 443 29.13 8.04 2.85
C SER G 443 29.38 8.94 1.64
N THR G 444 30.36 9.83 1.83
CA THR G 444 30.80 10.68 0.71
C THR G 444 31.81 9.98 -0.22
N GLY G 445 32.14 8.71 -0.02
CA GLY G 445 33.15 8.06 -0.84
C GLY G 445 32.76 8.03 -2.31
N SER G 446 33.76 8.14 -3.18
CA SER G 446 33.57 8.29 -4.62
C SER G 446 32.62 7.20 -5.16
N ASN G 447 32.89 5.95 -4.81
CA ASN G 447 32.09 4.83 -5.30
C ASN G 447 30.68 4.83 -4.68
N CYS G 448 30.60 5.21 -3.42
CA CYS G 448 29.30 5.26 -2.73
C CYS G 448 28.39 6.32 -3.36
N VAL G 449 28.96 7.50 -3.64
CA VAL G 449 28.23 8.58 -4.27
C VAL G 449 27.81 8.20 -5.70
N ALA G 450 28.71 7.53 -6.40
CA ALA G 450 28.35 7.07 -7.73
C ALA G 450 27.13 6.17 -7.68
N GLU G 451 27.08 5.25 -6.72
CA GLU G 451 25.95 4.35 -6.53
CA GLU G 451 25.95 4.35 -6.56
C GLU G 451 24.66 5.14 -6.33
N GLN G 452 24.73 6.11 -5.41
CA GLN G 452 23.53 6.87 -5.09
C GLN G 452 23.08 7.74 -6.27
N LEU G 453 24.04 8.33 -7.00
CA LEU G 453 23.65 9.07 -8.19
C LEU G 453 23.00 8.14 -9.21
N GLY G 454 23.49 6.90 -9.35
CA GLY G 454 22.88 5.97 -10.27
C GLY G 454 21.43 5.64 -9.89
N TYR G 455 21.21 5.43 -8.56
CA TYR G 455 19.88 5.22 -8.02
C TYR G 455 18.93 6.36 -8.38
N TRP G 456 19.39 7.61 -8.17
CA TRP G 456 18.52 8.73 -8.42
C TRP G 456 18.27 8.98 -9.92
N VAL G 457 19.30 8.78 -10.77
CA VAL G 457 19.11 8.89 -12.22
C VAL G 457 18.01 7.91 -12.67
N ASN G 458 18.05 6.67 -12.18
CA ASN G 458 17.02 5.71 -12.52
C ASN G 458 15.66 6.15 -11.96
N LYS G 459 15.63 6.53 -10.68
CA LYS G 459 14.39 6.86 -10.00
C LYS G 459 13.66 8.01 -10.68
N LEU G 460 14.41 9.05 -11.11
CA LEU G 460 13.84 10.22 -11.74
C LEU G 460 13.74 10.13 -13.27
N ASN G 461 14.07 8.98 -13.84
CA ASN G 461 14.02 8.74 -15.28
C ASN G 461 14.86 9.78 -16.02
N ILE G 462 16.05 10.11 -15.52
CA ILE G 462 16.95 11.03 -16.19
C ILE G 462 17.64 10.26 -17.33
N THR G 463 17.74 10.89 -18.51
CA THR G 463 18.40 10.26 -19.66
C THR G 463 19.71 10.96 -20.02
N SER H 16 32.13 31.63 37.26
CA SER H 16 33.16 31.56 36.19
C SER H 16 32.52 31.37 34.81
N VAL H 17 33.28 31.68 33.77
CA VAL H 17 32.72 31.60 32.38
C VAL H 17 32.53 30.12 32.04
N THR H 18 33.51 29.29 32.38
CA THR H 18 33.35 27.87 32.11
C THR H 18 32.10 27.36 32.83
N GLU H 19 31.82 27.89 34.03
CA GLU H 19 30.66 27.49 34.80
C GLU H 19 29.38 27.94 34.11
N LYS H 20 29.33 29.21 33.71
CA LYS H 20 28.16 29.72 33.01
C LYS H 20 27.87 28.92 31.74
N VAL H 21 28.91 28.72 30.91
CA VAL H 21 28.78 27.99 29.69
C VAL H 21 28.33 26.56 29.96
N GLU H 22 28.89 25.90 30.97
CA GLU H 22 28.53 24.53 31.27
C GLU H 22 27.01 24.44 31.51
N LYS H 23 26.48 25.38 32.29
CA LYS H 23 25.07 25.38 32.67
C LYS H 23 24.21 25.63 31.44
N PHE H 24 24.63 26.54 30.55
CA PHE H 24 23.83 26.94 29.44
C PHE H 24 23.71 25.76 28.49
N THR H 25 24.85 25.08 28.21
CA THR H 25 24.97 24.05 27.21
C THR H 25 24.59 22.65 27.69
N GLU H 26 24.50 22.42 28.99
CA GLU H 26 24.25 21.04 29.47
C GLU H 26 22.84 20.59 29.01
N SER H 27 22.68 19.31 28.70
CA SER H 27 21.39 18.80 28.25
C SER H 27 20.88 17.64 29.11
N ILE H 28 21.70 17.13 30.05
CA ILE H 28 21.32 15.94 30.79
C ILE H 28 20.01 16.16 31.56
N SER H 29 19.76 17.39 32.04
CA SER H 29 18.57 17.66 32.82
C SER H 29 17.31 17.20 32.07
N PHE H 30 17.33 17.24 30.75
CA PHE H 30 16.19 16.78 29.98
C PHE H 30 16.48 15.53 29.16
N ASP H 31 17.71 15.32 28.65
CA ASP H 31 17.95 14.25 27.69
C ASP H 31 18.22 12.92 28.38
N LYS H 32 18.26 12.90 29.70
CA LYS H 32 18.34 11.63 30.44
C LYS H 32 17.19 10.69 30.06
N VAL H 33 16.09 11.23 29.54
CA VAL H 33 14.93 10.41 29.21
C VAL H 33 15.21 9.52 28.01
N LEU H 34 16.33 9.77 27.30
CA LEU H 34 16.71 8.93 26.16
C LEU H 34 17.50 7.70 26.56
N TYR H 35 17.66 7.42 27.85
CA TYR H 35 18.62 6.41 28.27
C TYR H 35 18.39 5.04 27.64
N LYS H 36 17.12 4.55 27.57
CA LYS H 36 16.92 3.19 27.07
C LYS H 36 17.35 3.09 25.61
N GLN H 37 17.04 4.15 24.85
CA GLN H 37 17.34 4.11 23.44
C GLN H 37 18.84 4.28 23.21
N ASP H 38 19.47 5.14 24.03
CA ASP H 38 20.92 5.29 23.96
C ASP H 38 21.62 3.96 24.20
N ILE H 39 21.21 3.23 25.23
CA ILE H 39 21.76 1.92 25.51
C ILE H 39 21.51 0.93 24.36
N MET H 40 20.27 0.90 23.84
CA MET H 40 19.97 0.00 22.74
C MET H 40 20.88 0.29 21.57
N GLY H 41 21.03 1.58 21.26
CA GLY H 41 21.87 1.95 20.13
C GLY H 41 23.34 1.59 20.32
N SER H 42 23.86 1.76 21.52
CA SER H 42 25.24 1.42 21.81
C SER H 42 25.45 -0.09 21.80
N LYS H 43 24.48 -0.87 22.26
CA LYS H 43 24.62 -2.34 22.15
C LYS H 43 24.66 -2.79 20.67
N ALA H 44 23.79 -2.22 19.84
CA ALA H 44 23.78 -2.57 18.42
C ALA H 44 25.14 -2.18 17.80
N HIS H 45 25.63 -0.99 18.16
CA HIS H 45 26.89 -0.53 17.59
C HIS H 45 28.01 -1.52 17.96
N ALA H 46 28.10 -1.88 19.25
CA ALA H 46 29.14 -2.80 19.68
C ALA H 46 29.03 -4.17 19.01
N SER H 47 27.81 -4.67 18.89
CA SER H 47 27.58 -5.95 18.23
CA SER H 47 27.54 -5.93 18.22
C SER H 47 28.08 -5.91 16.80
N MET H 48 27.82 -4.80 16.11
CA MET H 48 28.26 -4.69 14.72
C MET H 48 29.80 -4.58 14.69
N LEU H 49 30.40 -3.79 15.59
CA LEU H 49 31.86 -3.67 15.62
C LEU H 49 32.54 -5.04 15.72
N ALA H 50 31.99 -5.92 16.56
CA ALA H 50 32.54 -7.25 16.68
C ALA H 50 32.30 -8.10 15.44
N HIS H 51 31.09 -8.02 14.88
CA HIS H 51 30.83 -8.73 13.65
C HIS H 51 31.83 -8.36 12.56
N GLN H 52 32.22 -7.09 12.50
CA GLN H 52 33.12 -6.54 11.50
C GLN H 52 34.61 -6.67 11.83
N GLY H 53 34.92 -7.28 12.98
CA GLY H 53 36.28 -7.52 13.40
C GLY H 53 36.99 -6.29 13.95
N LEU H 54 36.24 -5.23 14.27
CA LEU H 54 36.82 -3.99 14.81
C LEU H 54 37.04 -4.05 16.32
N ILE H 55 36.28 -4.90 17.02
CA ILE H 55 36.54 -5.21 18.43
C ILE H 55 36.43 -6.72 18.58
N THR H 56 36.97 -7.24 19.68
CA THR H 56 36.84 -8.66 19.99
C THR H 56 35.45 -8.98 20.51
N ASP H 57 35.06 -10.24 20.38
CA ASP H 57 33.81 -10.72 20.95
C ASP H 57 33.83 -10.57 22.47
N SER H 58 34.99 -10.77 23.10
CA SER H 58 35.17 -10.54 24.53
C SER H 58 34.87 -9.09 24.91
N ASP H 59 35.43 -8.13 24.19
CA ASP H 59 35.13 -6.74 24.45
C ASP H 59 33.64 -6.46 24.24
N LYS H 60 33.07 -7.00 23.17
CA LYS H 60 31.65 -6.79 22.93
C LYS H 60 30.80 -7.31 24.08
N ASP H 61 31.10 -8.51 24.54
CA ASP H 61 30.37 -9.06 25.67
C ASP H 61 30.48 -8.18 26.90
N SER H 62 31.68 -7.67 27.21
CA SER H 62 31.84 -6.82 28.37
C SER H 62 30.98 -5.56 28.26
N ILE H 63 30.94 -5.01 27.04
CA ILE H 63 30.20 -3.78 26.78
C ILE H 63 28.69 -4.03 26.95
N LEU H 64 28.18 -5.12 26.39
CA LEU H 64 26.75 -5.42 26.45
C LEU H 64 26.32 -5.65 27.89
N ARG H 65 27.10 -6.45 28.63
CA ARG H 65 26.75 -6.75 30.02
C ARG H 65 26.79 -5.47 30.86
N GLY H 66 27.81 -4.64 30.66
CA GLY H 66 27.94 -3.39 31.41
C GLY H 66 26.80 -2.41 31.14
N LEU H 67 26.39 -2.34 29.88
CA LEU H 67 25.29 -1.49 29.47
C LEU H 67 24.00 -2.00 30.10
N ASP H 68 23.83 -3.34 30.16
CA ASP H 68 22.65 -3.91 30.82
C ASP H 68 22.65 -3.59 32.32
N ASP H 69 23.83 -3.63 32.95
CA ASP H 69 23.98 -3.29 34.37
C ASP H 69 23.58 -1.84 34.61
N ILE H 70 24.05 -0.94 33.72
CA ILE H 70 23.75 0.46 33.91
C ILE H 70 22.23 0.70 33.74
N GLU H 71 21.62 0.03 32.75
CA GLU H 71 20.18 0.21 32.54
C GLU H 71 19.42 -0.23 33.79
N ARG H 72 19.85 -1.32 34.41
CA ARG H 72 19.20 -1.77 35.64
C ARG H 72 19.35 -0.74 36.77
N GLN H 73 20.55 -0.17 36.90
CA GLN H 73 20.81 0.86 37.89
C GLN H 73 19.88 2.05 37.67
N ILE H 74 19.74 2.49 36.41
CA ILE H 74 18.87 3.64 36.14
C ILE H 74 17.43 3.28 36.49
N GLU H 75 17.01 2.07 36.11
CA GLU H 75 15.65 1.65 36.40
C GLU H 75 15.40 1.59 37.92
N ALA H 76 16.43 1.28 38.71
CA ALA H 76 16.32 1.23 40.16
C ALA H 76 16.50 2.60 40.83
N ASN H 77 16.56 3.70 40.06
CA ASN H 77 16.86 5.02 40.58
C ASN H 77 18.12 5.00 41.43
N LYS H 78 19.12 4.23 41.01
CA LYS H 78 20.40 4.18 41.68
C LYS H 78 21.53 4.79 40.85
N PHE H 79 21.19 5.52 39.78
CA PHE H 79 22.23 6.07 38.93
C PHE H 79 22.29 7.57 39.18
N GLU H 80 23.49 8.09 39.37
CA GLU H 80 23.68 9.52 39.56
C GLU H 80 23.94 10.18 38.22
N TRP H 81 22.97 10.94 37.73
CA TRP H 81 23.15 11.75 36.54
C TRP H 81 23.96 12.99 36.92
N ARG H 82 24.93 13.35 36.08
CA ARG H 82 25.90 14.39 36.38
C ARG H 82 25.97 15.48 35.31
N THR H 83 25.74 16.71 35.73
CA THR H 83 25.96 17.84 34.77
CA THR H 83 25.94 17.82 34.75
C THR H 83 27.41 18.03 34.22
N ASP H 84 28.33 17.59 35.08
CA ASP H 84 29.70 17.67 34.63
C ASP H 84 29.99 16.60 33.57
N ARG H 85 29.06 15.69 33.32
CA ARG H 85 29.18 14.79 32.17
C ARG H 85 28.20 15.15 31.04
N GLU H 86 27.57 16.33 31.12
CA GLU H 86 27.05 17.06 29.97
C GLU H 86 25.68 16.53 29.52
N ASP H 87 25.60 15.25 29.13
CA ASP H 87 24.47 14.75 28.39
C ASP H 87 24.30 13.26 28.66
N VAL H 88 23.25 12.66 28.12
CA VAL H 88 22.94 11.27 28.41
C VAL H 88 24.04 10.35 27.88
N HIS H 89 24.56 10.65 26.69
CA HIS H 89 25.55 9.80 26.03
C HIS H 89 26.83 9.71 26.89
N MET H 90 27.40 10.86 27.25
CA MET H 90 28.62 10.91 28.03
C MET H 90 28.38 10.37 29.43
N ASN H 91 27.19 10.63 30.02
CA ASN H 91 26.90 10.10 31.36
C ASN H 91 26.96 8.56 31.32
N ILE H 92 26.28 7.94 30.35
CA ILE H 92 26.30 6.48 30.26
C ILE H 92 27.70 5.95 29.92
N GLU H 93 28.42 6.59 29.00
CA GLU H 93 29.68 6.02 28.57
C GLU H 93 30.78 6.20 29.61
N ALA H 94 30.76 7.30 30.35
CA ALA H 94 31.72 7.52 31.43
C ALA H 94 31.43 6.55 32.55
N ALA H 95 30.16 6.32 32.85
CA ALA H 95 29.81 5.31 33.83
C ALA H 95 30.23 3.91 33.38
N LEU H 96 30.09 3.62 32.08
CA LEU H 96 30.44 2.31 31.58
C LEU H 96 31.96 2.11 31.71
N THR H 97 32.72 3.15 31.40
CA THR H 97 34.18 3.11 31.53
C THR H 97 34.56 2.84 33.00
N ASP H 98 33.88 3.50 33.94
CA ASP H 98 34.14 3.26 35.36
C ASP H 98 33.85 1.81 35.73
N LEU H 99 32.82 1.23 35.13
CA LEU H 99 32.39 -0.10 35.46
C LEU H 99 33.25 -1.19 34.82
N ILE H 100 33.58 -1.11 33.51
CA ILE H 100 34.25 -2.20 32.82
C ILE H 100 35.64 -1.81 32.31
N GLY H 101 36.03 -0.54 32.39
CA GLY H 101 37.36 -0.14 31.96
C GLY H 101 37.50 0.05 30.45
N GLU H 102 38.71 -0.26 29.94
CA GLU H 102 39.15 0.15 28.61
C GLU H 102 38.20 -0.30 27.48
N PRO H 103 37.54 -1.46 27.54
CA PRO H 103 36.60 -1.86 26.47
C PRO H 103 35.51 -0.84 26.20
N ALA H 104 35.06 -0.15 27.26
CA ALA H 104 34.03 0.87 27.10
C ALA H 104 34.46 1.93 26.07
N LYS H 105 35.75 2.23 25.97
CA LYS H 105 36.20 3.29 25.09
C LYS H 105 36.08 2.91 23.61
N LYS H 106 35.96 1.61 23.34
CA LYS H 106 35.85 1.16 21.95
C LYS H 106 34.51 1.52 21.33
N LEU H 107 33.48 1.93 22.12
CA LEU H 107 32.22 2.39 21.55
C LEU H 107 32.40 3.60 20.65
N HIS H 108 33.44 4.39 20.86
CA HIS H 108 33.59 5.59 20.06
C HIS H 108 34.07 5.25 18.67
N THR H 109 34.54 4.00 18.45
CA THR H 109 35.08 3.60 17.15
C THR H 109 34.00 3.81 16.09
N ALA H 110 34.32 4.57 15.01
CA ALA H 110 33.44 4.70 13.87
C ALA H 110 32.05 5.20 14.29
N ARG H 111 32.00 6.19 15.20
CA ARG H 111 30.76 6.79 15.65
C ARG H 111 31.01 8.21 16.14
N SER H 112 30.04 9.11 15.94
CA SER H 112 30.06 10.47 16.43
C SER H 112 28.88 10.68 17.37
N ARG H 113 28.95 11.68 18.23
CA ARG H 113 27.73 12.10 18.89
C ARG H 113 26.67 12.49 17.86
N ASN H 114 27.07 12.98 16.66
CA ASN H 114 26.12 13.53 15.70
C ASN H 114 25.17 12.46 15.13
N ASP H 115 25.72 11.25 14.83
CA ASP H 115 24.87 10.17 14.35
C ASP H 115 24.24 9.41 15.52
N GLN H 116 24.93 9.34 16.66
CA GLN H 116 24.36 8.71 17.84
C GLN H 116 23.09 9.41 18.34
N VAL H 117 23.12 10.75 18.43
CA VAL H 117 21.96 11.44 18.95
C VAL H 117 20.79 11.31 17.99
N ALA H 118 21.03 11.42 16.67
CA ALA H 118 19.94 11.28 15.70
C ALA H 118 19.30 9.88 15.82
N THR H 119 20.14 8.86 16.04
CA THR H 119 19.64 7.48 16.17
C THR H 119 18.77 7.35 17.42
N ASP H 120 19.33 7.80 18.55
CA ASP H 120 18.60 7.71 19.83
C ASP H 120 17.27 8.43 19.78
N PHE H 121 17.26 9.61 19.16
CA PHE H 121 16.03 10.39 19.17
C PHE H 121 14.95 9.78 18.26
N ARG H 122 15.36 9.23 17.13
CA ARG H 122 14.39 8.55 16.30
C ARG H 122 13.78 7.34 17.02
N LEU H 123 14.64 6.61 17.74
CA LEU H 123 14.15 5.45 18.48
C LEU H 123 13.15 5.89 19.55
N TRP H 124 13.45 6.97 20.25
CA TRP H 124 12.56 7.43 21.29
C TRP H 124 11.21 7.83 20.68
N CYS H 125 11.27 8.60 19.57
CA CYS H 125 10.06 9.04 18.90
C CYS H 125 9.21 7.88 18.43
N ARG H 126 9.87 6.84 17.92
CA ARG H 126 9.15 5.65 17.48
C ARG H 126 8.39 5.00 18.64
N ASP H 127 9.07 4.84 19.79
CA ASP H 127 8.45 4.32 21.00
C ASP H 127 7.32 5.21 21.50
N ALA H 128 7.50 6.53 21.44
CA ALA H 128 6.48 7.46 21.91
C ALA H 128 5.24 7.40 21.04
N ILE H 129 5.42 7.31 19.74
CA ILE H 129 4.31 7.18 18.81
C ILE H 129 3.53 5.89 19.11
N ASP H 130 4.25 4.80 19.33
CA ASP H 130 3.58 3.54 19.62
C ASP H 130 2.67 3.72 20.85
N THR H 131 3.19 4.39 21.89
CA THR H 131 2.41 4.62 23.11
C THR H 131 1.19 5.51 22.82
N ILE H 132 1.38 6.58 22.05
CA ILE H 132 0.28 7.45 21.77
C ILE H 132 -0.84 6.75 21.00
N ILE H 133 -0.49 5.85 20.12
CA ILE H 133 -1.55 5.17 19.32
C ILE H 133 -2.41 4.33 20.28
N VAL H 134 -1.74 3.65 21.21
CA VAL H 134 -2.49 2.84 22.22
C VAL H 134 -3.46 3.75 23.00
N LYS H 135 -2.97 4.93 23.40
CA LYS H 135 -3.82 5.85 24.19
C LYS H 135 -4.99 6.35 23.35
N ILE H 136 -4.74 6.58 22.06
CA ILE H 136 -5.83 7.08 21.17
C ILE H 136 -6.94 6.02 21.06
N ARG H 137 -6.54 4.78 20.85
CA ARG H 137 -7.52 3.67 20.76
CA ARG H 137 -7.53 3.68 20.74
C ARG H 137 -8.38 3.58 22.04
N ASN H 138 -7.69 3.80 23.15
CA ASN H 138 -8.41 3.80 24.45
CA ASN H 138 -8.41 3.80 24.45
C ASN H 138 -9.46 4.93 24.55
N LEU H 139 -9.05 6.10 24.04
CA LEU H 139 -10.01 7.23 24.03
C LEU H 139 -11.15 6.93 23.04
N GLN H 140 -10.80 6.37 21.88
CA GLN H 140 -11.85 6.02 20.90
C GLN H 140 -12.86 5.07 21.57
N ARG H 141 -12.31 4.09 22.28
CA ARG H 141 -13.20 3.11 22.97
C ARG H 141 -14.08 3.84 23.98
N ALA H 142 -13.47 4.73 24.76
CA ALA H 142 -14.26 5.45 25.75
C ALA H 142 -15.40 6.23 25.11
N LEU H 143 -15.14 6.87 23.95
CA LEU H 143 -16.16 7.62 23.26
C LEU H 143 -17.24 6.70 22.68
N VAL H 144 -16.80 5.57 22.11
CA VAL H 144 -17.75 4.63 21.50
C VAL H 144 -18.60 4.01 22.62
N GLU H 145 -18.01 3.71 23.77
CA GLU H 145 -18.84 3.18 24.87
CA GLU H 145 -18.82 3.19 24.89
C GLU H 145 -19.85 4.21 25.38
N LEU H 146 -19.45 5.49 25.46
CA LEU H 146 -20.37 6.55 25.89
C LEU H 146 -21.50 6.64 24.87
N ALA H 147 -21.19 6.55 23.60
CA ALA H 147 -22.16 6.58 22.51
C ALA H 147 -23.16 5.43 22.65
N LEU H 148 -22.64 4.21 22.92
CA LEU H 148 -23.51 3.05 23.02
C LEU H 148 -24.46 3.24 24.20
N LYS H 149 -23.94 3.70 25.32
CA LYS H 149 -24.74 3.86 26.52
C LYS H 149 -25.86 4.88 26.35
N ASN H 150 -25.68 5.84 25.44
CA ASN H 150 -26.61 6.92 25.19
C ASN H 150 -27.07 6.91 23.73
N GLU H 151 -27.21 5.71 23.17
CA GLU H 151 -27.42 5.56 21.75
C GLU H 151 -28.72 6.24 21.27
N ALA H 152 -29.77 6.27 22.13
CA ALA H 152 -31.05 6.81 21.67
C ALA H 152 -31.22 8.30 21.93
N LEU H 153 -30.25 8.96 22.57
CA LEU H 153 -30.43 10.34 22.97
CA LEU H 153 -30.42 10.35 22.98
C LEU H 153 -30.31 11.27 21.76
N ILE H 154 -31.28 12.16 21.61
CA ILE H 154 -31.30 13.19 20.59
C ILE H 154 -30.84 14.52 21.17
N VAL H 155 -29.89 15.18 20.48
CA VAL H 155 -29.44 16.51 20.84
C VAL H 155 -29.55 17.38 19.61
N PRO H 156 -29.45 18.71 19.72
CA PRO H 156 -29.35 19.54 18.52
C PRO H 156 -27.98 19.37 17.89
N GLY H 157 -27.95 19.50 16.56
CA GLY H 157 -26.74 19.74 15.79
C GLY H 157 -26.67 21.23 15.46
N TYR H 158 -25.45 21.79 15.53
CA TYR H 158 -25.25 23.23 15.41
C TYR H 158 -24.45 23.63 14.20
N THR H 159 -24.86 24.77 13.66
CA THR H 159 -24.01 25.57 12.79
C THR H 159 -24.12 27.01 13.28
N HIS H 160 -22.95 27.71 13.34
CA HIS H 160 -22.92 29.06 13.87
C HIS H 160 -23.41 29.13 15.34
N LEU H 161 -23.28 28.03 16.08
CA LEU H 161 -23.78 27.89 17.44
C LEU H 161 -25.28 28.20 17.48
N GLN H 162 -25.98 27.93 16.36
CA GLN H 162 -27.42 27.93 16.27
C GLN H 162 -27.93 26.52 15.98
N ARG H 163 -29.08 26.13 16.56
CA ARG H 163 -29.60 24.79 16.33
C ARG H 163 -30.11 24.66 14.91
N ALA H 164 -29.60 23.66 14.17
CA ALA H 164 -29.88 23.52 12.77
C ALA H 164 -30.71 22.26 12.47
N GLN H 165 -30.34 21.11 13.04
CA GLN H 165 -31.00 19.85 12.75
C GLN H 165 -30.92 19.00 14.01
N PRO H 166 -31.81 18.00 14.21
CA PRO H 166 -31.71 17.09 15.35
C PRO H 166 -30.74 15.97 14.96
N VAL H 167 -29.87 15.58 15.89
CA VAL H 167 -28.91 14.52 15.66
C VAL H 167 -28.90 13.62 16.86
N LEU H 168 -28.39 12.42 16.66
CA LEU H 168 -28.17 11.49 17.75
C LEU H 168 -26.84 11.78 18.42
N LEU H 169 -26.85 11.77 19.77
CA LEU H 169 -25.62 11.97 20.53
CA LEU H 169 -25.64 11.89 20.58
C LEU H 169 -24.54 10.99 20.05
N PRO H 170 -24.77 9.68 19.77
CA PRO H 170 -23.68 8.84 19.26
C PRO H 170 -23.06 9.36 17.96
N HIS H 171 -23.87 10.01 17.12
CA HIS H 171 -23.34 10.56 15.89
C HIS H 171 -22.36 11.71 16.17
N VAL H 172 -22.70 12.53 17.17
CA VAL H 172 -21.79 13.59 17.59
C VAL H 172 -20.49 12.99 18.11
N LEU H 173 -20.57 11.98 18.98
CA LEU H 173 -19.36 11.42 19.58
C LEU H 173 -18.50 10.74 18.51
N LEU H 174 -19.12 10.12 17.52
CA LEU H 174 -18.37 9.51 16.43
C LEU H 174 -17.63 10.54 15.59
N THR H 175 -18.04 11.82 15.60
CA THR H 175 -17.22 12.84 14.95
C THR H 175 -15.80 12.79 15.51
N PHE H 176 -15.71 12.80 16.86
CA PHE H 176 -14.41 12.81 17.50
C PHE H 176 -13.66 11.51 17.27
N VAL H 177 -14.37 10.38 17.23
CA VAL H 177 -13.71 9.12 16.93
C VAL H 177 -13.07 9.14 15.53
N GLU H 178 -13.82 9.67 14.56
CA GLU H 178 -13.30 9.81 13.19
C GLU H 178 -12.14 10.79 13.10
N GLN H 179 -12.18 11.89 13.85
CA GLN H 179 -11.04 12.81 13.91
C GLN H 179 -9.79 12.07 14.41
N LEU H 180 -9.97 11.30 15.51
CA LEU H 180 -8.87 10.61 16.15
C LEU H 180 -8.33 9.54 15.21
N GLU H 181 -9.19 9.04 14.31
CA GLU H 181 -8.74 8.00 13.33
C GLU H 181 -7.77 8.62 12.32
N ARG H 182 -8.05 9.85 11.90
CA ARG H 182 -7.08 10.53 11.04
C ARG H 182 -5.77 10.81 11.77
N ASP H 183 -5.91 11.18 13.04
CA ASP H 183 -4.72 11.35 13.87
C ASP H 183 -3.86 10.09 13.88
N ALA H 184 -4.52 8.97 14.17
CA ALA H 184 -3.77 7.69 14.24
C ALA H 184 -3.10 7.39 12.90
N GLY H 185 -3.82 7.71 11.83
CA GLY H 185 -3.23 7.54 10.51
C GLY H 185 -1.96 8.36 10.28
N ARG H 186 -2.00 9.61 10.76
CA ARG H 186 -0.85 10.48 10.69
C ARG H 186 0.27 9.90 11.54
N TYR H 187 -0.04 9.37 12.74
CA TYR H 187 1.02 8.80 13.55
C TYR H 187 1.68 7.62 12.82
N VAL H 188 0.85 6.74 12.21
CA VAL H 188 1.39 5.58 11.52
C VAL H 188 2.27 5.98 10.37
N ASP H 189 1.85 6.99 9.62
CA ASP H 189 2.62 7.46 8.46
C ASP H 189 3.91 8.15 8.92
N CYS H 190 3.81 8.94 9.99
CA CYS H 190 5.01 9.55 10.55
C CYS H 190 6.05 8.52 11.00
N ARG H 191 5.57 7.51 11.73
CA ARG H 191 6.47 6.44 12.22
C ARG H 191 7.20 5.76 11.06
N ALA H 192 6.46 5.41 10.00
CA ALA H 192 7.14 4.74 8.90
C ALA H 192 8.23 5.59 8.30
N ARG H 193 7.95 6.89 8.14
CA ARG H 193 8.88 7.75 7.45
C ARG H 193 10.12 7.99 8.30
N LEU H 194 9.95 8.05 9.63
CA LEU H 194 11.10 8.27 10.52
C LEU H 194 11.97 7.01 10.72
N ASN H 195 11.44 5.82 10.33
CA ASN H 195 12.05 4.56 10.71
C ASN H 195 13.17 4.16 9.72
N PHE H 196 14.12 5.09 9.52
CA PHE H 196 15.32 4.86 8.74
C PHE H 196 16.53 5.21 9.61
N SER H 197 17.61 4.47 9.49
CA SER H 197 18.69 4.59 10.45
C SER H 197 19.76 5.60 10.07
N PRO H 198 20.03 6.61 10.89
CA PRO H 198 21.18 7.48 10.64
C PRO H 198 22.50 6.96 11.16
N LEU H 199 22.51 5.82 11.87
CA LEU H 199 23.73 5.35 12.52
C LEU H 199 24.76 4.89 11.49
N GLY H 200 25.97 5.43 11.58
CA GLY H 200 27.03 5.13 10.64
C GLY H 200 27.30 6.30 9.68
N ALA H 201 26.58 7.38 9.86
CA ALA H 201 26.91 8.63 9.20
C ALA H 201 28.14 9.29 9.83
N CYS H 202 28.47 8.91 11.07
CA CYS H 202 29.56 9.51 11.83
C CYS H 202 29.30 11.03 11.93
N ALA H 203 30.37 11.85 11.80
CA ALA H 203 30.18 13.26 12.03
C ALA H 203 29.26 13.89 11.00
N LEU H 204 29.33 13.38 9.76
CA LEU H 204 28.54 13.88 8.64
C LEU H 204 28.86 13.16 7.32
N ALA H 205 30.07 12.56 7.19
CA ALA H 205 30.56 12.10 5.90
C ALA H 205 30.63 10.58 5.77
N GLY H 206 30.23 9.88 6.82
CA GLY H 206 30.50 8.47 6.94
C GLY H 206 31.94 8.20 7.40
N THR H 207 32.41 6.99 7.08
CA THR H 207 33.69 6.52 7.58
C THR H 207 34.35 5.65 6.52
N GLY H 208 35.68 5.51 6.61
CA GLY H 208 36.40 4.49 5.86
C GLY H 208 36.69 3.23 6.66
N LEU H 209 36.26 3.18 7.92
CA LEU H 209 36.35 1.92 8.67
C LEU H 209 35.25 0.97 8.20
N PRO H 210 35.52 -0.34 8.31
CA PRO H 210 34.60 -1.34 7.72
C PRO H 210 33.39 -1.61 8.60
N ILE H 211 32.62 -0.58 8.86
CA ILE H 211 31.33 -0.77 9.53
C ILE H 211 30.33 -1.42 8.57
N ASP H 212 29.17 -1.81 9.15
CA ASP H 212 28.05 -2.39 8.40
C ASP H 212 26.77 -1.75 8.91
N ARG H 213 26.36 -0.69 8.20
CA ARG H 213 25.19 0.08 8.58
C ARG H 213 23.88 -0.75 8.46
N PHE H 214 23.85 -1.73 7.54
CA PHE H 214 22.64 -2.54 7.35
C PHE H 214 22.36 -3.37 8.58
N MET H 215 23.41 -3.84 9.22
CA MET H 215 23.30 -4.68 10.41
C MET H 215 22.75 -3.84 11.57
N THR H 216 23.30 -2.67 11.81
CA THR H 216 22.79 -1.88 12.95
C THR H 216 21.35 -1.43 12.64
N ALA H 217 21.04 -1.05 11.39
CA ALA H 217 19.68 -0.64 11.05
C ALA H 217 18.69 -1.77 11.42
N ASN H 218 18.99 -3.00 10.99
CA ASN H 218 18.10 -4.11 11.24
C ASN H 218 18.01 -4.40 12.74
N ALA H 219 19.17 -4.34 13.43
CA ALA H 219 19.19 -4.64 14.86
C ALA H 219 18.31 -3.67 15.67
N LEU H 220 18.19 -2.43 15.21
CA LEU H 220 17.43 -1.41 15.89
C LEU H 220 16.00 -1.26 15.38
N GLY H 221 15.59 -2.15 14.45
CA GLY H 221 14.24 -2.19 13.96
C GLY H 221 13.94 -1.16 12.89
N PHE H 222 14.96 -0.51 12.36
CA PHE H 222 14.74 0.41 11.25
C PHE H 222 14.56 -0.34 9.94
N THR H 223 13.90 0.30 8.98
CA THR H 223 13.59 -0.31 7.69
C THR H 223 14.87 -0.57 6.87
N GLU H 224 15.75 0.44 6.89
CA GLU H 224 17.03 0.38 6.22
C GLU H 224 17.86 1.58 6.66
N PRO H 225 19.16 1.63 6.33
CA PRO H 225 19.97 2.83 6.56
C PRO H 225 19.57 3.98 5.66
N MET H 226 19.67 5.18 6.22
CA MET H 226 19.54 6.40 5.41
C MET H 226 20.61 6.38 4.34
N ARG H 227 20.25 6.85 3.14
CA ARG H 227 21.11 6.83 1.98
C ARG H 227 22.14 7.97 1.90
N ASN H 228 22.04 8.95 2.78
CA ASN H 228 22.97 10.07 2.73
C ASN H 228 23.42 10.46 4.13
N SER H 229 24.74 10.42 4.38
CA SER H 229 25.27 10.69 5.70
C SER H 229 25.03 12.14 6.15
N ILE H 230 25.11 13.11 5.23
CA ILE H 230 24.91 14.50 5.60
C ILE H 230 23.44 14.67 6.01
N ASP H 231 22.51 14.09 5.23
CA ASP H 231 21.09 14.10 5.60
C ASP H 231 20.90 13.49 6.99
N ALA H 232 21.57 12.37 7.21
CA ALA H 232 21.37 11.65 8.48
C ALA H 232 21.68 12.50 9.70
N VAL H 233 22.75 13.29 9.65
CA VAL H 233 23.10 14.07 10.82
C VAL H 233 22.33 15.40 10.84
N SER H 234 21.83 15.88 9.70
CA SER H 234 21.25 17.21 9.61
C SER H 234 19.72 17.23 9.65
N ASP H 235 19.08 16.05 9.56
CA ASP H 235 17.65 15.95 9.43
C ASP H 235 16.98 15.88 10.79
N ARG H 236 15.91 16.68 10.93
CA ARG H 236 15.01 16.58 12.07
C ARG H 236 13.56 16.63 11.60
N ASP H 237 13.29 16.15 10.37
CA ASP H 237 11.92 16.18 9.89
C ASP H 237 11.02 15.29 10.72
N PHE H 238 11.56 14.20 11.23
CA PHE H 238 10.77 13.29 12.06
C PHE H 238 10.22 14.04 13.31
N VAL H 239 10.99 14.99 13.83
CA VAL H 239 10.56 15.77 14.99
C VAL H 239 9.43 16.72 14.54
N LEU H 240 9.66 17.41 13.44
CA LEU H 240 8.66 18.32 12.91
C LEU H 240 7.33 17.60 12.67
N GLU H 241 7.40 16.44 12.01
CA GLU H 241 6.16 15.76 11.65
C GLU H 241 5.43 15.20 12.89
N PHE H 242 6.18 14.72 13.85
CA PHE H 242 5.59 14.26 15.10
C PHE H 242 4.98 15.44 15.85
N LEU H 243 5.71 16.57 15.89
CA LEU H 243 5.12 17.74 16.54
C LEU H 243 3.83 18.19 15.86
N TYR H 244 3.80 18.23 14.50
CA TYR H 244 2.57 18.62 13.82
C TYR H 244 1.43 17.61 14.11
N THR H 245 1.75 16.31 14.07
CA THR H 245 0.70 15.33 14.30
C THR H 245 0.16 15.51 15.72
N ASN H 246 1.03 15.76 16.71
CA ASN H 246 0.51 16.07 18.04
C ASN H 246 -0.33 17.32 18.03
N ALA H 247 0.06 18.36 17.28
CA ALA H 247 -0.73 19.56 17.23
C ALA H 247 -2.13 19.36 16.68
N ASN H 248 -2.26 18.56 15.61
CA ASN H 248 -3.57 18.31 15.02
C ASN H 248 -4.43 17.48 15.97
N THR H 249 -3.80 16.50 16.64
CA THR H 249 -4.54 15.76 17.64
C THR H 249 -5.08 16.72 18.70
N GLY H 250 -4.18 17.63 19.12
CA GLY H 250 -4.57 18.58 20.17
C GLY H 250 -5.66 19.54 19.73
N ILE H 251 -5.70 19.93 18.46
CA ILE H 251 -6.82 20.71 17.96
C ILE H 251 -8.14 19.95 18.13
N HIS H 252 -8.14 18.66 17.75
CA HIS H 252 -9.34 17.86 17.92
C HIS H 252 -9.79 17.86 19.39
N LEU H 253 -8.82 17.64 20.29
CA LEU H 253 -9.15 17.60 21.71
C LEU H 253 -9.55 18.99 22.21
N SER H 254 -9.06 20.08 21.63
CA SER H 254 -9.52 21.41 22.00
C SER H 254 -10.97 21.69 21.60
N ARG H 255 -11.42 21.02 20.53
CA ARG H 255 -12.80 21.12 20.07
C ARG H 255 -13.69 20.29 20.97
N LEU H 256 -13.21 19.10 21.35
CA LEU H 256 -13.89 18.30 22.34
C LEU H 256 -14.03 19.10 23.62
N GLY H 257 -12.95 19.76 24.03
CA GLY H 257 -13.00 20.56 25.25
C GLY H 257 -14.02 21.70 25.15
N GLU H 258 -13.97 22.48 24.10
CA GLU H 258 -14.95 23.54 23.92
C GLU H 258 -16.37 22.99 24.00
N GLU H 259 -16.61 21.87 23.30
CA GLU H 259 -17.99 21.32 23.25
C GLU H 259 -18.44 20.89 24.65
N TRP H 260 -17.55 20.23 25.38
CA TRP H 260 -17.96 19.71 26.67
C TRP H 260 -17.99 20.79 27.74
N VAL H 261 -17.17 21.84 27.63
CA VAL H 261 -17.38 22.99 28.53
C VAL H 261 -18.72 23.66 28.27
N LEU H 262 -19.11 23.82 27.01
CA LEU H 262 -20.44 24.30 26.68
C LEU H 262 -21.52 23.38 27.21
N TRP H 263 -21.43 22.08 26.96
CA TRP H 263 -22.46 21.15 27.37
C TRP H 263 -22.64 21.14 28.88
N ALA H 264 -21.56 21.40 29.63
CA ALA H 264 -21.63 21.40 31.08
C ALA H 264 -22.13 22.73 31.65
N SER H 265 -22.33 23.73 30.83
CA SER H 265 -22.91 25.01 31.27
C SER H 265 -24.38 24.78 31.65
N GLU H 266 -24.92 25.67 32.50
CA GLU H 266 -26.35 25.58 32.75
C GLU H 266 -27.22 26.03 31.56
N GLU H 267 -26.70 26.89 30.68
CA GLU H 267 -27.42 27.39 29.53
C GLU H 267 -27.72 26.25 28.55
N PHE H 268 -26.74 25.38 28.30
CA PHE H 268 -26.97 24.19 27.53
C PHE H 268 -27.65 23.17 28.41
N GLY H 269 -27.02 22.84 29.53
CA GLY H 269 -27.64 21.95 30.50
C GLY H 269 -27.57 20.49 30.10
N PHE H 270 -26.74 20.11 29.13
CA PHE H 270 -26.80 18.78 28.55
C PHE H 270 -26.08 17.75 29.38
N MET H 271 -25.03 18.15 30.09
CA MET H 271 -24.09 17.21 30.70
C MET H 271 -23.71 17.66 32.12
N THR H 272 -23.60 16.68 33.03
CA THR H 272 -23.12 16.84 34.38
C THR H 272 -21.88 16.01 34.58
N PRO H 273 -20.71 16.65 34.82
CA PRO H 273 -19.50 15.91 35.19
C PRO H 273 -19.63 15.38 36.62
N SER H 274 -19.01 14.23 36.88
CA SER H 274 -18.91 13.75 38.24
C SER H 274 -18.05 14.69 39.08
N ASP H 275 -18.15 14.53 40.39
CA ASP H 275 -17.32 15.29 41.30
C ASP H 275 -15.85 15.00 41.11
N SER H 276 -15.49 13.80 40.63
CA SER H 276 -14.08 13.43 40.49
C SER H 276 -13.41 14.15 39.33
N VAL H 277 -14.22 14.71 38.41
CA VAL H 277 -13.64 15.38 37.23
C VAL H 277 -14.10 16.84 37.14
N SER H 278 -14.44 17.43 38.29
CA SER H 278 -14.92 18.80 38.31
C SER H 278 -14.45 19.48 39.59
N THR H 279 -14.62 20.78 39.61
CA THR H 279 -14.40 21.55 40.84
C THR H 279 -15.65 22.37 41.14
N GLY H 280 -15.72 22.89 42.36
CA GLY H 280 -16.95 23.54 42.77
C GLY H 280 -16.70 24.58 43.87
N SER H 281 -17.80 24.97 44.51
CA SER H 281 -17.85 26.01 45.53
C SER H 281 -18.68 25.48 46.68
N SER H 282 -18.23 25.56 47.91
CA SER H 282 -19.13 25.10 48.98
C SER H 282 -20.39 25.97 49.09
N ILE H 283 -20.34 27.27 48.71
CA ILE H 283 -21.51 28.11 48.84
C ILE H 283 -22.48 28.05 47.66
N MET H 284 -22.00 27.54 46.51
CA MET H 284 -22.88 27.34 45.38
C MET H 284 -22.74 25.88 44.95
N PRO H 285 -23.40 24.93 45.65
CA PRO H 285 -23.15 23.50 45.45
C PRO H 285 -23.56 22.89 44.12
N GLN H 286 -24.37 23.59 43.33
CA GLN H 286 -24.70 23.15 41.98
C GLN H 286 -23.68 23.62 40.95
N LYS H 287 -22.79 24.57 41.27
CA LYS H 287 -21.76 24.99 40.31
C LYS H 287 -20.81 23.80 40.14
N LYS H 288 -20.61 23.33 38.91
CA LYS H 288 -19.70 22.21 38.65
C LYS H 288 -18.81 22.65 37.49
N ASN H 289 -17.59 23.05 37.83
CA ASN H 289 -16.63 23.58 36.85
C ASN H 289 -15.93 22.43 36.17
N PRO H 290 -15.92 22.35 34.81
CA PRO H 290 -15.31 21.22 34.10
C PRO H 290 -13.82 21.43 33.88
N ASP H 291 -13.08 21.70 34.96
CA ASP H 291 -11.67 22.08 34.83
C ASP H 291 -10.88 21.17 33.92
N PRO H 292 -10.97 19.84 34.02
CA PRO H 292 -10.11 19.00 33.17
C PRO H 292 -10.27 19.32 31.69
N MET H 293 -11.50 19.58 31.22
CA MET H 293 -11.68 19.81 29.79
C MET H 293 -11.30 21.23 29.39
N GLU H 294 -11.43 22.20 30.32
CA GLU H 294 -10.86 23.53 30.09
C GLU H 294 -9.34 23.41 29.92
N LEU H 295 -8.69 22.58 30.73
CA LEU H 295 -7.25 22.42 30.64
CA LEU H 295 -7.25 22.41 30.64
C LEU H 295 -6.85 21.64 29.38
N VAL H 296 -7.64 20.66 28.97
CA VAL H 296 -7.38 20.03 27.65
C VAL H 296 -7.41 21.09 26.54
N ARG H 297 -8.45 21.92 26.55
CA ARG H 297 -8.56 23.00 25.58
C ARG H 297 -7.31 23.87 25.63
N GLY H 298 -6.94 24.27 26.83
CA GLY H 298 -5.82 25.19 26.95
C GLY H 298 -4.47 24.60 26.58
N LYS H 299 -4.28 23.30 26.85
CA LYS H 299 -3.02 22.63 26.56
C LYS H 299 -2.80 22.42 25.07
N SER H 300 -3.82 22.55 24.22
CA SER H 300 -3.59 22.51 22.78
C SER H 300 -2.63 23.64 22.38
N ALA H 301 -2.63 24.71 23.16
CA ALA H 301 -1.81 25.89 22.79
C ALA H 301 -0.31 25.59 22.90
N ARG H 302 0.16 24.94 23.97
CA ARG H 302 1.58 24.63 24.10
C ARG H 302 2.06 23.64 23.03
N VAL H 303 1.13 22.74 22.63
CA VAL H 303 1.46 21.77 21.60
C VAL H 303 1.71 22.49 20.28
N ILE H 304 0.93 23.54 19.99
CA ILE H 304 1.17 24.37 18.81
C ILE H 304 2.50 25.16 18.99
N GLY H 305 2.71 25.73 20.17
CA GLY H 305 3.94 26.46 20.40
C GLY H 305 5.20 25.59 20.22
N ASP H 306 5.14 24.33 20.69
CA ASP H 306 6.25 23.42 20.57
C ASP H 306 6.58 23.14 19.10
N LEU H 307 5.52 23.04 18.26
CA LEU H 307 5.72 22.92 16.81
C LEU H 307 6.38 24.15 16.23
N VAL H 308 5.92 25.33 16.61
CA VAL H 308 6.51 26.56 16.08
C VAL H 308 7.97 26.65 16.49
N THR H 309 8.28 26.22 17.74
CA THR H 309 9.67 26.22 18.17
C THR H 309 10.57 25.50 17.18
N VAL H 310 10.29 24.23 16.86
CA VAL H 310 11.23 23.47 16.09
C VAL H 310 11.20 23.88 14.60
N LEU H 311 10.05 24.36 14.10
CA LEU H 311 10.01 24.93 12.75
C LEU H 311 11.00 26.09 12.64
N THR H 312 10.91 26.98 13.62
CA THR H 312 11.75 28.18 13.64
CA THR H 312 11.77 28.17 13.56
C THR H 312 13.22 27.82 13.86
N LEU H 313 13.51 26.80 14.64
CA LEU H 313 14.84 26.34 14.94
C LEU H 313 15.56 25.84 13.68
N CYS H 314 14.83 25.15 12.82
CA CYS H 314 15.39 24.55 11.63
C CYS H 314 15.44 25.51 10.45
N LYS H 315 14.56 26.51 10.43
CA LYS H 315 14.56 27.52 9.38
C LYS H 315 15.92 28.16 9.24
N GLY H 316 16.40 28.23 7.97
CA GLY H 316 17.61 28.95 7.61
C GLY H 316 18.91 28.32 8.13
N LEU H 317 18.91 27.16 8.77
CA LEU H 317 20.17 26.61 9.26
C LEU H 317 21.03 26.09 8.12
N PRO H 318 22.34 26.34 8.15
CA PRO H 318 23.22 25.68 7.19
C PRO H 318 23.41 24.20 7.51
N LEU H 319 23.93 23.47 6.54
CA LEU H 319 24.31 22.08 6.78
C LEU H 319 25.62 22.12 7.58
N ALA H 320 26.04 21.01 8.20
CA ALA H 320 25.28 19.76 8.38
C ALA H 320 24.70 19.65 9.81
N TYR H 321 25.57 19.51 10.82
CA TYR H 321 25.14 19.54 12.22
C TYR H 321 25.46 20.89 12.83
N ASN H 322 24.54 21.42 13.64
CA ASN H 322 24.72 22.70 14.34
C ASN H 322 24.25 22.49 15.78
N ARG H 323 24.94 23.15 16.71
CA ARG H 323 24.57 22.97 18.11
C ARG H 323 23.13 23.42 18.37
N ASP H 324 22.53 24.22 17.49
CA ASP H 324 21.11 24.64 17.65
C ASP H 324 20.21 23.41 17.84
N PHE H 325 20.60 22.29 17.26
CA PHE H 325 19.74 21.12 17.30
C PHE H 325 19.52 20.63 18.70
N GLN H 326 20.36 21.00 19.66
CA GLN H 326 20.07 20.56 21.02
C GLN H 326 18.69 21.04 21.48
N GLU H 327 18.17 22.12 20.91
CA GLU H 327 16.89 22.69 21.28
C GLU H 327 15.68 21.94 20.70
N ASP H 328 15.90 20.83 20.00
CA ASP H 328 14.75 20.11 19.45
C ASP H 328 14.19 19.07 20.43
N LYS H 329 14.89 18.82 21.52
CA LYS H 329 14.45 17.78 22.46
C LYS H 329 13.31 18.21 23.39
N GLU H 330 13.56 19.29 24.13
CA GLU H 330 12.56 19.77 25.07
C GLU H 330 11.19 19.99 24.46
N PRO H 331 11.05 20.58 23.26
CA PRO H 331 9.71 20.77 22.70
C PRO H 331 9.05 19.44 22.38
N MET H 332 9.86 18.49 21.90
CA MET H 332 9.33 17.18 21.57
C MET H 332 8.83 16.46 22.82
N PHE H 333 9.63 16.50 23.85
CA PHE H 333 9.23 15.88 25.13
C PHE H 333 7.99 16.55 25.68
N ASP H 334 7.91 17.89 25.63
CA ASP H 334 6.78 18.60 26.16
C ASP H 334 5.49 18.30 25.37
N SER H 335 5.60 18.31 24.05
CA SER H 335 4.47 18.04 23.18
C SER H 335 3.93 16.64 23.43
N THR H 336 4.86 15.69 23.57
CA THR H 336 4.47 14.28 23.76
C THR H 336 3.81 14.12 25.13
N LYS H 337 4.47 14.60 26.18
CA LYS H 337 3.85 14.47 27.50
C LYS H 337 2.48 15.10 27.51
N THR H 338 2.36 16.30 26.91
CA THR H 338 1.12 17.04 26.92
C THR H 338 0.01 16.25 26.22
N ILE H 339 0.28 15.80 24.99
CA ILE H 339 -0.79 15.16 24.21
C ILE H 339 -1.19 13.85 24.91
N MET H 340 -0.23 13.15 25.46
CA MET H 340 -0.56 11.91 26.18
C MET H 340 -1.53 12.23 27.31
N GLY H 341 -1.27 13.30 28.07
CA GLY H 341 -2.12 13.67 29.17
C GLY H 341 -3.51 14.11 28.70
N MET H 342 -3.53 14.94 27.64
CA MET H 342 -4.79 15.38 27.02
C MET H 342 -5.66 14.20 26.59
N ILE H 343 -5.06 13.23 25.94
CA ILE H 343 -5.79 12.07 25.48
C ILE H 343 -6.36 11.29 26.68
N ASP H 344 -5.49 11.01 27.64
CA ASP H 344 -5.91 10.18 28.77
C ASP H 344 -6.99 10.89 29.60
N VAL H 345 -6.81 12.21 29.85
CA VAL H 345 -7.78 12.89 30.68
C VAL H 345 -9.14 12.99 29.96
N SER H 346 -9.12 13.19 28.65
CA SER H 346 -10.34 13.19 27.84
C SER H 346 -11.08 11.86 28.02
N ALA H 347 -10.32 10.76 28.03
CA ALA H 347 -10.95 9.45 28.17
C ALA H 347 -11.54 9.34 29.56
N GLU H 348 -10.80 9.74 30.59
CA GLU H 348 -11.35 9.67 31.95
C GLU H 348 -12.62 10.53 32.04
N PHE H 349 -12.62 11.74 31.45
CA PHE H 349 -13.78 12.58 31.50
C PHE H 349 -14.99 11.95 30.83
N ALA H 350 -14.77 11.28 29.71
CA ALA H 350 -15.82 10.58 28.97
C ALA H 350 -16.47 9.47 29.80
N GLN H 351 -15.72 8.91 30.77
CA GLN H 351 -16.22 7.83 31.61
C GLN H 351 -16.88 8.39 32.87
N ASN H 352 -16.90 9.71 33.02
CA ASN H 352 -17.34 10.33 34.26
C ASN H 352 -18.28 11.50 33.95
N VAL H 353 -19.13 11.34 32.92
CA VAL H 353 -20.17 12.31 32.62
CA VAL H 353 -20.18 12.32 32.62
C VAL H 353 -21.50 11.60 32.44
N THR H 354 -22.58 12.28 32.86
CA THR H 354 -23.93 11.83 32.59
CA THR H 354 -23.93 11.82 32.56
C THR H 354 -24.67 12.91 31.81
N PHE H 355 -25.59 12.45 30.94
CA PHE H 355 -26.43 13.34 30.15
C PHE H 355 -27.73 13.58 30.89
N ASN H 356 -28.18 14.84 30.83
CA ASN H 356 -29.35 15.30 31.56
C ASN H 356 -30.55 15.17 30.62
N GLU H 357 -31.12 13.99 30.61
CA GLU H 357 -32.05 13.62 29.56
C GLU H 357 -33.32 14.47 29.57
N ASP H 358 -33.90 14.74 30.75
CA ASP H 358 -35.10 15.56 30.83
CA ASP H 358 -35.10 15.56 30.83
C ASP H 358 -34.84 16.98 30.32
N ARG H 359 -33.74 17.60 30.76
CA ARG H 359 -33.35 18.96 30.36
C ARG H 359 -33.20 19.02 28.83
N ILE H 360 -32.51 18.04 28.26
CA ILE H 360 -32.30 18.01 26.81
C ILE H 360 -33.64 17.93 26.08
N LYS H 361 -34.50 16.99 26.53
CA LYS H 361 -35.74 16.69 25.83
C LYS H 361 -36.67 17.89 25.87
N LYS H 362 -36.76 18.56 27.00
CA LYS H 362 -37.65 19.69 27.14
C LYS H 362 -37.22 20.87 26.25
N SER H 363 -35.92 20.98 25.93
CA SER H 363 -35.40 22.07 25.11
C SER H 363 -35.67 21.89 23.61
N LEU H 364 -35.87 20.64 23.15
CA LEU H 364 -35.85 20.38 21.71
C LEU H 364 -37.04 20.99 20.96
N PRO H 365 -38.30 20.95 21.44
CA PRO H 365 -39.44 21.28 20.56
C PRO H 365 -39.56 22.71 20.01
N ALA H 366 -39.07 23.69 20.77
CA ALA H 366 -39.13 25.10 20.41
C ALA H 366 -38.31 25.42 19.16
N GLY H 367 -37.34 24.57 18.82
CA GLY H 367 -36.42 24.87 17.75
C GLY H 367 -36.96 24.58 16.34
N HIS H 368 -38.07 23.84 16.20
CA HIS H 368 -38.56 23.39 14.88
C HIS H 368 -37.46 22.69 14.09
N LEU H 369 -36.77 21.77 14.76
CA LEU H 369 -35.65 21.05 14.16
C LEU H 369 -36.11 20.07 13.07
N ASP H 370 -37.41 19.81 13.02
CA ASP H 370 -38.02 18.92 12.04
C ASP H 370 -38.31 19.63 10.72
N ALA H 371 -37.96 20.91 10.63
CA ALA H 371 -38.32 21.67 9.43
C ALA H 371 -37.69 21.05 8.16
N THR H 372 -36.40 20.79 8.20
CA THR H 372 -35.77 20.13 7.00
CA THR H 372 -35.76 20.12 7.02
C THR H 372 -36.37 18.76 6.53
N THR H 373 -36.85 18.05 7.56
CA THR H 373 -37.50 16.78 7.24
C THR H 373 -38.83 17.04 6.52
N LEU H 374 -39.58 18.07 6.92
CA LEU H 374 -40.80 18.46 6.22
C LEU H 374 -40.47 18.92 4.79
N ALA H 375 -39.38 19.67 4.63
CA ALA H 375 -38.97 20.11 3.32
C ALA H 375 -38.63 18.91 2.45
N ASP H 376 -37.96 17.89 3.02
CA ASP H 376 -37.65 16.67 2.26
C ASP H 376 -38.93 15.93 1.85
N TYR H 377 -39.94 15.92 2.73
CA TYR H 377 -41.24 15.37 2.39
C TYR H 377 -41.81 15.99 1.14
N LEU H 378 -41.72 17.32 1.04
CA LEU H 378 -42.29 18.04 -0.08
C LEU H 378 -41.48 17.78 -1.34
N VAL H 379 -40.17 17.74 -1.21
CA VAL H 379 -39.30 17.45 -2.36
C VAL H 379 -39.60 16.04 -2.92
N LYS H 380 -39.85 15.10 -2.02
CA LYS H 380 -40.23 13.74 -2.40
CA LYS H 380 -40.21 13.74 -2.42
C LYS H 380 -41.60 13.70 -3.08
N LYS H 381 -42.46 14.66 -2.79
CA LYS H 381 -43.76 14.76 -3.45
C LYS H 381 -43.68 15.61 -4.74
N GLY H 382 -42.47 15.98 -5.15
CA GLY H 382 -42.19 16.62 -6.42
C GLY H 382 -42.10 18.14 -6.39
N MET H 383 -42.11 18.76 -5.20
CA MET H 383 -41.94 20.21 -5.12
C MET H 383 -40.48 20.62 -5.26
N PRO H 384 -40.18 21.71 -6.01
CA PRO H 384 -38.82 22.23 -6.09
C PRO H 384 -38.30 22.62 -4.72
N PHE H 385 -37.01 22.39 -4.46
CA PHE H 385 -36.51 22.56 -3.11
C PHE H 385 -36.71 24.00 -2.62
N ARG H 386 -36.56 25.05 -3.48
CA ARG H 386 -36.70 26.40 -2.95
C ARG H 386 -38.14 26.68 -2.49
N SER H 387 -39.13 26.17 -3.24
CA SER H 387 -40.53 26.30 -2.83
C SER H 387 -40.79 25.55 -1.53
N SER H 388 -40.22 24.35 -1.43
CA SER H 388 -40.35 23.58 -0.20
CA SER H 388 -40.35 23.58 -0.20
C SER H 388 -39.83 24.36 1.01
N HIS H 389 -38.67 24.99 0.89
CA HIS H 389 -38.14 25.74 2.01
C HIS H 389 -39.03 26.93 2.37
N ASP H 390 -39.56 27.61 1.35
CA ASP H 390 -40.40 28.77 1.59
C ASP H 390 -41.69 28.38 2.27
N ILE H 391 -42.30 27.28 1.83
CA ILE H 391 -43.52 26.82 2.42
C ILE H 391 -43.29 26.36 3.87
N VAL H 392 -42.23 25.62 4.11
CA VAL H 392 -41.97 25.15 5.47
C VAL H 392 -41.69 26.32 6.40
N GLY H 393 -40.95 27.31 5.93
CA GLY H 393 -40.72 28.52 6.70
C GLY H 393 -42.01 29.26 7.06
N LYS H 394 -42.96 29.33 6.12
CA LYS H 394 -44.26 29.91 6.45
C LYS H 394 -44.97 29.10 7.54
N LEU H 395 -44.90 27.76 7.47
CA LEU H 395 -45.51 26.91 8.48
C LEU H 395 -44.86 27.11 9.84
N VAL H 396 -43.52 27.23 9.86
CA VAL H 396 -42.83 27.50 11.10
C VAL H 396 -43.32 28.84 11.66
N GLY H 397 -43.53 29.85 10.81
CA GLY H 397 -44.07 31.13 11.25
C GLY H 397 -45.47 31.02 11.90
N VAL H 398 -46.35 30.17 11.33
CA VAL H 398 -47.66 29.88 11.89
C VAL H 398 -47.48 29.24 13.28
N CYS H 399 -46.53 28.30 13.42
CA CYS H 399 -46.25 27.62 14.68
C CYS H 399 -45.77 28.59 15.76
N VAL H 400 -44.95 29.55 15.35
CA VAL H 400 -44.43 30.54 16.29
C VAL H 400 -45.59 31.40 16.79
N SER H 401 -46.50 31.78 15.88
CA SER H 401 -47.65 32.59 16.27
C SER H 401 -48.61 31.81 17.15
N LYS H 402 -48.86 30.54 16.84
CA LYS H 402 -49.78 29.74 17.63
C LYS H 402 -49.13 29.20 18.91
N GLY H 403 -47.79 29.30 19.03
CA GLY H 403 -47.05 28.66 20.08
C GLY H 403 -47.12 27.12 20.00
N CYS H 404 -46.90 26.53 18.83
CA CYS H 404 -47.01 25.08 18.71
C CYS H 404 -45.83 24.52 17.92
N GLU H 405 -45.84 23.20 17.76
CA GLU H 405 -44.84 22.51 16.96
C GLU H 405 -45.48 22.16 15.62
N LEU H 406 -44.65 21.83 14.63
CA LEU H 406 -45.20 21.50 13.31
C LEU H 406 -46.15 20.32 13.40
N GLN H 407 -45.84 19.33 14.22
CA GLN H 407 -46.65 18.14 14.24
C GLN H 407 -48.04 18.42 14.82
N ASN H 408 -48.21 19.57 15.47
CA ASN H 408 -49.52 19.93 16.01
C ASN H 408 -50.41 20.71 15.02
N LEU H 409 -49.87 21.14 13.87
CA LEU H 409 -50.70 21.79 12.87
C LEU H 409 -51.62 20.75 12.26
N SER H 410 -52.81 21.18 11.85
CA SER H 410 -53.73 20.30 11.12
C SER H 410 -53.30 20.16 9.66
N LEU H 411 -53.70 19.06 9.03
CA LEU H 411 -53.47 18.86 7.62
C LEU H 411 -54.07 20.01 6.82
N GLU H 412 -55.28 20.44 7.22
CA GLU H 412 -56.02 21.49 6.54
CA GLU H 412 -55.99 21.48 6.49
C GLU H 412 -55.20 22.79 6.54
N GLU H 413 -54.51 23.05 7.65
CA GLU H 413 -53.66 24.23 7.72
C GLU H 413 -52.52 24.16 6.70
N MET H 414 -51.90 23.00 6.58
CA MET H 414 -50.84 22.80 5.59
C MET H 414 -51.36 22.96 4.15
N LYS H 415 -52.56 22.41 3.88
CA LYS H 415 -53.15 22.46 2.56
C LYS H 415 -53.49 23.89 2.15
N LYS H 416 -53.45 24.86 3.06
CA LYS H 416 -53.57 26.24 2.60
C LYS H 416 -52.41 26.65 1.70
N LEU H 417 -51.25 26.01 1.85
CA LEU H 417 -50.04 26.37 1.10
C LEU H 417 -49.79 25.45 -0.08
N SER H 418 -50.16 24.17 -0.01
CA SER H 418 -49.97 23.27 -1.13
C SER H 418 -50.93 22.10 -1.04
N PRO H 419 -51.51 21.64 -2.17
CA PRO H 419 -52.30 20.42 -2.15
C PRO H 419 -51.51 19.13 -1.95
N VAL H 420 -50.18 19.17 -2.00
CA VAL H 420 -49.39 17.95 -1.99
C VAL H 420 -49.31 17.33 -0.60
N PHE H 421 -49.60 18.08 0.47
CA PHE H 421 -49.64 17.52 1.81
C PHE H 421 -50.75 16.48 1.94
N GLU H 422 -50.41 15.34 2.57
CA GLU H 422 -51.39 14.30 2.87
C GLU H 422 -51.14 13.80 4.29
N GLU H 423 -52.00 12.90 4.76
CA GLU H 423 -52.01 12.51 6.18
C GLU H 423 -50.70 11.82 6.56
N ASP H 424 -49.97 11.27 5.58
CA ASP H 424 -48.67 10.63 5.84
C ASP H 424 -47.65 11.64 6.37
N VAL H 425 -47.94 12.95 6.27
CA VAL H 425 -46.97 13.96 6.67
C VAL H 425 -46.59 13.81 8.14
N PHE H 426 -47.53 13.40 9.00
CA PHE H 426 -47.26 13.35 10.43
C PHE H 426 -46.12 12.37 10.79
N GLY H 427 -45.85 11.38 9.94
CA GLY H 427 -44.75 10.44 10.17
C GLY H 427 -43.37 11.06 9.89
N PHE H 428 -43.36 12.31 9.42
CA PHE H 428 -42.15 13.06 9.11
C PHE H 428 -41.94 14.18 10.12
N LEU H 429 -42.84 14.32 11.13
CA LEU H 429 -42.78 15.47 12.00
C LEU H 429 -42.54 15.03 13.45
N GLY H 430 -42.01 15.98 14.21
CA GLY H 430 -41.47 15.76 15.55
C GLY H 430 -40.02 15.28 15.45
N VAL H 431 -39.24 15.52 16.51
CA VAL H 431 -37.81 15.25 16.48
C VAL H 431 -37.53 13.76 16.31
N GLU H 432 -38.26 12.85 16.98
CA GLU H 432 -37.95 11.45 16.84
C GLU H 432 -38.18 10.95 15.41
N ASN H 433 -39.31 11.34 14.80
CA ASN H 433 -39.55 10.96 13.42
C ASN H 433 -38.48 11.56 12.50
N SER H 434 -38.10 12.82 12.76
CA SER H 434 -37.11 13.52 11.95
C SER H 434 -35.81 12.74 11.90
N VAL H 435 -35.28 12.39 13.08
CA VAL H 435 -34.07 11.60 13.15
C VAL H 435 -34.19 10.28 12.43
N ASN H 436 -35.36 9.64 12.52
CA ASN H 436 -35.52 8.34 11.93
C ASN H 436 -35.62 8.47 10.40
N LYS H 437 -35.89 9.68 9.85
CA LYS H 437 -36.03 9.85 8.41
C LYS H 437 -34.69 10.12 7.73
N PHE H 438 -33.67 10.58 8.45
CA PHE H 438 -32.37 10.68 7.80
C PHE H 438 -31.91 9.30 7.37
N SER H 439 -31.42 9.16 6.13
CA SER H 439 -31.17 7.85 5.58
C SER H 439 -29.88 7.77 4.76
N SER H 440 -29.22 8.90 4.45
CA SER H 440 -28.04 8.84 3.64
C SER H 440 -26.85 8.26 4.40
N TYR H 441 -25.90 7.66 3.69
CA TYR H 441 -24.72 7.11 4.28
C TYR H 441 -24.03 8.18 5.11
N GLY H 442 -23.66 7.82 6.33
CA GLY H 442 -22.98 8.76 7.23
C GLY H 442 -23.91 9.78 7.88
N SER H 443 -25.22 9.67 7.66
CA SER H 443 -26.20 10.59 8.26
C SER H 443 -26.43 10.24 9.74
N THR H 444 -27.25 11.08 10.40
CA THR H 444 -27.61 10.78 11.79
C THR H 444 -28.78 9.80 11.88
N GLY H 445 -29.29 9.22 10.80
CA GLY H 445 -30.44 8.31 10.94
C GLY H 445 -30.10 7.13 11.86
N SER H 446 -31.09 6.65 12.60
CA SER H 446 -30.87 5.65 13.62
C SER H 446 -30.16 4.41 13.08
N ASN H 447 -30.62 3.90 11.92
CA ASN H 447 -30.00 2.69 11.37
C ASN H 447 -28.60 2.96 10.82
N CYS H 448 -28.39 4.16 10.28
CA CYS H 448 -27.07 4.54 9.81
C CYS H 448 -26.05 4.63 10.94
N VAL H 449 -26.47 5.27 12.03
CA VAL H 449 -25.59 5.37 13.18
C VAL H 449 -25.32 4.00 13.82
N ALA H 450 -26.35 3.13 13.84
CA ALA H 450 -26.15 1.78 14.35
C ALA H 450 -25.09 1.04 13.56
N GLU H 451 -25.12 1.24 12.23
CA GLU H 451 -24.14 0.62 11.35
C GLU H 451 -22.73 1.10 11.67
N GLN H 452 -22.57 2.42 11.85
CA GLN H 452 -21.25 2.94 12.10
C GLN H 452 -20.76 2.53 13.50
N LEU H 453 -21.63 2.46 14.50
CA LEU H 453 -21.23 1.98 15.82
C LEU H 453 -20.78 0.52 15.75
N GLY H 454 -21.45 -0.28 14.94
CA GLY H 454 -21.09 -1.67 14.73
C GLY H 454 -19.68 -1.80 14.13
N TYR H 455 -19.41 -0.93 13.14
CA TYR H 455 -18.10 -0.86 12.53
C TYR H 455 -17.03 -0.56 13.57
N TRP H 456 -17.30 0.42 14.41
CA TRP H 456 -16.32 0.86 15.40
C TRP H 456 -16.14 -0.18 16.51
N VAL H 457 -17.22 -0.80 16.93
CA VAL H 457 -17.11 -1.85 17.93
C VAL H 457 -16.22 -2.99 17.42
N ASN H 458 -16.40 -3.37 16.17
CA ASN H 458 -15.54 -4.41 15.59
C ASN H 458 -14.09 -3.91 15.43
N LYS H 459 -13.91 -2.70 14.90
CA LYS H 459 -12.58 -2.16 14.63
C LYS H 459 -11.74 -2.06 15.91
N LEU H 460 -12.36 -1.66 17.02
CA LEU H 460 -11.64 -1.45 18.30
C LEU H 460 -11.70 -2.69 19.22
N ASN H 461 -12.27 -3.79 18.72
CA ASN H 461 -12.35 -5.04 19.49
C ASN H 461 -13.02 -4.81 20.85
N ILE H 462 -14.16 -4.08 20.85
CA ILE H 462 -15.00 -3.85 22.02
C ILE H 462 -15.85 -5.10 22.24
N THR H 463 -15.86 -5.60 23.48
CA THR H 463 -16.57 -6.86 23.78
C THR H 463 -17.74 -6.61 24.70
#